data_9HEI
#
_entry.id   9HEI
#
_cell.length_a   1.00
_cell.length_b   1.00
_cell.length_c   1.00
_cell.angle_alpha   90.00
_cell.angle_beta   90.00
_cell.angle_gamma   90.00
#
_symmetry.space_group_name_H-M   'P 1'
#
loop_
_entity.id
_entity.type
_entity.pdbx_description
1 polymer 'Photosystem II protein D1'
2 polymer 'Photosystem II CP47 reaction center protein'
3 polymer 'Photosystem II reaction center protein Psb30'
4 polymer 'Photosystem II CP43 reaction center protein'
5 polymer 'Photosystem II D2 protein'
6 polymer 'Cytochrome b559 subunit alpha'
7 polymer 'Cytochrome b559 subunit beta'
8 polymer 'Photosystem II reaction center protein H'
9 polymer 'Photosystem II reaction center protein I'
10 polymer 'Photosystem II reaction center protein J'
11 polymer 'Photosystem II reaction center protein K'
12 polymer 'Photosystem II reaction center protein L'
13 polymer 'Photosystem II reaction center protein M'
14 polymer 'Oxygen-evolving enhancer protein 1, chloroplastic'
15 polymer 'Oxygen-evolving enhancer protein 2, chloroplastic'
16 polymer 'Oxygen-evolving enhancer protein 3, chloroplastic'
17 polymer 'Photosystem II reaction center protein T'
18 polymer '4.1 kDa photosystem II subunit'
19 polymer 'Photosystem II reaction center protein Z'
20 polymer 'Photosystem II reaction center protein U'
21 polymer 'Photosystem II reaction center W protein, chloroplastic'
22 non-polymer 'CA-MN4-O5 CLUSTER'
23 non-polymer 'FE (II) ION'
24 non-polymer 'CHLORIDE ION'
25 non-polymer 'CHLOROPHYLL A'
26 non-polymer 'PHEOPHYTIN A'
27 non-polymer BETA-CAROTENE
28 non-polymer 1,2-DI-O-ACYL-3-O-[6-DEOXY-6-SULFO-ALPHA-D-GLUCOPYRANOSYL]-SN-GLYCEROL
29 non-polymer 1,2-DISTEAROYL-MONOGALACTOSYL-DIGLYCERIDE
30 non-polymer 1,2-DIPALMITOYL-PHOSPHATIDYL-GLYCEROLE
31 non-polymer 'DIGALACTOSYL DIACYL GLYCEROL (DGDG)'
32 non-polymer DODECYL-ALPHA-D-MALTOSIDE
33 non-polymer 'BICARBONATE ION'
34 non-polymer 2,3-DIMETHYL-5-(3,7,11,15,19,23,27,31,35-NONAMETHYL-2,6,10,14,18,22,26,30,34-HEXATRIACONTANONAENYL-2,5-CYCLOHEXADIENE-1,4-DIONE-2,3-DIMETHYL-5-SOLANESYL-1,4-BENZOQUINONE
35 non-polymer 'PROTOPORPHYRIN IX CONTAINING FE'
36 water water
#
loop_
_entity_poly.entity_id
_entity_poly.type
_entity_poly.pdbx_seq_one_letter_code
_entity_poly.pdbx_strand_id
1 'polypeptide(L)'
;SSLWARFCEWITSTENRLYIGWFGVIMIPCLLTATSVFIIAFIAAPPVDIDGIREPVSGSLLYGNNIITGAVIPTSNAIG
LHFYPIWEAASLDEWLYNGGPYQLIVCHFLLGVYCYMGREWELSFRLGMRPWIAVAYSAPVAAASAVFLVYPIGQGSFSD
GMPLGISGTFNFMIVFQAEHNILMHPFHMLGVAGVFGGSLFSAMHGSLVTSSLIRETTENESANEGYRFGQEEETYNIVA
AHGYFGRLIFQYASFNNSRSLHFFLAAWPVIGIWFTALGLSTMAFNLNGFNFNQSVVDSQGRVLNTWADIINRANLGMEV
MHERNAHNFPLDLA
;
A
2 'polypeptide(L)'
;GLPWYRVHTVVINDPGRLISVHLMHTALVSGWAGSMALFEISVFDPSDPVLNPMWRQGMFVLPFMTRLGITQSWGGWTIS
GETATNPGIWSYEGVAAAHIILSGALFLASVWHWTYWDLELFRDPRTGKTALDLPKIFGIHLFLSGLLCFGFGAFHVTGV
FGPGIWVSDPYGLTGRVQPVAPSWGADGFDPYNPGGIASHHIAAGILGVLAGLFHLCVRPSIRLYFGLSMGSIETVLSSS
IAAVFWAAFVVAGTMWYGSAATPIELFGPTRYQWDQGFFQQEIQKRVQASLAEGASLSDAWSRIPEKLAFYDYIGNNPAK
GGLFRTGAMNSGDGIAVGWLGHASFKDQEGRELFVRRMPTFFETFPVLLLDKDGIVRADVPFRKAESKYSIEQVGVSVTF
YGGELDGLTFTDPATVKKYARKAQLGEIFEFDRSTLQSDGVFRSSPRGWFTFGHVCFALLFFFGHIWHGARTIFRDVFAG
;
B
3 'polypeptide(L)' NIELALTLVSLVLVVSAGPLVVVLLSARGGNL V
4 'polypeptide(L)'
;GRDQETTGFAWWSGNARLINLSGKLLGAHVAHAGLIVFWAGAMNLFEVSHFVPEKPMYEQGLILLPHIATLGYGVGPGGE
IIDTFPYFVSGVLHLISSAVLGFGGVYHSLIGPETLEESYPFFGYVWKDKNKMTNILGYHLIMLGLGAWLLVWKAMYFGG
VYDTWAPGGGDVRVITNPTTNAAVIFGYLVKSPFGGDGWICSVDNMEDIIGGHIWIGTLEILGGIWHIYTTPWPWARRAF
VWSGEAYLSYSLGAIGVMGFIACCMSWFNNTAYPSEFYGPTGPEASQSQAFTFLVRDQRLGANVASAQGPTGLGKYLMRS
PTGEIIFGGETMRFWDFRGPWLEPLRGPNGLDLNKLKNDIQPWQERRAAEYMTHAPLGSLNSVGGVATEINAVNFVSPRS
WLACSHFCLGFFFFIGHLWHAGRARAAAAGFEKGIDRFDEPVLSMRPLD
;
C
5 'polypeptide(L)'
;IGTYQEKRTWFDDADDWLRQDRFVFVGWSGLLLFPCAYFALGGWLTGTTFVTSWYTHGLATSYLEGCNFLTAAVSTPANS
MAHSLLFVWGPEAQGDFTRWCQLGGLWAFVALHGAFGLIGFMLRQFEIARSVNLRPYNAIAFSAPIAVFVSVFLIYPLGQ
SGWFFAPSFGVAAIFRFILFFQGFHNWTLNPFHMMGVAGVLGAALLCAIHGATVENTLFEDGDGANTFRAFNPTQAEETY
SMVTANRFWSQIFGVAFSNKRWLHFFMLLVPVTGLWMSAIGVVGLALNLRAYDFVSQEIRAAEDPEFETFYTKNILLNEG
IRAWMAAQDQPHERLVFPEEVLPRGNAL
;
D
6 'polypeptide(L)' RPFSDILTSIRYWVIHSITVPALFIAGWLFVSTGLAYDVFGTPRPNEYFTEDRQEAPLITDRFNALEQVKKLSGN E
7 'polypeptide(L)' IFTVRWLAIHGIAVPTIFFLGAITAMQFIQR F
8 'polypeptide(L)' PGLVTPLGTLLRPLNSEAGKVLPGWGTTVLMAVFILLFAAFLLIILEIYNSSLILDDVSMSWETLA H
9 'polypeptide(L)' MLTLKIFVYTVVTFFVCLFIFGFLSNDPARNPGK I
10 'polypeptide(L)' TGRIPLWLVGTVVGTLAIGLLAVFFYGSYVGLGSSL J
11 'polypeptide(L)' KLPEAYAPFAPIVDVLPVIPVFFILLAFVWQAAVSFR K
12 'polypeptide(L)' PNPNKQVVELNRTSLYWGLLLIFVLAVLFSSYIFN L
13 'polypeptide(L)' VNIYGLTATALFIIIPTSFLLILYVKTAS M
14 'polypeptide(L)'
;LTFDEIQGLTYLQVKGSGIANTCPVLESGTTNLKELKAGSYKLENFCIEPTSFTVKEESQFKGGETEFVKTKLMTRLTYT
LDAMSGSFKVGSDGSAELKEDDGIDYAATTVQLPGGERVAFLFTIKQFDGKGTLDGIKGDFLVPSYRGSSFLDPKGRGGS
TGYDNAVALPARADAEELLKENVKITKALKGSAVFSVAKVDPVTGEIAGVFESIQPSDTDLGAKPPKDIKVTGLWYAQLK
;
O
15 'polypeptide(L)'
;AYGDSANVFGKVTNKSGFVPYAGDGFALLLPAKWNPSKENDFPGVILRYEDNFDAVNNLVVIAQDTDKKAIADFGSQDKF
LESVSYLLGKQAYSGETQSEGGFAPNRVSAASLLDVSTTTDKKGKTYYKYELLVRSADGDEGGRHQLIGATVGSDNKLYI
IKIQIGDKRWFKGAKKEAMGAFDSFTVV
;
P
16 'polypeptide(L)'
;LTPVDLFDDRSVRDRGFDLIYEARDLDLPQNVREGFTQARASLDETKKRVKESEARIDADLDVFIQKSYWTEAREQLRRQ
VGTLRFDLNTLASTKEKEAKKAALGLRKEFIQAVEDLDFALREKDQASAAKKLEITKAKLDSVLAAVL
;
Q
17 'polypeptide(L)' MEALVYTFLLVGTLGIIFFSIFFRDPPRMI T
18 'polypeptide(L)' VTPSLKNFLGSLIAGATVLGGIALAITAVSKF X
19 'polypeptide(L)' MTSILQVALLALIFVSFALVVGVPVVFATPNGWTDNKGAVFSGLSLWLLLVFVVGILNSFV Z
20 'polypeptide(L)' VTLALDKDDPAKEDSVKGLRKDI U
21 'polypeptide(L)' LVDERMNGDGTGRPFGVNDPVLGWVLLGVFGTMWAIWFIGQKDL W
#
# COMPACT_ATOMS: atom_id res chain seq x y z
N SER A 1 8.74 52.94 26.06
CA SER A 1 9.19 51.67 25.42
C SER A 1 8.82 51.67 23.94
N SER A 2 9.73 51.21 23.07
CA SER A 2 9.46 51.16 21.62
C SER A 2 8.25 50.26 21.36
N LEU A 3 7.30 50.72 20.54
CA LEU A 3 6.08 49.94 20.25
C LEU A 3 6.48 48.58 19.67
N TRP A 4 7.45 48.57 18.75
CA TRP A 4 7.92 47.29 18.16
C TRP A 4 8.39 46.36 19.28
N ALA A 5 9.16 46.90 20.23
CA ALA A 5 9.59 46.08 21.39
C ALA A 5 8.33 45.60 22.13
N ARG A 6 7.45 46.54 22.48
CA ARG A 6 6.18 46.19 23.17
C ARG A 6 5.52 45.03 22.42
N PHE A 7 5.36 45.17 21.10
CA PHE A 7 4.75 44.09 20.26
C PHE A 7 5.58 42.81 20.44
N CYS A 8 6.89 42.91 20.29
CA CYS A 8 7.77 41.71 20.39
C CYS A 8 7.47 40.97 21.70
N GLU A 9 7.34 41.72 22.80
CA GLU A 9 7.01 41.09 24.10
C GLU A 9 5.67 40.34 23.97
N TRP A 10 4.59 41.06 23.64
CA TRP A 10 3.26 40.43 23.52
C TRP A 10 3.37 39.13 22.72
N ILE A 11 4.13 39.16 21.63
CA ILE A 11 4.31 37.94 20.78
C ILE A 11 4.96 36.85 21.63
N THR A 12 6.01 37.17 22.36
CA THR A 12 6.74 36.14 23.16
C THR A 12 6.08 35.98 24.54
N SER A 13 4.97 36.68 24.77
CA SER A 13 4.28 36.62 26.08
C SER A 13 3.88 35.18 26.41
N THR A 14 4.21 34.70 27.63
CA THR A 14 3.80 33.34 28.05
C THR A 14 2.46 33.42 28.76
N GLU A 15 2.02 34.63 29.11
CA GLU A 15 0.72 34.82 29.81
C GLU A 15 -0.43 34.56 28.84
N ASN A 16 -0.13 34.48 27.54
CA ASN A 16 -1.17 34.18 26.52
C ASN A 16 -1.76 32.80 26.81
N ARG A 17 -3.09 32.65 26.72
CA ARG A 17 -3.73 31.33 26.92
C ARG A 17 -3.07 30.34 25.96
N LEU A 18 -2.95 30.72 24.69
CA LEU A 18 -2.24 29.85 23.71
C LEU A 18 -0.97 30.59 23.29
N TYR A 19 0.20 30.14 23.76
CA TYR A 19 1.45 30.89 23.50
C TYR A 19 1.58 31.26 22.01
N ILE A 20 1.62 32.56 21.72
CA ILE A 20 1.87 32.99 20.32
C ILE A 20 3.39 33.06 20.18
N GLY A 21 3.93 32.96 18.97
CA GLY A 21 5.39 33.10 18.80
C GLY A 21 5.74 33.63 17.42
N TRP A 22 7.02 33.91 17.18
CA TRP A 22 7.45 34.35 15.83
C TRP A 22 7.02 33.27 14.84
N PHE A 23 7.15 31.99 15.21
CA PHE A 23 6.67 30.89 14.34
C PHE A 23 5.15 30.99 14.20
N GLY A 24 4.45 31.23 15.31
CA GLY A 24 2.98 31.37 15.28
C GLY A 24 2.56 32.52 14.39
N VAL A 25 3.36 33.58 14.35
CA VAL A 25 3.02 34.78 13.52
C VAL A 25 2.75 34.31 12.09
N ILE A 26 3.46 33.28 11.63
CA ILE A 26 3.27 32.75 10.25
C ILE A 26 2.35 31.53 10.32
N MET A 27 2.43 30.75 11.40
CA MET A 27 1.61 29.52 11.52
C MET A 27 0.13 29.88 11.63
N ILE A 28 -0.23 30.78 12.55
CA ILE A 28 -1.67 31.10 12.78
C ILE A 28 -2.35 31.46 11.45
N PRO A 29 -1.89 32.49 10.69
CA PRO A 29 -2.57 32.90 9.47
C PRO A 29 -2.62 31.76 8.44
N CYS A 30 -1.50 31.05 8.26
CA CYS A 30 -1.43 29.97 7.24
C CYS A 30 -2.47 28.88 7.58
N LEU A 31 -2.48 28.41 8.82
CA LEU A 31 -3.42 27.32 9.22
C LEU A 31 -4.86 27.85 9.17
N LEU A 32 -5.07 29.09 9.61
CA LEU A 32 -6.43 29.69 9.55
C LEU A 32 -6.87 29.72 8.08
N THR A 33 -5.97 30.07 7.17
CA THR A 33 -6.30 30.13 5.73
C THR A 33 -6.65 28.72 5.24
N ALA A 34 -5.84 27.73 5.58
CA ALA A 34 -6.07 26.34 5.11
C ALA A 34 -7.37 25.80 5.70
N THR A 35 -7.64 26.08 6.97
CA THR A 35 -8.85 25.55 7.64
C THR A 35 -10.10 26.11 6.96
N SER A 36 -10.13 27.43 6.71
CA SER A 36 -11.32 28.07 6.10
C SER A 36 -11.63 27.44 4.74
N VAL A 37 -10.64 27.38 3.85
CA VAL A 37 -10.88 26.85 2.47
C VAL A 37 -11.28 25.38 2.59
N PHE A 38 -10.63 24.62 3.47
CA PHE A 38 -10.93 23.17 3.62
C PHE A 38 -12.40 23.00 3.99
N ILE A 39 -12.87 23.78 4.97
CA ILE A 39 -14.28 23.65 5.43
C ILE A 39 -15.23 23.99 4.26
N ILE A 40 -14.97 25.10 3.57
CA ILE A 40 -15.87 25.54 2.45
C ILE A 40 -15.79 24.49 1.33
N ALA A 41 -14.59 24.01 1.02
CA ALA A 41 -14.40 23.02 -0.06
C ALA A 41 -15.11 21.71 0.29
N PHE A 42 -14.88 21.19 1.50
CA PHE A 42 -15.47 19.89 1.89
C PHE A 42 -17.00 20.01 1.93
N ILE A 43 -17.53 21.20 1.64
CA ILE A 43 -19.00 21.40 1.77
C ILE A 43 -19.61 21.88 0.45
N ALA A 44 -18.98 22.85 -0.23
CA ALA A 44 -19.63 23.43 -1.44
C ALA A 44 -18.74 23.32 -2.69
N ALA A 45 -17.54 22.74 -2.58
CA ALA A 45 -16.63 22.71 -3.74
C ALA A 45 -17.29 21.94 -4.90
N PRO A 46 -17.29 22.48 -6.14
CA PRO A 46 -17.85 21.76 -7.30
C PRO A 46 -16.91 20.64 -7.77
N PRO A 47 -17.33 19.73 -8.69
CA PRO A 47 -16.49 18.61 -9.12
C PRO A 47 -15.13 19.08 -9.65
N VAL A 48 -14.11 18.22 -9.54
CA VAL A 48 -12.73 18.58 -10.00
C VAL A 48 -12.22 17.49 -10.95
N ASP A 49 -11.58 17.89 -12.05
CA ASP A 49 -11.00 16.91 -13.01
C ASP A 49 -9.61 16.51 -12.53
N ILE A 50 -9.52 15.67 -11.50
CA ILE A 50 -8.20 15.28 -10.91
C ILE A 50 -7.36 14.57 -11.97
N ASP A 51 -7.96 13.68 -12.75
CA ASP A 51 -7.18 12.88 -13.75
C ASP A 51 -6.90 13.73 -14.99
N GLY A 52 -7.36 14.98 -15.01
CA GLY A 52 -7.16 15.85 -16.18
C GLY A 52 -7.66 15.19 -17.45
N ILE A 53 -8.65 14.30 -17.33
CA ILE A 53 -9.22 13.60 -18.52
C ILE A 53 -10.59 14.19 -18.83
N ARG A 54 -10.85 15.42 -18.37
CA ARG A 54 -12.15 16.10 -18.60
C ARG A 54 -13.25 15.35 -17.85
N GLU A 55 -12.89 14.39 -17.00
CA GLU A 55 -13.90 13.67 -16.18
C GLU A 55 -13.82 14.19 -14.74
N PRO A 56 -14.71 15.13 -14.32
CA PRO A 56 -14.65 15.71 -12.99
C PRO A 56 -15.27 14.80 -11.92
N VAL A 57 -14.51 14.51 -10.84
CA VAL A 57 -15.04 13.67 -9.73
C VAL A 57 -15.80 14.57 -8.76
N SER A 58 -17.03 14.21 -8.42
CA SER A 58 -17.88 15.04 -7.52
C SER A 58 -17.29 15.06 -6.10
N GLY A 59 -17.51 16.16 -5.37
CA GLY A 59 -17.01 16.26 -3.99
C GLY A 59 -17.86 17.21 -3.17
N SER A 60 -17.56 17.38 -1.89
CA SER A 60 -18.32 18.31 -1.01
C SER A 60 -19.68 17.71 -0.64
N LEU A 61 -20.18 18.01 0.56
CA LEU A 61 -21.47 17.46 1.03
C LEU A 61 -22.60 17.95 0.13
N LEU A 62 -22.51 19.19 -0.35
CA LEU A 62 -23.57 19.76 -1.24
C LEU A 62 -23.70 18.88 -2.49
N TYR A 63 -22.59 18.67 -3.21
CA TYR A 63 -22.62 17.82 -4.43
C TYR A 63 -22.63 16.35 -4.00
N GLY A 64 -23.71 15.90 -3.38
CA GLY A 64 -23.80 14.52 -2.90
C GLY A 64 -22.68 14.19 -1.94
N ASN A 65 -21.99 13.07 -2.15
CA ASN A 65 -20.85 12.66 -1.26
C ASN A 65 -21.36 12.49 0.17
N ASN A 66 -20.44 12.32 1.13
CA ASN A 66 -20.82 12.08 2.55
C ASN A 66 -19.59 12.35 3.42
N ILE A 67 -19.74 12.27 4.75
CA ILE A 67 -18.59 12.47 5.67
C ILE A 67 -17.47 11.49 5.26
N ILE A 68 -17.82 10.22 5.05
CA ILE A 68 -16.79 9.18 4.72
C ILE A 68 -16.35 9.34 3.27
N THR A 69 -17.30 9.48 2.34
CA THR A 69 -16.96 9.55 0.89
C THR A 69 -16.40 10.93 0.55
N GLY A 70 -16.99 11.99 1.13
CA GLY A 70 -16.55 13.37 0.83
C GLY A 70 -15.05 13.55 1.00
N ALA A 71 -14.44 14.43 0.20
CA ALA A 71 -12.99 14.67 0.27
C ALA A 71 -12.62 15.91 -0.56
N VAL A 72 -11.42 16.45 -0.37
CA VAL A 72 -10.95 17.58 -1.22
C VAL A 72 -10.17 16.99 -2.40
N ILE A 73 -10.75 17.04 -3.61
CA ILE A 73 -10.10 16.40 -4.79
C ILE A 73 -8.71 17.00 -5.00
N PRO A 74 -7.66 16.17 -5.20
CA PRO A 74 -6.32 16.68 -5.50
C PRO A 74 -6.31 17.48 -6.80
N THR A 75 -5.30 18.35 -6.98
CA THR A 75 -5.22 19.22 -8.20
C THR A 75 -5.28 18.36 -9.46
N SER A 76 -5.68 18.96 -10.59
CA SER A 76 -5.78 18.22 -11.88
C SER A 76 -4.39 17.73 -12.32
N ASN A 77 -4.35 16.62 -13.07
CA ASN A 77 -3.05 16.08 -13.58
C ASN A 77 -2.47 17.09 -14.59
N ALA A 78 -3.35 17.77 -15.34
CA ALA A 78 -2.89 18.76 -16.34
C ALA A 78 -1.95 19.77 -15.67
N ILE A 79 -2.35 20.29 -14.51
CA ILE A 79 -1.51 21.28 -13.77
C ILE A 79 -0.20 20.58 -13.37
N GLY A 80 -0.27 19.34 -12.92
CA GLY A 80 0.94 18.61 -12.49
C GLY A 80 1.52 19.22 -11.23
N LEU A 81 2.79 19.65 -11.27
CA LEU A 81 3.42 20.30 -10.10
C LEU A 81 3.47 21.81 -10.33
N HIS A 82 2.81 22.30 -11.38
CA HIS A 82 2.81 23.75 -11.70
C HIS A 82 2.09 24.51 -10.59
N PHE A 83 2.58 25.70 -10.24
CA PHE A 83 1.92 26.55 -9.22
C PHE A 83 0.60 27.07 -9.81
N TYR A 84 -0.50 26.93 -9.08
CA TYR A 84 -1.83 27.37 -9.61
C TYR A 84 -2.47 28.35 -8.62
N PRO A 85 -1.92 29.58 -8.46
CA PRO A 85 -2.51 30.57 -7.57
C PRO A 85 -3.88 31.02 -8.11
N ILE A 86 -4.78 31.41 -7.22
CA ILE A 86 -6.15 31.83 -7.64
C ILE A 86 -6.03 32.89 -8.73
N TRP A 87 -5.11 33.84 -8.56
CA TRP A 87 -5.00 34.97 -9.53
C TRP A 87 -4.57 34.45 -10.90
N GLU A 88 -3.81 33.35 -10.95
CA GLU A 88 -3.41 32.76 -12.25
C GLU A 88 -4.66 32.22 -12.97
N ALA A 89 -5.60 31.65 -12.21
CA ALA A 89 -6.85 31.13 -12.81
C ALA A 89 -7.65 32.29 -13.39
N ALA A 90 -8.20 32.12 -14.61
CA ALA A 90 -8.98 33.20 -15.27
C ALA A 90 -10.22 33.52 -14.42
N SER A 91 -10.90 32.50 -13.91
CA SER A 91 -12.11 32.72 -13.08
C SER A 91 -12.08 31.77 -11.87
N LEU A 92 -12.61 32.22 -10.73
CA LEU A 92 -12.65 31.37 -9.52
C LEU A 92 -13.26 30.02 -9.89
N ASP A 93 -14.23 30.03 -10.81
CA ASP A 93 -14.89 28.77 -11.23
C ASP A 93 -13.84 27.83 -11.85
N GLU A 94 -12.98 28.37 -12.71
CA GLU A 94 -11.89 27.55 -13.32
C GLU A 94 -10.98 27.04 -12.20
N TRP A 95 -10.64 27.89 -11.24
CA TRP A 95 -9.76 27.50 -10.11
C TRP A 95 -10.37 26.29 -9.39
N LEU A 96 -11.68 26.29 -9.19
CA LEU A 96 -12.37 25.16 -8.52
C LEU A 96 -12.37 23.94 -9.44
N TYR A 97 -12.70 24.15 -10.72
CA TYR A 97 -12.78 23.02 -11.69
C TYR A 97 -11.42 22.34 -11.84
N ASN A 98 -10.33 23.12 -11.84
CA ASN A 98 -8.98 22.54 -12.06
C ASN A 98 -8.47 21.88 -10.77
N GLY A 99 -9.06 22.22 -9.63
CA GLY A 99 -8.66 21.62 -8.34
C GLY A 99 -7.64 22.47 -7.62
N GLY A 100 -7.78 23.80 -7.70
CA GLY A 100 -6.84 24.72 -7.03
C GLY A 100 -6.92 24.66 -5.51
N PRO A 101 -8.13 24.62 -4.89
CA PRO A 101 -8.24 24.62 -3.43
C PRO A 101 -7.26 23.63 -2.79
N TYR A 102 -7.17 22.42 -3.33
CA TYR A 102 -6.29 21.36 -2.73
C TYR A 102 -4.86 21.90 -2.62
N GLN A 103 -4.32 22.46 -3.70
CA GLN A 103 -2.93 22.98 -3.68
C GLN A 103 -2.84 24.08 -2.61
N LEU A 104 -3.80 25.01 -2.60
CA LEU A 104 -3.77 26.14 -1.62
C LEU A 104 -3.80 25.57 -0.20
N ILE A 105 -4.74 24.67 0.08
CA ILE A 105 -4.86 24.08 1.45
C ILE A 105 -3.52 23.42 1.83
N VAL A 106 -2.99 22.57 0.96
CA VAL A 106 -1.73 21.83 1.29
C VAL A 106 -0.61 22.84 1.54
N CYS A 107 -0.49 23.88 0.71
CA CYS A 107 0.61 24.86 0.86
C CYS A 107 0.44 25.61 2.19
N HIS A 108 -0.77 26.06 2.51
CA HIS A 108 -1.01 26.83 3.76
C HIS A 108 -1.02 25.87 4.97
N PHE A 109 -1.07 24.56 4.72
CA PHE A 109 -1.10 23.56 5.81
C PHE A 109 0.32 23.12 6.16
N LEU A 110 1.13 22.78 5.14
CA LEU A 110 2.50 22.30 5.39
C LEU A 110 3.29 23.41 6.11
N LEU A 111 3.20 24.64 5.61
CA LEU A 111 3.89 25.77 6.28
C LEU A 111 3.45 25.81 7.75
N GLY A 112 2.15 25.69 8.00
CA GLY A 112 1.62 25.75 9.37
C GLY A 112 2.19 24.66 10.25
N VAL A 113 2.23 23.42 9.75
CA VAL A 113 2.72 22.27 10.58
C VAL A 113 4.21 22.47 10.86
N TYR A 114 4.97 22.96 9.88
CA TYR A 114 6.42 23.23 10.10
C TYR A 114 6.56 24.33 11.17
N CYS A 115 5.77 25.39 11.05
CA CYS A 115 5.80 26.49 12.05
C CYS A 115 5.32 25.96 13.40
N TYR A 116 4.36 25.02 13.39
CA TYR A 116 3.86 24.42 14.65
C TYR A 116 5.03 23.75 15.36
N MET A 117 5.89 23.06 14.60
CA MET A 117 7.09 22.40 15.19
C MET A 117 7.98 23.48 15.83
N GLY A 118 8.25 24.56 15.10
CA GLY A 118 9.09 25.64 15.63
C GLY A 118 8.45 26.29 16.85
N ARG A 119 7.13 26.47 16.83
CA ARG A 119 6.41 27.06 17.98
C ARG A 119 6.61 26.19 19.21
N GLU A 120 6.58 24.86 19.04
CA GLU A 120 6.80 23.93 20.18
C GLU A 120 8.13 24.29 20.85
N TRP A 121 9.22 24.30 20.08
CA TRP A 121 10.56 24.65 20.64
C TRP A 121 10.51 26.05 21.24
N GLU A 122 9.82 26.99 20.58
CA GLU A 122 9.82 28.39 21.07
C GLU A 122 9.33 28.40 22.52
N LEU A 123 8.19 27.76 22.78
CA LEU A 123 7.61 27.77 24.16
C LEU A 123 8.55 27.02 25.09
N SER A 124 9.09 25.88 24.63
CA SER A 124 10.00 25.08 25.48
C SER A 124 11.18 25.96 25.92
N PHE A 125 11.74 26.75 25.00
CA PHE A 125 12.84 27.68 25.36
C PHE A 125 12.32 28.75 26.31
N ARG A 126 11.10 29.24 26.07
CA ARG A 126 10.50 30.29 26.94
C ARG A 126 10.24 29.71 28.33
N LEU A 127 9.76 28.47 28.41
CA LEU A 127 9.43 27.85 29.72
C LEU A 127 10.72 27.38 30.40
N GLY A 128 11.78 27.16 29.62
CA GLY A 128 13.03 26.62 30.19
C GLY A 128 13.06 25.10 30.12
N MET A 129 12.35 24.52 29.14
CA MET A 129 12.28 23.03 29.00
C MET A 129 13.29 22.55 27.97
N ARG A 130 13.62 21.27 27.97
CA ARG A 130 14.55 20.70 26.94
C ARG A 130 13.97 20.99 25.55
N PRO A 131 14.78 21.01 24.47
CA PRO A 131 14.29 21.37 23.14
C PRO A 131 14.12 20.22 22.14
N TRP A 132 13.57 19.08 22.59
CA TRP A 132 13.48 17.92 21.66
C TRP A 132 12.04 17.41 21.54
N ILE A 133 11.07 18.14 22.11
CA ILE A 133 9.64 17.75 21.94
C ILE A 133 9.29 17.87 20.45
N ALA A 134 9.80 18.91 19.78
CA ALA A 134 9.50 19.13 18.35
C ALA A 134 10.07 17.98 17.52
N VAL A 135 11.25 17.47 17.89
CA VAL A 135 11.88 16.33 17.15
C VAL A 135 10.87 15.18 17.09
N ALA A 136 10.19 14.91 18.21
CA ALA A 136 9.15 13.86 18.22
C ALA A 136 8.02 14.26 17.26
N TYR A 137 7.67 15.55 17.25
CA TYR A 137 6.59 16.05 16.36
C TYR A 137 7.10 16.08 14.90
N SER A 138 8.41 15.95 14.71
CA SER A 138 8.98 15.92 13.34
C SER A 138 8.56 14.63 12.64
N ALA A 139 8.36 13.55 13.41
CA ALA A 139 7.99 12.25 12.80
C ALA A 139 6.66 12.35 12.06
N PRO A 140 5.56 12.79 12.70
CA PRO A 140 4.28 12.96 12.02
C PRO A 140 4.39 13.98 10.87
N VAL A 141 5.09 15.09 11.11
CA VAL A 141 5.22 16.16 10.08
C VAL A 141 5.91 15.56 8.84
N ALA A 142 6.95 14.74 9.05
CA ALA A 142 7.68 14.13 7.92
C ALA A 142 6.72 13.27 7.09
N ALA A 143 5.89 12.46 7.77
CA ALA A 143 4.93 11.59 7.05
C ALA A 143 3.97 12.45 6.22
N ALA A 144 3.40 13.50 6.83
CA ALA A 144 2.45 14.38 6.11
C ALA A 144 3.16 15.00 4.91
N SER A 145 4.41 15.44 5.09
CA SER A 145 5.17 16.08 3.98
C SER A 145 5.29 15.10 2.81
N ALA A 146 5.56 13.83 3.10
CA ALA A 146 5.75 12.83 2.02
C ALA A 146 4.44 12.60 1.25
N VAL A 147 3.32 12.48 1.96
CA VAL A 147 2.03 12.17 1.28
C VAL A 147 1.48 13.42 0.57
N PHE A 148 1.89 14.61 1.01
CA PHE A 148 1.29 15.84 0.43
C PHE A 148 2.31 16.65 -0.38
N LEU A 149 3.56 16.18 -0.48
CA LEU A 149 4.60 17.00 -1.17
C LEU A 149 5.65 16.10 -1.82
N VAL A 150 6.43 15.38 -1.02
CA VAL A 150 7.56 14.56 -1.59
C VAL A 150 7.02 13.63 -2.67
N TYR A 151 6.00 12.83 -2.36
CA TYR A 151 5.45 11.85 -3.33
C TYR A 151 4.88 12.61 -4.55
N PRO A 152 3.93 13.56 -4.36
CA PRO A 152 3.41 14.34 -5.47
C PRO A 152 4.55 14.82 -6.40
N ILE A 153 5.65 15.30 -5.80
CA ILE A 153 6.80 15.80 -6.62
C ILE A 153 7.44 14.63 -7.36
N GLY A 154 7.79 13.56 -6.64
CA GLY A 154 8.47 12.42 -7.27
C GLY A 154 7.67 11.86 -8.45
N GLN A 155 6.34 11.76 -8.28
CA GLN A 155 5.47 11.22 -9.36
C GLN A 155 5.35 12.28 -10.46
N GLY A 156 5.36 13.57 -10.10
CA GLY A 156 5.34 14.64 -11.12
C GLY A 156 3.98 15.30 -11.23
N SER A 157 3.15 15.17 -10.21
CA SER A 157 1.78 15.79 -10.22
C SER A 157 1.21 15.87 -8.81
N PHE A 158 0.49 16.95 -8.50
CA PHE A 158 -0.17 17.07 -7.17
C PHE A 158 -1.36 16.12 -7.12
N SER A 159 -1.82 15.66 -8.28
CA SER A 159 -2.96 14.70 -8.33
C SER A 159 -2.59 13.44 -7.55
N ASP A 160 -1.31 13.05 -7.62
CA ASP A 160 -0.83 11.83 -6.91
C ASP A 160 -0.95 12.05 -5.40
N GLY A 161 -0.86 13.30 -4.94
CA GLY A 161 -0.94 13.62 -3.51
C GLY A 161 -2.18 13.01 -2.87
N MET A 162 -2.09 12.60 -1.60
CA MET A 162 -3.24 11.94 -0.92
C MET A 162 -4.41 12.93 -0.86
N PRO A 163 -5.61 12.56 -1.33
CA PRO A 163 -6.77 13.44 -1.27
C PRO A 163 -7.13 13.75 0.19
N LEU A 164 -7.60 14.98 0.45
CA LEU A 164 -7.98 15.37 1.83
C LEU A 164 -9.36 14.79 2.15
N GLY A 165 -9.45 13.47 2.34
CA GLY A 165 -10.74 12.82 2.65
C GLY A 165 -10.55 11.38 3.11
N ILE A 166 -11.55 10.81 3.79
CA ILE A 166 -11.44 9.42 4.31
C ILE A 166 -11.31 8.46 3.13
N SER A 167 -12.32 8.42 2.25
CA SER A 167 -12.29 7.49 1.09
C SER A 167 -11.07 7.79 0.21
N GLY A 168 -10.75 9.07 0.03
CA GLY A 168 -9.58 9.45 -0.78
C GLY A 168 -8.30 8.87 -0.19
N THR A 169 -8.16 8.90 1.14
CA THR A 169 -6.97 8.32 1.79
C THR A 169 -6.87 6.83 1.41
N PHE A 170 -7.99 6.10 1.50
CA PHE A 170 -7.98 4.65 1.20
C PHE A 170 -7.55 4.44 -0.26
N ASN A 171 -8.12 5.24 -1.17
CA ASN A 171 -7.78 5.13 -2.62
C ASN A 171 -6.27 5.33 -2.78
N PHE A 172 -5.73 6.38 -2.17
CA PHE A 172 -4.27 6.66 -2.24
C PHE A 172 -3.49 5.43 -1.78
N MET A 173 -3.88 4.86 -0.63
CA MET A 173 -3.14 3.71 -0.06
C MET A 173 -3.18 2.53 -1.03
N ILE A 174 -4.37 2.21 -1.55
CA ILE A 174 -4.53 1.02 -2.46
C ILE A 174 -3.63 1.21 -3.69
N VAL A 175 -3.83 2.30 -4.43
CA VAL A 175 -3.06 2.52 -5.68
C VAL A 175 -1.56 2.49 -5.38
N PHE A 176 -1.16 3.02 -4.22
CA PHE A 176 0.28 3.08 -3.86
C PHE A 176 0.84 1.66 -3.84
N GLN A 177 0.18 0.74 -3.12
CA GLN A 177 0.66 -0.66 -3.03
C GLN A 177 0.64 -1.30 -4.42
N ALA A 178 -0.39 -1.00 -5.21
CA ALA A 178 -0.52 -1.60 -6.56
C ALA A 178 0.66 -1.18 -7.44
N GLU A 179 1.34 -0.08 -7.09
CA GLU A 179 2.44 0.44 -7.95
C GLU A 179 3.78 0.38 -7.21
N HIS A 180 3.76 0.32 -5.87
CA HIS A 180 5.04 0.36 -5.10
C HIS A 180 5.17 -0.88 -4.20
N ASN A 181 4.10 -1.64 -4.03
CA ASN A 181 4.14 -2.80 -3.09
C ASN A 181 4.70 -2.29 -1.75
N ILE A 182 4.07 -1.25 -1.19
CA ILE A 182 4.57 -0.64 0.08
C ILE A 182 4.64 -1.72 1.16
N LEU A 183 3.73 -2.70 1.12
CA LEU A 183 3.70 -3.74 2.17
C LEU A 183 5.04 -4.48 2.20
N MET A 184 5.66 -4.70 1.04
CA MET A 184 6.94 -5.45 0.97
C MET A 184 8.13 -4.48 1.08
N HIS A 185 7.88 -3.23 1.49
CA HIS A 185 8.98 -2.26 1.70
C HIS A 185 9.49 -2.38 3.14
N PRO A 186 10.78 -2.68 3.40
CA PRO A 186 11.28 -2.88 4.76
C PRO A 186 10.96 -1.66 5.65
N PHE A 187 11.02 -0.46 5.09
CA PHE A 187 10.78 0.77 5.89
C PHE A 187 9.32 0.82 6.37
N HIS A 188 8.37 0.51 5.49
CA HIS A 188 6.95 0.45 5.91
C HIS A 188 6.80 -0.60 7.01
N MET A 189 7.55 -1.71 6.89
CA MET A 189 7.51 -2.77 7.92
C MET A 189 7.96 -2.18 9.25
N LEU A 190 9.04 -1.37 9.23
CA LEU A 190 9.52 -0.70 10.46
C LEU A 190 8.40 0.19 11.01
N GLY A 191 7.74 0.95 10.13
CA GLY A 191 6.66 1.85 10.56
C GLY A 191 5.53 1.09 11.23
N VAL A 192 5.13 -0.04 10.64
CA VAL A 192 4.05 -0.87 11.24
C VAL A 192 4.53 -1.37 12.61
N ALA A 193 5.79 -1.78 12.70
CA ALA A 193 6.36 -2.23 14.00
C ALA A 193 6.29 -1.07 14.99
N GLY A 194 6.61 0.15 14.54
CA GLY A 194 6.56 1.33 15.42
C GLY A 194 5.17 1.54 16.00
N VAL A 195 4.14 1.54 15.15
CA VAL A 195 2.75 1.78 15.63
C VAL A 195 2.28 0.59 16.47
N PHE A 196 2.47 -0.63 15.97
CA PHE A 196 2.06 -1.85 16.73
C PHE A 196 2.82 -1.90 18.05
N GLY A 197 4.12 -1.64 18.01
CA GLY A 197 4.94 -1.64 19.23
C GLY A 197 4.54 -0.49 20.14
N GLY A 198 4.44 0.72 19.58
CA GLY A 198 4.05 1.90 20.38
C GLY A 198 2.77 1.64 21.14
N SER A 199 1.78 1.03 20.48
CA SER A 199 0.50 0.70 21.15
C SER A 199 0.76 -0.29 22.29
N LEU A 200 1.57 -1.32 22.03
CA LEU A 200 1.90 -2.33 23.06
C LEU A 200 2.56 -1.62 24.25
N PHE A 201 3.58 -0.80 23.98
CA PHE A 201 4.32 -0.12 25.07
C PHE A 201 3.37 0.82 25.82
N SER A 202 2.54 1.56 25.09
CA SER A 202 1.60 2.50 25.72
C SER A 202 0.68 1.73 26.68
N ALA A 203 0.14 0.61 26.24
CA ALA A 203 -0.79 -0.20 27.07
C ALA A 203 -0.05 -0.70 28.32
N MET A 204 1.17 -1.21 28.14
CA MET A 204 1.93 -1.77 29.28
C MET A 204 2.31 -0.64 30.25
N HIS A 205 2.98 0.40 29.75
CA HIS A 205 3.42 1.51 30.64
C HIS A 205 2.21 2.06 31.39
N GLY A 206 1.12 2.33 30.68
CA GLY A 206 -0.11 2.84 31.33
C GLY A 206 -0.58 1.90 32.42
N SER A 207 -0.57 0.58 32.15
CA SER A 207 -1.04 -0.41 33.13
C SER A 207 -0.13 -0.45 34.34
N LEU A 208 1.19 -0.50 34.11
CA LEU A 208 2.17 -0.54 35.23
C LEU A 208 1.97 0.69 36.11
N VAL A 209 2.03 1.89 35.53
CA VAL A 209 1.93 3.14 36.33
C VAL A 209 0.57 3.16 37.04
N THR A 210 -0.51 2.88 36.31
CA THR A 210 -1.87 2.91 36.91
C THR A 210 -1.91 1.98 38.12
N SER A 211 -1.55 0.71 37.93
CA SER A 211 -1.55 -0.27 39.05
C SER A 211 -0.67 0.25 40.19
N SER A 212 0.41 0.95 39.85
CA SER A 212 1.34 1.47 40.89
C SER A 212 0.71 2.67 41.60
N LEU A 213 0.51 3.78 40.88
CA LEU A 213 0.00 5.03 41.52
C LEU A 213 -1.46 4.83 41.94
N ILE A 214 -2.00 3.63 41.76
CA ILE A 214 -3.44 3.36 42.09
C ILE A 214 -3.74 3.94 43.48
N ARG A 215 -2.75 3.99 44.36
CA ARG A 215 -2.94 4.57 45.72
C ARG A 215 -4.40 4.38 46.15
N GLU A 232 2.45 12.91 43.20
CA GLU A 232 3.80 13.46 42.95
C GLU A 232 4.83 12.32 43.02
N GLU A 233 4.53 11.29 43.83
CA GLU A 233 5.48 10.16 44.00
C GLU A 233 5.92 9.66 42.61
N GLU A 234 7.17 9.21 42.49
CA GLU A 234 7.68 8.73 41.18
C GLU A 234 6.65 7.82 40.53
N THR A 235 6.63 7.75 39.19
CA THR A 235 5.61 6.95 38.47
C THR A 235 5.46 5.55 39.11
N TYR A 236 6.56 4.95 39.55
CA TYR A 236 6.50 3.56 40.10
C TYR A 236 7.02 3.52 41.53
N ASN A 237 7.42 4.68 42.07
CA ASN A 237 8.01 4.73 43.43
C ASN A 237 7.23 3.78 44.34
N ILE A 238 5.89 3.82 44.27
CA ILE A 238 5.04 2.96 45.14
C ILE A 238 5.50 1.51 45.03
N VAL A 239 5.36 0.90 43.85
CA VAL A 239 5.73 -0.54 43.68
C VAL A 239 7.21 -0.72 44.04
N ALA A 240 8.08 0.21 43.64
CA ALA A 240 9.51 0.12 43.97
C ALA A 240 9.68 0.10 45.49
N ALA A 241 8.99 1.00 46.19
CA ALA A 241 9.06 1.06 47.67
C ALA A 241 8.70 -0.32 48.24
N HIS A 242 7.63 -0.93 47.74
CA HIS A 242 7.26 -2.31 48.20
C HIS A 242 8.40 -3.26 47.81
N GLY A 243 9.06 -3.00 46.69
CA GLY A 243 10.20 -3.84 46.27
C GLY A 243 9.74 -5.12 45.60
N TYR A 244 8.42 -5.31 45.47
CA TYR A 244 7.88 -6.52 44.80
C TYR A 244 7.93 -6.33 43.28
N PHE A 245 9.12 -5.99 42.76
CA PHE A 245 9.28 -5.76 41.31
C PHE A 245 8.79 -6.98 40.53
N GLY A 246 8.08 -6.75 39.42
CA GLY A 246 7.55 -7.87 38.61
C GLY A 246 8.64 -8.49 37.75
N ARG A 247 9.89 -8.51 38.23
CA ARG A 247 11.01 -9.07 37.43
C ARG A 247 10.66 -10.50 37.04
N LEU A 248 9.58 -11.05 37.60
CA LEU A 248 9.14 -12.42 37.22
C LEU A 248 8.93 -12.44 35.71
N ILE A 249 8.25 -11.42 35.17
CA ILE A 249 8.06 -11.32 33.69
C ILE A 249 8.90 -10.12 33.20
N PHE A 250 9.26 -9.21 34.11
CA PHE A 250 10.08 -8.04 33.74
C PHE A 250 11.51 -8.26 34.24
N GLN A 251 12.11 -9.40 33.89
CA GLN A 251 13.48 -9.73 34.36
C GLN A 251 14.48 -8.88 33.56
N TYR A 252 14.67 -7.63 33.96
CA TYR A 252 15.61 -6.71 33.24
C TYR A 252 15.95 -5.51 34.14
N ALA A 253 16.99 -4.78 33.77
CA ALA A 253 17.39 -3.58 34.55
C ALA A 253 17.69 -2.42 33.58
N SER A 254 17.45 -2.65 32.28
CA SER A 254 17.72 -1.60 31.26
C SER A 254 16.81 -0.40 31.49
N PHE A 255 15.52 -0.65 31.75
CA PHE A 255 14.55 0.46 31.92
C PHE A 255 14.25 0.67 33.41
N ASN A 256 15.15 0.23 34.29
CA ASN A 256 14.96 0.53 35.74
C ASN A 256 14.93 2.05 35.90
N ASN A 257 15.71 2.76 35.08
CA ASN A 257 15.71 4.25 35.10
C ASN A 257 14.44 4.73 34.39
N SER A 258 13.61 5.51 35.09
CA SER A 258 12.37 6.04 34.48
C SER A 258 12.73 6.86 33.23
N ARG A 259 13.79 7.66 33.31
CA ARG A 259 14.23 8.47 32.15
C ARG A 259 14.56 7.53 30.99
N SER A 260 15.25 6.42 31.28
CA SER A 260 15.59 5.42 30.23
C SER A 260 14.31 4.86 29.61
N LEU A 261 13.34 4.48 30.43
CA LEU A 261 12.05 3.92 29.93
C LEU A 261 11.37 4.97 29.05
N HIS A 262 11.14 6.17 29.59
CA HIS A 262 10.41 7.22 28.83
C HIS A 262 11.14 7.53 27.52
N PHE A 263 12.47 7.60 27.55
CA PHE A 263 13.23 7.81 26.30
C PHE A 263 12.80 6.77 25.26
N PHE A 264 12.85 5.49 25.62
CA PHE A 264 12.46 4.41 24.68
C PHE A 264 11.00 4.63 24.26
N LEU A 265 10.14 4.99 25.21
CA LEU A 265 8.69 5.20 24.90
C LEU A 265 8.56 6.22 23.77
N ALA A 266 9.55 7.11 23.62
CA ALA A 266 9.50 8.15 22.57
C ALA A 266 10.30 7.70 21.34
N ALA A 267 11.48 7.11 21.57
CA ALA A 267 12.35 6.71 20.43
C ALA A 267 11.65 5.66 19.57
N TRP A 268 11.14 4.58 20.18
CA TRP A 268 10.54 3.48 19.37
C TRP A 268 9.53 4.04 18.36
N PRO A 269 8.45 4.73 18.79
CA PRO A 269 7.42 5.19 17.84
C PRO A 269 7.98 6.22 16.84
N VAL A 270 8.66 7.26 17.33
CA VAL A 270 9.17 8.34 16.46
C VAL A 270 10.12 7.76 15.40
N ILE A 271 11.10 6.97 15.81
CA ILE A 271 12.11 6.44 14.84
C ILE A 271 11.38 5.59 13.79
N GLY A 272 10.42 4.78 14.22
CA GLY A 272 9.65 3.95 13.26
C GLY A 272 8.92 4.80 12.25
N ILE A 273 8.22 5.85 12.70
CA ILE A 273 7.46 6.74 11.78
C ILE A 273 8.45 7.42 10.83
N TRP A 274 9.64 7.79 11.32
CA TRP A 274 10.67 8.40 10.44
C TRP A 274 10.98 7.44 9.30
N PHE A 275 11.20 6.16 9.61
CA PHE A 275 11.56 5.17 8.55
C PHE A 275 10.41 5.03 7.54
N THR A 276 9.17 4.91 8.04
CA THR A 276 8.02 4.71 7.12
C THR A 276 7.90 5.94 6.22
N ALA A 277 8.13 7.13 6.77
CA ALA A 277 8.06 8.38 5.98
C ALA A 277 9.15 8.36 4.91
N LEU A 278 10.39 8.05 5.30
CA LEU A 278 11.50 7.95 4.32
C LEU A 278 11.16 6.85 3.30
N GLY A 279 10.65 5.72 3.77
CA GLY A 279 10.23 4.64 2.85
C GLY A 279 9.29 5.18 1.78
N LEU A 280 8.28 5.94 2.20
CA LEU A 280 7.29 6.51 1.24
C LEU A 280 8.02 7.45 0.28
N SER A 281 8.96 8.25 0.82
CA SER A 281 9.72 9.21 -0.02
C SER A 281 10.57 8.46 -1.05
N THR A 282 11.24 7.38 -0.63
CA THR A 282 12.07 6.58 -1.56
C THR A 282 11.18 5.99 -2.64
N MET A 283 10.04 5.41 -2.25
CA MET A 283 9.09 4.82 -3.23
C MET A 283 8.56 5.94 -4.14
N ALA A 284 8.57 7.19 -3.66
CA ALA A 284 8.15 8.33 -4.51
C ALA A 284 9.15 8.49 -5.65
N PHE A 285 10.38 7.97 -5.47
CA PHE A 285 11.41 8.05 -6.54
C PHE A 285 11.43 6.72 -7.31
N ASN A 286 10.33 5.96 -7.24
CA ASN A 286 10.22 4.68 -8.00
C ASN A 286 11.08 3.58 -7.36
N LEU A 287 11.47 3.74 -6.10
CA LEU A 287 12.21 2.65 -5.41
C LEU A 287 11.18 1.75 -4.72
N ASN A 288 10.56 0.82 -5.46
CA ASN A 288 9.48 -0.02 -4.89
C ASN A 288 10.06 -1.03 -3.89
N GLY A 289 9.18 -1.72 -3.15
CA GLY A 289 9.63 -2.71 -2.13
C GLY A 289 10.16 -3.98 -2.76
N PHE A 290 10.58 -4.95 -1.95
CA PHE A 290 11.16 -6.21 -2.47
C PHE A 290 10.24 -6.82 -3.52
N ASN A 291 10.80 -7.30 -4.64
CA ASN A 291 9.99 -7.97 -5.69
C ASN A 291 10.51 -9.39 -5.87
N PHE A 292 9.83 -10.37 -5.27
CA PHE A 292 10.28 -11.79 -5.36
C PHE A 292 9.32 -12.58 -6.25
N ASN A 293 8.72 -11.91 -7.24
CA ASN A 293 7.78 -12.58 -8.18
C ASN A 293 8.56 -13.62 -9.01
N GLN A 294 8.08 -14.86 -9.06
CA GLN A 294 8.76 -15.92 -9.85
C GLN A 294 10.21 -16.06 -9.39
N SER A 295 10.44 -16.01 -8.08
CA SER A 295 11.82 -16.18 -7.53
C SER A 295 12.11 -17.67 -7.33
N VAL A 296 11.08 -18.46 -6.99
CA VAL A 296 11.27 -19.93 -6.78
C VAL A 296 11.03 -20.65 -8.10
N VAL A 297 12.03 -21.39 -8.59
CA VAL A 297 11.92 -22.12 -9.89
C VAL A 297 12.28 -23.59 -9.66
N ASP A 298 11.60 -24.52 -10.34
CA ASP A 298 11.87 -25.97 -10.14
C ASP A 298 13.10 -26.37 -10.97
N SER A 299 13.37 -27.69 -11.07
CA SER A 299 14.55 -28.19 -11.81
C SER A 299 14.44 -27.82 -13.30
N GLN A 300 13.30 -28.13 -13.93
CA GLN A 300 13.14 -27.90 -15.39
C GLN A 300 12.86 -26.43 -15.70
N GLY A 301 12.55 -25.61 -14.69
CA GLY A 301 12.33 -24.17 -14.92
C GLY A 301 10.91 -23.73 -14.63
N ARG A 302 9.99 -24.68 -14.43
CA ARG A 302 8.60 -24.33 -14.07
C ARG A 302 8.62 -23.42 -12.84
N VAL A 303 7.79 -22.37 -12.85
CA VAL A 303 7.77 -21.38 -11.72
C VAL A 303 6.90 -21.93 -10.59
N LEU A 304 7.46 -22.07 -9.38
CA LEU A 304 6.66 -22.51 -8.21
C LEU A 304 6.12 -21.25 -7.51
N ASN A 305 4.82 -20.99 -7.63
CA ASN A 305 4.24 -19.74 -7.07
C ASN A 305 4.41 -19.69 -5.55
N THR A 306 4.43 -18.49 -4.98
CA THR A 306 4.54 -18.32 -3.50
C THR A 306 3.49 -17.32 -3.03
N TRP A 307 3.48 -17.00 -1.73
CA TRP A 307 2.54 -15.98 -1.20
C TRP A 307 2.80 -14.65 -1.91
N ALA A 308 4.08 -14.35 -2.17
CA ALA A 308 4.43 -13.10 -2.89
C ALA A 308 3.71 -13.04 -4.22
N ASP A 309 3.73 -14.15 -4.98
CA ASP A 309 3.06 -14.20 -6.30
C ASP A 309 1.58 -13.88 -6.14
N ILE A 310 0.94 -14.44 -5.09
CA ILE A 310 -0.51 -14.21 -4.85
C ILE A 310 -0.71 -12.71 -4.61
N ILE A 311 0.16 -12.08 -3.82
CA ILE A 311 0.07 -10.62 -3.56
C ILE A 311 0.18 -9.90 -4.91
N ASN A 312 1.08 -10.37 -5.77
CA ASN A 312 1.27 -9.74 -7.11
C ASN A 312 -0.06 -9.83 -7.88
N ARG A 313 -0.73 -10.98 -7.82
CA ARG A 313 -2.01 -11.16 -8.57
C ARG A 313 -2.98 -10.04 -8.19
N ALA A 314 -3.10 -9.76 -6.89
CA ALA A 314 -3.99 -8.67 -6.43
C ALA A 314 -3.48 -7.33 -6.96
N ASN A 315 -2.18 -7.06 -6.80
CA ASN A 315 -1.58 -5.78 -7.27
C ASN A 315 -1.96 -5.56 -8.74
N LEU A 316 -1.91 -6.61 -9.55
CA LEU A 316 -2.27 -6.49 -10.99
C LEU A 316 -3.70 -5.99 -11.11
N GLY A 317 -4.62 -6.56 -10.32
CA GLY A 317 -6.04 -6.16 -10.40
C GLY A 317 -6.22 -4.68 -10.11
N MET A 318 -5.60 -4.20 -9.03
CA MET A 318 -5.71 -2.77 -8.67
C MET A 318 -5.09 -1.93 -9.79
N GLU A 319 -3.97 -2.38 -10.35
CA GLU A 319 -3.27 -1.62 -11.42
C GLU A 319 -4.17 -1.51 -12.66
N VAL A 320 -4.70 -2.64 -13.15
CA VAL A 320 -5.51 -2.61 -14.40
C VAL A 320 -6.77 -1.76 -14.20
N MET A 321 -7.17 -1.51 -12.95
CA MET A 321 -8.43 -0.76 -12.68
C MET A 321 -8.12 0.73 -12.45
N HIS A 322 -7.09 1.05 -11.67
CA HIS A 322 -6.80 2.47 -11.35
C HIS A 322 -6.76 3.30 -12.63
N GLU A 323 -7.40 4.47 -12.63
CA GLU A 323 -7.44 5.34 -13.83
C GLU A 323 -7.88 4.49 -15.02
N ARG A 324 -9.16 4.10 -15.05
CA ARG A 324 -9.67 3.22 -16.13
C ARG A 324 -9.48 3.89 -17.50
N ASN A 325 -9.59 5.22 -17.56
CA ASN A 325 -9.51 5.93 -18.87
C ASN A 325 -8.32 6.89 -18.89
N ALA A 326 -7.41 6.77 -17.92
CA ALA A 326 -6.28 7.73 -17.84
C ALA A 326 -4.98 7.07 -18.30
N HIS A 327 -5.07 6.00 -19.08
CA HIS A 327 -3.84 5.34 -19.63
C HIS A 327 -4.04 5.06 -21.12
N ASN A 328 -3.22 5.67 -21.98
CA ASN A 328 -3.31 5.45 -23.44
C ASN A 328 -2.18 4.52 -23.89
N PHE A 329 -1.26 4.21 -22.97
CA PHE A 329 -0.11 3.32 -23.30
C PHE A 329 0.01 2.23 -22.23
N PRO A 330 0.58 1.04 -22.53
CA PRO A 330 0.62 -0.05 -21.56
C PRO A 330 1.44 0.28 -20.30
N LEU A 331 2.72 0.63 -20.46
CA LEU A 331 3.60 0.91 -19.30
C LEU A 331 3.07 2.12 -18.52
N ASP A 332 2.98 2.01 -17.20
CA ASP A 332 2.54 3.16 -16.36
C ASP A 332 3.80 3.83 -15.78
N LEU A 333 4.71 4.25 -16.66
CA LEU A 333 5.98 4.86 -16.21
C LEU A 333 5.68 6.05 -15.28
N ALA A 334 4.64 6.82 -15.60
CA ALA A 334 4.25 7.98 -14.77
C ALA A 334 4.08 7.54 -13.31
N GLY B 1 -18.87 10.55 45.60
CA GLY B 1 -19.56 10.66 44.30
C GLY B 1 -19.19 9.54 43.36
N LEU B 2 -19.99 8.46 43.35
CA LEU B 2 -19.69 7.30 42.46
C LEU B 2 -19.56 7.78 41.03
N PRO B 3 -18.53 7.33 40.26
CA PRO B 3 -18.40 7.69 38.86
C PRO B 3 -19.59 7.11 38.07
N TRP B 4 -19.88 7.67 36.90
CA TRP B 4 -21.01 7.18 36.08
C TRP B 4 -20.90 5.67 35.89
N TYR B 5 -19.68 5.17 35.69
CA TYR B 5 -19.46 3.72 35.44
C TYR B 5 -19.37 2.97 36.78
N ARG B 6 -20.02 3.48 37.82
CA ARG B 6 -20.01 2.76 39.13
C ARG B 6 -21.27 3.13 39.92
N VAL B 7 -22.30 3.64 39.24
CA VAL B 7 -23.53 4.07 39.94
C VAL B 7 -24.33 2.86 40.42
N HIS B 8 -24.38 1.79 39.61
CA HIS B 8 -25.21 0.61 39.97
C HIS B 8 -24.49 -0.26 41.01
N THR B 9 -23.34 0.19 41.51
CA THR B 9 -22.60 -0.57 42.56
C THR B 9 -23.24 -0.30 43.92
N VAL B 10 -24.25 0.58 43.97
CA VAL B 10 -24.90 0.95 45.26
C VAL B 10 -25.62 -0.27 45.85
N VAL B 11 -26.16 -1.14 45.01
CA VAL B 11 -26.97 -2.29 45.52
C VAL B 11 -26.09 -3.52 45.74
N ILE B 12 -24.78 -3.39 45.55
CA ILE B 12 -23.87 -4.57 45.68
C ILE B 12 -24.11 -5.24 47.03
N ASN B 13 -24.32 -4.45 48.09
CA ASN B 13 -24.53 -5.02 49.45
C ASN B 13 -25.96 -4.75 49.89
N ASP B 14 -26.92 -4.72 48.95
CA ASP B 14 -28.34 -4.55 49.32
C ASP B 14 -29.16 -5.65 48.66
N PRO B 15 -29.21 -6.87 49.23
CA PRO B 15 -29.93 -7.99 48.62
C PRO B 15 -31.38 -7.62 48.32
N GLY B 16 -32.01 -6.86 49.22
CA GLY B 16 -33.42 -6.47 49.03
C GLY B 16 -33.63 -5.68 47.76
N ARG B 17 -32.73 -4.75 47.45
CA ARG B 17 -32.90 -3.89 46.25
C ARG B 17 -32.24 -4.57 45.04
N LEU B 18 -31.38 -5.56 45.28
CA LEU B 18 -30.78 -6.32 44.15
C LEU B 18 -31.91 -7.04 43.41
N ILE B 19 -32.81 -7.69 44.16
CA ILE B 19 -33.97 -8.36 43.53
C ILE B 19 -34.75 -7.30 42.73
N SER B 20 -35.02 -6.15 43.36
CA SER B 20 -35.77 -5.06 42.69
C SER B 20 -35.10 -4.72 41.35
N VAL B 21 -33.81 -4.41 41.37
CA VAL B 21 -33.10 -3.99 40.13
C VAL B 21 -33.18 -5.13 39.11
N HIS B 22 -33.04 -6.37 39.58
CA HIS B 22 -33.15 -7.55 38.68
C HIS B 22 -34.58 -7.67 38.17
N LEU B 23 -35.56 -7.41 39.04
CA LEU B 23 -36.99 -7.47 38.62
C LEU B 23 -37.20 -6.46 37.49
N MET B 24 -36.62 -5.26 37.62
CA MET B 24 -36.74 -4.23 36.55
C MET B 24 -36.23 -4.83 35.23
N HIS B 25 -34.98 -5.31 35.23
CA HIS B 25 -34.40 -5.85 33.97
C HIS B 25 -35.34 -6.90 33.39
N THR B 26 -35.83 -7.82 34.23
CA THR B 26 -36.74 -8.88 33.77
C THR B 26 -37.99 -8.26 33.14
N ALA B 27 -38.55 -7.23 33.79
CA ALA B 27 -39.76 -6.55 33.26
C ALA B 27 -39.45 -5.96 31.89
N LEU B 28 -38.35 -5.21 31.77
CA LEU B 28 -37.96 -4.60 30.47
C LEU B 28 -37.88 -5.71 29.43
N VAL B 29 -37.20 -6.81 29.74
CA VAL B 29 -37.02 -7.91 28.74
C VAL B 29 -38.40 -8.46 28.37
N SER B 30 -39.24 -8.73 29.37
CA SER B 30 -40.60 -9.26 29.10
C SER B 30 -41.37 -8.29 28.22
N GLY B 31 -41.30 -6.99 28.53
CA GLY B 31 -42.03 -5.97 27.75
C GLY B 31 -41.59 -5.97 26.30
N TRP B 32 -40.27 -5.98 26.06
CA TRP B 32 -39.74 -6.00 24.68
C TRP B 32 -40.22 -7.28 23.97
N ALA B 33 -40.18 -8.41 24.67
CA ALA B 33 -40.63 -9.69 24.08
C ALA B 33 -42.02 -9.51 23.46
N GLY B 34 -42.99 -9.04 24.26
CA GLY B 34 -44.36 -8.87 23.75
C GLY B 34 -44.47 -7.70 22.81
N SER B 35 -43.75 -6.61 23.10
CA SER B 35 -43.79 -5.40 22.25
C SER B 35 -43.28 -5.73 20.84
N MET B 36 -42.06 -6.26 20.74
CA MET B 36 -41.48 -6.58 19.40
C MET B 36 -42.42 -7.54 18.67
N ALA B 37 -42.93 -8.54 19.38
CA ALA B 37 -43.85 -9.52 18.76
C ALA B 37 -45.09 -8.80 18.22
N LEU B 38 -45.67 -7.92 19.03
CA LEU B 38 -46.89 -7.17 18.60
C LEU B 38 -46.54 -6.36 17.34
N PHE B 39 -45.39 -5.70 17.34
CA PHE B 39 -44.95 -4.91 16.15
C PHE B 39 -44.84 -5.83 14.94
N GLU B 40 -44.16 -6.97 15.10
CA GLU B 40 -43.95 -7.91 13.96
C GLU B 40 -45.31 -8.36 13.43
N ILE B 41 -46.21 -8.75 14.34
CA ILE B 41 -47.56 -9.23 13.93
C ILE B 41 -48.25 -8.11 13.16
N SER B 42 -48.06 -6.86 13.59
CA SER B 42 -48.71 -5.71 12.91
C SER B 42 -48.08 -5.45 11.55
N VAL B 43 -46.86 -5.95 11.32
CA VAL B 43 -46.14 -5.68 10.04
C VAL B 43 -45.85 -7.00 9.31
N PHE B 44 -46.64 -8.05 9.58
CA PHE B 44 -46.38 -9.38 8.95
C PHE B 44 -47.45 -9.69 7.90
N ASP B 45 -47.04 -10.27 6.76
CA ASP B 45 -48.01 -10.66 5.72
C ASP B 45 -48.03 -12.19 5.61
N PRO B 46 -49.09 -12.87 6.07
CA PRO B 46 -49.20 -14.33 6.00
C PRO B 46 -49.85 -14.81 4.71
N SER B 47 -50.10 -13.90 3.76
CA SER B 47 -50.79 -14.28 2.51
C SER B 47 -50.00 -15.35 1.75
N ASP B 48 -48.71 -15.12 1.54
CA ASP B 48 -47.86 -16.07 0.76
C ASP B 48 -46.86 -16.73 1.71
N PRO B 49 -47.03 -18.02 2.10
CA PRO B 49 -46.06 -18.69 2.95
C PRO B 49 -44.96 -19.38 2.13
N VAL B 50 -44.98 -19.21 0.80
CA VAL B 50 -43.99 -19.90 -0.07
C VAL B 50 -42.91 -18.90 -0.49
N LEU B 51 -43.27 -17.92 -1.33
CA LEU B 51 -42.28 -16.94 -1.84
C LEU B 51 -42.16 -15.78 -0.86
N ASN B 52 -43.00 -15.74 0.17
CA ASN B 52 -42.89 -14.67 1.20
C ASN B 52 -42.88 -15.30 2.60
N PRO B 53 -41.84 -16.08 2.96
CA PRO B 53 -41.75 -16.68 4.30
C PRO B 53 -41.43 -15.64 5.37
N MET B 54 -41.55 -16.01 6.64
CA MET B 54 -41.31 -15.05 7.76
C MET B 54 -39.90 -14.46 7.63
N TRP B 55 -38.90 -15.30 7.39
CA TRP B 55 -37.49 -14.82 7.34
C TRP B 55 -37.34 -13.80 6.20
N ARG B 56 -38.06 -14.00 5.08
CA ARG B 56 -38.02 -13.02 3.98
C ARG B 56 -38.68 -11.71 4.45
N GLN B 57 -39.66 -11.80 5.34
CA GLN B 57 -40.38 -10.59 5.82
C GLN B 57 -39.56 -9.95 6.95
N GLY B 58 -38.39 -10.50 7.27
CA GLY B 58 -37.51 -9.88 8.29
C GLY B 58 -38.00 -10.07 9.72
N MET B 59 -38.94 -11.00 9.93
CA MET B 59 -39.45 -11.28 11.29
C MET B 59 -38.33 -11.94 12.12
N PHE B 60 -38.23 -11.59 13.40
CA PHE B 60 -37.14 -12.11 14.27
C PHE B 60 -37.73 -12.92 15.43
N VAL B 61 -38.70 -12.35 16.16
CA VAL B 61 -39.28 -13.04 17.34
C VAL B 61 -40.33 -14.05 16.87
N LEU B 62 -41.01 -13.75 15.76
CA LEU B 62 -42.07 -14.66 15.23
C LEU B 62 -41.52 -16.07 15.04
N PRO B 63 -40.34 -16.25 14.39
CA PRO B 63 -39.73 -17.57 14.24
C PRO B 63 -39.64 -18.33 15.58
N PHE B 64 -39.17 -17.64 16.63
CA PHE B 64 -38.99 -18.30 17.96
C PHE B 64 -40.35 -18.78 18.49
N MET B 65 -41.36 -17.91 18.42
CA MET B 65 -42.72 -18.27 18.91
C MET B 65 -43.22 -19.48 18.12
N THR B 66 -43.03 -19.46 16.79
CA THR B 66 -43.48 -20.59 15.94
C THR B 66 -42.66 -21.85 16.27
N ARG B 67 -41.38 -21.67 16.59
CA ARG B 67 -40.49 -22.83 16.87
C ARG B 67 -41.07 -23.68 18.01
N LEU B 68 -41.62 -23.04 19.04
CA LEU B 68 -42.11 -23.82 20.22
C LEU B 68 -43.58 -24.22 20.05
N GLY B 69 -44.27 -23.74 19.01
CA GLY B 69 -45.65 -24.20 18.79
C GLY B 69 -46.58 -23.12 18.26
N ILE B 70 -46.45 -21.88 18.74
CA ILE B 70 -47.40 -20.81 18.34
C ILE B 70 -47.44 -20.77 16.80
N THR B 71 -48.62 -20.97 16.22
CA THR B 71 -48.75 -21.00 14.73
C THR B 71 -49.97 -20.20 14.29
N GLN B 72 -51.07 -20.27 15.05
CA GLN B 72 -52.32 -19.55 14.68
C GLN B 72 -52.27 -18.12 15.20
N SER B 73 -53.23 -17.29 14.81
CA SER B 73 -53.28 -15.88 15.27
C SER B 73 -54.74 -15.40 15.30
N TRP B 74 -55.10 -14.53 16.25
CA TRP B 74 -56.48 -14.01 16.34
C TRP B 74 -56.89 -13.37 15.01
N GLY B 75 -55.91 -13.07 14.15
CA GLY B 75 -56.20 -12.52 12.81
C GLY B 75 -56.86 -13.57 11.92
N GLY B 76 -57.14 -14.75 12.47
CA GLY B 76 -57.80 -15.82 11.70
C GLY B 76 -56.86 -16.43 10.67
N TRP B 77 -55.54 -16.30 10.91
CA TRP B 77 -54.54 -16.82 9.94
C TRP B 77 -53.53 -17.71 10.66
N THR B 78 -53.04 -18.75 9.98
CA THR B 78 -51.99 -19.61 10.58
C THR B 78 -50.65 -19.30 9.91
N ILE B 79 -49.55 -19.53 10.60
CA ILE B 79 -48.20 -19.33 9.98
C ILE B 79 -48.11 -20.27 8.77
N SER B 80 -48.92 -21.33 8.76
CA SER B 80 -48.92 -22.30 7.63
C SER B 80 -49.56 -21.65 6.40
N GLY B 81 -50.36 -20.61 6.61
CA GLY B 81 -51.05 -19.94 5.49
C GLY B 81 -52.53 -20.27 5.47
N GLU B 82 -52.93 -21.34 6.16
CA GLU B 82 -54.37 -21.70 6.24
C GLU B 82 -55.05 -20.80 7.28
N THR B 83 -56.38 -20.78 7.31
CA THR B 83 -57.12 -19.92 8.26
C THR B 83 -56.99 -20.48 9.68
N ALA B 84 -56.77 -19.60 10.67
CA ALA B 84 -56.68 -20.05 12.08
C ALA B 84 -58.10 -20.36 12.59
N THR B 85 -58.52 -21.62 12.50
CA THR B 85 -59.90 -21.99 12.92
C THR B 85 -60.13 -21.53 14.37
N ASN B 86 -59.20 -21.84 15.27
CA ASN B 86 -59.32 -21.46 16.70
C ASN B 86 -57.94 -21.12 17.25
N PRO B 87 -57.40 -19.90 17.02
CA PRO B 87 -56.06 -19.54 17.49
C PRO B 87 -55.95 -19.76 19.00
N GLY B 88 -57.01 -19.45 19.75
CA GLY B 88 -57.00 -19.67 21.21
C GLY B 88 -56.22 -18.61 21.94
N ILE B 89 -56.16 -18.70 23.27
CA ILE B 89 -55.44 -17.67 24.10
C ILE B 89 -53.98 -17.62 23.67
N TRP B 90 -53.43 -18.72 23.14
CA TRP B 90 -51.98 -18.76 22.81
C TRP B 90 -51.72 -18.28 21.38
N SER B 91 -52.58 -17.42 20.84
CA SER B 91 -52.32 -16.85 19.49
C SER B 91 -51.06 -15.98 19.59
N TYR B 92 -50.40 -15.76 18.45
CA TYR B 92 -49.18 -14.89 18.45
C TYR B 92 -49.47 -13.65 19.28
N GLU B 93 -50.63 -13.01 19.03
CA GLU B 93 -51.01 -11.79 19.78
C GLU B 93 -51.16 -12.13 21.26
N GLY B 94 -51.81 -13.24 21.57
CA GLY B 94 -52.03 -13.64 22.98
C GLY B 94 -50.71 -13.75 23.73
N VAL B 95 -49.77 -14.53 23.20
CA VAL B 95 -48.47 -14.74 23.89
C VAL B 95 -47.78 -13.37 24.07
N ALA B 96 -47.82 -12.53 23.04
CA ALA B 96 -47.23 -11.17 23.14
C ALA B 96 -47.90 -10.43 24.31
N ALA B 97 -49.22 -10.32 24.28
CA ALA B 97 -49.96 -9.60 25.36
C ALA B 97 -49.54 -10.16 26.72
N ALA B 98 -49.43 -11.48 26.83
CA ALA B 98 -49.03 -12.12 28.10
C ALA B 98 -47.71 -11.53 28.58
N HIS B 99 -46.69 -11.53 27.71
CA HIS B 99 -45.35 -11.01 28.10
C HIS B 99 -45.48 -9.57 28.57
N ILE B 100 -46.29 -8.76 27.90
CA ILE B 100 -46.45 -7.33 28.26
C ILE B 100 -47.05 -7.23 29.66
N ILE B 101 -48.10 -8.01 29.94
CA ILE B 101 -48.75 -8.01 31.28
C ILE B 101 -47.72 -8.47 32.32
N LEU B 102 -46.96 -9.52 32.00
CA LEU B 102 -45.91 -10.01 32.93
C LEU B 102 -44.95 -8.85 33.24
N SER B 103 -44.47 -8.16 32.20
CA SER B 103 -43.56 -7.00 32.40
C SER B 103 -44.15 -6.07 33.45
N GLY B 104 -45.41 -5.66 33.28
CA GLY B 104 -46.06 -4.74 34.23
C GLY B 104 -46.03 -5.28 35.65
N ALA B 105 -46.44 -6.54 35.82
CA ALA B 105 -46.43 -7.17 37.16
C ALA B 105 -45.02 -7.09 37.75
N LEU B 106 -44.00 -7.44 36.96
CA LEU B 106 -42.61 -7.41 37.45
C LEU B 106 -42.26 -6.00 37.92
N PHE B 107 -42.71 -4.98 37.19
CA PHE B 107 -42.40 -3.57 37.54
C PHE B 107 -42.93 -3.27 38.95
N LEU B 108 -44.20 -3.62 39.21
CA LEU B 108 -44.81 -3.36 40.54
C LEU B 108 -44.02 -4.13 41.60
N ALA B 109 -43.66 -5.39 41.31
CA ALA B 109 -42.88 -6.21 42.27
C ALA B 109 -41.55 -5.51 42.55
N SER B 110 -40.90 -4.99 41.50
CA SER B 110 -39.60 -4.29 41.67
C SER B 110 -39.78 -3.11 42.62
N VAL B 111 -40.86 -2.35 42.44
CA VAL B 111 -41.12 -1.16 43.31
C VAL B 111 -41.18 -1.62 44.77
N TRP B 112 -41.95 -2.68 45.05
CA TRP B 112 -42.12 -3.14 46.44
C TRP B 112 -40.76 -3.57 47.01
N HIS B 113 -40.03 -4.40 46.27
CA HIS B 113 -38.72 -4.92 46.78
C HIS B 113 -37.76 -3.75 47.00
N TRP B 114 -37.83 -2.73 46.13
CA TRP B 114 -36.99 -1.52 46.31
C TRP B 114 -37.36 -0.82 47.61
N THR B 115 -38.65 -0.51 47.78
CA THR B 115 -39.12 0.19 49.00
C THR B 115 -38.77 -0.66 50.24
N TYR B 116 -39.26 -1.91 50.28
CA TYR B 116 -39.04 -2.78 51.46
C TYR B 116 -37.77 -3.62 51.26
N TRP B 117 -36.62 -2.96 51.11
CA TRP B 117 -35.34 -3.68 50.89
C TRP B 117 -34.87 -4.34 52.19
N ASP B 118 -35.15 -3.73 53.34
CA ASP B 118 -34.66 -4.27 54.64
C ASP B 118 -35.55 -5.44 55.08
N LEU B 119 -35.29 -6.64 54.55
CA LEU B 119 -36.07 -7.83 54.98
C LEU B 119 -35.17 -8.71 55.86
N GLU B 120 -35.70 -9.19 56.99
CA GLU B 120 -34.89 -10.02 57.93
C GLU B 120 -34.30 -11.22 57.18
N LEU B 121 -34.99 -11.70 56.15
CA LEU B 121 -34.52 -12.89 55.39
C LEU B 121 -33.07 -12.65 54.95
N PHE B 122 -32.78 -11.46 54.42
CA PHE B 122 -31.42 -11.14 53.93
C PHE B 122 -30.43 -11.13 55.10
N ARG B 123 -30.86 -10.62 56.25
CA ARG B 123 -29.98 -10.56 57.45
C ARG B 123 -29.53 -11.98 57.81
N ASP B 124 -28.31 -12.14 58.33
CA ASP B 124 -27.86 -13.48 58.80
C ASP B 124 -28.29 -13.64 60.26
N PRO B 125 -28.76 -14.82 60.70
CA PRO B 125 -29.26 -15.00 62.06
C PRO B 125 -28.15 -14.90 63.10
N ARG B 126 -26.96 -15.43 62.79
CA ARG B 126 -25.84 -15.45 63.77
C ARG B 126 -25.39 -14.02 64.09
N THR B 127 -25.25 -13.17 63.08
CA THR B 127 -24.71 -11.80 63.33
C THR B 127 -25.83 -10.76 63.20
N GLY B 128 -26.77 -10.97 62.29
CA GLY B 128 -27.84 -9.97 62.05
C GLY B 128 -27.51 -9.11 60.85
N LYS B 129 -26.26 -9.15 60.37
CA LYS B 129 -25.87 -8.38 59.17
C LYS B 129 -26.45 -9.05 57.92
N THR B 130 -26.72 -8.27 56.88
CA THR B 130 -27.27 -8.84 55.61
C THR B 130 -26.25 -9.82 55.02
N ALA B 131 -26.62 -11.10 54.89
CA ALA B 131 -25.70 -12.10 54.31
C ALA B 131 -26.48 -13.11 53.47
N LEU B 132 -25.96 -13.47 52.29
CA LEU B 132 -26.65 -14.44 51.41
C LEU B 132 -25.80 -15.71 51.32
N ASP B 133 -26.41 -16.89 51.50
CA ASP B 133 -25.68 -18.17 51.44
C ASP B 133 -25.51 -18.58 49.98
N LEU B 134 -24.70 -17.83 49.23
CA LEU B 134 -24.49 -18.11 47.78
C LEU B 134 -24.44 -19.63 47.54
N PRO B 135 -23.64 -20.43 48.28
CA PRO B 135 -23.60 -21.88 48.08
C PRO B 135 -25.01 -22.47 47.94
N LYS B 136 -25.89 -22.20 48.91
CA LYS B 136 -27.27 -22.78 48.89
C LYS B 136 -28.12 -22.08 47.82
N ILE B 137 -27.97 -20.77 47.68
CA ILE B 137 -28.80 -20.01 46.70
C ILE B 137 -28.63 -20.67 45.34
N PHE B 138 -27.39 -20.97 44.95
CA PHE B 138 -27.14 -21.65 43.66
C PHE B 138 -27.83 -23.01 43.65
N GLY B 139 -27.69 -23.77 44.74
CA GLY B 139 -28.28 -25.11 44.80
C GLY B 139 -29.78 -25.07 44.59
N ILE B 140 -30.48 -24.20 45.30
CA ILE B 140 -31.97 -24.14 45.20
C ILE B 140 -32.33 -23.72 43.77
N HIS B 141 -31.66 -22.68 43.26
CA HIS B 141 -31.94 -22.20 41.88
C HIS B 141 -31.64 -23.32 40.87
N LEU B 142 -30.52 -24.03 41.07
CA LEU B 142 -30.13 -25.12 40.14
C LEU B 142 -31.20 -26.20 40.16
N PHE B 143 -31.69 -26.55 41.36
CA PHE B 143 -32.73 -27.60 41.48
C PHE B 143 -33.96 -27.19 40.67
N LEU B 144 -34.43 -25.96 40.88
CA LEU B 144 -35.63 -25.46 40.14
C LEU B 144 -35.31 -25.47 38.64
N SER B 145 -34.12 -25.01 38.26
CA SER B 145 -33.73 -24.95 36.83
C SER B 145 -33.84 -26.35 36.21
N GLY B 146 -33.28 -27.35 36.89
CA GLY B 146 -33.35 -28.74 36.39
C GLY B 146 -34.79 -29.18 36.18
N LEU B 147 -35.66 -28.90 37.14
CA LEU B 147 -37.09 -29.28 37.03
C LEU B 147 -37.64 -28.76 35.69
N LEU B 148 -37.51 -27.46 35.43
CA LEU B 148 -38.06 -26.86 34.19
C LEU B 148 -37.44 -27.55 32.98
N CYS B 149 -36.11 -27.73 32.97
CA CYS B 149 -35.43 -28.32 31.80
C CYS B 149 -36.04 -29.69 31.51
N PHE B 150 -36.12 -30.56 32.52
CA PHE B 150 -36.67 -31.92 32.33
C PHE B 150 -38.13 -31.82 31.86
N GLY B 151 -38.92 -30.96 32.51
CA GLY B 151 -40.35 -30.82 32.15
C GLY B 151 -40.52 -30.37 30.72
N PHE B 152 -39.73 -29.37 30.29
CA PHE B 152 -39.85 -28.84 28.91
C PHE B 152 -39.54 -29.97 27.92
N GLY B 153 -38.45 -30.70 28.15
CA GLY B 153 -38.04 -31.77 27.23
C GLY B 153 -38.96 -32.98 27.31
N ALA B 154 -39.51 -33.28 28.49
CA ALA B 154 -40.33 -34.50 28.66
C ALA B 154 -41.81 -34.21 28.42
N PHE B 155 -42.19 -32.94 28.24
CA PHE B 155 -43.63 -32.60 28.09
C PHE B 155 -43.83 -31.68 26.89
N HIS B 156 -43.37 -30.43 26.97
CA HIS B 156 -43.58 -29.46 25.87
C HIS B 156 -42.96 -30.00 24.57
N VAL B 157 -41.70 -30.44 24.64
CA VAL B 157 -41.00 -30.96 23.44
C VAL B 157 -41.59 -32.33 23.07
N THR B 158 -41.59 -33.26 24.03
CA THR B 158 -42.09 -34.63 23.77
C THR B 158 -43.51 -34.55 23.21
N GLY B 159 -44.34 -33.66 23.75
CA GLY B 159 -45.73 -33.49 23.26
C GLY B 159 -46.74 -34.07 24.24
N VAL B 160 -46.29 -34.96 25.13
CA VAL B 160 -47.21 -35.61 26.10
C VAL B 160 -48.15 -34.54 26.68
N PHE B 161 -47.59 -33.38 27.05
CA PHE B 161 -48.41 -32.26 27.57
C PHE B 161 -48.12 -31.01 26.76
N GLY B 162 -46.84 -30.72 26.52
CA GLY B 162 -46.46 -29.55 25.70
C GLY B 162 -46.93 -29.71 24.26
N PRO B 163 -47.09 -28.63 23.48
CA PRO B 163 -47.60 -28.72 22.11
C PRO B 163 -46.63 -29.49 21.20
N GLY B 164 -45.32 -29.28 21.38
CA GLY B 164 -44.32 -29.94 20.53
C GLY B 164 -43.28 -28.95 20.05
N ILE B 165 -42.38 -29.37 19.16
CA ILE B 165 -41.36 -28.45 18.59
C ILE B 165 -41.45 -28.52 17.06
N TRP B 166 -40.97 -27.48 16.38
CA TRP B 166 -41.05 -27.42 14.89
C TRP B 166 -40.06 -28.40 14.26
N VAL B 167 -40.55 -29.35 13.46
CA VAL B 167 -39.66 -30.31 12.74
C VAL B 167 -39.97 -30.23 11.25
N SER B 168 -38.94 -30.23 10.39
CA SER B 168 -39.16 -30.07 8.94
C SER B 168 -38.35 -31.11 8.15
N ASP B 169 -38.71 -31.34 6.89
CA ASP B 169 -37.96 -32.28 6.03
C ASP B 169 -36.56 -31.70 5.75
N PRO B 170 -35.55 -32.51 5.35
CA PRO B 170 -34.19 -32.00 5.15
C PRO B 170 -34.19 -30.75 4.26
N TYR B 171 -35.13 -30.66 3.32
CA TYR B 171 -35.16 -29.52 2.36
C TYR B 171 -36.21 -28.49 2.81
N GLY B 172 -36.65 -28.57 4.07
CA GLY B 172 -37.60 -27.58 4.61
C GLY B 172 -38.73 -27.29 3.65
N LEU B 173 -39.02 -28.22 2.73
CA LEU B 173 -40.17 -28.05 1.81
C LEU B 173 -41.47 -28.23 2.61
N THR B 174 -41.45 -29.12 3.60
CA THR B 174 -42.65 -29.38 4.43
C THR B 174 -42.23 -29.59 5.89
N GLY B 175 -42.81 -28.82 6.81
CA GLY B 175 -42.49 -28.98 8.25
C GLY B 175 -43.48 -28.24 9.12
N ARG B 176 -43.56 -28.59 10.41
CA ARG B 176 -44.47 -27.90 11.35
C ARG B 176 -44.08 -28.27 12.78
N VAL B 177 -44.91 -27.93 13.76
CA VAL B 177 -44.64 -28.26 15.18
C VAL B 177 -45.31 -29.61 15.50
N GLN B 178 -44.52 -30.67 15.60
CA GLN B 178 -45.08 -32.02 15.93
C GLN B 178 -44.36 -32.57 17.15
N PRO B 179 -45.04 -33.30 18.07
CA PRO B 179 -44.36 -33.91 19.21
C PRO B 179 -43.19 -34.80 18.74
N VAL B 180 -42.05 -34.72 19.43
CA VAL B 180 -40.86 -35.54 19.04
C VAL B 180 -40.62 -36.59 20.13
N ALA B 181 -39.87 -37.64 19.81
CA ALA B 181 -39.57 -38.71 20.79
C ALA B 181 -38.07 -38.73 21.08
N PRO B 182 -37.63 -38.72 22.36
CA PRO B 182 -36.19 -38.66 22.68
C PRO B 182 -35.42 -39.81 22.00
N SER B 183 -34.33 -39.47 21.31
CA SER B 183 -33.53 -40.50 20.60
C SER B 183 -32.88 -41.46 21.60
N TRP B 184 -32.33 -40.94 22.69
CA TRP B 184 -31.66 -41.81 23.70
C TRP B 184 -30.66 -42.74 23.02
N GLY B 185 -29.88 -42.21 22.07
CA GLY B 185 -28.88 -43.02 21.35
C GLY B 185 -27.75 -42.16 20.82
N ALA B 186 -26.76 -42.79 20.17
CA ALA B 186 -25.62 -42.03 19.59
C ALA B 186 -26.17 -41.00 18.60
N ASP B 187 -27.19 -41.38 17.83
CA ASP B 187 -27.82 -40.43 16.86
C ASP B 187 -28.36 -39.23 17.63
N GLY B 188 -28.68 -39.41 18.92
CA GLY B 188 -29.23 -38.32 19.74
C GLY B 188 -28.30 -37.13 19.79
N PHE B 189 -27.02 -37.33 19.49
CA PHE B 189 -26.02 -36.24 19.56
C PHE B 189 -25.84 -35.61 18.17
N ASP B 190 -26.61 -36.07 17.18
CA ASP B 190 -26.55 -35.45 15.84
C ASP B 190 -27.29 -34.11 15.91
N PRO B 191 -26.64 -32.97 15.59
CA PRO B 191 -27.28 -31.65 15.73
C PRO B 191 -28.55 -31.57 14.89
N TYR B 192 -28.64 -32.35 13.81
CA TYR B 192 -29.83 -32.29 12.92
C TYR B 192 -30.83 -33.38 13.32
N ASN B 193 -30.62 -34.00 14.50
CA ASN B 193 -31.57 -35.03 15.01
C ASN B 193 -32.51 -34.38 16.02
N PRO B 194 -33.76 -34.04 15.64
CA PRO B 194 -34.70 -33.37 16.55
C PRO B 194 -34.84 -34.15 17.86
N GLY B 195 -35.01 -35.47 17.78
CA GLY B 195 -35.21 -36.29 18.98
C GLY B 195 -34.19 -35.97 20.06
N GLY B 196 -32.97 -35.60 19.65
CA GLY B 196 -31.91 -35.27 20.62
C GLY B 196 -32.35 -34.21 21.61
N ILE B 197 -33.12 -33.23 21.14
CA ILE B 197 -33.56 -32.10 22.03
C ILE B 197 -34.27 -32.70 23.24
N ALA B 198 -35.30 -33.52 23.00
CA ALA B 198 -36.08 -34.11 24.11
C ALA B 198 -35.14 -34.94 24.99
N SER B 199 -34.36 -35.84 24.38
CA SER B 199 -33.45 -36.72 25.14
C SER B 199 -32.48 -35.87 25.96
N HIS B 200 -31.83 -34.89 25.33
CA HIS B 200 -30.83 -34.04 26.03
C HIS B 200 -31.50 -33.28 27.18
N HIS B 201 -32.62 -32.61 26.91
CA HIS B 201 -33.28 -31.79 27.97
C HIS B 201 -33.70 -32.69 29.12
N ILE B 202 -34.23 -33.89 28.81
CA ILE B 202 -34.65 -34.84 29.88
C ILE B 202 -33.41 -35.26 30.69
N ALA B 203 -32.35 -35.69 30.00
CA ALA B 203 -31.12 -36.14 30.67
C ALA B 203 -30.51 -34.98 31.47
N ALA B 204 -30.24 -33.86 30.80
CA ALA B 204 -29.62 -32.70 31.47
C ALA B 204 -30.51 -32.27 32.64
N GLY B 205 -31.83 -32.25 32.42
CA GLY B 205 -32.77 -31.83 33.48
C GLY B 205 -32.65 -32.68 34.73
N ILE B 206 -32.74 -34.01 34.59
CA ILE B 206 -32.70 -34.89 35.79
C ILE B 206 -31.37 -34.67 36.52
N LEU B 207 -30.26 -34.63 35.78
CA LEU B 207 -28.93 -34.43 36.40
C LEU B 207 -28.92 -33.11 37.14
N GLY B 208 -29.36 -32.03 36.49
CA GLY B 208 -29.40 -30.70 37.14
C GLY B 208 -30.11 -30.79 38.48
N VAL B 209 -31.28 -31.42 38.52
CA VAL B 209 -32.04 -31.59 39.79
C VAL B 209 -31.11 -32.26 40.82
N LEU B 210 -30.51 -33.38 40.45
CA LEU B 210 -29.61 -34.11 41.39
C LEU B 210 -28.46 -33.20 41.81
N ALA B 211 -27.83 -32.51 40.85
CA ALA B 211 -26.71 -31.59 41.16
C ALA B 211 -27.21 -30.51 42.13
N GLY B 212 -28.42 -30.00 41.92
CA GLY B 212 -28.98 -28.97 42.82
C GLY B 212 -29.08 -29.50 44.24
N LEU B 213 -29.56 -30.75 44.39
CA LEU B 213 -29.66 -31.36 45.73
C LEU B 213 -28.28 -31.41 46.37
N PHE B 214 -27.25 -31.77 45.59
CA PHE B 214 -25.88 -31.87 46.13
C PHE B 214 -25.43 -30.51 46.68
N HIS B 215 -25.57 -29.45 45.88
CA HIS B 215 -25.13 -28.10 46.31
C HIS B 215 -25.94 -27.68 47.53
N LEU B 216 -27.23 -28.04 47.56
CA LEU B 216 -28.09 -27.72 48.73
C LEU B 216 -27.60 -28.50 49.94
N CYS B 217 -27.35 -29.80 49.80
CA CYS B 217 -26.94 -30.62 50.97
C CYS B 217 -25.46 -30.38 51.28
N VAL B 218 -24.56 -30.90 50.44
CA VAL B 218 -23.10 -30.77 50.69
C VAL B 218 -22.71 -29.30 50.78
N ARG B 219 -21.92 -28.93 51.78
CA ARG B 219 -21.44 -27.53 51.91
C ARG B 219 -20.13 -27.37 51.13
N PRO B 220 -19.68 -26.13 50.82
CA PRO B 220 -18.46 -25.93 50.04
C PRO B 220 -17.21 -26.29 50.84
N SER B 221 -16.16 -26.77 50.15
CA SER B 221 -14.88 -27.07 50.85
C SER B 221 -14.26 -25.77 51.37
N ILE B 222 -13.64 -25.83 52.55
CA ILE B 222 -13.01 -24.62 53.15
C ILE B 222 -12.00 -24.06 52.16
N ARG B 223 -11.13 -24.92 51.61
CA ARG B 223 -10.08 -24.46 50.67
C ARG B 223 -10.74 -23.87 49.41
N LEU B 224 -11.77 -24.55 48.90
CA LEU B 224 -12.47 -24.08 47.68
C LEU B 224 -13.20 -22.77 47.98
N TYR B 225 -13.90 -22.70 49.11
CA TYR B 225 -14.70 -21.49 49.45
C TYR B 225 -13.80 -20.26 49.35
N PHE B 226 -12.68 -20.26 50.09
CA PHE B 226 -11.77 -19.09 50.10
C PHE B 226 -11.11 -18.96 48.72
N GLY B 227 -10.58 -20.07 48.19
CA GLY B 227 -9.89 -20.04 46.89
C GLY B 227 -10.78 -19.46 45.80
N LEU B 228 -12.10 -19.69 45.90
CA LEU B 228 -13.03 -19.21 44.84
C LEU B 228 -13.90 -18.07 45.39
N SER B 229 -13.50 -17.49 46.52
CA SER B 229 -14.26 -16.34 47.09
C SER B 229 -15.76 -16.64 47.00
N MET B 230 -16.19 -17.80 47.49
CA MET B 230 -17.62 -18.21 47.37
C MET B 230 -18.49 -17.32 48.27
N GLY B 231 -17.87 -16.38 48.98
CA GLY B 231 -18.66 -15.44 49.82
C GLY B 231 -18.86 -14.11 49.11
N SER B 232 -18.39 -13.99 47.86
CA SER B 232 -18.49 -12.72 47.11
C SER B 232 -19.58 -12.81 46.04
N ILE B 233 -20.49 -11.84 46.00
CA ILE B 233 -21.56 -11.82 44.95
C ILE B 233 -20.90 -11.64 43.58
N GLU B 234 -19.82 -10.86 43.53
CA GLU B 234 -19.13 -10.61 42.23
C GLU B 234 -18.53 -11.92 41.72
N THR B 235 -18.16 -12.83 42.63
CA THR B 235 -17.61 -14.14 42.21
C THR B 235 -18.62 -14.86 41.33
N VAL B 236 -19.87 -14.99 41.81
CA VAL B 236 -20.92 -15.68 41.01
C VAL B 236 -21.15 -14.88 39.73
N LEU B 237 -21.12 -13.54 39.83
CA LEU B 237 -21.36 -12.68 38.63
C LEU B 237 -20.32 -13.01 37.56
N SER B 238 -19.03 -13.04 37.94
CA SER B 238 -17.95 -13.31 36.96
C SER B 238 -18.14 -14.71 36.35
N SER B 239 -18.36 -15.71 37.20
CA SER B 239 -18.55 -17.11 36.71
C SER B 239 -19.81 -17.18 35.84
N SER B 240 -20.88 -16.51 36.26
CA SER B 240 -22.15 -16.51 35.49
C SER B 240 -21.93 -15.86 34.13
N ILE B 241 -21.16 -14.76 34.09
CA ILE B 241 -20.86 -14.08 32.80
C ILE B 241 -20.11 -15.07 31.90
N ALA B 242 -19.18 -15.83 32.48
CA ALA B 242 -18.43 -16.84 31.70
C ALA B 242 -19.42 -17.83 31.08
N ALA B 243 -20.44 -18.24 31.84
CA ALA B 243 -21.42 -19.23 31.34
C ALA B 243 -22.24 -18.63 30.20
N VAL B 244 -22.72 -17.39 30.38
CA VAL B 244 -23.62 -16.78 29.35
C VAL B 244 -22.83 -16.58 28.05
N PHE B 245 -21.59 -16.08 28.16
CA PHE B 245 -20.79 -15.79 26.93
C PHE B 245 -20.46 -17.13 26.24
N TRP B 246 -20.21 -18.18 27.04
CA TRP B 246 -19.94 -19.52 26.46
C TRP B 246 -21.16 -19.99 25.68
N ALA B 247 -22.34 -19.91 26.30
CA ALA B 247 -23.59 -20.37 25.63
C ALA B 247 -23.82 -19.54 24.37
N ALA B 248 -23.59 -18.23 24.45
CA ALA B 248 -23.84 -17.34 23.30
C ALA B 248 -23.08 -17.87 22.07
N PHE B 249 -21.80 -18.21 22.24
CA PHE B 249 -21.00 -18.76 21.11
C PHE B 249 -21.65 -20.04 20.60
N VAL B 250 -22.03 -20.93 21.52
CA VAL B 250 -22.67 -22.22 21.12
C VAL B 250 -23.97 -21.94 20.38
N VAL B 251 -24.81 -21.05 20.92
CA VAL B 251 -26.12 -20.72 20.29
C VAL B 251 -25.88 -20.14 18.89
N ALA B 252 -24.93 -19.21 18.78
CA ALA B 252 -24.63 -18.58 17.47
C ALA B 252 -24.23 -19.66 16.46
N GLY B 253 -23.22 -20.46 16.80
CA GLY B 253 -22.75 -21.53 15.88
C GLY B 253 -23.90 -22.41 15.45
N THR B 254 -24.79 -22.75 16.39
CA THR B 254 -25.96 -23.61 16.08
C THR B 254 -26.81 -22.92 15.00
N MET B 255 -26.96 -21.59 15.09
CA MET B 255 -27.79 -20.84 14.11
C MET B 255 -27.04 -20.74 12.77
N TRP B 256 -25.75 -20.39 12.81
CA TRP B 256 -24.96 -20.22 11.56
C TRP B 256 -24.80 -21.57 10.84
N TYR B 257 -24.29 -22.58 11.54
CA TYR B 257 -24.05 -23.90 10.91
C TYR B 257 -25.37 -24.64 10.71
N GLY B 258 -26.44 -24.19 11.38
CA GLY B 258 -27.76 -24.80 11.21
C GLY B 258 -27.95 -26.01 12.11
N SER B 259 -29.21 -26.30 12.49
CA SER B 259 -29.49 -27.45 13.38
C SER B 259 -31.00 -27.71 13.40
N ALA B 260 -31.43 -28.80 14.05
CA ALA B 260 -32.87 -29.11 14.16
C ALA B 260 -33.58 -28.03 14.97
N ALA B 261 -32.82 -27.26 15.76
CA ALA B 261 -33.41 -26.20 16.61
C ALA B 261 -33.53 -24.90 15.80
N THR B 262 -32.94 -24.86 14.60
CA THR B 262 -32.98 -23.64 13.75
C THR B 262 -33.57 -23.99 12.39
N PRO B 263 -34.90 -24.26 12.28
CA PRO B 263 -35.51 -24.65 11.02
C PRO B 263 -35.16 -23.66 9.88
N ILE B 264 -34.82 -24.18 8.71
CA ILE B 264 -34.49 -23.31 7.54
C ILE B 264 -35.77 -22.62 7.04
N GLU B 265 -36.93 -23.22 7.33
CA GLU B 265 -38.21 -22.62 6.90
C GLU B 265 -38.75 -21.71 8.01
N LEU B 266 -37.91 -21.40 9.00
CA LEU B 266 -38.32 -20.48 10.10
C LEU B 266 -37.26 -19.38 10.26
N PHE B 267 -36.01 -19.68 9.89
CA PHE B 267 -34.91 -18.69 10.03
C PHE B 267 -34.24 -18.48 8.68
N GLY B 268 -34.67 -19.20 7.65
CA GLY B 268 -34.07 -19.06 6.30
C GLY B 268 -32.97 -20.09 6.08
N PRO B 269 -32.50 -20.28 4.82
CA PRO B 269 -31.49 -21.29 4.52
C PRO B 269 -30.10 -20.89 5.05
N THR B 270 -29.22 -21.86 5.29
CA THR B 270 -27.85 -21.55 5.76
C THR B 270 -26.95 -21.27 4.56
N ARG B 271 -25.89 -20.48 4.76
CA ARG B 271 -24.97 -20.11 3.64
C ARG B 271 -24.30 -21.38 3.11
N TYR B 272 -23.93 -22.30 4.01
CA TYR B 272 -23.20 -23.54 3.60
C TYR B 272 -24.07 -24.34 2.62
N GLN B 273 -25.39 -24.35 2.85
CA GLN B 273 -26.32 -25.10 1.94
C GLN B 273 -26.03 -24.68 0.49
N TRP B 274 -26.00 -23.37 0.21
CA TRP B 274 -25.70 -22.88 -1.16
C TRP B 274 -24.28 -23.28 -1.54
N ASP B 275 -23.33 -23.12 -0.62
CA ASP B 275 -21.90 -23.42 -0.92
C ASP B 275 -21.77 -24.87 -1.38
N GLN B 276 -22.63 -25.76 -0.88
CA GLN B 276 -22.53 -27.21 -1.21
C GLN B 276 -23.63 -27.59 -2.21
N GLY B 277 -24.42 -26.61 -2.67
CA GLY B 277 -25.49 -26.88 -3.64
C GLY B 277 -26.50 -27.89 -3.11
N PHE B 278 -26.83 -27.80 -1.82
CA PHE B 278 -27.79 -28.76 -1.19
C PHE B 278 -29.09 -28.79 -1.98
N PHE B 279 -29.83 -27.67 -2.02
CA PHE B 279 -31.15 -27.63 -2.70
C PHE B 279 -30.93 -27.82 -4.20
N GLN B 280 -29.87 -27.25 -4.76
CA GLN B 280 -29.61 -27.34 -6.22
C GLN B 280 -29.51 -28.81 -6.63
N GLN B 281 -28.71 -29.59 -5.90
CA GLN B 281 -28.51 -31.03 -6.24
C GLN B 281 -29.86 -31.73 -6.22
N GLU B 282 -30.69 -31.45 -5.21
CA GLU B 282 -32.03 -32.07 -5.10
C GLU B 282 -32.84 -31.75 -6.36
N ILE B 283 -32.96 -30.46 -6.69
CA ILE B 283 -33.74 -30.03 -7.89
C ILE B 283 -33.25 -30.86 -9.09
N GLN B 284 -31.96 -30.78 -9.41
CA GLN B 284 -31.42 -31.50 -10.58
C GLN B 284 -31.72 -32.99 -10.42
N LYS B 285 -31.47 -33.54 -9.23
CA LYS B 285 -31.73 -34.99 -8.97
C LYS B 285 -33.14 -35.36 -9.43
N ARG B 286 -34.16 -34.79 -8.80
CA ARG B 286 -35.57 -35.16 -9.13
C ARG B 286 -35.83 -34.90 -10.62
N VAL B 287 -35.30 -33.79 -11.17
CA VAL B 287 -35.47 -33.50 -12.62
C VAL B 287 -34.95 -34.72 -13.41
N GLN B 288 -33.71 -35.13 -13.14
CA GLN B 288 -33.12 -36.29 -13.88
C GLN B 288 -34.04 -37.50 -13.71
N ALA B 289 -34.54 -37.72 -12.49
CA ALA B 289 -35.45 -38.85 -12.22
C ALA B 289 -36.66 -38.75 -13.15
N SER B 290 -37.34 -37.59 -13.17
CA SER B 290 -38.54 -37.41 -14.03
C SER B 290 -38.16 -37.68 -15.49
N LEU B 291 -37.00 -37.16 -15.92
CA LEU B 291 -36.53 -37.40 -17.31
C LEU B 291 -36.31 -38.90 -17.49
N ALA B 292 -35.69 -39.56 -16.50
CA ALA B 292 -35.47 -41.02 -16.57
C ALA B 292 -36.82 -41.72 -16.67
N GLU B 293 -37.82 -41.24 -15.92
CA GLU B 293 -39.19 -41.82 -15.99
C GLU B 293 -39.68 -41.69 -17.44
N GLY B 294 -39.32 -40.60 -18.13
CA GLY B 294 -39.72 -40.40 -19.53
C GLY B 294 -40.45 -39.09 -19.73
N ALA B 295 -40.59 -38.29 -18.67
CA ALA B 295 -41.28 -36.99 -18.77
C ALA B 295 -40.41 -36.00 -19.54
N SER B 296 -41.03 -35.01 -20.20
CA SER B 296 -40.25 -33.99 -20.96
C SER B 296 -39.51 -33.08 -19.99
N LEU B 297 -38.57 -32.28 -20.49
CA LEU B 297 -37.82 -31.33 -19.61
C LEU B 297 -38.85 -30.42 -18.91
N SER B 298 -39.84 -29.94 -19.66
CA SER B 298 -40.88 -29.06 -19.08
C SER B 298 -41.56 -29.79 -17.92
N ASP B 299 -41.92 -31.06 -18.12
CA ASP B 299 -42.64 -31.83 -17.08
C ASP B 299 -41.77 -31.90 -15.81
N ALA B 300 -40.52 -32.32 -15.96
CA ALA B 300 -39.61 -32.45 -14.79
C ALA B 300 -39.51 -31.11 -14.09
N TRP B 301 -39.12 -30.05 -14.82
CA TRP B 301 -38.94 -28.72 -14.21
C TRP B 301 -40.27 -28.24 -13.62
N SER B 302 -41.39 -28.57 -14.27
CA SER B 302 -42.72 -28.21 -13.73
C SER B 302 -42.94 -28.92 -12.39
N ARG B 303 -42.42 -30.14 -12.25
CA ARG B 303 -42.57 -30.91 -11.00
C ARG B 303 -41.83 -30.19 -9.86
N ILE B 304 -40.69 -29.56 -10.17
CA ILE B 304 -39.87 -28.89 -9.13
C ILE B 304 -40.76 -27.95 -8.33
N PRO B 305 -40.84 -28.07 -6.97
CA PRO B 305 -41.62 -27.14 -6.16
C PRO B 305 -40.96 -25.75 -6.16
N GLU B 306 -41.76 -24.69 -6.32
CA GLU B 306 -41.21 -23.31 -6.33
C GLU B 306 -40.48 -23.05 -5.01
N LYS B 307 -40.99 -23.61 -3.92
CA LYS B 307 -40.35 -23.42 -2.59
C LYS B 307 -38.92 -23.97 -2.63
N LEU B 308 -38.75 -25.19 -3.17
CA LEU B 308 -37.39 -25.79 -3.30
C LEU B 308 -36.53 -24.86 -4.17
N ALA B 309 -37.08 -24.43 -5.31
CA ALA B 309 -36.33 -23.53 -6.23
C ALA B 309 -36.03 -22.22 -5.49
N PHE B 310 -36.97 -21.72 -4.69
CA PHE B 310 -36.76 -20.45 -3.95
C PHE B 310 -35.56 -20.61 -3.02
N TYR B 311 -35.43 -21.77 -2.39
CA TYR B 311 -34.26 -22.02 -1.50
C TYR B 311 -32.98 -21.92 -2.33
N ASP B 312 -33.01 -22.40 -3.58
CA ASP B 312 -31.80 -22.37 -4.45
C ASP B 312 -31.66 -20.96 -5.05
N TYR B 313 -31.36 -19.96 -4.21
CA TYR B 313 -31.24 -18.56 -4.69
C TYR B 313 -30.17 -17.84 -3.84
N ILE B 314 -29.17 -17.25 -4.50
CA ILE B 314 -28.07 -16.56 -3.76
C ILE B 314 -28.68 -15.49 -2.84
N GLY B 315 -29.84 -14.95 -3.22
CA GLY B 315 -30.48 -13.90 -2.42
C GLY B 315 -30.85 -14.40 -1.03
N ASN B 316 -31.35 -15.63 -0.93
CA ASN B 316 -31.78 -16.19 0.38
C ASN B 316 -30.55 -16.53 1.23
N ASN B 317 -29.38 -16.60 0.60
CA ASN B 317 -28.11 -16.89 1.35
C ASN B 317 -27.94 -15.84 2.44
N PRO B 318 -27.79 -16.23 3.72
CA PRO B 318 -27.67 -15.26 4.82
C PRO B 318 -26.38 -14.43 4.72
N ALA B 319 -25.28 -15.06 4.28
CA ALA B 319 -23.99 -14.35 4.17
C ALA B 319 -24.09 -13.20 3.17
N LYS B 320 -24.97 -13.34 2.17
CA LYS B 320 -25.13 -12.28 1.13
C LYS B 320 -25.92 -11.11 1.74
N GLY B 321 -25.23 -10.27 2.53
CA GLY B 321 -25.90 -9.12 3.17
C GLY B 321 -24.90 -8.07 3.59
N GLY B 322 -25.38 -6.95 4.13
CA GLY B 322 -24.48 -5.86 4.56
C GLY B 322 -24.72 -5.47 6.01
N LEU B 323 -23.70 -4.92 6.67
CA LEU B 323 -23.82 -4.55 8.11
C LEU B 323 -24.91 -3.49 8.26
N PHE B 324 -24.94 -2.49 7.38
CA PHE B 324 -25.91 -1.38 7.51
C PHE B 324 -27.08 -1.57 6.53
N ARG B 325 -27.11 -2.69 5.80
CA ARG B 325 -28.25 -2.97 4.91
C ARG B 325 -29.45 -3.37 5.77
N THR B 326 -30.05 -2.39 6.47
CA THR B 326 -31.17 -2.70 7.40
C THR B 326 -32.43 -3.04 6.62
N GLY B 327 -33.38 -3.75 7.24
CA GLY B 327 -34.65 -4.05 6.57
C GLY B 327 -34.90 -5.54 6.38
N ALA B 328 -36.09 -5.90 5.91
CA ALA B 328 -36.42 -7.32 5.64
C ALA B 328 -35.76 -7.75 4.33
N MET B 329 -35.57 -9.06 4.16
CA MET B 329 -34.94 -9.59 2.92
C MET B 329 -35.77 -9.13 1.71
N ASN B 330 -37.10 -9.08 1.87
CA ASN B 330 -37.99 -8.65 0.76
C ASN B 330 -37.49 -7.31 0.23
N SER B 331 -37.14 -6.38 1.13
CA SER B 331 -36.58 -5.08 0.69
C SER B 331 -35.16 -5.31 0.17
N GLY B 332 -34.82 -4.68 -0.96
CA GLY B 332 -33.48 -4.84 -1.55
C GLY B 332 -33.47 -5.77 -2.74
N ASP B 333 -34.48 -6.65 -2.86
CA ASP B 333 -34.58 -7.53 -4.05
C ASP B 333 -36.04 -7.59 -4.49
N GLY B 334 -36.96 -7.06 -3.68
CA GLY B 334 -38.39 -7.09 -4.03
C GLY B 334 -39.09 -8.27 -3.38
N ILE B 335 -40.43 -8.29 -3.43
CA ILE B 335 -41.21 -9.42 -2.86
C ILE B 335 -41.39 -10.49 -3.95
N ALA B 336 -40.83 -11.68 -3.73
CA ALA B 336 -40.93 -12.77 -4.73
C ALA B 336 -42.38 -12.89 -5.20
N VAL B 337 -42.60 -12.91 -6.52
CA VAL B 337 -43.98 -13.01 -7.08
C VAL B 337 -44.19 -14.43 -7.60
N GLY B 338 -43.23 -14.95 -8.36
CA GLY B 338 -43.36 -16.32 -8.92
C GLY B 338 -42.04 -16.82 -9.48
N TRP B 339 -42.03 -18.05 -10.01
CA TRP B 339 -40.79 -18.63 -10.60
C TRP B 339 -40.87 -18.58 -12.12
N LEU B 340 -39.89 -17.94 -12.76
CA LEU B 340 -39.87 -17.86 -14.25
C LEU B 340 -39.72 -19.27 -14.82
N GLY B 341 -39.10 -20.17 -14.05
CA GLY B 341 -38.86 -21.55 -14.54
C GLY B 341 -37.38 -21.78 -14.77
N HIS B 342 -36.99 -23.05 -15.00
CA HIS B 342 -35.56 -23.38 -15.21
C HIS B 342 -35.06 -22.76 -16.52
N ALA B 343 -33.87 -22.15 -16.49
CA ALA B 343 -33.30 -21.56 -17.73
C ALA B 343 -32.25 -22.52 -18.30
N SER B 344 -32.45 -22.98 -19.53
CA SER B 344 -31.47 -23.89 -20.18
C SER B 344 -30.66 -23.13 -21.23
N PHE B 345 -29.37 -22.91 -20.96
CA PHE B 345 -28.50 -22.18 -21.90
C PHE B 345 -27.78 -23.18 -22.81
N LYS B 346 -27.98 -23.06 -24.14
CA LYS B 346 -27.36 -24.00 -25.10
C LYS B 346 -26.65 -23.21 -26.19
N ASP B 347 -25.45 -23.65 -26.59
CA ASP B 347 -24.69 -22.96 -27.66
C ASP B 347 -25.26 -23.39 -29.02
N GLN B 348 -24.79 -22.77 -30.11
CA GLN B 348 -25.27 -23.12 -31.46
C GLN B 348 -24.94 -24.60 -31.74
N GLU B 349 -23.77 -25.06 -31.29
CA GLU B 349 -23.34 -26.46 -31.52
C GLU B 349 -24.36 -27.41 -30.90
N GLY B 350 -25.21 -26.91 -30.00
CA GLY B 350 -26.21 -27.77 -29.33
C GLY B 350 -25.70 -28.21 -27.96
N ARG B 351 -24.43 -27.94 -27.66
CA ARG B 351 -23.84 -28.32 -26.34
C ARG B 351 -24.58 -27.58 -25.23
N GLU B 352 -24.98 -28.30 -24.18
CA GLU B 352 -25.65 -27.65 -23.01
C GLU B 352 -24.59 -26.87 -22.24
N LEU B 353 -24.85 -25.59 -21.96
CA LEU B 353 -23.87 -24.74 -21.24
C LEU B 353 -24.40 -24.44 -19.83
N PHE B 354 -23.54 -24.56 -18.81
CA PHE B 354 -23.97 -24.31 -17.42
C PHE B 354 -23.35 -22.98 -16.94
N VAL B 355 -24.19 -22.09 -16.42
CA VAL B 355 -23.69 -20.77 -15.91
C VAL B 355 -23.07 -20.98 -14.52
N ARG B 356 -21.78 -20.70 -14.39
CA ARG B 356 -21.09 -20.84 -13.07
C ARG B 356 -21.81 -19.97 -12.05
N ARG B 357 -22.23 -20.57 -10.93
CA ARG B 357 -22.97 -19.81 -9.89
C ARG B 357 -22.00 -18.88 -9.13
N MET B 358 -22.51 -17.76 -8.62
CA MET B 358 -21.63 -16.78 -7.93
C MET B 358 -21.22 -17.32 -6.55
N PRO B 359 -19.91 -17.45 -6.25
CA PRO B 359 -19.48 -17.88 -4.93
C PRO B 359 -19.89 -16.82 -3.89
N THR B 360 -20.27 -17.25 -2.69
CA THR B 360 -20.75 -16.30 -1.64
C THR B 360 -19.69 -15.22 -1.39
N PHE B 361 -18.41 -15.59 -1.39
CA PHE B 361 -17.33 -14.62 -1.07
C PHE B 361 -17.27 -13.51 -2.13
N PHE B 362 -17.96 -13.69 -3.26
CA PHE B 362 -17.85 -12.70 -4.37
C PHE B 362 -19.09 -11.81 -4.43
N GLU B 363 -18.91 -10.50 -4.25
CA GLU B 363 -20.05 -9.56 -4.36
C GLU B 363 -20.47 -9.47 -5.83
N THR B 364 -19.50 -9.44 -6.74
CA THR B 364 -19.81 -9.42 -8.20
C THR B 364 -18.98 -10.52 -8.87
N PHE B 365 -19.63 -11.40 -9.65
CA PHE B 365 -18.90 -12.55 -10.27
C PHE B 365 -19.10 -12.50 -11.79
N PRO B 366 -18.04 -12.68 -12.59
CA PRO B 366 -18.15 -12.62 -14.06
C PRO B 366 -19.02 -13.77 -14.60
N VAL B 367 -19.88 -13.47 -15.58
CA VAL B 367 -20.79 -14.51 -16.14
C VAL B 367 -19.97 -15.47 -17.01
N LEU B 368 -20.01 -16.76 -16.70
CA LEU B 368 -19.25 -17.77 -17.48
C LEU B 368 -20.14 -18.99 -17.74
N LEU B 369 -20.22 -19.45 -18.99
CA LEU B 369 -21.02 -20.67 -19.30
C LEU B 369 -20.05 -21.81 -19.63
N LEU B 370 -20.12 -22.92 -18.87
CA LEU B 370 -19.16 -24.03 -19.08
C LEU B 370 -19.92 -25.28 -19.54
N ASP B 371 -19.26 -26.17 -20.29
CA ASP B 371 -19.90 -27.43 -20.73
C ASP B 371 -19.90 -28.42 -19.56
N LYS B 372 -20.47 -29.61 -19.76
CA LYS B 372 -20.48 -30.65 -18.70
C LYS B 372 -19.02 -30.97 -18.33
N ASP B 373 -18.13 -30.98 -19.33
CA ASP B 373 -16.70 -31.28 -19.08
C ASP B 373 -16.14 -30.26 -18.08
N GLY B 374 -16.66 -29.03 -18.09
CA GLY B 374 -16.15 -27.98 -17.21
C GLY B 374 -15.27 -26.99 -17.96
N ILE B 375 -15.34 -27.00 -19.29
CA ILE B 375 -14.54 -26.06 -20.14
C ILE B 375 -15.41 -24.85 -20.48
N VAL B 376 -14.94 -23.64 -20.18
CA VAL B 376 -15.71 -22.41 -20.54
C VAL B 376 -15.95 -22.42 -22.04
N ARG B 377 -17.21 -22.34 -22.46
CA ARG B 377 -17.55 -22.36 -23.92
C ARG B 377 -18.15 -21.02 -24.31
N ALA B 378 -18.63 -20.25 -23.33
CA ALA B 378 -19.23 -18.92 -23.63
C ALA B 378 -19.13 -18.03 -22.39
N ASP B 379 -19.20 -16.70 -22.59
CA ASP B 379 -19.16 -15.75 -21.44
C ASP B 379 -19.48 -14.35 -21.95
N VAL B 380 -19.71 -13.39 -21.03
CA VAL B 380 -19.93 -11.98 -21.46
C VAL B 380 -18.58 -11.27 -21.36
N PRO B 381 -17.82 -11.08 -22.47
CA PRO B 381 -16.47 -10.50 -22.39
C PRO B 381 -16.46 -9.03 -21.97
N PHE B 382 -15.58 -8.67 -21.03
CA PHE B 382 -15.45 -7.24 -20.64
C PHE B 382 -14.88 -6.47 -21.82
N ARG B 383 -13.98 -7.10 -22.59
CA ARG B 383 -13.41 -6.46 -23.80
C ARG B 383 -14.02 -7.15 -25.03
N LYS B 384 -14.66 -6.39 -25.92
CA LYS B 384 -15.34 -7.01 -27.09
C LYS B 384 -14.62 -6.63 -28.39
N ALA B 385 -13.39 -6.11 -28.27
CA ALA B 385 -12.60 -5.75 -29.48
C ALA B 385 -12.30 -7.01 -30.29
N GLU B 386 -11.93 -8.10 -29.61
CA GLU B 386 -11.65 -9.39 -30.31
C GLU B 386 -11.98 -10.55 -29.36
N SER B 387 -13.26 -10.74 -29.05
CA SER B 387 -13.69 -11.79 -28.10
C SER B 387 -13.53 -13.18 -28.73
N LYS B 388 -13.43 -14.23 -27.91
CA LYS B 388 -13.31 -15.62 -28.42
C LYS B 388 -14.36 -16.50 -27.73
N TYR B 389 -15.16 -15.93 -26.83
CA TYR B 389 -16.23 -16.69 -26.14
C TYR B 389 -17.49 -15.84 -26.05
N SER B 390 -17.58 -14.77 -26.84
CA SER B 390 -18.74 -13.85 -26.79
C SER B 390 -20.04 -14.64 -26.99
N ILE B 391 -21.06 -14.36 -26.18
CA ILE B 391 -22.37 -15.07 -26.30
C ILE B 391 -22.81 -15.01 -27.76
N GLU B 392 -22.52 -13.90 -28.46
CA GLU B 392 -22.93 -13.75 -29.87
C GLU B 392 -22.19 -14.77 -30.74
N GLN B 393 -20.85 -14.74 -30.74
CA GLN B 393 -20.06 -15.66 -31.61
C GLN B 393 -20.37 -17.11 -31.23
N VAL B 394 -20.53 -17.39 -29.94
CA VAL B 394 -20.87 -18.77 -29.47
C VAL B 394 -22.33 -19.07 -29.85
N GLY B 395 -23.13 -18.02 -30.06
CA GLY B 395 -24.56 -18.21 -30.39
C GLY B 395 -25.27 -19.01 -29.33
N VAL B 396 -25.43 -18.42 -28.13
CA VAL B 396 -26.08 -19.16 -27.00
C VAL B 396 -27.55 -18.75 -26.92
N SER B 397 -28.45 -19.73 -26.82
CA SER B 397 -29.91 -19.43 -26.69
C SER B 397 -30.43 -19.99 -25.37
N VAL B 398 -31.25 -19.21 -24.65
CA VAL B 398 -31.76 -19.66 -23.32
C VAL B 398 -33.22 -20.12 -23.48
N THR B 399 -33.52 -21.35 -23.08
CA THR B 399 -34.91 -21.86 -23.15
C THR B 399 -35.40 -22.16 -21.73
N PHE B 400 -36.51 -21.55 -21.33
CA PHE B 400 -37.00 -21.72 -19.93
C PHE B 400 -37.99 -22.90 -19.86
N TYR B 401 -37.72 -23.87 -18.99
CA TYR B 401 -38.65 -25.01 -18.81
C TYR B 401 -39.39 -24.84 -17.48
N GLY B 402 -40.71 -25.05 -17.49
CA GLY B 402 -41.51 -24.84 -16.27
C GLY B 402 -41.55 -23.37 -15.88
N GLY B 403 -42.30 -23.04 -14.82
CA GLY B 403 -42.35 -21.64 -14.33
C GLY B 403 -43.10 -20.74 -15.30
N GLU B 404 -42.96 -19.42 -15.13
CA GLU B 404 -43.69 -18.45 -15.98
C GLU B 404 -43.20 -18.54 -17.43
N LEU B 405 -41.89 -18.63 -17.64
CA LEU B 405 -41.33 -18.64 -19.02
C LEU B 405 -41.28 -20.07 -19.57
N ASP B 406 -42.16 -20.95 -19.08
CA ASP B 406 -42.15 -22.37 -19.54
C ASP B 406 -42.32 -22.40 -21.07
N GLY B 407 -41.38 -23.05 -21.76
CA GLY B 407 -41.49 -23.19 -23.24
C GLY B 407 -41.05 -21.93 -23.96
N LEU B 408 -40.58 -20.92 -23.24
CA LEU B 408 -40.14 -19.64 -23.86
C LEU B 408 -38.66 -19.76 -24.25
N THR B 409 -38.35 -19.48 -25.52
CA THR B 409 -36.94 -19.54 -25.99
C THR B 409 -36.46 -18.12 -26.32
N PHE B 410 -35.22 -17.79 -25.95
CA PHE B 410 -34.68 -16.43 -26.19
C PHE B 410 -33.33 -16.54 -26.90
N THR B 411 -33.18 -15.84 -28.02
CA THR B 411 -31.90 -15.86 -28.78
C THR B 411 -31.27 -14.46 -28.78
N ASP B 412 -32.07 -13.44 -28.45
CA ASP B 412 -31.55 -12.05 -28.38
C ASP B 412 -30.31 -12.04 -27.48
N PRO B 413 -29.12 -11.65 -27.97
CA PRO B 413 -27.93 -11.57 -27.12
C PRO B 413 -28.26 -10.89 -25.78
N ALA B 414 -28.88 -9.71 -25.83
CA ALA B 414 -29.19 -8.96 -24.59
C ALA B 414 -30.07 -9.81 -23.67
N THR B 415 -31.14 -10.38 -24.21
CA THR B 415 -32.09 -11.17 -23.39
C THR B 415 -31.33 -12.36 -22.77
N VAL B 416 -30.55 -13.07 -23.57
CA VAL B 416 -29.82 -14.27 -23.08
C VAL B 416 -28.86 -13.83 -21.96
N LYS B 417 -28.12 -12.75 -22.19
CA LYS B 417 -27.14 -12.26 -21.19
C LYS B 417 -27.87 -11.87 -19.90
N LYS B 418 -29.06 -11.28 -20.03
CA LYS B 418 -29.85 -10.87 -18.84
C LYS B 418 -30.17 -12.10 -17.99
N TYR B 419 -30.72 -13.14 -18.62
CA TYR B 419 -31.07 -14.38 -17.89
C TYR B 419 -29.79 -15.04 -17.36
N ALA B 420 -28.71 -14.97 -18.12
CA ALA B 420 -27.42 -15.57 -17.70
C ALA B 420 -26.98 -14.92 -16.39
N ARG B 421 -27.12 -13.59 -16.28
CA ARG B 421 -26.72 -12.86 -15.05
C ARG B 421 -27.60 -13.34 -13.88
N LYS B 422 -28.90 -13.55 -14.13
CA LYS B 422 -29.82 -14.05 -13.08
C LYS B 422 -29.45 -15.50 -12.74
N ALA B 423 -29.24 -16.32 -13.76
CA ALA B 423 -28.91 -17.76 -13.55
C ALA B 423 -27.73 -17.89 -12.58
N GLN B 424 -26.72 -17.03 -12.71
CA GLN B 424 -25.52 -17.12 -11.83
C GLN B 424 -25.93 -16.85 -10.39
N LEU B 425 -27.10 -16.24 -10.19
CA LEU B 425 -27.60 -15.96 -8.81
C LEU B 425 -28.52 -17.09 -8.36
N GLY B 426 -28.59 -18.17 -9.13
CA GLY B 426 -29.46 -19.32 -8.77
C GLY B 426 -30.76 -19.30 -9.54
N GLU B 427 -31.79 -19.95 -9.02
CA GLU B 427 -33.10 -20.04 -9.71
C GLU B 427 -33.61 -18.62 -10.00
N ILE B 428 -34.26 -18.41 -11.15
CA ILE B 428 -34.73 -17.06 -11.55
C ILE B 428 -36.18 -16.89 -11.11
N PHE B 429 -36.43 -16.02 -10.13
CA PHE B 429 -37.82 -15.78 -9.63
C PHE B 429 -38.24 -14.35 -9.92
N GLU B 430 -39.54 -14.12 -10.08
CA GLU B 430 -40.06 -12.74 -10.31
C GLU B 430 -40.18 -12.04 -8.94
N PHE B 431 -39.79 -10.76 -8.87
CA PHE B 431 -39.81 -10.04 -7.58
C PHE B 431 -40.49 -8.67 -7.76
N ASP B 432 -41.40 -8.32 -6.85
CA ASP B 432 -42.06 -6.99 -6.90
C ASP B 432 -41.27 -6.02 -6.02
N ARG B 433 -40.36 -5.26 -6.62
CA ARG B 433 -39.52 -4.32 -5.83
C ARG B 433 -40.16 -2.93 -5.86
N SER B 434 -41.47 -2.86 -6.10
CA SER B 434 -42.18 -1.55 -6.10
C SER B 434 -42.87 -1.34 -4.76
N THR B 435 -43.68 -2.30 -4.31
CA THR B 435 -44.44 -2.13 -3.03
C THR B 435 -43.50 -1.64 -1.94
N LEU B 436 -42.33 -2.26 -1.80
CA LEU B 436 -41.36 -1.88 -0.74
C LEU B 436 -40.28 -0.97 -1.34
N GLN B 437 -40.34 -0.71 -2.65
CA GLN B 437 -39.30 0.13 -3.31
C GLN B 437 -37.93 -0.44 -2.98
N SER B 438 -37.67 -1.70 -3.34
CA SER B 438 -36.37 -2.35 -3.01
C SER B 438 -35.21 -1.56 -3.62
N ASP B 439 -34.04 -1.58 -2.99
CA ASP B 439 -32.88 -0.80 -3.48
C ASP B 439 -32.09 -1.61 -4.52
N GLY B 440 -32.34 -2.92 -4.59
CA GLY B 440 -31.64 -3.79 -5.56
C GLY B 440 -30.40 -4.43 -4.97
N VAL B 441 -30.23 -4.33 -3.64
CA VAL B 441 -29.06 -4.97 -2.96
C VAL B 441 -29.58 -6.07 -2.03
N PHE B 442 -28.79 -7.14 -1.86
CA PHE B 442 -29.23 -8.29 -1.02
C PHE B 442 -29.13 -7.95 0.47
N ARG B 443 -30.01 -8.52 1.29
CA ARG B 443 -29.96 -8.29 2.77
C ARG B 443 -29.65 -9.62 3.46
N SER B 444 -29.20 -9.56 4.72
CA SER B 444 -28.92 -10.80 5.48
C SER B 444 -30.23 -11.35 6.08
N SER B 445 -30.30 -12.66 6.29
CA SER B 445 -31.52 -13.29 6.87
C SER B 445 -31.51 -13.08 8.39
N PRO B 446 -32.65 -13.26 9.10
CA PRO B 446 -32.66 -13.16 10.56
C PRO B 446 -31.62 -14.12 11.15
N ARG B 447 -31.42 -15.27 10.49
CA ARG B 447 -30.40 -16.26 10.95
C ARG B 447 -29.06 -15.55 11.09
N GLY B 448 -28.58 -14.92 10.01
CA GLY B 448 -27.27 -14.23 10.04
C GLY B 448 -27.24 -13.12 11.07
N TRP B 449 -28.30 -12.31 11.14
CA TRP B 449 -28.35 -11.19 12.11
C TRP B 449 -28.25 -11.72 13.54
N PHE B 450 -29.01 -12.77 13.85
CA PHE B 450 -28.98 -13.36 15.21
C PHE B 450 -27.55 -13.81 15.53
N THR B 451 -26.93 -14.52 14.59
CA THR B 451 -25.55 -15.03 14.82
C THR B 451 -24.61 -13.85 15.08
N PHE B 452 -24.70 -12.79 14.27
CA PHE B 452 -23.79 -11.64 14.43
C PHE B 452 -24.00 -10.99 15.79
N GLY B 453 -25.25 -10.72 16.16
CA GLY B 453 -25.52 -10.04 17.44
C GLY B 453 -25.05 -10.86 18.64
N HIS B 454 -25.36 -12.16 18.65
CA HIS B 454 -25.02 -13.01 19.82
C HIS B 454 -23.51 -13.24 19.89
N VAL B 455 -22.85 -13.41 18.74
CA VAL B 455 -21.36 -13.56 18.73
C VAL B 455 -20.74 -12.29 19.30
N CYS B 456 -21.22 -11.12 18.87
CA CYS B 456 -20.69 -9.83 19.37
C CYS B 456 -20.86 -9.77 20.90
N PHE B 457 -22.08 -10.01 21.38
CA PHE B 457 -22.35 -10.00 22.84
C PHE B 457 -21.40 -10.97 23.54
N ALA B 458 -21.24 -12.17 22.99
CA ALA B 458 -20.37 -13.20 23.59
C ALA B 458 -18.93 -12.66 23.72
N LEU B 459 -18.39 -12.10 22.64
CA LEU B 459 -16.99 -11.60 22.65
C LEU B 459 -16.86 -10.51 23.73
N LEU B 460 -17.84 -9.61 23.81
CA LEU B 460 -17.79 -8.50 24.80
C LEU B 460 -17.88 -9.09 26.21
N PHE B 461 -18.82 -10.02 26.43
CA PHE B 461 -19.01 -10.63 27.78
C PHE B 461 -17.70 -11.31 28.22
N PHE B 462 -16.87 -11.74 27.27
CA PHE B 462 -15.55 -12.30 27.66
C PHE B 462 -14.80 -11.25 28.50
N PHE B 463 -14.79 -10.01 28.01
CA PHE B 463 -14.13 -8.90 28.76
C PHE B 463 -14.83 -8.76 30.12
N GLY B 464 -16.16 -8.88 30.14
CA GLY B 464 -16.90 -8.77 31.40
C GLY B 464 -16.44 -9.81 32.41
N HIS B 465 -16.28 -11.06 31.97
CA HIS B 465 -15.79 -12.14 32.86
C HIS B 465 -14.42 -11.76 33.41
N ILE B 466 -13.50 -11.37 32.53
CA ILE B 466 -12.11 -11.03 32.96
C ILE B 466 -12.20 -9.86 33.95
N TRP B 467 -12.98 -8.84 33.64
CA TRP B 467 -13.07 -7.64 34.52
C TRP B 467 -13.61 -8.02 35.89
N HIS B 468 -14.83 -8.56 35.95
CA HIS B 468 -15.47 -8.88 37.26
C HIS B 468 -14.63 -9.95 37.97
N GLY B 469 -14.14 -10.93 37.23
CA GLY B 469 -13.30 -11.99 37.82
C GLY B 469 -12.03 -11.42 38.41
N ALA B 470 -11.36 -10.52 37.69
CA ALA B 470 -10.12 -9.88 38.19
C ALA B 470 -10.44 -9.13 39.48
N ARG B 471 -11.59 -8.43 39.51
CA ARG B 471 -11.97 -7.65 40.72
C ARG B 471 -12.16 -8.61 41.90
N THR B 472 -12.78 -9.77 41.66
CA THR B 472 -13.01 -10.75 42.75
C THR B 472 -11.65 -11.27 43.25
N ILE B 473 -10.75 -11.63 42.33
CA ILE B 473 -9.43 -12.20 42.72
C ILE B 473 -8.60 -11.11 43.41
N PHE B 474 -8.63 -9.88 42.87
CA PHE B 474 -7.82 -8.77 43.44
C PHE B 474 -8.72 -7.82 44.23
N ARG B 475 -9.75 -8.37 44.88
CA ARG B 475 -10.71 -7.54 45.66
C ARG B 475 -9.91 -6.68 46.64
N ASP B 476 -8.91 -7.27 47.30
CA ASP B 476 -8.11 -6.52 48.30
C ASP B 476 -7.49 -5.29 47.63
N VAL B 477 -6.88 -5.46 46.46
CA VAL B 477 -6.20 -4.32 45.77
C VAL B 477 -7.26 -3.38 45.22
N PHE B 478 -8.32 -3.92 44.60
CA PHE B 478 -9.40 -3.07 44.02
C PHE B 478 -10.21 -2.44 45.14
N ALA B 479 -10.04 -2.91 46.38
CA ALA B 479 -10.81 -2.37 47.53
C ALA B 479 -10.57 -0.86 47.64
N GLY B 480 -11.62 -0.09 47.88
CA GLY B 480 -11.50 1.38 48.01
C GLY B 480 -12.83 2.08 47.81
N ASN C 1 37.57 -20.51 -9.44
CA ASN C 1 37.21 -20.15 -8.04
C ASN C 1 38.45 -19.65 -7.30
N ILE C 2 39.62 -19.73 -7.95
CA ILE C 2 40.89 -19.26 -7.32
C ILE C 2 40.72 -17.77 -6.98
N GLU C 3 40.15 -16.99 -7.89
CA GLU C 3 39.95 -15.54 -7.66
C GLU C 3 39.05 -15.37 -6.43
N LEU C 4 37.93 -16.09 -6.38
CA LEU C 4 36.99 -16.00 -5.23
C LEU C 4 37.73 -16.42 -3.96
N ALA C 5 38.51 -17.50 -4.03
CA ALA C 5 39.22 -18.01 -2.85
C ALA C 5 40.18 -16.92 -2.32
N LEU C 6 41.00 -16.36 -3.21
CA LEU C 6 41.98 -15.33 -2.78
C LEU C 6 41.21 -14.06 -2.40
N THR C 7 40.01 -13.86 -2.96
CA THR C 7 39.18 -12.71 -2.55
C THR C 7 38.83 -12.87 -1.07
N LEU C 8 38.39 -14.07 -0.68
CA LEU C 8 38.04 -14.34 0.74
C LEU C 8 39.30 -14.20 1.60
N VAL C 9 40.44 -14.68 1.10
CA VAL C 9 41.71 -14.55 1.86
C VAL C 9 41.95 -13.07 2.15
N SER C 10 41.80 -12.22 1.13
CA SER C 10 41.98 -10.76 1.32
C SER C 10 41.00 -10.25 2.37
N LEU C 11 39.73 -10.65 2.25
CA LEU C 11 38.68 -10.18 3.20
C LEU C 11 39.11 -10.54 4.63
N VAL C 12 39.53 -11.79 4.84
CA VAL C 12 39.95 -12.25 6.20
C VAL C 12 41.08 -11.35 6.70
N LEU C 13 42.18 -11.23 5.93
CA LEU C 13 43.35 -10.45 6.39
C LEU C 13 42.93 -9.02 6.71
N VAL C 14 42.22 -8.36 5.79
CA VAL C 14 41.83 -6.93 5.99
C VAL C 14 40.93 -6.81 7.21
N VAL C 15 39.92 -7.67 7.32
CA VAL C 15 38.94 -7.56 8.45
C VAL C 15 39.67 -7.82 9.77
N SER C 16 40.66 -8.72 9.77
CA SER C 16 41.36 -9.08 11.03
C SER C 16 42.36 -7.98 11.42
N ALA C 17 42.69 -7.07 10.49
CA ALA C 17 43.71 -6.03 10.78
C ALA C 17 43.27 -5.16 11.96
N GLY C 18 42.02 -4.65 11.93
CA GLY C 18 41.55 -3.75 12.99
C GLY C 18 41.61 -4.39 14.37
N PRO C 19 40.98 -5.57 14.59
CA PRO C 19 41.06 -6.25 15.87
C PRO C 19 42.52 -6.54 16.23
N LEU C 20 43.33 -6.93 15.25
CA LEU C 20 44.77 -7.23 15.49
C LEU C 20 45.42 -6.04 16.20
N VAL C 21 45.20 -4.83 15.69
CA VAL C 21 45.81 -3.61 16.28
C VAL C 21 45.34 -3.50 17.74
N VAL C 22 44.03 -3.65 17.97
CA VAL C 22 43.48 -3.52 19.35
C VAL C 22 44.10 -4.59 20.23
N VAL C 23 43.95 -5.87 19.85
CA VAL C 23 44.47 -6.98 20.72
C VAL C 23 45.91 -6.68 21.10
N LEU C 24 46.78 -6.44 20.10
CA LEU C 24 48.21 -6.16 20.37
C LEU C 24 48.33 -5.00 21.36
N LEU C 25 47.69 -3.86 21.07
CA LEU C 25 47.81 -2.67 21.94
C LEU C 25 47.37 -3.05 23.36
N SER C 26 46.21 -3.69 23.49
CA SER C 26 45.70 -4.09 24.82
C SER C 26 46.71 -5.00 25.51
N ALA C 27 47.27 -5.97 24.79
CA ALA C 27 48.21 -6.94 25.37
C ALA C 27 49.43 -6.20 25.96
N ARG C 28 49.92 -5.18 25.26
CA ARG C 28 51.12 -4.46 25.73
C ARG C 28 50.70 -3.21 26.51
N GLY C 29 49.52 -3.25 27.14
CA GLY C 29 49.06 -2.11 27.94
C GLY C 29 49.18 -0.80 27.19
N GLY C 30 48.81 -0.79 25.91
CA GLY C 30 48.86 0.44 25.10
C GLY C 30 47.80 1.44 25.53
N ASN C 31 47.79 2.62 24.91
CA ASN C 31 46.82 3.68 25.29
C ASN C 31 45.54 3.52 24.45
N LEU C 32 44.73 2.51 24.76
CA LEU C 32 43.45 2.31 24.01
C LEU C 32 42.28 2.55 24.97
N GLY D 1 42.51 8.25 25.95
CA GLY D 1 41.07 8.40 25.68
C GLY D 1 40.39 9.28 26.71
N ARG D 2 39.17 8.91 27.13
CA ARG D 2 38.42 9.73 28.13
C ARG D 2 37.31 8.86 28.74
N ASP D 3 36.84 9.22 29.93
CA ASP D 3 35.73 8.47 30.60
C ASP D 3 34.60 9.43 30.95
N GLN D 4 33.38 8.91 31.09
CA GLN D 4 32.20 9.78 31.38
C GLN D 4 32.40 10.49 32.71
N GLU D 5 33.04 9.83 33.68
CA GLU D 5 33.19 10.41 35.04
C GLU D 5 33.90 11.77 34.94
N THR D 6 34.72 11.97 33.90
CA THR D 6 35.50 13.23 33.79
C THR D 6 34.91 14.14 32.71
N THR D 7 33.93 13.66 31.94
CA THR D 7 33.37 14.46 30.82
C THR D 7 31.87 14.66 31.01
N GLY D 8 31.19 13.72 31.67
CA GLY D 8 29.72 13.80 31.82
C GLY D 8 29.01 13.30 30.58
N PHE D 9 29.78 12.92 29.56
CA PHE D 9 29.19 12.37 28.31
C PHE D 9 29.45 10.86 28.28
N ALA D 10 28.40 10.07 27.99
CA ALA D 10 28.54 8.60 27.95
C ALA D 10 29.25 8.17 26.67
N TRP D 11 29.58 6.88 26.55
CA TRP D 11 30.28 6.37 25.35
C TRP D 11 29.48 6.70 24.09
N TRP D 12 28.14 6.66 24.19
CA TRP D 12 27.28 6.93 23.02
C TRP D 12 27.33 8.43 22.68
N SER D 13 28.06 9.22 23.46
CA SER D 13 28.25 10.65 23.16
C SER D 13 29.74 10.98 23.29
N GLY D 14 30.60 9.99 23.06
CA GLY D 14 32.05 10.19 23.24
C GLY D 14 32.60 11.30 22.36
N ASN D 15 32.19 11.36 21.10
CA ASN D 15 32.75 12.38 20.16
C ASN D 15 32.43 13.77 20.69
N ALA D 16 31.41 13.90 21.56
CA ALA D 16 31.05 15.21 22.16
C ALA D 16 32.10 15.60 23.20
N ARG D 17 32.97 14.66 23.57
CA ARG D 17 34.05 14.96 24.54
C ARG D 17 35.22 15.62 23.81
N LEU D 18 35.11 15.76 22.47
CA LEU D 18 36.22 16.34 21.66
C LEU D 18 35.89 17.79 21.30
N ILE D 19 34.79 18.34 21.82
CA ILE D 19 34.36 19.71 21.44
C ILE D 19 35.46 20.72 21.83
N ASN D 20 36.01 20.60 23.03
CA ASN D 20 37.02 21.59 23.50
C ASN D 20 38.43 21.06 23.19
N LEU D 21 38.55 19.84 22.68
CA LEU D 21 39.88 19.28 22.30
C LEU D 21 40.16 19.64 20.84
N SER D 22 40.71 20.82 20.59
CA SER D 22 40.96 21.27 19.20
C SER D 22 41.88 20.27 18.48
N GLY D 23 42.97 19.87 19.12
CA GLY D 23 43.93 18.94 18.49
C GLY D 23 43.26 17.62 18.12
N LYS D 24 42.57 17.01 19.08
CA LYS D 24 41.88 15.72 18.82
C LYS D 24 40.78 15.95 17.77
N LEU D 25 40.02 17.03 17.92
CA LEU D 25 38.92 17.35 16.97
C LEU D 25 39.51 17.40 15.56
N LEU D 26 40.71 17.98 15.42
CA LEU D 26 41.37 18.07 14.08
C LEU D 26 41.57 16.65 13.55
N GLY D 27 42.17 15.77 14.36
CA GLY D 27 42.40 14.37 13.93
C GLY D 27 41.11 13.72 13.49
N ALA D 28 40.05 13.89 14.28
CA ALA D 28 38.75 13.26 13.96
C ALA D 28 38.28 13.72 12.58
N HIS D 29 38.20 15.03 12.36
CA HIS D 29 37.76 15.57 11.05
C HIS D 29 38.71 15.10 9.94
N VAL D 30 40.02 15.22 10.15
CA VAL D 30 41.01 14.83 9.12
C VAL D 30 40.81 13.34 8.79
N ALA D 31 40.66 12.51 9.82
CA ALA D 31 40.46 11.06 9.61
C ALA D 31 39.19 10.83 8.79
N HIS D 32 38.08 11.44 9.20
CA HIS D 32 36.79 11.24 8.49
C HIS D 32 36.98 11.57 7.01
N ALA D 33 37.73 12.63 6.71
CA ALA D 33 38.02 12.99 5.31
C ALA D 33 38.70 11.80 4.63
N GLY D 34 39.68 11.18 5.32
CA GLY D 34 40.34 9.99 4.77
C GLY D 34 39.31 8.94 4.38
N LEU D 35 38.31 8.69 5.23
CA LEU D 35 37.25 7.69 4.93
C LEU D 35 36.54 8.10 3.65
N ILE D 36 36.11 9.36 3.56
CA ILE D 36 35.37 9.84 2.36
C ILE D 36 36.25 9.61 1.11
N VAL D 37 37.48 10.11 1.14
CA VAL D 37 38.40 9.97 -0.02
C VAL D 37 38.60 8.48 -0.30
N PHE D 38 38.71 7.66 0.76
CA PHE D 38 38.93 6.21 0.59
C PHE D 38 37.80 5.62 -0.26
N TRP D 39 36.55 5.83 0.16
CA TRP D 39 35.38 5.27 -0.58
C TRP D 39 35.41 5.77 -2.02
N ALA D 40 35.62 7.07 -2.21
CA ALA D 40 35.67 7.66 -3.58
C ALA D 40 36.65 6.85 -4.43
N GLY D 41 37.85 6.57 -3.90
CA GLY D 41 38.87 5.81 -4.65
C GLY D 41 38.53 4.34 -4.72
N ALA D 42 38.19 3.72 -3.58
CA ALA D 42 37.89 2.27 -3.55
C ALA D 42 36.71 1.96 -4.46
N MET D 43 35.57 2.63 -4.25
CA MET D 43 34.36 2.33 -5.06
C MET D 43 34.64 2.58 -6.54
N ASN D 44 35.37 3.64 -6.85
CA ASN D 44 35.68 3.98 -8.27
C ASN D 44 36.41 2.78 -8.90
N LEU D 45 37.46 2.29 -8.24
CA LEU D 45 38.24 1.14 -8.79
C LEU D 45 37.32 -0.08 -8.86
N PHE D 46 36.45 -0.27 -7.86
CA PHE D 46 35.49 -1.41 -7.88
C PHE D 46 34.60 -1.29 -9.11
N GLU D 47 34.05 -0.10 -9.36
CA GLU D 47 33.18 0.12 -10.54
C GLU D 47 33.99 -0.19 -11.81
N VAL D 48 35.21 0.35 -11.90
CA VAL D 48 36.06 0.14 -13.11
C VAL D 48 36.21 -1.36 -13.33
N SER D 49 36.50 -2.11 -12.26
CA SER D 49 36.70 -3.57 -12.38
C SER D 49 35.39 -4.24 -12.80
N HIS D 50 34.25 -3.77 -12.27
CA HIS D 50 32.94 -4.41 -12.56
C HIS D 50 32.29 -3.78 -13.80
N PHE D 51 33.01 -2.92 -14.51
CA PHE D 51 32.43 -2.24 -15.71
C PHE D 51 32.54 -3.15 -16.94
N VAL D 52 31.54 -3.10 -17.82
CA VAL D 52 31.56 -3.90 -19.08
C VAL D 52 31.24 -2.97 -20.25
N PRO D 53 31.98 -3.02 -21.38
CA PRO D 53 31.76 -2.07 -22.48
C PRO D 53 30.54 -2.46 -23.34
N GLU D 54 29.89 -3.58 -23.04
CA GLU D 54 28.75 -4.05 -23.87
C GLU D 54 27.44 -3.46 -23.33
N LYS D 55 27.49 -2.76 -22.20
CA LYS D 55 26.25 -2.22 -21.59
C LYS D 55 26.46 -0.76 -21.18
N PRO D 56 25.40 0.08 -21.11
CA PRO D 56 25.54 1.45 -20.63
C PRO D 56 25.87 1.46 -19.13
N MET D 57 26.49 2.54 -18.65
CA MET D 57 26.89 2.61 -17.21
C MET D 57 25.65 2.44 -16.33
N TYR D 58 24.53 3.06 -16.70
CA TYR D 58 23.33 3.02 -15.83
C TYR D 58 22.87 1.57 -15.65
N GLU D 59 22.98 0.76 -16.71
CA GLU D 59 22.59 -0.68 -16.62
C GLU D 59 23.55 -1.41 -15.69
N GLN D 60 24.75 -0.88 -15.48
CA GLN D 60 25.77 -1.60 -14.67
C GLN D 60 25.76 -1.06 -13.23
N GLY D 61 24.73 -0.28 -12.87
CA GLY D 61 24.61 0.23 -11.49
C GLY D 61 25.86 0.98 -11.06
N LEU D 62 26.44 1.78 -11.96
CA LEU D 62 27.66 2.58 -11.64
C LEU D 62 27.23 4.02 -11.36
N ILE D 63 27.73 4.61 -10.25
CA ILE D 63 27.30 5.99 -9.87
C ILE D 63 28.50 6.93 -9.97
N LEU D 64 29.70 6.46 -9.62
CA LEU D 64 30.90 7.36 -9.62
C LEU D 64 31.38 7.58 -11.06
N LEU D 65 31.46 6.52 -11.86
CA LEU D 65 31.97 6.64 -13.26
C LEU D 65 31.16 7.69 -14.03
N PRO D 66 29.81 7.72 -13.95
CA PRO D 66 29.02 8.75 -14.62
C PRO D 66 29.54 10.17 -14.32
N HIS D 67 29.94 10.42 -13.06
CA HIS D 67 30.47 11.76 -12.68
C HIS D 67 31.71 12.08 -13.51
N ILE D 68 32.68 11.16 -13.56
CA ILE D 68 33.93 11.39 -14.34
C ILE D 68 33.56 11.52 -15.82
N ALA D 69 32.62 10.71 -16.30
CA ALA D 69 32.21 10.75 -17.71
C ALA D 69 31.64 12.15 -18.02
N THR D 70 30.81 12.68 -17.13
CA THR D 70 30.21 14.03 -17.34
C THR D 70 31.34 15.07 -17.43
N LEU D 71 32.40 14.89 -16.62
CA LEU D 71 33.56 15.82 -16.66
C LEU D 71 34.25 15.71 -18.02
N GLY D 72 33.84 14.73 -18.83
CA GLY D 72 34.41 14.58 -20.18
C GLY D 72 35.66 13.72 -20.17
N TYR D 73 35.56 12.52 -19.58
CA TYR D 73 36.73 11.61 -19.50
C TYR D 73 36.35 10.25 -20.08
N GLY D 74 37.19 9.71 -20.97
CA GLY D 74 36.92 8.39 -21.56
C GLY D 74 35.53 8.31 -22.17
N VAL D 75 35.09 9.40 -22.82
CA VAL D 75 33.75 9.41 -23.48
C VAL D 75 33.94 9.84 -24.94
N GLY D 76 32.98 9.50 -25.80
CA GLY D 76 33.09 9.85 -27.24
C GLY D 76 31.75 10.26 -27.81
N PRO D 77 31.63 10.47 -29.14
CA PRO D 77 30.38 10.94 -29.73
C PRO D 77 29.22 10.04 -29.31
N GLY D 78 28.10 10.63 -28.87
CA GLY D 78 26.92 9.84 -28.45
C GLY D 78 27.06 9.35 -27.02
N GLY D 79 28.15 9.73 -26.35
CA GLY D 79 28.36 9.29 -24.95
C GLY D 79 29.04 7.93 -24.89
N GLU D 80 29.41 7.37 -26.05
CA GLU D 80 30.06 6.04 -26.09
C GLU D 80 31.36 6.10 -25.29
N ILE D 81 31.60 5.11 -24.43
CA ILE D 81 32.82 5.10 -23.57
C ILE D 81 34.00 4.58 -24.39
N ILE D 82 34.97 5.46 -24.70
CA ILE D 82 36.16 5.08 -25.49
C ILE D 82 37.11 4.24 -24.62
N ASP D 83 37.58 4.80 -23.51
CA ASP D 83 38.50 4.08 -22.58
C ASP D 83 38.06 4.30 -21.13
N THR D 84 38.57 3.49 -20.21
CA THR D 84 38.18 3.60 -18.78
C THR D 84 39.41 3.91 -17.92
N PHE D 85 40.60 3.88 -18.52
CA PHE D 85 41.85 4.12 -17.73
C PHE D 85 41.75 5.44 -16.97
N PRO D 86 41.25 6.55 -17.56
CA PRO D 86 41.09 7.80 -16.80
C PRO D 86 40.35 7.52 -15.49
N TYR D 87 39.29 6.71 -15.54
CA TYR D 87 38.52 6.37 -14.31
C TYR D 87 39.44 5.63 -13.33
N PHE D 88 40.25 4.70 -13.85
CA PHE D 88 41.19 3.95 -12.99
C PHE D 88 42.15 4.93 -12.30
N VAL D 89 42.66 5.90 -13.06
CA VAL D 89 43.58 6.92 -12.49
C VAL D 89 42.89 7.59 -11.30
N SER D 90 41.64 8.02 -11.48
CA SER D 90 40.91 8.74 -10.39
C SER D 90 40.86 7.86 -9.14
N GLY D 91 40.46 6.61 -9.28
CA GLY D 91 40.37 5.70 -8.13
C GLY D 91 41.71 5.55 -7.44
N VAL D 92 42.76 5.30 -8.22
CA VAL D 92 44.13 5.14 -7.64
C VAL D 92 44.50 6.41 -6.89
N LEU D 93 44.33 7.57 -7.53
CA LEU D 93 44.72 8.86 -6.90
C LEU D 93 43.99 9.01 -5.55
N HIS D 94 42.65 8.94 -5.57
CA HIS D 94 41.86 9.10 -4.32
C HIS D 94 42.31 8.08 -3.29
N LEU D 95 42.46 6.80 -3.67
CA LEU D 95 42.80 5.73 -2.69
C LEU D 95 44.12 6.07 -1.99
N ILE D 96 45.15 6.45 -2.75
CA ILE D 96 46.49 6.74 -2.15
C ILE D 96 46.38 8.03 -1.32
N SER D 97 45.67 9.04 -1.85
CA SER D 97 45.47 10.31 -1.11
C SER D 97 44.82 10.03 0.24
N SER D 98 43.86 9.10 0.27
CA SER D 98 43.13 8.79 1.53
C SER D 98 44.13 8.30 2.59
N ALA D 99 45.15 7.55 2.17
CA ALA D 99 46.20 7.07 3.10
C ALA D 99 46.84 8.27 3.81
N VAL D 100 47.23 9.30 3.05
CA VAL D 100 47.91 10.48 3.64
C VAL D 100 46.97 11.10 4.68
N LEU D 101 45.72 11.37 4.29
CA LEU D 101 44.75 12.00 5.23
C LEU D 101 44.56 11.09 6.44
N GLY D 102 44.46 9.77 6.20
CA GLY D 102 44.29 8.81 7.31
C GLY D 102 45.42 8.91 8.31
N PHE D 103 46.66 8.96 7.83
CA PHE D 103 47.84 9.05 8.73
C PHE D 103 47.74 10.33 9.55
N GLY D 104 47.44 11.45 8.88
CA GLY D 104 47.34 12.75 9.58
C GLY D 104 46.29 12.70 10.68
N GLY D 105 45.11 12.16 10.37
CA GLY D 105 44.03 12.05 11.37
C GLY D 105 44.47 11.20 12.55
N VAL D 106 44.99 10.00 12.27
CA VAL D 106 45.46 9.09 13.36
C VAL D 106 46.47 9.85 14.23
N TYR D 107 47.45 10.49 13.59
CA TYR D 107 48.49 11.23 14.34
C TYR D 107 47.83 12.31 15.20
N HIS D 108 46.97 13.14 14.59
CA HIS D 108 46.32 14.24 15.35
C HIS D 108 45.25 13.68 16.28
N SER D 109 45.13 12.35 16.35
CA SER D 109 44.15 11.72 17.29
C SER D 109 44.89 10.90 18.35
N LEU D 110 46.17 10.61 18.12
CA LEU D 110 46.98 9.85 19.11
C LEU D 110 48.17 10.70 19.57
N ILE D 111 49.22 10.76 18.75
CA ILE D 111 50.45 11.52 19.14
C ILE D 111 50.15 13.02 19.23
N GLY D 112 49.45 13.57 18.22
CA GLY D 112 49.16 15.02 18.19
C GLY D 112 48.60 15.53 19.51
N PRO D 113 48.81 16.82 19.84
CA PRO D 113 48.31 17.38 21.11
C PRO D 113 46.78 17.46 21.13
N GLU D 114 46.16 17.23 22.29
CA GLU D 114 44.68 17.28 22.39
C GLU D 114 44.21 18.68 22.05
N THR D 115 45.02 19.70 22.35
CA THR D 115 44.67 21.11 22.00
C THR D 115 45.82 21.70 21.18
N LEU D 116 45.56 22.78 20.45
CA LEU D 116 46.60 23.42 19.60
C LEU D 116 46.83 24.85 20.08
N GLU D 117 45.78 25.50 20.59
CA GLU D 117 45.88 26.92 21.04
C GLU D 117 47.16 27.12 21.86
N GLU D 118 47.47 26.19 22.77
CA GLU D 118 48.65 26.35 23.66
C GLU D 118 49.94 26.41 22.84
N SER D 119 50.03 25.60 21.78
CA SER D 119 51.28 25.54 20.96
C SER D 119 51.11 26.35 19.67
N TYR D 120 50.25 25.89 18.77
CA TYR D 120 50.03 26.58 17.48
C TYR D 120 48.88 27.56 17.62
N PRO D 121 49.14 28.87 17.85
CA PRO D 121 48.08 29.85 18.07
C PRO D 121 47.19 29.98 16.82
N PHE D 122 47.80 29.99 15.63
CA PHE D 122 47.02 30.14 14.38
C PHE D 122 45.93 29.06 14.34
N PHE D 123 46.32 27.80 14.53
CA PHE D 123 45.34 26.68 14.52
C PHE D 123 44.49 26.76 15.79
N GLY D 124 45.12 27.09 16.92
CA GLY D 124 44.38 27.24 18.19
C GLY D 124 43.13 28.08 18.00
N TYR D 125 41.98 27.56 18.42
CA TYR D 125 40.70 28.31 18.26
C TYR D 125 39.77 27.98 19.44
N VAL D 126 38.95 28.95 19.85
CA VAL D 126 37.98 28.71 20.96
C VAL D 126 36.59 29.12 20.45
N TRP D 127 35.61 28.21 20.53
CA TRP D 127 34.23 28.58 20.12
C TRP D 127 33.87 29.89 20.82
N LYS D 128 33.08 30.75 20.17
CA LYS D 128 32.73 32.08 20.72
C LYS D 128 33.73 33.12 20.22
N ASP D 129 34.99 32.73 20.03
CA ASP D 129 35.98 33.68 19.44
C ASP D 129 35.54 33.96 18.01
N LYS D 130 34.48 34.77 17.84
CA LYS D 130 33.92 35.03 16.49
C LYS D 130 35.04 35.35 15.50
N ASN D 131 35.89 36.33 15.84
CA ASN D 131 36.98 36.74 14.91
C ASN D 131 37.64 35.49 14.35
N LYS D 132 38.17 34.62 15.22
CA LYS D 132 38.89 33.42 14.76
C LYS D 132 37.94 32.54 13.94
N MET D 133 36.71 32.32 14.44
CA MET D 133 35.73 31.46 13.73
C MET D 133 35.52 32.00 12.31
N THR D 134 35.26 33.31 12.18
CA THR D 134 35.04 33.92 10.85
C THR D 134 36.27 33.70 9.97
N ASN D 135 37.46 33.85 10.55
CA ASN D 135 38.71 33.66 9.78
C ASN D 135 38.77 32.23 9.24
N ILE D 136 38.47 31.24 10.10
CA ILE D 136 38.48 29.81 9.68
C ILE D 136 37.48 29.64 8.52
N LEU D 137 36.27 30.19 8.67
CA LEU D 137 35.26 30.09 7.59
C LEU D 137 35.86 30.70 6.32
N GLY D 138 36.48 31.87 6.43
CA GLY D 138 37.09 32.53 5.27
C GLY D 138 38.03 31.59 4.54
N TYR D 139 38.96 30.96 5.26
CA TYR D 139 39.95 30.07 4.62
C TYR D 139 39.21 29.02 3.80
N HIS D 140 38.23 28.35 4.42
CA HIS D 140 37.48 27.27 3.72
C HIS D 140 36.64 27.85 2.59
N LEU D 141 36.09 29.06 2.78
CA LEU D 141 35.28 29.72 1.71
C LEU D 141 36.17 29.91 0.48
N ILE D 142 37.40 30.36 0.68
CA ILE D 142 38.35 30.57 -0.47
C ILE D 142 38.61 29.21 -1.12
N MET D 143 38.82 28.17 -0.31
CA MET D 143 39.11 26.82 -0.86
C MET D 143 37.98 26.41 -1.81
N LEU D 144 36.73 26.54 -1.36
CA LEU D 144 35.57 26.12 -2.19
C LEU D 144 35.54 26.95 -3.47
N GLY D 145 35.80 28.26 -3.37
CA GLY D 145 35.84 29.12 -4.56
C GLY D 145 36.87 28.62 -5.55
N LEU D 146 38.06 28.24 -5.06
CA LEU D 146 39.13 27.71 -5.94
C LEU D 146 38.63 26.44 -6.62
N GLY D 147 37.96 25.56 -5.86
CA GLY D 147 37.45 24.29 -6.42
C GLY D 147 36.47 24.54 -7.55
N ALA D 148 35.55 25.50 -7.38
CA ALA D 148 34.57 25.83 -8.42
C ALA D 148 35.31 26.33 -9.67
N TRP D 149 36.33 27.17 -9.46
CA TRP D 149 37.11 27.73 -10.59
C TRP D 149 37.89 26.61 -11.29
N LEU D 150 38.30 25.58 -10.54
CA LEU D 150 38.99 24.42 -11.17
C LEU D 150 38.02 23.80 -12.18
N LEU D 151 36.75 23.61 -11.79
CA LEU D 151 35.73 23.08 -12.73
C LEU D 151 35.62 24.04 -13.92
N VAL D 152 35.51 25.35 -13.64
CA VAL D 152 35.38 26.35 -14.73
C VAL D 152 36.58 26.22 -15.67
N TRP D 153 37.78 26.04 -15.11
CA TRP D 153 39.00 25.87 -15.93
C TRP D 153 38.86 24.63 -16.82
N LYS D 154 38.42 23.52 -16.25
CA LYS D 154 38.27 22.26 -17.02
C LYS D 154 37.27 22.50 -18.16
N ALA D 155 36.29 23.36 -17.94
CA ALA D 155 35.24 23.60 -18.97
C ALA D 155 35.82 24.40 -20.14
N MET D 156 36.63 25.43 -19.85
CA MET D 156 37.14 26.31 -20.94
C MET D 156 38.59 25.95 -21.28
N TYR D 157 39.19 25.04 -20.52
CA TYR D 157 40.61 24.64 -20.76
C TYR D 157 40.79 23.19 -20.30
N PHE D 158 41.95 22.59 -20.59
CA PHE D 158 42.19 21.18 -20.22
C PHE D 158 40.97 20.35 -20.65
N GLY D 159 40.65 20.37 -21.95
CA GLY D 159 39.48 19.63 -22.46
C GLY D 159 38.20 20.36 -22.12
N GLY D 160 37.07 19.62 -22.11
CA GLY D 160 35.77 20.23 -21.76
C GLY D 160 34.81 19.21 -21.19
N VAL D 161 33.76 19.68 -20.50
CA VAL D 161 32.74 18.75 -19.93
C VAL D 161 31.88 18.21 -21.08
N TYR D 162 31.28 17.03 -20.89
CA TYR D 162 30.42 16.41 -21.93
C TYR D 162 29.14 17.24 -22.08
N ASP D 163 28.81 17.66 -23.30
CA ASP D 163 27.56 18.43 -23.54
C ASP D 163 26.54 17.52 -24.22
N THR D 164 25.49 17.12 -23.49
CA THR D 164 24.43 16.24 -24.05
C THR D 164 23.62 17.03 -25.09
N TRP D 165 23.71 18.37 -25.04
CA TRP D 165 22.94 19.23 -25.99
C TRP D 165 23.89 19.75 -27.07
N ALA D 166 25.06 19.14 -27.21
CA ALA D 166 26.06 19.60 -28.20
C ALA D 166 25.43 19.63 -29.60
N PRO D 167 25.75 20.62 -30.45
CA PRO D 167 25.21 20.69 -31.80
C PRO D 167 25.64 19.47 -32.62
N GLY D 168 24.84 19.06 -33.60
CA GLY D 168 25.19 17.92 -34.47
C GLY D 168 25.62 16.71 -33.65
N GLY D 169 24.97 16.45 -32.52
CA GLY D 169 25.28 15.27 -31.71
C GLY D 169 25.87 15.61 -30.36
N GLY D 170 25.60 14.80 -29.34
CA GLY D 170 26.08 15.09 -27.97
C GLY D 170 27.48 14.56 -27.74
N ASP D 171 28.39 15.43 -27.29
CA ASP D 171 29.79 15.00 -26.99
C ASP D 171 30.46 16.09 -26.15
N VAL D 172 31.67 15.81 -25.65
CA VAL D 172 32.41 16.81 -24.83
C VAL D 172 32.59 18.10 -25.64
N ARG D 173 32.40 19.26 -25.00
CA ARG D 173 32.56 20.56 -25.70
C ARG D 173 33.27 21.53 -24.75
N VAL D 174 34.27 22.26 -25.25
CA VAL D 174 34.99 23.25 -24.40
C VAL D 174 34.14 24.52 -24.33
N ILE D 175 33.53 24.79 -23.17
CA ILE D 175 32.74 26.03 -22.99
C ILE D 175 33.66 27.22 -23.35
N THR D 176 33.20 28.09 -24.24
CA THR D 176 34.05 29.24 -24.67
C THR D 176 33.32 30.56 -24.35
N ASN D 177 32.00 30.50 -24.16
CA ASN D 177 31.21 31.73 -23.90
C ASN D 177 30.34 31.52 -22.66
N PRO D 178 30.90 31.31 -21.45
CA PRO D 178 30.08 31.02 -20.26
C PRO D 178 29.20 32.21 -19.91
N THR D 179 27.93 31.94 -19.57
CA THR D 179 26.98 33.04 -19.24
C THR D 179 27.49 33.81 -18.03
N THR D 180 27.66 35.13 -18.17
CA THR D 180 28.12 35.98 -17.04
C THR D 180 27.04 37.02 -16.73
N ASN D 181 25.98 37.07 -17.53
CA ASN D 181 24.86 38.00 -17.27
C ASN D 181 24.25 37.64 -15.91
N ALA D 182 24.27 38.59 -14.96
CA ALA D 182 23.74 38.31 -13.61
C ALA D 182 22.27 37.93 -13.70
N ALA D 183 21.50 38.62 -14.55
CA ALA D 183 20.05 38.36 -14.65
C ALA D 183 19.83 36.87 -14.97
N VAL D 184 20.58 36.33 -15.93
CA VAL D 184 20.45 34.89 -16.31
C VAL D 184 21.01 34.03 -15.18
N ILE D 185 22.19 34.37 -14.67
CA ILE D 185 22.86 33.52 -13.63
C ILE D 185 22.00 33.51 -12.35
N PHE D 186 21.46 34.67 -11.94
CA PHE D 186 20.71 34.74 -10.67
C PHE D 186 19.21 34.53 -10.93
N GLY D 187 18.79 34.56 -12.19
CA GLY D 187 17.37 34.30 -12.52
C GLY D 187 16.91 32.98 -11.92
N TYR D 188 17.72 31.93 -12.06
CA TYR D 188 17.36 30.60 -11.52
C TYR D 188 17.09 30.70 -10.03
N LEU D 189 17.88 31.51 -9.32
CA LEU D 189 17.74 31.61 -7.83
C LEU D 189 16.36 32.16 -7.48
N VAL D 190 15.84 33.09 -8.28
CA VAL D 190 14.52 33.73 -7.94
C VAL D 190 13.39 32.97 -8.64
N LYS D 191 13.73 31.93 -9.41
CA LYS D 191 12.69 31.11 -10.10
C LYS D 191 11.87 30.35 -9.07
N SER D 192 10.56 30.23 -9.28
CA SER D 192 9.70 29.43 -8.36
C SER D 192 10.18 27.98 -8.36
N PRO D 193 10.06 27.24 -7.24
CA PRO D 193 10.45 25.82 -7.21
C PRO D 193 9.36 24.95 -7.85
N PHE D 194 8.21 25.53 -8.17
CA PHE D 194 7.08 24.74 -8.72
C PHE D 194 7.39 24.26 -10.14
N GLY D 195 6.42 23.58 -10.78
CA GLY D 195 6.63 23.06 -12.14
C GLY D 195 6.90 24.16 -13.14
N GLY D 196 7.56 23.83 -14.25
CA GLY D 196 7.92 24.85 -15.26
C GLY D 196 9.17 25.60 -14.86
N ASP D 197 9.09 26.39 -13.78
CA ASP D 197 10.25 27.20 -13.32
C ASP D 197 11.36 26.26 -12.85
N GLY D 198 11.01 25.19 -12.10
CA GLY D 198 12.01 24.21 -11.65
C GLY D 198 13.20 24.85 -10.96
N TRP D 199 13.04 26.09 -10.48
CA TRP D 199 14.12 26.77 -9.73
C TRP D 199 15.47 26.59 -10.45
N ILE D 200 16.50 26.17 -9.73
CA ILE D 200 17.87 26.05 -10.34
C ILE D 200 17.99 24.71 -11.09
N CYS D 201 17.07 23.78 -10.82
CA CYS D 201 17.10 22.46 -11.51
C CYS D 201 16.79 22.65 -12.99
N SER D 202 16.27 23.83 -13.36
CA SER D 202 15.89 24.10 -14.78
C SER D 202 17.13 24.29 -15.66
N VAL D 203 18.30 24.55 -15.05
CA VAL D 203 19.52 24.84 -15.86
C VAL D 203 19.66 23.74 -16.93
N ASP D 204 19.64 24.12 -18.20
CA ASP D 204 19.69 23.11 -19.30
C ASP D 204 20.89 23.39 -20.22
N ASN D 205 21.57 24.52 -20.02
CA ASN D 205 22.71 24.88 -20.88
C ASN D 205 24.00 24.87 -20.05
N MET D 206 25.06 24.23 -20.57
CA MET D 206 26.34 24.14 -19.83
C MET D 206 26.93 25.55 -19.67
N GLU D 207 26.63 26.45 -20.61
CA GLU D 207 27.16 27.84 -20.54
C GLU D 207 26.74 28.47 -19.21
N ASP D 208 25.46 28.33 -18.84
CA ASP D 208 24.97 28.90 -17.56
C ASP D 208 25.66 28.17 -16.39
N ILE D 209 25.74 26.84 -16.48
CA ILE D 209 26.39 26.04 -15.39
C ILE D 209 27.79 26.60 -15.14
N ILE D 210 28.62 26.66 -16.18
CA ILE D 210 30.03 27.12 -16.02
C ILE D 210 30.02 28.58 -15.55
N GLY D 211 29.17 29.40 -16.18
CA GLY D 211 29.06 30.82 -15.77
C GLY D 211 28.61 30.96 -14.34
N GLY D 212 27.66 30.12 -13.91
CA GLY D 212 27.18 30.15 -12.51
C GLY D 212 28.30 29.77 -11.56
N HIS D 213 29.09 28.75 -11.90
CA HIS D 213 30.24 28.36 -11.06
C HIS D 213 31.24 29.53 -11.02
N ILE D 214 31.38 30.26 -12.13
CA ILE D 214 32.27 31.46 -12.14
C ILE D 214 31.78 32.43 -11.07
N TRP D 215 30.48 32.74 -11.06
CA TRP D 215 29.90 33.66 -10.05
C TRP D 215 30.14 33.11 -8.64
N ILE D 216 29.69 31.89 -8.37
CA ILE D 216 29.82 31.32 -6.98
C ILE D 216 31.30 31.27 -6.60
N GLY D 217 32.17 30.86 -7.53
CA GLY D 217 33.61 30.79 -7.24
C GLY D 217 34.14 32.11 -6.74
N THR D 218 33.89 33.19 -7.50
CA THR D 218 34.38 34.54 -7.11
C THR D 218 33.76 34.97 -5.79
N LEU D 219 32.43 34.91 -5.68
CA LEU D 219 31.74 35.37 -4.45
C LEU D 219 32.32 34.65 -3.23
N GLU D 220 32.50 33.32 -3.32
CA GLU D 220 33.01 32.54 -2.16
C GLU D 220 34.40 33.04 -1.76
N ILE D 221 35.28 33.22 -2.74
CA ILE D 221 36.67 33.70 -2.47
C ILE D 221 36.59 35.10 -1.84
N LEU D 222 35.79 35.99 -2.43
CA LEU D 222 35.63 37.36 -1.89
C LEU D 222 35.02 37.28 -0.49
N GLY D 223 34.00 36.44 -0.32
CA GLY D 223 33.36 36.28 0.99
C GLY D 223 34.36 35.79 2.03
N GLY D 224 35.22 34.85 1.64
CA GLY D 224 36.26 34.35 2.55
C GLY D 224 37.16 35.47 3.00
N ILE D 225 37.64 36.28 2.06
CA ILE D 225 38.52 37.44 2.40
C ILE D 225 37.74 38.35 3.35
N TRP D 226 36.47 38.59 3.05
CA TRP D 226 35.62 39.46 3.92
C TRP D 226 35.58 38.89 5.34
N HIS D 227 35.22 37.61 5.49
CA HIS D 227 35.11 36.98 6.82
C HIS D 227 36.50 36.91 7.47
N ILE D 228 37.56 36.84 6.66
CA ILE D 228 38.95 36.79 7.19
C ILE D 228 39.31 38.16 7.76
N TYR D 229 38.79 39.25 7.17
CA TYR D 229 39.18 40.61 7.61
C TYR D 229 38.00 41.34 8.26
N THR D 230 36.95 40.60 8.65
CA THR D 230 35.80 41.24 9.34
C THR D 230 35.34 40.37 10.52
N THR D 231 34.67 40.97 11.50
CA THR D 231 34.13 40.21 12.66
C THR D 231 32.61 40.39 12.68
N PRO D 232 31.82 39.41 13.18
CA PRO D 232 30.36 39.52 13.14
C PRO D 232 29.91 40.88 13.68
N TRP D 233 28.88 41.47 13.07
CA TRP D 233 28.38 42.80 13.50
C TRP D 233 27.42 42.65 14.69
N PRO D 234 27.13 43.73 15.45
CA PRO D 234 26.28 43.62 16.64
C PRO D 234 24.97 42.89 16.36
N TRP D 235 24.29 43.25 15.27
CA TRP D 235 22.99 42.60 14.93
C TRP D 235 23.19 41.08 14.86
N ALA D 236 24.30 40.64 14.23
CA ALA D 236 24.56 39.19 14.09
C ALA D 236 24.80 38.57 15.48
N ARG D 237 25.64 39.22 16.30
CA ARG D 237 25.98 38.66 17.63
C ARG D 237 24.70 38.60 18.49
N ARG D 238 23.77 39.53 18.28
CA ARG D 238 22.52 39.55 19.09
C ARG D 238 21.46 38.64 18.47
N ALA D 239 21.77 38.01 17.32
CA ALA D 239 20.76 37.17 16.64
C ALA D 239 21.35 35.81 16.28
N PHE D 240 22.41 35.39 16.98
CA PHE D 240 23.02 34.06 16.70
C PHE D 240 23.60 33.47 18.00
N VAL D 241 23.59 32.14 18.11
CA VAL D 241 24.20 31.47 19.30
C VAL D 241 25.65 31.15 18.96
N TRP D 242 26.60 31.66 19.75
CA TRP D 242 28.05 31.46 19.44
C TRP D 242 28.58 30.25 20.21
N SER D 243 28.40 29.04 19.67
CA SER D 243 28.91 27.81 20.33
C SER D 243 29.21 26.75 19.27
N GLY D 244 30.08 25.78 19.58
CA GLY D 244 30.46 24.74 18.62
C GLY D 244 29.24 23.96 18.12
N GLU D 245 28.37 23.55 19.05
CA GLU D 245 27.15 22.80 18.65
C GLU D 245 26.26 23.71 17.80
N ALA D 246 26.15 24.99 18.18
CA ALA D 246 25.35 25.94 17.38
C ALA D 246 25.92 26.03 15.96
N TYR D 247 27.25 26.17 15.85
CA TYR D 247 27.90 26.26 14.53
C TYR D 247 27.60 24.98 13.75
N LEU D 248 27.71 23.83 14.42
CA LEU D 248 27.43 22.53 13.75
C LEU D 248 25.97 22.51 13.30
N SER D 249 25.06 22.97 14.15
CA SER D 249 23.61 22.95 13.81
C SER D 249 23.38 23.76 12.53
N TYR D 250 24.03 24.92 12.43
CA TYR D 250 23.89 25.76 11.21
C TYR D 250 24.34 24.95 9.99
N SER D 251 25.52 24.32 10.08
CA SER D 251 26.03 23.50 8.94
C SER D 251 25.08 22.33 8.67
N LEU D 252 24.59 21.67 9.73
CA LEU D 252 23.68 20.52 9.57
C LEU D 252 22.44 20.96 8.79
N GLY D 253 21.83 22.07 9.20
CA GLY D 253 20.62 22.58 8.52
C GLY D 253 20.92 22.87 7.06
N ALA D 254 22.01 23.60 6.79
CA ALA D 254 22.37 23.96 5.40
C ALA D 254 22.61 22.70 4.58
N ILE D 255 23.50 21.82 5.03
CA ILE D 255 23.86 20.59 4.25
C ILE D 255 22.59 19.76 4.03
N GLY D 256 21.68 19.74 5.01
CA GLY D 256 20.42 19.01 4.85
C GLY D 256 19.63 19.52 3.66
N VAL D 257 19.49 20.84 3.54
CA VAL D 257 18.77 21.46 2.39
C VAL D 257 19.51 21.09 1.10
N MET D 258 20.84 21.22 1.11
CA MET D 258 21.64 20.92 -0.10
C MET D 258 21.36 19.48 -0.54
N GLY D 259 21.26 18.55 0.42
CA GLY D 259 20.94 17.16 0.10
C GLY D 259 19.64 17.04 -0.67
N PHE D 260 18.59 17.70 -0.20
CA PHE D 260 17.27 17.64 -0.87
C PHE D 260 17.39 18.21 -2.29
N ILE D 261 18.12 19.32 -2.43
CA ILE D 261 18.30 19.95 -3.77
C ILE D 261 19.02 18.96 -4.69
N ALA D 262 20.06 18.29 -4.18
CA ALA D 262 20.82 17.32 -4.99
C ALA D 262 19.88 16.20 -5.44
N CYS D 263 19.04 15.70 -4.53
CA CYS D 263 18.06 14.65 -4.89
C CYS D 263 17.23 15.09 -6.10
N CYS D 264 16.68 16.30 -6.04
CA CYS D 264 15.82 16.82 -7.14
C CYS D 264 16.66 16.97 -8.41
N MET D 265 17.88 17.49 -8.28
CA MET D 265 18.78 17.67 -9.45
C MET D 265 18.95 16.32 -10.16
N SER D 266 19.30 15.28 -9.41
CA SER D 266 19.53 13.95 -10.01
C SER D 266 18.25 13.38 -10.61
N TRP D 267 17.08 13.75 -10.05
CA TRP D 267 15.80 13.17 -10.51
C TRP D 267 15.25 13.96 -11.70
N PHE D 268 15.50 15.27 -11.76
CA PHE D 268 14.90 16.11 -12.83
C PHE D 268 15.94 16.55 -13.85
N ASN D 269 17.08 17.09 -13.40
CA ASN D 269 18.09 17.64 -14.34
C ASN D 269 18.63 16.53 -15.24
N ASN D 270 18.84 16.83 -16.52
CA ASN D 270 19.42 15.85 -17.48
C ASN D 270 20.70 16.44 -18.07
N THR D 271 20.92 17.75 -17.88
CA THR D 271 22.13 18.42 -18.41
C THR D 271 23.32 18.09 -17.52
N ALA D 272 23.28 18.54 -16.25
CA ALA D 272 24.37 18.25 -15.29
C ALA D 272 24.47 16.73 -15.09
N TYR D 273 23.35 16.01 -15.25
CA TYR D 273 23.36 14.53 -15.11
C TYR D 273 23.02 13.91 -16.46
N PRO D 274 23.98 13.78 -17.40
CA PRO D 274 23.70 13.28 -18.74
C PRO D 274 22.89 11.96 -18.72
N SER D 275 21.75 11.94 -19.40
CA SER D 275 20.91 10.72 -19.46
C SER D 275 21.71 9.58 -20.12
N GLU D 276 22.72 9.94 -20.92
CA GLU D 276 23.56 8.92 -21.59
C GLU D 276 24.28 8.07 -20.53
N PHE D 277 24.69 8.70 -19.42
CA PHE D 277 25.46 7.96 -18.39
C PHE D 277 24.57 7.66 -17.17
N TYR D 278 23.69 8.60 -16.81
CA TYR D 278 22.85 8.43 -15.59
C TYR D 278 21.52 7.75 -15.95
N GLY D 279 21.24 7.57 -17.24
CA GLY D 279 19.97 6.98 -17.68
C GLY D 279 18.88 8.02 -17.82
N PRO D 280 17.67 7.68 -18.31
CA PRO D 280 16.61 8.67 -18.54
C PRO D 280 15.95 9.13 -17.23
N THR D 281 15.41 10.36 -17.22
CA THR D 281 14.70 10.86 -16.02
C THR D 281 13.25 10.35 -16.05
N GLY D 282 12.58 10.32 -14.90
CA GLY D 282 11.17 9.89 -14.86
C GLY D 282 10.36 10.50 -16.00
N PRO D 283 10.27 11.84 -16.10
CA PRO D 283 9.54 12.49 -17.19
C PRO D 283 10.07 12.03 -18.55
N GLU D 284 11.40 11.92 -18.68
CA GLU D 284 12.02 11.51 -19.97
C GLU D 284 11.49 10.13 -20.37
N ALA D 285 11.45 9.19 -19.43
CA ALA D 285 11.00 7.82 -19.74
C ALA D 285 9.55 7.86 -20.25
N SER D 286 8.68 8.60 -19.54
CA SER D 286 7.26 8.68 -19.95
C SER D 286 7.15 9.23 -21.37
N GLN D 287 7.75 10.40 -21.61
CA GLN D 287 7.70 11.04 -22.95
C GLN D 287 8.25 10.06 -23.99
N SER D 288 9.32 9.34 -23.65
CA SER D 288 9.94 8.37 -24.58
C SER D 288 8.90 7.31 -24.99
N GLN D 289 8.13 6.80 -24.03
CA GLN D 289 7.11 5.76 -24.33
C GLN D 289 6.09 6.32 -25.30
N ALA D 290 5.54 7.51 -25.01
CA ALA D 290 4.55 8.14 -25.91
C ALA D 290 5.15 8.26 -27.31
N PHE D 291 6.39 8.74 -27.41
CA PHE D 291 7.06 8.88 -28.72
C PHE D 291 7.20 7.51 -29.39
N THR D 292 7.59 6.49 -28.62
CA THR D 292 7.83 5.14 -29.21
C THR D 292 6.56 4.64 -29.89
N PHE D 293 5.41 4.69 -29.20
CA PHE D 293 4.15 4.16 -29.79
C PHE D 293 3.69 5.10 -30.91
N LEU D 294 3.71 6.41 -30.65
CA LEU D 294 3.31 7.41 -31.69
C LEU D 294 4.02 7.05 -32.99
N VAL D 295 5.34 6.86 -32.95
CA VAL D 295 6.13 6.52 -34.16
C VAL D 295 5.64 5.18 -34.73
N ARG D 296 5.59 4.15 -33.90
CA ARG D 296 5.20 2.79 -34.39
C ARG D 296 3.82 2.86 -35.04
N ASP D 297 2.83 3.40 -34.33
CA ASP D 297 1.44 3.44 -34.85
C ASP D 297 1.41 4.25 -36.16
N GLN D 298 2.10 5.39 -36.18
CA GLN D 298 2.11 6.27 -37.38
C GLN D 298 2.62 5.45 -38.57
N ARG D 299 3.69 4.67 -38.37
CA ARG D 299 4.25 3.84 -39.47
C ARG D 299 3.21 2.79 -39.88
N LEU D 300 2.48 2.23 -38.92
CA LEU D 300 1.44 1.22 -39.22
C LEU D 300 0.36 1.88 -40.09
N GLY D 301 0.06 3.15 -39.85
CA GLY D 301 -0.92 3.87 -40.69
C GLY D 301 -1.95 4.62 -39.85
N ALA D 302 -1.53 5.19 -38.73
CA ALA D 302 -2.46 5.93 -37.84
C ALA D 302 -2.17 7.43 -37.91
N ASN D 303 -3.21 8.26 -38.02
CA ASN D 303 -3.01 9.74 -38.02
C ASN D 303 -2.94 10.20 -36.56
N VAL D 304 -1.73 10.29 -36.01
CA VAL D 304 -1.56 10.66 -34.57
C VAL D 304 -2.15 12.05 -34.33
N ALA D 305 -2.25 12.87 -35.39
CA ALA D 305 -2.75 14.24 -35.25
C ALA D 305 -4.24 14.24 -34.90
N SER D 306 -5.04 13.47 -35.64
CA SER D 306 -6.51 13.46 -35.41
C SER D 306 -6.93 12.17 -34.71
N ALA D 307 -6.06 11.62 -33.85
CA ALA D 307 -6.37 10.34 -33.16
C ALA D 307 -7.01 10.65 -31.80
N GLN D 308 -8.34 10.73 -31.74
CA GLN D 308 -9.06 10.99 -30.47
C GLN D 308 -8.91 9.77 -29.55
N GLY D 309 -8.57 10.01 -28.28
CA GLY D 309 -8.44 8.90 -27.30
C GLY D 309 -9.79 8.58 -26.67
N PRO D 310 -9.85 7.67 -25.67
CA PRO D 310 -11.13 7.28 -25.08
C PRO D 310 -11.81 8.47 -24.40
N THR D 311 -11.03 9.33 -23.73
CA THR D 311 -11.59 10.51 -23.04
C THR D 311 -11.91 11.60 -24.07
N GLY D 312 -11.28 11.53 -25.24
CA GLY D 312 -11.48 12.56 -26.28
C GLY D 312 -10.47 13.68 -26.17
N LEU D 313 -9.38 13.44 -25.41
CA LEU D 313 -8.35 14.50 -25.20
C LEU D 313 -7.11 14.19 -26.03
N GLY D 314 -7.24 13.41 -27.11
CA GLY D 314 -6.09 13.13 -28.00
C GLY D 314 -5.30 11.94 -27.52
N LYS D 315 -5.22 10.89 -28.34
CA LYS D 315 -4.50 9.64 -27.94
C LYS D 315 -2.99 9.85 -27.97
N TYR D 316 -2.47 10.55 -28.98
CA TYR D 316 -0.99 10.69 -29.11
C TYR D 316 -0.56 12.13 -28.79
N LEU D 317 -1.33 13.12 -29.23
CA LEU D 317 -0.93 14.53 -29.03
C LEU D 317 -2.10 15.33 -28.45
N MET D 318 -1.80 16.42 -27.73
CA MET D 318 -2.86 17.28 -27.14
C MET D 318 -2.27 18.67 -26.87
N ARG D 319 -2.99 19.53 -26.15
CA ARG D 319 -2.51 20.91 -25.89
C ARG D 319 -2.25 21.11 -24.40
N SER D 320 -1.11 21.71 -24.05
CA SER D 320 -0.81 22.02 -22.62
C SER D 320 -1.78 23.09 -22.14
N PRO D 321 -2.16 23.15 -20.83
CA PRO D 321 -3.02 24.22 -20.33
C PRO D 321 -2.55 25.58 -20.86
N THR D 322 -1.23 25.75 -21.00
CA THR D 322 -0.66 27.01 -21.54
C THR D 322 -1.03 27.15 -23.02
N GLY D 323 -1.06 26.04 -23.75
CA GLY D 323 -1.42 26.07 -25.19
C GLY D 323 -0.44 25.28 -26.04
N GLU D 324 0.77 25.05 -25.53
CA GLU D 324 1.81 24.32 -26.30
C GLU D 324 1.33 22.90 -26.62
N ILE D 325 1.54 22.45 -27.86
CA ILE D 325 1.15 21.07 -28.25
C ILE D 325 2.04 20.08 -27.50
N ILE D 326 1.43 19.10 -26.82
CA ILE D 326 2.23 18.15 -25.98
C ILE D 326 1.79 16.72 -26.27
N PHE D 327 2.62 15.73 -25.90
CA PHE D 327 2.24 14.31 -26.09
C PHE D 327 0.99 14.01 -25.27
N GLY D 328 0.08 13.18 -25.80
CA GLY D 328 -1.16 12.83 -25.08
C GLY D 328 -0.91 11.78 -24.03
N GLY D 329 -1.94 11.44 -23.24
CA GLY D 329 -1.81 10.42 -22.18
C GLY D 329 -1.49 11.05 -20.84
N GLU D 330 -1.15 10.22 -19.85
CA GLU D 330 -0.86 10.73 -18.48
C GLU D 330 0.45 11.51 -18.49
N THR D 331 1.24 11.37 -19.56
CA THR D 331 2.55 12.08 -19.67
C THR D 331 2.31 13.59 -19.75
N MET D 332 1.04 14.00 -19.85
CA MET D 332 0.69 15.45 -19.91
C MET D 332 1.35 16.16 -18.72
N ARG D 333 1.53 15.45 -17.60
CA ARG D 333 2.14 16.06 -16.39
C ARG D 333 3.61 16.39 -16.68
N PHE D 334 4.26 15.63 -17.57
CA PHE D 334 5.69 15.86 -17.87
C PHE D 334 5.83 16.70 -19.15
N TRP D 335 4.82 17.51 -19.46
CA TRP D 335 4.83 18.30 -20.73
C TRP D 335 5.99 19.31 -20.70
N ASP D 336 6.51 19.62 -19.50
CA ASP D 336 7.59 20.63 -19.38
C ASP D 336 8.96 19.95 -19.52
N PHE D 337 8.98 18.65 -19.80
CA PHE D 337 10.25 17.91 -19.99
C PHE D 337 10.98 18.42 -21.25
N ARG D 338 12.31 18.48 -21.20
CA ARG D 338 13.09 18.90 -22.39
C ARG D 338 14.31 17.98 -22.52
N GLY D 339 14.42 17.27 -23.65
CA GLY D 339 15.56 16.35 -23.85
C GLY D 339 16.21 16.56 -25.21
N PRO D 340 17.54 16.33 -25.36
CA PRO D 340 18.23 16.60 -26.62
C PRO D 340 17.66 15.78 -27.78
N TRP D 341 16.94 14.70 -27.49
CA TRP D 341 16.40 13.81 -28.56
C TRP D 341 15.02 14.29 -29.01
N LEU D 342 14.37 15.15 -28.23
CA LEU D 342 12.98 15.58 -28.57
C LEU D 342 12.97 17.03 -29.04
N GLU D 343 13.96 17.83 -28.61
CA GLU D 343 13.99 19.27 -28.97
C GLU D 343 13.92 19.45 -30.49
N PRO D 344 14.73 18.76 -31.31
CA PRO D 344 14.74 18.98 -32.76
C PRO D 344 13.32 18.91 -33.36
N LEU D 345 12.47 18.05 -32.81
CA LEU D 345 11.10 17.86 -33.36
C LEU D 345 10.16 18.94 -32.83
N ARG D 346 10.61 19.70 -31.83
CA ARG D 346 9.74 20.75 -31.21
C ARG D 346 9.87 22.06 -31.98
N GLY D 347 9.04 23.05 -31.66
CA GLY D 347 9.11 24.36 -32.34
C GLY D 347 8.53 25.45 -31.45
N PRO D 348 8.30 26.68 -31.95
CA PRO D 348 7.82 27.77 -31.12
C PRO D 348 6.57 27.34 -30.34
N ASN D 349 5.68 26.60 -31.00
CA ASN D 349 4.42 26.15 -30.33
C ASN D 349 4.47 24.65 -30.07
N GLY D 350 4.93 24.23 -28.89
CA GLY D 350 4.98 22.80 -28.53
C GLY D 350 5.66 21.96 -29.59
N LEU D 351 5.16 20.74 -29.82
CA LEU D 351 5.79 19.82 -30.81
C LEU D 351 5.35 20.24 -32.22
N ASP D 352 6.11 19.82 -33.23
CA ASP D 352 5.76 20.14 -34.64
C ASP D 352 5.38 18.84 -35.36
N LEU D 353 4.08 18.59 -35.53
CA LEU D 353 3.64 17.30 -36.15
C LEU D 353 4.33 17.15 -37.51
N ASN D 354 4.70 18.26 -38.14
CA ASN D 354 5.44 18.17 -39.43
C ASN D 354 6.69 17.30 -39.20
N LYS D 355 7.52 17.67 -38.23
CA LYS D 355 8.71 16.85 -37.89
C LYS D 355 8.26 15.44 -37.51
N LEU D 356 7.15 15.33 -36.77
CA LEU D 356 6.66 14.00 -36.32
C LEU D 356 6.20 13.18 -37.52
N LYS D 357 5.61 13.85 -38.53
CA LYS D 357 5.15 13.15 -39.75
C LYS D 357 6.36 12.76 -40.61
N ASN D 358 7.33 13.67 -40.73
CA ASN D 358 8.55 13.41 -41.53
C ASN D 358 9.72 14.18 -40.92
N ASP D 359 10.94 13.63 -41.02
CA ASP D 359 12.16 14.27 -40.46
C ASP D 359 12.52 13.59 -39.13
N ILE D 360 11.66 12.69 -38.63
CA ILE D 360 12.00 11.93 -37.40
C ILE D 360 13.24 11.08 -37.70
N GLN D 361 14.36 11.37 -37.02
CA GLN D 361 15.62 10.64 -37.30
C GLN D 361 15.61 9.30 -36.56
N PRO D 362 16.31 8.26 -37.08
CA PRO D 362 16.31 6.94 -36.46
C PRO D 362 16.82 6.98 -35.02
N TRP D 363 17.88 7.76 -34.77
CA TRP D 363 18.46 7.86 -33.40
C TRP D 363 17.40 8.41 -32.45
N GLN D 364 16.67 9.44 -32.86
CA GLN D 364 15.59 10.01 -32.02
C GLN D 364 14.68 8.87 -31.56
N GLU D 365 14.48 7.86 -32.41
CA GLU D 365 13.63 6.70 -32.06
C GLU D 365 14.42 5.75 -31.15
N ARG D 366 15.56 5.24 -31.65
CA ARG D 366 16.36 4.27 -30.86
C ARG D 366 16.55 4.79 -29.44
N ARG D 367 16.94 6.06 -29.29
CA ARG D 367 17.21 6.62 -27.94
C ARG D 367 15.95 6.54 -27.09
N ALA D 368 14.81 6.99 -27.64
CA ALA D 368 13.54 6.97 -26.89
C ALA D 368 13.20 5.54 -26.49
N ALA D 369 13.36 4.60 -27.43
CA ALA D 369 13.04 3.18 -27.14
C ALA D 369 13.89 2.68 -25.97
N GLU D 370 15.19 2.99 -25.98
CA GLU D 370 16.09 2.53 -24.91
C GLU D 370 15.67 3.17 -23.58
N TYR D 371 15.40 4.46 -23.59
CA TYR D 371 15.00 5.18 -22.34
C TYR D 371 13.71 4.54 -21.80
N MET D 372 12.73 4.31 -22.67
CA MET D 372 11.43 3.75 -22.24
C MET D 372 11.67 2.47 -21.45
N THR D 373 12.51 1.57 -21.98
CA THR D 373 12.79 0.28 -21.32
C THR D 373 13.54 0.51 -20.00
N HIS D 374 14.52 1.43 -19.99
CA HIS D 374 15.35 1.66 -18.79
C HIS D 374 14.75 2.82 -17.96
N ALA D 375 13.46 2.75 -17.65
CA ALA D 375 12.80 3.80 -16.85
C ALA D 375 13.30 3.75 -15.41
N PRO D 376 13.14 4.82 -14.60
CA PRO D 376 13.66 4.83 -13.23
C PRO D 376 12.97 3.83 -12.30
N LEU D 377 11.80 3.32 -12.71
CA LEU D 377 11.02 2.37 -11.86
C LEU D 377 11.90 1.17 -11.53
N GLY D 378 11.92 0.73 -10.27
CA GLY D 378 12.74 -0.41 -9.84
C GLY D 378 12.37 -0.90 -8.45
N SER D 379 13.01 -1.98 -8.00
CA SER D 379 12.70 -2.55 -6.64
C SER D 379 13.98 -2.58 -5.79
N LEU D 380 13.83 -2.81 -4.49
CA LEU D 380 15.00 -2.82 -3.56
C LEU D 380 15.94 -3.98 -3.92
N ASN D 381 15.37 -5.12 -4.32
CA ASN D 381 16.20 -6.29 -4.71
C ASN D 381 16.70 -6.09 -6.14
N SER D 382 16.55 -4.87 -6.69
CA SER D 382 17.05 -4.54 -8.05
C SER D 382 16.34 -5.38 -9.11
N VAL D 383 15.04 -5.65 -8.94
CA VAL D 383 14.27 -6.36 -9.99
C VAL D 383 13.66 -5.30 -10.91
N GLY D 384 14.37 -4.92 -11.97
CA GLY D 384 13.90 -3.85 -12.87
C GLY D 384 12.47 -4.10 -13.34
N GLY D 385 11.62 -3.07 -13.29
CA GLY D 385 10.23 -3.21 -13.75
C GLY D 385 9.33 -2.15 -13.14
N VAL D 386 8.28 -1.74 -13.88
CA VAL D 386 7.32 -0.72 -13.37
C VAL D 386 6.84 -1.17 -11.99
N ALA D 387 6.35 -2.41 -11.89
CA ALA D 387 5.84 -2.97 -10.63
C ALA D 387 5.10 -4.25 -11.01
N THR D 388 4.68 -5.06 -10.03
CA THR D 388 3.88 -6.25 -10.40
C THR D 388 4.59 -6.94 -11.56
N GLU D 389 5.92 -6.90 -11.59
CA GLU D 389 6.70 -7.48 -12.71
C GLU D 389 7.45 -8.74 -12.22
N ILE D 390 7.68 -9.69 -13.12
CA ILE D 390 8.40 -10.95 -12.76
C ILE D 390 9.88 -10.63 -12.55
N ASN D 391 10.60 -11.49 -11.81
CA ASN D 391 12.05 -11.27 -11.56
C ASN D 391 12.83 -11.71 -12.80
N ALA D 392 12.99 -10.81 -13.77
CA ALA D 392 13.72 -11.14 -15.01
C ALA D 392 14.82 -10.09 -15.27
N VAL D 393 14.48 -8.80 -15.10
CA VAL D 393 15.45 -7.71 -15.35
C VAL D 393 16.12 -7.31 -14.03
N ASN D 394 17.44 -7.10 -14.05
CA ASN D 394 18.19 -6.70 -12.83
C ASN D 394 18.73 -5.28 -13.03
N PHE D 395 17.89 -4.26 -12.79
CA PHE D 395 18.32 -2.86 -13.03
C PHE D 395 17.52 -1.88 -12.19
N VAL D 396 18.19 -0.92 -11.55
CA VAL D 396 17.48 0.16 -10.80
C VAL D 396 18.15 1.47 -11.21
N SER D 397 17.39 2.41 -11.80
CA SER D 397 17.97 3.68 -12.29
C SER D 397 18.97 4.25 -11.27
N PRO D 398 20.22 4.59 -11.68
CA PRO D 398 21.17 5.23 -10.76
C PRO D 398 20.53 6.51 -10.23
N ARG D 399 19.72 7.19 -11.06
CA ARG D 399 19.02 8.42 -10.61
C ARG D 399 18.17 8.08 -9.39
N SER D 400 17.43 6.97 -9.44
CA SER D 400 16.59 6.56 -8.29
C SER D 400 17.46 6.40 -7.04
N TRP D 401 18.59 5.71 -7.17
CA TRP D 401 19.48 5.47 -5.99
C TRP D 401 19.93 6.82 -5.41
N LEU D 402 20.48 7.70 -6.25
CA LEU D 402 20.99 9.00 -5.76
C LEU D 402 19.82 9.80 -5.17
N ALA D 403 18.70 9.86 -5.88
CA ALA D 403 17.55 10.67 -5.41
C ALA D 403 17.08 10.15 -4.04
N CYS D 404 16.91 8.83 -3.91
CA CYS D 404 16.41 8.26 -2.63
C CYS D 404 17.46 8.45 -1.53
N SER D 405 18.71 8.10 -1.81
CA SER D 405 19.78 8.16 -0.78
C SER D 405 19.95 9.59 -0.26
N HIS D 406 20.16 10.55 -1.16
CA HIS D 406 20.44 11.94 -0.73
C HIS D 406 19.20 12.55 -0.04
N PHE D 407 18.00 12.19 -0.49
CA PHE D 407 16.78 12.69 0.19
C PHE D 407 16.81 12.24 1.66
N CYS D 408 16.99 10.93 1.89
CA CYS D 408 17.04 10.38 3.26
C CYS D 408 18.17 11.07 4.05
N LEU D 409 19.34 11.20 3.43
CA LEU D 409 20.48 11.88 4.10
C LEU D 409 20.05 13.29 4.51
N GLY D 410 19.43 14.03 3.58
CA GLY D 410 18.98 15.40 3.88
C GLY D 410 18.00 15.42 5.04
N PHE D 411 17.05 14.48 5.05
CA PHE D 411 16.03 14.42 6.13
C PHE D 411 16.72 14.24 7.48
N PHE D 412 17.60 13.25 7.60
CA PHE D 412 18.26 12.98 8.90
C PHE D 412 19.07 14.22 9.32
N PHE D 413 19.84 14.79 8.40
CA PHE D 413 20.70 15.95 8.74
C PHE D 413 19.83 17.13 9.16
N PHE D 414 18.63 17.26 8.58
CA PHE D 414 17.71 18.33 9.04
C PHE D 414 17.29 18.04 10.48
N ILE D 415 16.97 16.77 10.78
CA ILE D 415 16.60 16.37 12.17
C ILE D 415 17.80 16.67 13.07
N GLY D 416 19.01 16.37 12.59
CA GLY D 416 20.22 16.68 13.38
C GLY D 416 20.30 18.17 13.66
N HIS D 417 19.94 18.99 12.67
CA HIS D 417 19.91 20.46 12.87
C HIS D 417 18.98 20.79 14.04
N LEU D 418 17.76 20.24 14.01
CA LEU D 418 16.77 20.53 15.09
C LEU D 418 17.36 20.10 16.44
N TRP D 419 17.96 18.91 16.49
CA TRP D 419 18.51 18.39 17.77
C TRP D 419 19.66 19.29 18.26
N HIS D 420 20.68 19.49 17.42
CA HIS D 420 21.87 20.27 17.85
C HIS D 420 21.48 21.74 18.10
N ALA D 421 20.69 22.33 17.19
CA ALA D 421 20.31 23.76 17.34
C ALA D 421 19.57 23.96 18.66
N GLY D 422 18.52 23.19 18.90
CA GLY D 422 17.74 23.32 20.14
C GLY D 422 18.62 23.14 21.36
N ARG D 423 19.45 22.09 21.34
CA ARG D 423 20.34 21.81 22.50
C ARG D 423 21.31 22.98 22.68
N ALA D 424 21.84 23.51 21.58
CA ALA D 424 22.79 24.64 21.65
C ALA D 424 22.10 25.85 22.30
N ARG D 425 20.88 26.16 21.88
CA ARG D 425 20.12 27.31 22.45
C ARG D 425 19.85 27.04 23.94
N ALA D 426 19.42 25.82 24.26
CA ALA D 426 19.13 25.46 25.68
C ALA D 426 20.42 25.53 26.49
N ALA D 427 21.52 25.01 25.95
CA ALA D 427 22.82 25.03 26.65
C ALA D 427 23.16 26.49 27.00
N ALA D 428 23.10 27.38 26.02
CA ALA D 428 23.42 28.80 26.27
C ALA D 428 22.57 29.32 27.44
N ALA D 429 21.26 29.06 27.39
CA ALA D 429 20.35 29.52 28.48
C ALA D 429 20.76 28.86 29.79
N GLY D 430 21.10 27.56 29.76
CA GLY D 430 21.57 26.87 30.97
C GLY D 430 20.59 25.78 31.41
N PHE D 431 19.52 25.56 30.67
CA PHE D 431 18.49 24.57 31.08
C PHE D 431 18.59 23.31 30.21
N GLU D 432 19.73 23.12 29.55
CA GLU D 432 19.93 21.90 28.71
C GLU D 432 19.81 20.65 29.59
N LYS D 433 20.41 20.69 30.79
CA LYS D 433 20.39 19.50 31.70
C LYS D 433 18.97 19.29 32.23
N GLY D 434 18.28 20.37 32.61
CA GLY D 434 16.90 20.25 33.10
C GLY D 434 16.46 21.43 33.94
N ILE D 435 15.36 21.28 34.70
CA ILE D 435 14.84 22.40 35.54
C ILE D 435 15.64 22.48 36.84
N ASP D 436 15.71 23.66 37.46
CA ASP D 436 16.53 23.85 38.70
C ASP D 436 15.92 23.09 39.87
N ARG D 437 14.59 22.86 39.86
CA ARG D 437 13.91 22.20 41.00
C ARG D 437 13.72 23.23 42.12
N PHE D 438 14.20 24.46 41.90
CA PHE D 438 14.07 25.54 42.92
C PHE D 438 13.75 26.86 42.19
N ASP D 439 14.08 26.93 40.91
CA ASP D 439 13.82 28.16 40.11
C ASP D 439 12.95 27.80 38.89
N GLU D 440 12.03 26.85 39.07
CA GLU D 440 11.12 26.46 37.96
C GLU D 440 10.41 27.73 37.46
N PRO D 441 10.62 28.16 36.20
CA PRO D 441 10.03 29.40 35.70
C PRO D 441 8.50 29.34 35.73
N VAL D 442 7.93 28.18 35.39
CA VAL D 442 6.44 28.05 35.33
C VAL D 442 5.85 28.47 36.68
N LEU D 443 6.48 28.05 37.78
CA LEU D 443 5.94 28.35 39.13
C LEU D 443 5.88 29.88 39.34
N SER D 444 6.72 30.62 38.62
CA SER D 444 6.75 32.10 38.77
C SER D 444 5.87 32.76 37.69
N MET D 445 5.40 31.97 36.73
CA MET D 445 4.58 32.53 35.61
C MET D 445 3.13 32.71 36.06
N ARG D 446 2.33 33.42 35.25
CA ARG D 446 0.89 33.64 35.59
C ARG D 446 0.20 32.28 35.72
N PRO D 447 -0.83 32.11 36.58
CA PRO D 447 -1.56 30.85 36.67
C PRO D 447 -2.41 30.59 35.41
N LEU D 448 -2.23 31.41 34.37
CA LEU D 448 -2.99 31.22 33.09
C LEU D 448 -4.47 30.96 33.43
N ASP D 449 -4.99 29.80 33.03
CA ASP D 449 -6.42 29.47 33.29
C ASP D 449 -6.62 29.29 34.80
N ILE E 1 -2.97 -21.80 58.25
CA ILE E 1 -3.20 -21.52 56.79
C ILE E 1 -4.70 -21.44 56.55
N GLY E 2 -5.11 -20.73 55.49
CA GLY E 2 -6.54 -20.60 55.16
C GLY E 2 -7.34 -20.03 56.32
N THR E 3 -6.82 -19.00 56.98
CA THR E 3 -7.55 -18.34 58.11
C THR E 3 -8.24 -19.41 58.97
N TYR E 4 -7.51 -20.47 59.35
CA TYR E 4 -8.11 -21.57 60.16
C TYR E 4 -7.03 -22.63 60.46
N GLN E 5 -5.90 -22.58 59.76
CA GLN E 5 -4.84 -23.61 59.93
C GLN E 5 -5.34 -24.94 59.40
N GLU E 6 -4.72 -25.45 58.32
CA GLU E 6 -5.13 -26.75 57.72
C GLU E 6 -3.88 -27.61 57.53
N LYS E 7 -4.07 -28.93 57.39
CA LYS E 7 -2.92 -29.84 57.13
C LYS E 7 -2.36 -29.56 55.73
N ARG E 8 -1.04 -29.50 55.59
CA ARG E 8 -0.42 -29.27 54.26
C ARG E 8 -0.75 -30.46 53.35
N THR E 9 -1.00 -30.18 52.06
CA THR E 9 -1.34 -31.26 51.10
C THR E 9 -0.32 -31.24 49.96
N TRP E 10 -0.31 -32.28 49.12
CA TRP E 10 0.61 -32.30 47.96
C TRP E 10 0.43 -31.03 47.14
N PHE E 11 -0.81 -30.53 47.06
CA PHE E 11 -1.07 -29.27 46.33
C PHE E 11 -0.20 -28.17 46.91
N ASP E 12 -0.15 -28.07 48.24
CA ASP E 12 0.67 -27.02 48.91
C ASP E 12 2.12 -27.20 48.48
N ASP E 13 2.60 -28.44 48.43
CA ASP E 13 4.00 -28.72 48.00
C ASP E 13 4.17 -28.24 46.57
N ALA E 14 3.40 -28.79 45.63
CA ALA E 14 3.49 -28.40 44.20
C ALA E 14 3.32 -26.87 44.10
N ASP E 15 2.38 -26.31 44.86
CA ASP E 15 2.12 -24.85 44.81
C ASP E 15 3.42 -24.10 45.12
N ASP E 16 4.04 -24.37 46.27
CA ASP E 16 5.26 -23.64 46.68
C ASP E 16 6.34 -23.81 45.60
N TRP E 17 6.50 -25.03 45.08
CA TRP E 17 7.57 -25.28 44.08
C TRP E 17 7.30 -24.48 42.81
N LEU E 18 6.09 -24.60 42.26
CA LEU E 18 5.72 -23.83 41.04
C LEU E 18 5.83 -22.34 41.37
N ARG E 19 5.20 -21.91 42.45
CA ARG E 19 5.27 -20.48 42.88
C ARG E 19 6.53 -20.28 43.71
N GLN E 20 7.71 -20.47 43.10
CA GLN E 20 8.99 -20.35 43.84
C GLN E 20 9.94 -19.42 43.09
N ASP E 21 10.59 -18.49 43.79
CA ASP E 21 11.58 -17.59 43.14
C ASP E 21 12.48 -18.42 42.23
N ARG E 22 12.41 -18.19 40.92
CA ARG E 22 13.21 -18.99 39.95
C ARG E 22 13.65 -18.10 38.80
N PHE E 23 14.78 -18.42 38.16
CA PHE E 23 15.26 -17.64 36.99
C PHE E 23 14.05 -17.06 36.26
N VAL E 24 13.02 -17.89 36.03
CA VAL E 24 11.76 -17.40 35.37
C VAL E 24 10.58 -17.88 36.21
N PHE E 25 9.52 -17.08 36.30
CA PHE E 25 8.36 -17.45 37.16
C PHE E 25 7.58 -18.58 36.49
N VAL E 26 7.79 -19.82 36.93
CA VAL E 26 7.03 -20.96 36.37
C VAL E 26 5.57 -20.81 36.79
N GLY E 27 5.31 -20.80 38.09
CA GLY E 27 3.93 -20.67 38.61
C GLY E 27 3.06 -21.84 38.18
N TRP E 28 1.74 -21.71 38.32
CA TRP E 28 0.81 -22.78 37.88
C TRP E 28 0.42 -22.54 36.43
N SER E 29 0.29 -21.27 36.03
CA SER E 29 -0.06 -20.93 34.62
C SER E 29 1.03 -21.45 33.68
N GLY E 30 2.29 -21.34 34.10
CA GLY E 30 3.42 -21.79 33.26
C GLY E 30 3.21 -23.19 32.73
N LEU E 31 2.49 -24.03 33.47
CA LEU E 31 2.25 -25.43 33.06
C LEU E 31 1.48 -25.45 31.73
N LEU E 32 0.81 -24.34 31.40
CA LEU E 32 0.06 -24.25 30.11
C LEU E 32 0.83 -23.31 29.17
N LEU E 33 1.31 -22.18 29.69
CA LEU E 33 1.98 -21.17 28.82
C LEU E 33 3.29 -21.74 28.25
N PHE E 34 4.15 -22.32 29.10
CA PHE E 34 5.48 -22.78 28.62
C PHE E 34 5.33 -23.86 27.54
N PRO E 35 4.60 -24.97 27.77
CA PRO E 35 4.53 -26.06 26.79
C PRO E 35 3.85 -25.64 25.48
N CYS E 36 2.64 -25.08 25.58
CA CYS E 36 1.88 -24.72 24.35
C CYS E 36 2.67 -23.71 23.53
N ALA E 37 3.20 -22.66 24.17
CA ALA E 37 3.94 -21.61 23.43
C ALA E 37 5.14 -22.24 22.71
N TYR E 38 5.87 -23.12 23.41
CA TYR E 38 7.07 -23.76 22.81
C TYR E 38 6.67 -24.53 21.54
N PHE E 39 5.61 -25.36 21.64
CA PHE E 39 5.18 -26.17 20.48
C PHE E 39 4.70 -25.24 19.36
N ALA E 40 3.92 -24.22 19.72
CA ALA E 40 3.39 -23.28 18.70
C ALA E 40 4.55 -22.62 17.96
N LEU E 41 5.40 -21.88 18.67
CA LEU E 41 6.52 -21.15 18.01
C LEU E 41 7.44 -22.17 17.33
N GLY E 42 7.74 -23.27 18.02
CA GLY E 42 8.62 -24.31 17.44
C GLY E 42 8.02 -24.84 16.14
N GLY E 43 6.73 -25.14 16.14
CA GLY E 43 6.05 -25.64 14.92
C GLY E 43 6.16 -24.63 13.79
N TRP E 44 5.98 -23.34 14.11
CA TRP E 44 6.07 -22.28 13.08
C TRP E 44 7.46 -22.29 12.45
N LEU E 45 8.50 -22.42 13.27
CA LEU E 45 9.90 -22.47 12.76
C LEU E 45 10.07 -23.70 11.87
N THR E 46 9.73 -24.88 12.40
CA THR E 46 9.88 -26.15 11.64
C THR E 46 9.11 -26.02 10.31
N GLY E 47 7.89 -25.51 10.36
CA GLY E 47 7.07 -25.35 9.14
C GLY E 47 7.75 -24.42 8.14
N THR E 48 8.17 -23.24 8.60
CA THR E 48 8.79 -22.24 7.68
C THR E 48 10.12 -22.78 7.18
N THR E 49 10.74 -23.71 7.92
CA THR E 49 12.08 -24.24 7.55
C THR E 49 11.92 -25.35 6.50
N PHE E 50 11.13 -26.39 6.80
CA PHE E 50 11.01 -27.54 5.86
C PHE E 50 9.57 -28.07 5.81
N VAL E 51 8.62 -27.26 5.32
CA VAL E 51 7.22 -27.75 5.14
C VAL E 51 6.63 -27.04 3.92
N THR E 52 5.93 -27.78 3.04
CA THR E 52 5.45 -27.16 1.78
C THR E 52 3.91 -27.07 1.74
N SER E 53 3.38 -26.04 1.08
CA SER E 53 1.91 -25.90 0.92
C SER E 53 1.56 -26.29 -0.52
N TRP E 54 2.44 -27.06 -1.17
CA TRP E 54 2.23 -27.45 -2.59
C TRP E 54 0.92 -28.23 -2.73
N TYR E 55 0.48 -28.90 -1.68
CA TYR E 55 -0.73 -29.75 -1.78
C TYR E 55 -1.91 -29.07 -1.08
N THR E 56 -1.65 -27.99 -0.34
CA THR E 56 -2.73 -27.26 0.37
C THR E 56 -3.08 -25.99 -0.41
N HIS E 57 -2.07 -25.20 -0.78
CA HIS E 57 -2.29 -23.93 -1.51
C HIS E 57 -1.56 -23.97 -2.85
N GLY E 58 -0.88 -25.07 -3.16
CA GLY E 58 -0.09 -25.15 -4.40
C GLY E 58 0.99 -24.08 -4.44
N LEU E 59 1.47 -23.66 -3.27
CA LEU E 59 2.50 -22.58 -3.20
C LEU E 59 3.73 -23.09 -2.46
N ALA E 60 4.91 -22.60 -2.83
CA ALA E 60 6.15 -22.98 -2.12
C ALA E 60 6.31 -22.08 -0.89
N THR E 61 6.22 -22.65 0.32
CA THR E 61 6.29 -21.83 1.56
C THR E 61 7.26 -22.48 2.55
N SER E 62 8.54 -22.56 2.19
CA SER E 62 9.56 -23.17 3.08
C SER E 62 10.96 -22.76 2.63
N TYR E 63 11.87 -22.54 3.58
CA TYR E 63 13.27 -22.17 3.24
C TYR E 63 13.90 -23.28 2.40
N LEU E 64 13.52 -24.53 2.68
CA LEU E 64 14.06 -25.69 1.90
C LEU E 64 13.63 -25.54 0.45
N GLU E 65 12.42 -25.03 0.21
CA GLU E 65 11.92 -24.83 -1.18
C GLU E 65 12.68 -23.66 -1.83
N GLY E 66 13.31 -22.81 -1.01
CA GLY E 66 14.06 -21.66 -1.53
C GLY E 66 13.39 -20.34 -1.17
N CYS E 67 12.40 -20.38 -0.28
CA CYS E 67 11.70 -19.14 0.16
C CYS E 67 12.57 -18.38 1.16
N ASN E 68 12.38 -17.06 1.25
CA ASN E 68 13.15 -16.24 2.22
C ASN E 68 12.31 -16.06 3.49
N PHE E 69 12.81 -15.27 4.44
CA PHE E 69 12.08 -15.07 5.72
C PHE E 69 10.70 -14.46 5.44
N LEU E 70 10.63 -13.50 4.51
CA LEU E 70 9.34 -12.81 4.23
C LEU E 70 8.37 -13.77 3.54
N THR E 71 8.84 -14.52 2.53
CA THR E 71 7.93 -15.41 1.75
C THR E 71 7.56 -16.65 2.57
N ALA E 72 8.52 -17.26 3.26
CA ALA E 72 8.26 -18.51 4.01
C ALA E 72 7.08 -18.29 4.95
N ALA E 73 6.20 -19.30 5.09
CA ALA E 73 5.00 -19.14 5.93
C ALA E 73 4.31 -20.49 6.17
N VAL E 74 3.68 -20.67 7.33
CA VAL E 74 2.90 -21.90 7.60
C VAL E 74 1.49 -21.68 7.04
N SER E 75 1.20 -22.25 5.86
CA SER E 75 -0.10 -21.99 5.19
C SER E 75 -1.24 -22.72 5.90
N THR E 76 -2.48 -22.24 5.71
CA THR E 76 -3.66 -22.90 6.34
C THR E 76 -3.94 -24.23 5.63
N PRO E 77 -4.76 -25.13 6.20
CA PRO E 77 -5.12 -26.38 5.52
C PRO E 77 -5.98 -26.11 4.29
N ALA E 78 -6.11 -27.10 3.39
CA ALA E 78 -6.93 -26.94 2.17
C ALA E 78 -8.40 -26.72 2.57
N ASN E 79 -9.15 -26.02 1.72
CA ASN E 79 -10.58 -25.70 2.03
C ASN E 79 -11.37 -27.01 2.12
N SER E 80 -10.86 -28.08 1.50
CA SER E 80 -11.54 -29.40 1.55
C SER E 80 -11.67 -29.86 3.00
N MET E 81 -10.67 -29.54 3.83
CA MET E 81 -10.69 -29.94 5.27
C MET E 81 -11.81 -29.18 5.97
N ALA E 82 -12.21 -28.02 5.44
CA ALA E 82 -13.29 -27.21 6.05
C ALA E 82 -12.85 -26.77 7.46
N HIS E 83 -13.72 -26.97 8.46
CA HIS E 83 -13.41 -26.54 9.85
C HIS E 83 -12.85 -27.73 10.65
N SER E 84 -12.33 -28.75 9.95
CA SER E 84 -11.76 -29.93 10.64
C SER E 84 -10.58 -29.50 11.52
N LEU E 85 -10.55 -29.94 12.77
CA LEU E 85 -9.43 -29.61 13.68
C LEU E 85 -8.15 -30.26 13.13
N LEU E 86 -8.29 -31.27 12.26
CA LEU E 86 -7.11 -31.90 11.61
C LEU E 86 -6.06 -32.31 12.65
N PHE E 87 -6.41 -33.24 13.55
CA PHE E 87 -5.40 -33.75 14.51
C PHE E 87 -4.46 -34.70 13.77
N VAL E 88 -3.28 -34.97 14.31
CA VAL E 88 -2.37 -35.96 13.68
C VAL E 88 -3.09 -37.31 13.65
N TRP E 89 -3.88 -37.60 14.69
CA TRP E 89 -4.65 -38.86 14.74
C TRP E 89 -6.00 -38.66 14.04
N GLY E 90 -6.25 -37.46 13.51
CA GLY E 90 -7.54 -37.15 12.87
C GLY E 90 -7.88 -38.11 11.75
N PRO E 91 -9.14 -38.11 11.24
CA PRO E 91 -9.55 -39.04 10.19
C PRO E 91 -8.85 -38.74 8.86
N GLU E 92 -8.12 -37.63 8.79
CA GLU E 92 -7.42 -37.24 7.55
C GLU E 92 -5.98 -37.77 7.58
N ALA E 93 -5.13 -37.21 8.44
CA ALA E 93 -3.71 -37.62 8.52
C ALA E 93 -3.63 -39.09 8.94
N GLN E 94 -4.57 -39.53 9.79
CA GLN E 94 -4.62 -40.96 10.22
C GLN E 94 -3.26 -41.37 10.79
N GLY E 95 -2.63 -40.48 11.57
CA GLY E 95 -1.35 -40.82 12.23
C GLY E 95 -0.17 -40.84 11.26
N ASP E 96 -0.21 -40.00 10.23
CA ASP E 96 0.94 -39.90 9.28
C ASP E 96 1.55 -38.50 9.38
N PHE E 97 2.69 -38.38 10.05
CA PHE E 97 3.33 -37.05 10.25
C PHE E 97 3.59 -36.40 8.89
N THR E 98 4.23 -37.14 7.97
CA THR E 98 4.56 -36.58 6.63
C THR E 98 3.26 -36.05 6.01
N ARG E 99 2.24 -36.89 5.91
CA ARG E 99 0.95 -36.46 5.29
C ARG E 99 0.30 -35.36 6.14
N TRP E 100 0.37 -35.48 7.46
CA TRP E 100 -0.23 -34.46 8.36
C TRP E 100 0.37 -33.10 8.02
N CYS E 101 1.68 -33.07 7.75
CA CYS E 101 2.35 -31.80 7.35
C CYS E 101 1.90 -31.43 5.93
N GLN E 102 1.80 -32.42 5.04
CA GLN E 102 1.38 -32.15 3.63
C GLN E 102 -0.08 -31.68 3.62
N LEU E 103 -0.89 -32.14 4.57
CA LEU E 103 -2.33 -31.79 4.61
C LEU E 103 -2.50 -30.42 5.29
N GLY E 104 -1.41 -29.85 5.81
CA GLY E 104 -1.47 -28.53 6.47
C GLY E 104 -1.86 -28.65 7.93
N GLY E 105 -1.53 -29.77 8.56
CA GLY E 105 -1.88 -30.00 9.98
C GLY E 105 -1.10 -29.07 10.90
N LEU E 106 0.15 -28.74 10.54
CA LEU E 106 1.00 -27.91 11.42
C LEU E 106 0.30 -26.56 11.69
N TRP E 107 -0.40 -26.01 10.69
CA TRP E 107 -1.06 -24.70 10.87
C TRP E 107 -2.04 -24.79 12.04
N ALA E 108 -2.89 -25.82 12.04
CA ALA E 108 -3.85 -26.00 13.16
C ALA E 108 -3.09 -26.23 14.46
N PHE E 109 -2.03 -27.04 14.42
CA PHE E 109 -1.22 -27.31 15.64
C PHE E 109 -0.72 -25.97 16.21
N VAL E 110 -0.08 -25.16 15.37
CA VAL E 110 0.48 -23.86 15.85
C VAL E 110 -0.65 -23.00 16.37
N ALA E 111 -1.75 -22.88 15.61
CA ALA E 111 -2.87 -22.00 16.02
C ALA E 111 -3.45 -22.47 17.35
N LEU E 112 -3.78 -23.77 17.47
CA LEU E 112 -4.42 -24.28 18.71
C LEU E 112 -3.48 -24.08 19.90
N HIS E 113 -2.23 -24.54 19.77
CA HIS E 113 -1.27 -24.43 20.90
C HIS E 113 -1.02 -22.95 21.21
N GLY E 114 -0.88 -22.12 20.17
CA GLY E 114 -0.67 -20.67 20.37
C GLY E 114 -1.85 -20.04 21.08
N ALA E 115 -3.08 -20.44 20.71
CA ALA E 115 -4.29 -19.87 21.31
C ALA E 115 -4.29 -20.15 22.81
N PHE E 116 -4.03 -21.40 23.20
CA PHE E 116 -3.98 -21.76 24.64
C PHE E 116 -2.78 -21.08 25.29
N GLY E 117 -1.70 -20.92 24.54
CA GLY E 117 -0.53 -20.19 25.07
C GLY E 117 -0.92 -18.80 25.50
N LEU E 118 -1.67 -18.08 24.65
CA LEU E 118 -2.11 -16.70 24.97
C LEU E 118 -2.96 -16.74 26.25
N ILE E 119 -3.85 -17.73 26.36
CA ILE E 119 -4.67 -17.88 27.60
C ILE E 119 -3.72 -18.04 28.78
N GLY E 120 -2.75 -18.95 28.66
CA GLY E 120 -1.77 -19.17 29.75
C GLY E 120 -1.01 -17.90 30.07
N PHE E 121 -0.64 -17.13 29.05
CA PHE E 121 0.13 -15.88 29.26
C PHE E 121 -0.71 -14.90 30.09
N MET E 122 -1.98 -14.72 29.71
CA MET E 122 -2.88 -13.80 30.46
C MET E 122 -3.04 -14.32 31.88
N LEU E 123 -3.18 -15.63 32.04
CA LEU E 123 -3.30 -16.24 33.40
C LEU E 123 -2.01 -15.95 34.18
N ARG E 124 -0.86 -16.03 33.52
CA ARG E 124 0.44 -15.72 34.18
C ARG E 124 0.39 -14.28 34.68
N GLN E 125 -0.14 -13.36 33.87
CA GLN E 125 -0.22 -11.93 34.26
C GLN E 125 -1.00 -11.82 35.57
N PHE E 126 -2.17 -12.49 35.64
CA PHE E 126 -2.98 -12.46 36.89
C PHE E 126 -2.19 -13.09 38.03
N GLU E 127 -1.55 -14.24 37.77
CA GLU E 127 -0.79 -14.96 38.83
C GLU E 127 0.30 -14.04 39.40
N ILE E 128 1.18 -13.53 38.54
CA ILE E 128 2.30 -12.67 39.00
C ILE E 128 1.71 -11.45 39.74
N ALA E 129 0.70 -10.82 39.16
CA ALA E 129 0.10 -9.60 39.76
C ALA E 129 -0.43 -9.93 41.16
N ARG E 130 -1.10 -11.08 41.31
CA ARG E 130 -1.69 -11.46 42.62
C ARG E 130 -0.55 -11.65 43.63
N SER E 131 0.55 -12.27 43.21
CA SER E 131 1.72 -12.48 44.11
C SER E 131 2.30 -11.11 44.48
N VAL E 132 2.35 -10.18 43.53
CA VAL E 132 2.90 -8.82 43.78
C VAL E 132 1.84 -7.98 44.49
N ASN E 133 0.61 -8.53 44.62
CA ASN E 133 -0.48 -7.79 45.32
C ASN E 133 -0.75 -6.48 44.59
N LEU E 134 -0.88 -6.52 43.26
CA LEU E 134 -1.18 -5.29 42.47
C LEU E 134 -2.38 -5.57 41.54
N ARG E 135 -3.21 -4.56 41.29
CA ARG E 135 -4.36 -4.72 40.38
C ARG E 135 -3.85 -5.23 39.03
N PRO E 136 -4.47 -6.26 38.42
CA PRO E 136 -3.96 -6.84 37.17
C PRO E 136 -4.43 -6.06 35.93
N TYR E 137 -4.12 -4.75 35.89
CA TYR E 137 -4.51 -3.92 34.72
C TYR E 137 -3.81 -4.45 33.47
N ASN E 138 -2.57 -4.93 33.61
CA ASN E 138 -1.79 -5.45 32.45
C ASN E 138 -2.55 -6.62 31.82
N ALA E 139 -3.04 -7.55 32.65
CA ALA E 139 -3.79 -8.71 32.13
C ALA E 139 -5.05 -8.23 31.40
N ILE E 140 -5.80 -7.33 32.03
CA ILE E 140 -7.03 -6.78 31.41
C ILE E 140 -6.65 -6.14 30.06
N ALA E 141 -5.48 -5.52 29.99
CA ALA E 141 -5.02 -4.88 28.73
C ALA E 141 -4.66 -5.95 27.70
N PHE E 142 -4.23 -7.13 28.16
CA PHE E 142 -3.81 -8.21 27.23
C PHE E 142 -5.06 -8.85 26.61
N SER E 143 -6.25 -8.46 27.08
CA SER E 143 -7.51 -8.99 26.50
C SER E 143 -7.64 -8.53 25.05
N ALA E 144 -7.22 -7.31 24.74
CA ALA E 144 -7.35 -6.77 23.37
C ALA E 144 -6.56 -7.63 22.37
N PRO E 145 -5.27 -7.94 22.61
CA PRO E 145 -4.52 -8.83 21.72
C PRO E 145 -5.22 -10.18 21.54
N ILE E 146 -5.66 -10.79 22.66
CA ILE E 146 -6.32 -12.12 22.60
C ILE E 146 -7.61 -12.01 21.77
N ALA E 147 -8.38 -10.93 21.99
CA ALA E 147 -9.65 -10.73 21.23
C ALA E 147 -9.34 -10.68 19.74
N VAL E 148 -8.31 -9.91 19.35
CA VAL E 148 -7.93 -9.80 17.91
C VAL E 148 -7.60 -11.19 17.38
N PHE E 149 -6.78 -11.95 18.11
CA PHE E 149 -6.36 -13.29 17.64
C PHE E 149 -7.60 -14.18 17.45
N VAL E 150 -8.48 -14.22 18.45
CA VAL E 150 -9.67 -15.12 18.39
C VAL E 150 -10.55 -14.71 17.20
N SER E 151 -10.82 -13.41 17.06
CA SER E 151 -11.74 -12.95 15.99
C SER E 151 -11.14 -13.17 14.60
N VAL E 152 -9.82 -12.98 14.46
CA VAL E 152 -9.19 -13.07 13.11
C VAL E 152 -8.74 -14.50 12.81
N PHE E 153 -8.35 -15.27 13.83
CA PHE E 153 -7.79 -16.62 13.57
C PHE E 153 -8.79 -17.73 13.92
N LEU E 154 -9.98 -17.37 14.43
CA LEU E 154 -10.96 -18.40 14.86
C LEU E 154 -12.36 -18.03 14.37
N ILE E 155 -12.93 -16.95 14.92
CA ILE E 155 -14.33 -16.54 14.56
C ILE E 155 -14.43 -16.42 13.04
N TYR E 156 -13.57 -15.61 12.41
CA TYR E 156 -13.66 -15.38 10.95
C TYR E 156 -13.57 -16.71 10.20
N PRO E 157 -12.49 -17.50 10.38
CA PRO E 157 -12.34 -18.77 9.67
C PRO E 157 -13.58 -19.64 9.86
N LEU E 158 -14.13 -19.68 11.08
CA LEU E 158 -15.32 -20.52 11.37
C LEU E 158 -16.53 -19.96 10.62
N GLY E 159 -16.67 -18.64 10.56
CA GLY E 159 -17.81 -18.01 9.85
C GLY E 159 -17.73 -18.26 8.36
N GLN E 160 -16.52 -18.44 7.83
CA GLN E 160 -16.33 -18.66 6.38
C GLN E 160 -16.40 -20.17 6.08
N SER E 161 -15.92 -20.58 4.90
CA SER E 161 -16.01 -22.02 4.50
C SER E 161 -15.16 -22.89 5.44
N GLY E 162 -13.87 -22.58 5.57
CA GLY E 162 -12.98 -23.41 6.40
C GLY E 162 -11.74 -22.67 6.84
N TRP E 163 -10.82 -23.37 7.52
CA TRP E 163 -9.57 -22.74 8.01
C TRP E 163 -8.76 -22.21 6.82
N PHE E 164 -9.09 -22.66 5.61
CA PHE E 164 -8.34 -22.22 4.41
C PHE E 164 -8.38 -20.69 4.32
N PHE E 165 -9.54 -20.10 4.58
CA PHE E 165 -9.69 -18.62 4.52
C PHE E 165 -9.34 -18.02 5.88
N ALA E 166 -8.19 -18.41 6.43
CA ALA E 166 -7.74 -17.84 7.73
C ALA E 166 -6.30 -17.31 7.55
N PRO E 167 -5.83 -16.38 8.40
CA PRO E 167 -4.50 -15.81 8.22
C PRO E 167 -3.43 -16.90 8.35
N SER E 168 -2.62 -17.09 7.31
CA SER E 168 -1.50 -18.07 7.38
C SER E 168 -0.34 -17.44 8.17
N PHE E 169 0.40 -18.25 8.93
CA PHE E 169 1.48 -17.70 9.78
C PHE E 169 2.69 -17.35 8.91
N GLY E 170 2.66 -16.16 8.29
CA GLY E 170 3.78 -15.71 7.45
C GLY E 170 3.67 -14.24 7.09
N VAL E 171 4.80 -13.57 6.85
CA VAL E 171 4.79 -12.12 6.54
C VAL E 171 3.97 -11.89 5.27
N ALA E 172 4.34 -12.56 4.18
CA ALA E 172 3.61 -12.40 2.89
C ALA E 172 2.19 -12.92 3.04
N ALA E 173 2.01 -14.02 3.80
CA ALA E 173 0.67 -14.61 3.99
C ALA E 173 -0.25 -13.57 4.64
N ILE E 174 0.22 -12.89 5.68
CA ILE E 174 -0.60 -11.84 6.36
C ILE E 174 -0.90 -10.74 5.34
N PHE E 175 0.08 -10.41 4.49
CA PHE E 175 -0.11 -9.31 3.50
C PHE E 175 -1.26 -9.66 2.55
N ARG E 176 -1.27 -10.89 2.02
CA ARG E 176 -2.33 -11.30 1.07
C ARG E 176 -3.66 -11.34 1.81
N PHE E 177 -3.65 -11.75 3.08
CA PHE E 177 -4.90 -11.75 3.90
C PHE E 177 -5.44 -10.33 3.98
N ILE E 178 -4.53 -9.36 4.23
CA ILE E 178 -4.95 -7.93 4.32
C ILE E 178 -5.55 -7.49 2.99
N LEU E 179 -4.86 -7.79 1.88
CA LEU E 179 -5.34 -7.35 0.54
C LEU E 179 -6.68 -8.03 0.24
N PHE E 180 -6.82 -9.31 0.58
CA PHE E 180 -8.09 -10.05 0.34
C PHE E 180 -9.25 -9.30 1.00
N PHE E 181 -9.06 -8.87 2.25
CA PHE E 181 -10.16 -8.22 3.00
C PHE E 181 -10.60 -6.94 2.28
N GLN E 182 -9.63 -6.17 1.77
CA GLN E 182 -9.97 -4.91 1.05
C GLN E 182 -10.77 -5.23 -0.21
N GLY E 183 -10.29 -6.20 -1.01
CA GLY E 183 -10.96 -6.54 -2.27
C GLY E 183 -12.33 -7.15 -2.07
N PHE E 184 -12.49 -7.99 -1.04
CA PHE E 184 -13.77 -8.71 -0.86
C PHE E 184 -14.63 -8.05 0.25
N HIS E 185 -14.02 -7.71 1.38
CA HIS E 185 -14.81 -7.19 2.53
C HIS E 185 -14.78 -5.65 2.57
N ASN E 186 -13.89 -5.01 1.80
CA ASN E 186 -13.75 -3.53 1.90
C ASN E 186 -13.54 -3.19 3.38
N TRP E 187 -12.57 -3.84 4.03
CA TRP E 187 -12.31 -3.64 5.47
C TRP E 187 -12.07 -2.16 5.78
N THR E 188 -11.43 -1.43 4.87
CA THR E 188 -11.10 0.00 5.13
C THR E 188 -12.39 0.80 5.39
N LEU E 189 -13.44 0.57 4.59
CA LEU E 189 -14.69 1.36 4.75
C LEU E 189 -15.39 0.99 6.05
N ASN E 190 -15.10 -0.19 6.61
CA ASN E 190 -15.80 -0.65 7.84
C ASN E 190 -15.53 0.37 8.96
N PRO E 191 -16.58 0.90 9.63
CA PRO E 191 -16.40 1.91 10.69
C PRO E 191 -15.61 1.35 11.87
N PHE E 192 -15.80 0.07 12.20
CA PHE E 192 -15.12 -0.54 13.36
C PHE E 192 -13.60 -0.55 13.13
N HIS E 193 -13.16 -0.91 11.92
CA HIS E 193 -11.71 -0.86 11.60
C HIS E 193 -11.23 0.58 11.75
N MET E 194 -12.03 1.53 11.26
CA MET E 194 -11.65 2.97 11.35
C MET E 194 -11.36 3.32 12.81
N MET E 195 -12.24 2.94 13.73
CA MET E 195 -12.03 3.21 15.18
C MET E 195 -10.76 2.48 15.64
N GLY E 196 -10.54 1.26 15.16
CA GLY E 196 -9.33 0.50 15.52
C GLY E 196 -8.07 1.21 15.07
N VAL E 197 -8.04 1.68 13.83
CA VAL E 197 -6.85 2.43 13.30
C VAL E 197 -6.63 3.66 14.18
N ALA E 198 -7.71 4.36 14.53
CA ALA E 198 -7.61 5.56 15.39
C ALA E 198 -6.90 5.18 16.69
N GLY E 199 -7.29 4.05 17.31
CA GLY E 199 -6.68 3.62 18.58
C GLY E 199 -5.19 3.37 18.44
N VAL E 200 -4.78 2.63 17.40
CA VAL E 200 -3.34 2.29 17.21
C VAL E 200 -2.56 3.58 16.97
N LEU E 201 -3.05 4.45 16.08
CA LEU E 201 -2.35 5.73 15.78
C LEU E 201 -2.39 6.61 17.03
N GLY E 202 -3.52 6.64 17.73
CA GLY E 202 -3.66 7.46 18.95
C GLY E 202 -2.71 6.96 20.04
N ALA E 203 -2.63 5.65 20.22
CA ALA E 203 -1.75 5.07 21.26
C ALA E 203 -0.29 5.41 20.92
N ALA E 204 0.09 5.29 19.65
CA ALA E 204 1.47 5.63 19.22
C ALA E 204 1.74 7.10 19.54
N LEU E 205 0.78 7.98 19.23
CA LEU E 205 0.95 9.43 19.53
C LEU E 205 1.16 9.58 21.04
N LEU E 206 0.30 8.94 21.84
CA LEU E 206 0.40 9.06 23.32
C LEU E 206 1.78 8.57 23.78
N CYS E 207 2.21 7.40 23.29
CA CYS E 207 3.51 6.83 23.73
C CYS E 207 4.62 7.83 23.41
N ALA E 208 4.70 8.30 22.17
CA ALA E 208 5.76 9.24 21.76
C ALA E 208 5.65 10.55 22.56
N ILE E 209 4.46 11.16 22.59
CA ILE E 209 4.29 12.48 23.28
C ILE E 209 4.68 12.33 24.76
N HIS E 210 4.25 11.24 25.40
CA HIS E 210 4.52 11.06 26.86
C HIS E 210 6.02 10.95 27.09
N GLY E 211 6.70 10.10 26.32
CA GLY E 211 8.17 9.94 26.45
C GLY E 211 8.88 11.26 26.21
N ALA E 212 8.51 11.97 25.14
CA ALA E 212 9.16 13.25 24.80
C ALA E 212 8.92 14.25 25.93
N THR E 213 7.66 14.45 26.32
CA THR E 213 7.32 15.43 27.38
C THR E 213 8.14 15.12 28.64
N VAL E 214 8.03 13.91 29.17
CA VAL E 214 8.73 13.55 30.43
C VAL E 214 10.24 13.75 30.24
N GLU E 215 10.80 13.25 29.15
CA GLU E 215 12.27 13.33 28.93
C GLU E 215 12.69 14.79 28.66
N ASN E 216 11.73 15.68 28.42
CA ASN E 216 12.06 17.10 28.08
C ASN E 216 11.66 18.02 29.24
N THR E 217 10.91 17.50 30.22
CA THR E 217 10.54 18.31 31.41
C THR E 217 11.30 17.79 32.62
N LEU E 218 12.28 16.91 32.40
CA LEU E 218 13.08 16.32 33.51
C LEU E 218 13.73 17.43 34.34
N PHE E 219 13.84 17.23 35.66
CA PHE E 219 14.53 18.22 36.52
C PHE E 219 16.04 17.97 36.44
N GLU E 220 16.85 18.99 36.72
CA GLU E 220 18.32 18.82 36.72
C GLU E 220 18.75 18.20 38.06
N ASP E 221 18.77 16.87 38.14
CA ASP E 221 19.14 16.18 39.40
C ASP E 221 20.56 15.61 39.25
N GLY E 222 21.34 16.14 38.30
CA GLY E 222 22.72 15.65 38.08
C GLY E 222 23.63 16.77 37.60
N ASP E 223 24.95 16.53 37.63
CA ASP E 223 25.93 17.56 37.22
C ASP E 223 26.65 17.11 35.94
N GLY E 224 25.98 16.30 35.11
CA GLY E 224 26.60 15.80 33.86
C GLY E 224 25.67 15.94 32.67
N ALA E 225 26.23 15.92 31.46
CA ALA E 225 25.39 15.99 30.24
C ALA E 225 24.36 14.84 30.26
N ASN E 226 24.83 13.61 30.49
CA ASN E 226 23.93 12.43 30.51
C ASN E 226 22.89 12.59 31.63
N THR E 227 21.63 12.84 31.27
CA THR E 227 20.55 12.99 32.29
C THR E 227 20.17 11.61 32.85
N PHE E 228 20.33 10.55 32.05
CA PHE E 228 19.92 9.18 32.49
C PHE E 228 20.66 8.83 33.78
N ARG E 229 21.93 9.24 33.89
CA ARG E 229 22.72 8.96 35.12
C ARG E 229 22.05 9.61 36.33
N ALA E 230 21.45 10.79 36.15
CA ALA E 230 20.86 11.53 37.29
C ALA E 230 19.47 10.98 37.65
N PHE E 231 19.38 9.72 38.07
CA PHE E 231 18.09 9.15 38.51
C PHE E 231 18.33 8.06 39.55
N ASN E 232 17.49 8.02 40.59
CA ASN E 232 17.61 6.96 41.63
C ASN E 232 16.42 6.01 41.51
N PRO E 233 16.64 4.68 41.38
CA PRO E 233 15.53 3.74 41.19
C PRO E 233 14.52 3.83 42.33
N THR E 234 14.98 4.16 43.54
CA THR E 234 14.07 4.24 44.71
C THR E 234 13.82 5.71 45.08
N GLN E 235 13.88 6.61 44.09
CA GLN E 235 13.58 8.04 44.35
C GLN E 235 12.08 8.21 44.60
N ALA E 236 11.70 9.22 45.40
CA ALA E 236 10.27 9.46 45.69
C ALA E 236 9.77 10.61 44.80
N GLU E 237 10.55 11.69 44.71
CA GLU E 237 10.13 12.88 43.91
C GLU E 237 10.06 12.48 42.44
N GLU E 238 9.10 13.05 41.70
CA GLU E 238 9.00 12.77 40.23
C GLU E 238 10.23 13.35 39.53
N THR E 239 10.80 12.61 38.58
CA THR E 239 12.03 13.07 37.88
C THR E 239 11.70 14.24 36.95
N TYR E 240 10.43 14.41 36.57
CA TYR E 240 10.07 15.49 35.61
C TYR E 240 9.02 16.42 36.22
N SER E 241 8.81 17.58 35.61
CA SER E 241 7.84 18.58 36.16
C SER E 241 6.48 18.44 35.48
N MET E 242 5.50 17.85 36.18
CA MET E 242 4.12 17.74 35.63
C MET E 242 3.59 19.14 35.35
N VAL E 243 3.86 20.09 36.26
CA VAL E 243 3.39 21.49 36.10
C VAL E 243 3.92 22.04 34.77
N THR E 244 5.24 22.11 34.61
CA THR E 244 5.84 22.68 33.37
C THR E 244 5.19 22.01 32.15
N ALA E 245 5.10 20.68 32.17
CA ALA E 245 4.48 19.94 31.04
C ALA E 245 3.05 20.42 30.83
N ASN E 246 2.28 20.55 31.91
CA ASN E 246 0.85 20.97 31.79
C ASN E 246 0.77 22.31 31.08
N ARG E 247 1.56 23.30 31.52
CA ARG E 247 1.49 24.66 30.93
C ARG E 247 1.87 24.58 29.45
N PHE E 248 2.94 23.86 29.12
CA PHE E 248 3.42 23.79 27.72
C PHE E 248 2.28 23.32 26.82
N TRP E 249 1.67 22.18 27.15
CA TRP E 249 0.60 21.61 26.28
C TRP E 249 -0.68 22.46 26.38
N SER E 250 -0.91 23.09 27.53
CA SER E 250 -2.09 23.97 27.70
C SER E 250 -2.00 25.15 26.73
N GLN E 251 -0.77 25.60 26.42
CA GLN E 251 -0.60 26.77 25.52
C GLN E 251 -0.36 26.30 24.08
N ILE E 252 0.35 25.19 23.91
CA ILE E 252 0.68 24.68 22.54
C ILE E 252 -0.54 23.98 21.94
N PHE E 253 -1.22 23.12 22.71
CA PHE E 253 -2.35 22.33 22.15
C PHE E 253 -3.69 22.88 22.65
N GLY E 254 -3.67 23.65 23.74
CA GLY E 254 -4.91 24.23 24.28
C GLY E 254 -5.47 23.40 25.42
N VAL E 255 -5.12 22.12 25.49
CA VAL E 255 -5.57 21.24 26.61
C VAL E 255 -4.38 20.38 27.05
N ALA E 256 -4.39 19.90 28.30
CA ALA E 256 -3.25 19.11 28.81
C ALA E 256 -3.69 18.31 30.04
N PHE E 257 -3.13 17.10 30.21
CA PHE E 257 -3.46 16.26 31.39
C PHE E 257 -2.94 16.95 32.66
N SER E 258 -3.70 16.85 33.77
CA SER E 258 -3.24 17.43 35.06
C SER E 258 -3.10 16.30 36.08
N ASN E 259 -3.61 15.10 35.76
CA ASN E 259 -3.49 13.94 36.67
C ASN E 259 -2.64 12.86 36.00
N LYS E 260 -1.49 12.52 36.59
CA LYS E 260 -0.61 11.47 36.02
C LYS E 260 -1.42 10.18 35.89
N ARG E 261 -2.17 9.82 36.92
CA ARG E 261 -3.02 8.59 36.87
C ARG E 261 -3.87 8.63 35.61
N TRP E 262 -4.72 9.65 35.47
CA TRP E 262 -5.63 9.72 34.30
C TRP E 262 -4.82 9.58 33.01
N LEU E 263 -3.68 10.28 32.94
CA LEU E 263 -2.83 10.23 31.71
C LEU E 263 -2.52 8.76 31.38
N HIS E 264 -1.95 8.02 32.34
CA HIS E 264 -1.56 6.61 32.08
C HIS E 264 -2.79 5.73 31.84
N PHE E 265 -3.86 5.95 32.61
CA PHE E 265 -5.11 5.18 32.37
C PHE E 265 -5.57 5.44 30.93
N PHE E 266 -5.45 6.68 30.47
CA PHE E 266 -5.83 7.02 29.07
C PHE E 266 -4.86 6.32 28.11
N MET E 267 -3.58 6.22 28.49
CA MET E 267 -2.56 5.60 27.62
C MET E 267 -2.89 4.12 27.40
N LEU E 268 -3.52 3.47 28.38
CA LEU E 268 -3.83 2.02 28.27
C LEU E 268 -5.25 1.83 27.71
N LEU E 269 -6.14 2.79 27.94
CA LEU E 269 -7.55 2.65 27.49
C LEU E 269 -7.61 2.80 25.97
N VAL E 270 -6.95 3.82 25.42
CA VAL E 270 -7.02 4.10 23.95
C VAL E 270 -6.69 2.83 23.17
N PRO E 271 -5.52 2.20 23.35
CA PRO E 271 -5.13 1.04 22.53
C PRO E 271 -6.10 -0.14 22.72
N VAL E 272 -6.44 -0.47 23.96
CA VAL E 272 -7.34 -1.62 24.24
C VAL E 272 -8.69 -1.39 23.56
N THR E 273 -9.27 -0.19 23.74
CA THR E 273 -10.58 0.13 23.13
C THR E 273 -10.51 -0.09 21.62
N GLY E 274 -9.48 0.47 20.96
CA GLY E 274 -9.38 0.35 19.49
C GLY E 274 -9.36 -1.09 19.03
N LEU E 275 -8.54 -1.93 19.67
CA LEU E 275 -8.41 -3.35 19.23
C LEU E 275 -9.77 -4.03 19.33
N TRP E 276 -10.47 -3.82 20.45
CA TRP E 276 -11.79 -4.49 20.66
C TRP E 276 -12.78 -4.04 19.57
N MET E 277 -12.74 -2.76 19.20
CA MET E 277 -13.65 -2.24 18.14
C MET E 277 -13.39 -3.01 16.83
N SER E 278 -12.12 -3.09 16.42
CA SER E 278 -11.77 -3.79 15.15
C SER E 278 -12.19 -5.26 15.23
N ALA E 279 -12.07 -5.86 16.41
CA ALA E 279 -12.46 -7.28 16.60
C ALA E 279 -13.94 -7.45 16.26
N ILE E 280 -14.79 -6.53 16.74
CA ILE E 280 -16.25 -6.60 16.44
C ILE E 280 -16.45 -6.52 14.92
N GLY E 281 -15.71 -5.64 14.26
CA GLY E 281 -15.80 -5.52 12.79
C GLY E 281 -15.45 -6.84 12.11
N VAL E 282 -14.39 -7.50 12.57
CA VAL E 282 -13.96 -8.80 11.98
C VAL E 282 -15.08 -9.83 12.20
N VAL E 283 -15.76 -9.75 13.34
CA VAL E 283 -16.91 -10.68 13.61
C VAL E 283 -17.93 -10.52 12.48
N GLY E 284 -18.24 -9.27 12.10
CA GLY E 284 -19.20 -9.03 11.02
C GLY E 284 -18.71 -9.61 9.71
N LEU E 285 -17.42 -9.43 9.39
CA LEU E 285 -16.84 -9.96 8.12
C LEU E 285 -16.97 -11.48 8.10
N ALA E 286 -16.75 -12.13 9.25
CA ALA E 286 -16.90 -13.61 9.33
C ALA E 286 -18.24 -14.00 8.72
N LEU E 287 -19.30 -13.26 9.03
CA LEU E 287 -20.66 -13.58 8.51
C LEU E 287 -20.89 -12.83 7.19
N ASN E 288 -19.85 -12.16 6.68
CA ASN E 288 -19.96 -11.41 5.39
C ASN E 288 -20.82 -10.17 5.59
N LEU E 289 -21.21 -9.85 6.83
CA LEU E 289 -21.96 -8.60 7.10
C LEU E 289 -20.94 -7.46 7.08
N ARG E 290 -20.75 -6.82 5.93
CA ARG E 290 -19.70 -5.77 5.81
C ARG E 290 -20.29 -4.46 5.29
N ALA E 291 -19.67 -3.33 5.60
CA ALA E 291 -20.11 -2.04 5.02
C ALA E 291 -19.43 -1.88 3.67
N TYR E 292 -19.76 -2.76 2.71
CA TYR E 292 -19.06 -2.73 1.40
C TYR E 292 -19.29 -1.41 0.67
N ASP E 293 -20.55 -0.96 0.58
CA ASP E 293 -20.82 0.26 -0.23
C ASP E 293 -22.08 0.98 0.24
N PHE E 294 -22.22 2.27 -0.08
CA PHE E 294 -23.44 3.04 0.27
C PHE E 294 -24.42 2.95 -0.89
N VAL E 295 -25.59 2.34 -0.67
CA VAL E 295 -26.57 2.14 -1.78
C VAL E 295 -26.97 3.50 -2.37
N SER E 296 -27.09 4.53 -1.53
CA SER E 296 -27.54 5.86 -2.01
C SER E 296 -26.67 6.34 -3.18
N GLN E 297 -25.34 6.27 -3.01
CA GLN E 297 -24.42 6.75 -4.08
C GLN E 297 -24.40 5.72 -5.21
N GLU E 298 -24.50 4.43 -4.89
CA GLU E 298 -24.52 3.35 -5.92
C GLU E 298 -25.69 3.60 -6.88
N ILE E 299 -26.88 3.88 -6.33
CA ILE E 299 -28.08 4.13 -7.18
C ILE E 299 -27.84 5.38 -8.00
N ARG E 300 -27.32 6.45 -7.39
CA ARG E 300 -27.10 7.72 -8.12
C ARG E 300 -26.10 7.50 -9.25
N ALA E 301 -25.00 6.78 -8.98
CA ALA E 301 -23.97 6.56 -10.01
C ALA E 301 -24.57 5.77 -11.18
N ALA E 302 -25.42 4.78 -10.89
CA ALA E 302 -26.04 3.96 -11.94
C ALA E 302 -26.97 4.83 -12.79
N GLU E 303 -27.85 5.60 -12.13
CA GLU E 303 -28.83 6.44 -12.87
C GLU E 303 -28.09 7.61 -13.53
N ASP E 304 -27.18 8.26 -12.81
CA ASP E 304 -26.39 9.40 -13.36
C ASP E 304 -24.99 8.91 -13.71
N PRO E 305 -24.67 8.58 -14.98
CA PRO E 305 -23.35 8.03 -15.33
C PRO E 305 -22.21 8.97 -14.92
N GLU E 306 -22.38 10.28 -15.14
CA GLU E 306 -21.29 11.26 -14.87
C GLU E 306 -20.92 11.24 -13.38
N PHE E 307 -21.91 11.21 -12.49
CA PHE E 307 -21.64 11.26 -11.02
C PHE E 307 -20.51 10.30 -10.68
N GLU E 308 -19.49 10.76 -9.93
CA GLU E 308 -18.35 9.89 -9.55
C GLU E 308 -17.72 10.40 -8.25
N THR E 309 -17.28 9.49 -7.38
CA THR E 309 -16.61 9.89 -6.11
C THR E 309 -15.46 8.90 -5.83
N PHE E 310 -14.54 9.25 -4.95
CA PHE E 310 -13.43 8.33 -4.58
C PHE E 310 -14.03 7.00 -4.12
N TYR E 311 -15.22 7.06 -3.52
CA TYR E 311 -15.90 5.82 -3.03
C TYR E 311 -16.18 4.90 -4.22
N THR E 312 -16.76 5.45 -5.29
CA THR E 312 -17.06 4.64 -6.50
C THR E 312 -15.74 4.11 -7.09
N LYS E 313 -14.71 4.94 -7.10
CA LYS E 313 -13.39 4.54 -7.67
C LYS E 313 -12.84 3.34 -6.89
N ASN E 314 -12.94 3.39 -5.56
CA ASN E 314 -12.42 2.28 -4.72
C ASN E 314 -13.22 1.00 -5.00
N ILE E 315 -14.52 1.14 -5.24
CA ILE E 315 -15.38 -0.04 -5.55
C ILE E 315 -14.79 -0.76 -6.77
N LEU E 316 -14.44 0.00 -7.82
CA LEU E 316 -13.89 -0.61 -9.06
C LEU E 316 -12.59 -1.35 -8.73
N LEU E 317 -11.71 -0.73 -7.95
CA LEU E 317 -10.43 -1.39 -7.56
C LEU E 317 -10.73 -2.74 -6.92
N ASN E 318 -11.61 -2.76 -5.91
CA ASN E 318 -11.99 -4.03 -5.23
C ASN E 318 -12.41 -5.04 -6.30
N GLU E 319 -13.18 -4.60 -7.31
CA GLU E 319 -13.67 -5.52 -8.36
C GLU E 319 -12.48 -6.17 -9.07
N GLY E 320 -11.43 -5.39 -9.36
CA GLY E 320 -10.24 -5.94 -10.01
C GLY E 320 -9.50 -6.91 -9.11
N ILE E 321 -9.29 -6.52 -7.84
CA ILE E 321 -8.54 -7.40 -6.89
C ILE E 321 -9.21 -8.77 -6.86
N ARG E 322 -10.55 -8.81 -6.72
CA ARG E 322 -11.26 -10.11 -6.60
C ARG E 322 -11.10 -10.92 -7.90
N ALA E 323 -11.28 -10.27 -9.06
CA ALA E 323 -11.24 -11.00 -10.35
C ALA E 323 -9.81 -11.40 -10.71
N TRP E 324 -8.80 -10.65 -10.28
CA TRP E 324 -7.40 -10.93 -10.71
C TRP E 324 -6.62 -11.67 -9.62
N MET E 325 -7.31 -12.35 -8.69
CA MET E 325 -6.60 -13.14 -7.65
C MET E 325 -7.43 -14.38 -7.31
N ALA E 326 -8.74 -14.34 -7.56
CA ALA E 326 -9.63 -15.48 -7.18
C ALA E 326 -9.11 -16.79 -7.78
N ALA E 327 -8.66 -16.76 -9.03
CA ALA E 327 -8.24 -18.02 -9.71
C ALA E 327 -7.21 -18.77 -8.86
N GLN E 328 -6.23 -18.05 -8.30
CA GLN E 328 -5.15 -18.71 -7.52
C GLN E 328 -5.47 -18.67 -6.03
N ASP E 329 -5.85 -17.50 -5.51
CA ASP E 329 -6.15 -17.36 -4.05
C ASP E 329 -7.16 -18.43 -3.64
N GLN E 330 -8.08 -18.79 -4.52
CA GLN E 330 -9.13 -19.79 -4.20
C GLN E 330 -9.06 -20.94 -5.21
N PRO E 331 -8.09 -21.88 -5.11
CA PRO E 331 -7.94 -22.94 -6.11
C PRO E 331 -9.10 -23.93 -6.04
N HIS E 332 -9.70 -24.10 -4.86
CA HIS E 332 -10.84 -25.03 -4.69
C HIS E 332 -11.97 -24.60 -5.63
N GLU E 333 -12.17 -23.30 -5.82
CA GLU E 333 -13.24 -22.78 -6.70
C GLU E 333 -12.97 -23.23 -8.13
N ARG E 334 -11.71 -23.54 -8.46
CA ARG E 334 -11.35 -24.02 -9.82
C ARG E 334 -11.96 -23.06 -10.85
N LEU E 335 -11.68 -21.75 -10.72
CA LEU E 335 -12.29 -20.74 -11.62
C LEU E 335 -11.32 -20.40 -12.75
N VAL E 336 -11.64 -20.79 -13.98
CA VAL E 336 -10.80 -20.43 -15.15
C VAL E 336 -11.46 -19.24 -15.88
N PHE E 337 -10.98 -18.02 -15.61
CA PHE E 337 -11.61 -16.82 -16.21
C PHE E 337 -10.92 -16.49 -17.55
N PRO E 338 -11.60 -16.59 -18.71
CA PRO E 338 -11.00 -16.18 -19.98
C PRO E 338 -10.51 -14.73 -19.80
N GLU E 339 -9.35 -14.39 -20.37
CA GLU E 339 -8.77 -13.04 -20.19
C GLU E 339 -9.81 -11.98 -20.55
N GLU E 340 -10.66 -12.27 -21.54
CA GLU E 340 -11.65 -11.26 -22.01
C GLU E 340 -12.66 -10.96 -20.90
N VAL E 341 -12.96 -11.94 -20.05
CA VAL E 341 -14.00 -11.73 -18.99
C VAL E 341 -13.40 -10.87 -17.87
N LEU E 342 -12.08 -10.94 -17.68
CA LEU E 342 -11.42 -10.18 -16.58
C LEU E 342 -11.60 -8.68 -16.81
N PRO E 343 -11.89 -7.86 -15.78
CA PRO E 343 -12.04 -6.42 -15.95
C PRO E 343 -10.69 -5.70 -16.06
N ARG E 344 -10.40 -5.14 -17.24
CA ARG E 344 -9.13 -4.39 -17.44
C ARG E 344 -9.45 -2.98 -17.95
N GLY E 345 -8.74 -1.97 -17.45
CA GLY E 345 -8.98 -0.58 -17.90
C GLY E 345 -8.31 -0.29 -19.23
N ASN E 346 -8.50 0.92 -19.76
CA ASN E 346 -7.90 1.30 -21.07
C ASN E 346 -6.38 1.10 -21.01
N ALA E 347 -5.78 0.58 -22.07
CA ALA E 347 -4.32 0.31 -22.11
C ALA E 347 -3.95 -0.61 -20.95
N LEU E 348 -2.83 -0.34 -20.27
CA LEU E 348 -2.38 -1.18 -19.14
C LEU E 348 -2.51 -2.65 -19.53
N ARG F 1 25.93 -18.65 38.47
CA ARG F 1 27.00 -17.93 37.74
C ARG F 1 26.38 -16.98 36.72
N PRO F 2 26.72 -15.67 36.69
CA PRO F 2 26.21 -14.77 35.67
C PRO F 2 26.52 -15.33 34.28
N PHE F 3 25.67 -15.05 33.30
CA PHE F 3 25.93 -15.51 31.91
C PHE F 3 27.33 -15.03 31.50
N SER F 4 27.69 -13.80 31.87
CA SER F 4 29.04 -13.26 31.54
C SER F 4 30.12 -14.16 32.14
N ASP F 5 29.94 -14.56 33.41
CA ASP F 5 30.93 -15.45 34.08
C ASP F 5 31.07 -16.73 33.26
N ILE F 6 29.95 -17.33 32.86
CA ILE F 6 29.98 -18.58 32.04
C ILE F 6 30.59 -18.24 30.68
N LEU F 7 30.18 -17.11 30.09
CA LEU F 7 30.70 -16.69 28.76
C LEU F 7 32.18 -16.34 28.89
N THR F 8 32.73 -16.41 30.10
CA THR F 8 34.19 -16.17 30.28
C THR F 8 34.87 -17.48 30.69
N SER F 9 34.12 -18.38 31.33
CA SER F 9 34.69 -19.69 31.73
C SER F 9 35.18 -20.43 30.48
N ILE F 10 36.49 -20.49 30.27
CA ILE F 10 37.07 -21.19 29.09
C ILE F 10 36.60 -22.65 29.11
N ARG F 11 36.40 -23.20 30.32
CA ARG F 11 35.89 -24.60 30.45
C ARG F 11 34.56 -24.71 29.70
N TYR F 12 33.64 -23.77 29.95
CA TYR F 12 32.33 -23.79 29.25
C TYR F 12 32.57 -23.81 27.74
N TRP F 13 33.51 -23.00 27.27
CA TRP F 13 33.83 -22.96 25.81
C TRP F 13 34.29 -24.35 25.36
N VAL F 14 35.20 -24.98 26.12
CA VAL F 14 35.69 -26.34 25.78
C VAL F 14 34.51 -27.30 25.76
N ILE F 15 33.61 -27.19 26.74
CA ILE F 15 32.43 -28.10 26.83
C ILE F 15 31.61 -27.97 25.55
N HIS F 16 31.50 -26.76 25.00
CA HIS F 16 30.67 -26.53 23.80
C HIS F 16 31.56 -26.46 22.55
N SER F 17 32.86 -26.75 22.71
CA SER F 17 33.80 -26.69 21.56
C SER F 17 33.54 -27.87 20.62
N ILE F 18 32.77 -28.87 21.07
CA ILE F 18 32.52 -30.09 20.24
C ILE F 18 31.01 -30.24 20.02
N THR F 19 30.22 -30.13 21.10
CA THR F 19 28.75 -30.35 21.00
C THR F 19 28.16 -29.36 19.99
N VAL F 20 28.47 -28.07 20.12
CA VAL F 20 27.87 -27.05 19.22
C VAL F 20 28.26 -27.34 17.76
N PRO F 21 29.55 -27.58 17.43
CA PRO F 21 29.93 -27.95 16.08
C PRO F 21 29.12 -29.14 15.57
N ALA F 22 29.00 -30.19 16.38
CA ALA F 22 28.26 -31.41 15.97
C ALA F 22 26.81 -31.04 15.67
N LEU F 23 26.19 -30.21 16.52
CA LEU F 23 24.76 -29.84 16.32
C LEU F 23 24.60 -29.19 14.94
N PHE F 24 25.50 -28.28 14.58
CA PHE F 24 25.42 -27.60 13.26
C PHE F 24 25.65 -28.63 12.15
N ILE F 25 26.75 -29.39 12.24
CA ILE F 25 27.08 -30.41 11.20
C ILE F 25 25.84 -31.29 10.98
N ALA F 26 25.26 -31.80 12.07
CA ALA F 26 24.08 -32.69 11.95
C ALA F 26 23.01 -32.00 11.11
N GLY F 27 22.74 -30.72 11.38
CA GLY F 27 21.75 -29.95 10.61
C GLY F 27 22.10 -29.94 9.14
N TRP F 28 23.37 -29.67 8.81
CA TRP F 28 23.82 -29.66 7.40
C TRP F 28 23.61 -31.05 6.79
N LEU F 29 24.08 -32.09 7.48
CA LEU F 29 23.96 -33.48 6.95
C LEU F 29 22.47 -33.81 6.77
N PHE F 30 21.64 -33.44 7.74
CA PHE F 30 20.18 -33.72 7.66
C PHE F 30 19.67 -33.33 6.27
N VAL F 31 19.88 -32.07 5.88
CA VAL F 31 19.39 -31.57 4.55
C VAL F 31 20.20 -32.23 3.43
N SER F 32 21.53 -32.25 3.56
CA SER F 32 22.39 -32.79 2.46
C SER F 32 22.01 -34.24 2.17
N THR F 33 21.77 -35.04 3.21
CA THR F 33 21.40 -36.47 3.03
C THR F 33 20.06 -36.57 2.29
N GLY F 34 19.23 -35.52 2.39
CA GLY F 34 17.90 -35.55 1.76
C GLY F 34 16.85 -36.06 2.73
N LEU F 35 17.25 -36.32 3.97
CA LEU F 35 16.30 -36.84 4.99
C LEU F 35 15.17 -35.83 5.20
N ALA F 36 15.48 -34.53 5.14
CA ALA F 36 14.46 -33.48 5.36
C ALA F 36 13.32 -33.67 4.36
N TYR F 37 13.65 -33.89 3.08
CA TYR F 37 12.61 -34.05 2.03
C TYR F 37 11.71 -35.22 2.39
N ASP F 38 12.28 -36.31 2.90
CA ASP F 38 11.49 -37.53 3.23
C ASP F 38 10.73 -37.31 4.54
N VAL F 39 11.40 -36.75 5.55
CA VAL F 39 10.76 -36.57 6.90
C VAL F 39 9.51 -35.69 6.78
N PHE F 40 9.61 -34.56 6.08
CA PHE F 40 8.47 -33.60 6.02
C PHE F 40 7.73 -33.74 4.69
N GLY F 41 8.09 -34.74 3.89
CA GLY F 41 7.42 -34.95 2.59
C GLY F 41 7.49 -33.72 1.72
N THR F 42 8.47 -32.85 1.96
CA THR F 42 8.65 -31.63 1.13
C THR F 42 9.15 -32.04 -0.25
N PRO F 43 8.43 -31.72 -1.36
CA PRO F 43 8.83 -32.15 -2.71
C PRO F 43 10.25 -31.68 -3.06
N ARG F 44 11.09 -32.57 -3.57
CA ARG F 44 12.46 -32.18 -4.01
C ARG F 44 12.35 -31.33 -5.28
N PRO F 45 13.33 -30.46 -5.59
CA PRO F 45 13.24 -29.56 -6.74
C PRO F 45 12.92 -30.28 -8.07
N ASN F 46 12.97 -31.61 -8.08
CA ASN F 46 12.75 -32.36 -9.34
C ASN F 46 11.45 -33.18 -9.28
N GLU F 47 10.66 -33.03 -8.20
CA GLU F 47 9.44 -33.88 -8.05
C GLU F 47 8.22 -33.01 -7.74
N TYR F 48 8.29 -31.70 -8.00
CA TYR F 48 7.12 -30.81 -7.78
C TYR F 48 6.01 -31.15 -8.79
N PHE F 49 6.40 -31.39 -10.05
CA PHE F 49 5.40 -31.78 -11.09
C PHE F 49 5.69 -33.19 -11.58
N THR F 50 4.69 -34.08 -11.52
CA THR F 50 4.87 -35.48 -11.99
C THR F 50 4.54 -35.55 -13.48
N GLU F 51 4.87 -36.66 -14.13
CA GLU F 51 4.53 -36.84 -15.56
C GLU F 51 3.00 -36.81 -15.71
N ASP F 52 2.28 -37.37 -14.73
CA ASP F 52 0.80 -37.39 -14.78
C ASP F 52 0.27 -35.98 -14.59
N ARG F 53 0.63 -35.31 -13.48
CA ARG F 53 0.10 -33.96 -13.19
C ARG F 53 1.19 -32.90 -13.46
N GLN F 54 0.95 -32.03 -14.44
CA GLN F 54 1.91 -30.93 -14.72
C GLN F 54 1.35 -29.63 -14.12
N GLU F 55 0.43 -29.75 -13.16
CA GLU F 55 -0.19 -28.56 -12.52
C GLU F 55 -0.18 -28.75 -11.00
N ALA F 56 -0.34 -27.66 -10.25
CA ALA F 56 -0.33 -27.73 -8.76
C ALA F 56 -1.41 -28.71 -8.29
N PRO F 57 -1.14 -29.55 -7.26
CA PRO F 57 -2.11 -30.54 -6.79
C PRO F 57 -3.23 -29.87 -5.96
N LEU F 58 -4.47 -30.34 -6.14
CA LEU F 58 -5.62 -29.79 -5.36
C LEU F 58 -6.31 -30.93 -4.61
N ILE F 59 -6.12 -31.00 -3.29
CA ILE F 59 -6.81 -32.04 -2.47
C ILE F 59 -8.30 -31.68 -2.37
N THR F 60 -9.19 -32.60 -2.75
CA THR F 60 -10.64 -32.29 -2.78
C THR F 60 -11.40 -33.18 -1.79
N ASP F 61 -10.88 -34.37 -1.49
CA ASP F 61 -11.56 -35.31 -0.55
C ASP F 61 -10.95 -35.18 0.85
N ARG F 62 -11.75 -34.77 1.83
CA ARG F 62 -11.25 -34.58 3.21
C ARG F 62 -10.93 -35.95 3.85
N PHE F 63 -11.89 -36.88 3.81
CA PHE F 63 -11.70 -38.19 4.48
C PHE F 63 -10.96 -39.15 3.55
N ASN F 64 -10.84 -38.79 2.27
CA ASN F 64 -10.06 -39.62 1.31
C ASN F 64 -8.77 -38.86 0.97
N ALA F 65 -8.35 -37.96 1.86
CA ALA F 65 -7.14 -37.13 1.60
C ALA F 65 -5.88 -37.99 1.63
N LEU F 66 -5.70 -38.79 2.68
CA LEU F 66 -4.43 -39.56 2.82
C LEU F 66 -4.04 -40.15 1.45
N GLU F 67 -4.93 -40.93 0.85
CA GLU F 67 -4.62 -41.57 -0.46
C GLU F 67 -4.48 -40.49 -1.53
N GLN F 68 -5.35 -39.48 -1.49
CA GLN F 68 -5.32 -38.40 -2.52
C GLN F 68 -3.96 -37.70 -2.49
N VAL F 69 -3.53 -37.23 -1.31
CA VAL F 69 -2.24 -36.46 -1.22
C VAL F 69 -1.10 -37.37 -1.68
N LYS F 70 -1.14 -38.65 -1.32
CA LYS F 70 -0.07 -39.60 -1.73
C LYS F 70 -0.06 -39.68 -3.26
N LYS F 71 -1.24 -39.84 -3.87
CA LYS F 71 -1.34 -39.90 -5.36
C LYS F 71 -0.84 -38.57 -5.93
N LEU F 72 -1.26 -37.44 -5.35
CA LEU F 72 -0.81 -36.11 -5.83
C LEU F 72 0.72 -36.05 -5.72
N SER F 73 1.27 -36.63 -4.66
CA SER F 73 2.75 -36.61 -4.44
C SER F 73 3.42 -37.65 -5.35
N GLY F 74 2.62 -38.40 -6.11
CA GLY F 74 3.18 -39.46 -6.96
C GLY F 74 3.88 -40.51 -6.11
N ASN F 75 3.46 -40.66 -4.86
CA ASN F 75 4.09 -41.64 -3.94
C ASN F 75 5.61 -41.47 -3.99
N ILE G 1 23.32 -28.58 36.72
CA ILE G 1 23.72 -29.05 35.36
C ILE G 1 22.46 -29.18 34.49
N PHE G 2 21.31 -29.36 35.12
CA PHE G 2 20.04 -29.51 34.37
C PHE G 2 18.93 -28.74 35.08
N THR G 3 19.25 -27.55 35.59
CA THR G 3 18.24 -26.70 36.27
C THR G 3 17.24 -26.17 35.24
N VAL G 4 16.11 -25.63 35.71
CA VAL G 4 15.10 -25.03 34.78
C VAL G 4 15.84 -24.04 33.86
N ARG G 5 16.70 -23.21 34.44
CA ARG G 5 17.46 -22.20 33.64
C ARG G 5 18.26 -22.95 32.56
N TRP G 6 19.01 -23.97 32.96
CA TRP G 6 19.83 -24.74 32.00
C TRP G 6 18.92 -25.39 30.95
N LEU G 7 17.82 -25.99 31.40
CA LEU G 7 16.90 -26.68 30.46
C LEU G 7 16.39 -25.68 29.43
N ALA G 8 15.98 -24.49 29.88
CA ALA G 8 15.46 -23.45 28.96
C ALA G 8 16.56 -23.05 27.97
N ILE G 9 17.78 -22.87 28.45
CA ILE G 9 18.91 -22.45 27.57
C ILE G 9 19.08 -23.48 26.45
N HIS G 10 19.05 -24.77 26.79
CA HIS G 10 19.30 -25.82 25.76
C HIS G 10 17.99 -26.18 25.05
N GLY G 11 16.85 -25.73 25.59
CA GLY G 11 15.55 -26.00 24.94
C GLY G 11 15.41 -25.24 23.63
N ILE G 12 16.18 -24.16 23.47
CA ILE G 12 16.10 -23.34 22.23
C ILE G 12 17.45 -23.34 21.52
N ALA G 13 18.54 -23.16 22.26
CA ALA G 13 19.88 -23.06 21.64
C ALA G 13 20.18 -24.33 20.83
N VAL G 14 20.02 -25.51 21.42
CA VAL G 14 20.37 -26.77 20.72
C VAL G 14 19.57 -26.88 19.42
N PRO G 15 18.23 -26.75 19.45
CA PRO G 15 17.42 -26.80 18.22
C PRO G 15 17.88 -25.73 17.22
N THR G 16 18.12 -24.51 17.69
CA THR G 16 18.50 -23.40 16.79
C THR G 16 19.79 -23.77 16.04
N ILE G 17 20.80 -24.27 16.76
CA ILE G 17 22.12 -24.58 16.12
C ILE G 17 21.88 -25.57 14.98
N PHE G 18 21.09 -26.61 15.24
CA PHE G 18 20.78 -27.61 14.19
C PHE G 18 20.08 -26.90 13.02
N PHE G 19 19.00 -26.18 13.31
CA PHE G 19 18.23 -25.48 12.25
C PHE G 19 19.18 -24.61 11.42
N LEU G 20 20.10 -23.92 12.07
CA LEU G 20 21.04 -23.01 11.35
C LEU G 20 21.89 -23.84 10.38
N GLY G 21 22.37 -25.01 10.82
CA GLY G 21 23.15 -25.88 9.94
C GLY G 21 22.33 -26.30 8.74
N ALA G 22 21.06 -26.67 8.97
CA ALA G 22 20.17 -27.08 7.87
C ALA G 22 19.98 -25.92 6.89
N ILE G 23 19.68 -24.73 7.41
CA ILE G 23 19.42 -23.55 6.53
C ILE G 23 20.67 -23.29 5.68
N THR G 24 21.85 -23.42 6.28
CA THR G 24 23.11 -23.16 5.54
C THR G 24 23.23 -24.13 4.36
N ALA G 25 22.99 -25.42 4.60
CA ALA G 25 23.05 -26.42 3.52
C ALA G 25 22.04 -26.04 2.43
N MET G 26 20.85 -25.59 2.83
CA MET G 26 19.80 -25.20 1.86
C MET G 26 20.32 -24.08 0.96
N GLN G 27 21.26 -23.27 1.47
CA GLN G 27 21.76 -22.09 0.69
C GLN G 27 22.71 -22.58 -0.41
N PHE G 28 23.00 -23.88 -0.46
CA PHE G 28 23.97 -24.40 -1.46
C PHE G 28 23.31 -25.49 -2.33
N ILE G 29 22.00 -25.68 -2.18
CA ILE G 29 21.27 -26.67 -3.03
C ILE G 29 21.00 -26.03 -4.40
N GLN G 30 21.23 -26.78 -5.48
CA GLN G 30 21.00 -26.25 -6.85
C GLN G 30 19.75 -26.92 -7.44
N ARG G 31 18.88 -26.14 -8.09
CA ARG G 31 17.62 -26.69 -8.65
C ARG G 31 17.95 -27.73 -9.71
N PRO H 1 -32.49 -4.81 61.77
CA PRO H 1 -33.28 -5.26 60.61
C PRO H 1 -34.76 -4.90 60.77
N GLY H 2 -35.65 -5.87 60.53
CA GLY H 2 -37.10 -5.62 60.67
C GLY H 2 -37.87 -6.15 59.48
N LEU H 3 -39.08 -5.64 59.26
CA LEU H 3 -39.91 -6.09 58.11
C LEU H 3 -39.92 -7.62 58.10
N VAL H 4 -40.30 -8.23 59.22
CA VAL H 4 -40.36 -9.72 59.31
C VAL H 4 -41.66 -10.19 58.66
N THR H 5 -41.64 -10.43 57.35
CA THR H 5 -42.85 -10.87 56.62
C THR H 5 -42.96 -12.39 56.69
N PRO H 6 -44.19 -12.97 56.61
CA PRO H 6 -44.37 -14.41 56.72
C PRO H 6 -43.52 -15.14 55.66
N LEU H 7 -43.52 -14.62 54.43
CA LEU H 7 -42.68 -15.22 53.36
C LEU H 7 -41.21 -15.16 53.79
N GLY H 8 -40.80 -14.04 54.38
CA GLY H 8 -39.41 -13.90 54.87
C GLY H 8 -39.09 -14.96 55.90
N THR H 9 -40.00 -15.18 56.86
CA THR H 9 -39.80 -16.21 57.90
C THR H 9 -39.74 -17.58 57.23
N LEU H 10 -40.60 -17.81 56.24
CA LEU H 10 -40.65 -19.14 55.56
C LEU H 10 -39.31 -19.41 54.88
N LEU H 11 -38.74 -18.42 54.18
CA LEU H 11 -37.48 -18.64 53.44
C LEU H 11 -36.29 -18.29 54.33
N ARG H 12 -36.55 -17.83 55.55
CA ARG H 12 -35.45 -17.42 56.48
C ARG H 12 -34.44 -18.55 56.64
N PRO H 13 -34.84 -19.80 56.95
CA PRO H 13 -33.89 -20.89 57.20
C PRO H 13 -32.99 -21.15 55.99
N LEU H 14 -33.52 -20.96 54.78
CA LEU H 14 -32.73 -21.24 53.55
C LEU H 14 -31.45 -20.41 53.57
N ASN H 15 -31.55 -19.14 53.96
CA ASN H 15 -30.36 -18.24 53.98
C ASN H 15 -29.80 -18.15 55.39
N SER H 16 -30.44 -18.83 56.36
CA SER H 16 -30.01 -18.72 57.77
C SER H 16 -28.54 -19.17 57.90
N GLU H 17 -28.22 -20.38 57.43
CA GLU H 17 -26.82 -20.86 57.48
C GLU H 17 -26.04 -20.21 56.33
N ALA H 18 -24.79 -19.86 56.57
CA ALA H 18 -23.94 -19.23 55.52
C ALA H 18 -22.47 -19.29 55.95
N GLY H 19 -21.55 -19.29 54.99
CA GLY H 19 -20.10 -19.34 55.31
C GLY H 19 -19.69 -20.70 55.82
N LYS H 20 -20.67 -21.57 56.11
CA LYS H 20 -20.35 -22.95 56.58
C LYS H 20 -19.53 -23.66 55.51
N VAL H 21 -18.34 -24.14 55.86
CA VAL H 21 -17.44 -24.80 54.87
C VAL H 21 -17.03 -26.18 55.41
N LEU H 22 -16.62 -27.09 54.52
CA LEU H 22 -16.17 -28.43 54.95
C LEU H 22 -14.64 -28.41 55.06
N PRO H 23 -14.04 -28.87 56.18
CA PRO H 23 -12.60 -28.82 56.37
C PRO H 23 -11.88 -29.64 55.29
N GLY H 24 -10.76 -29.12 54.77
CA GLY H 24 -10.00 -29.84 53.71
C GLY H 24 -10.63 -29.61 52.36
N TRP H 25 -10.09 -30.27 51.32
CA TRP H 25 -10.60 -30.09 49.93
C TRP H 25 -12.03 -30.65 49.83
N GLY H 26 -12.46 -31.42 50.82
CA GLY H 26 -13.84 -31.96 50.82
C GLY H 26 -14.13 -32.79 49.59
N THR H 27 -15.05 -32.34 48.74
CA THR H 27 -15.46 -33.11 47.52
C THR H 27 -14.72 -32.57 46.30
N THR H 28 -13.67 -31.76 46.50
CA THR H 28 -12.94 -31.15 45.38
C THR H 28 -12.46 -32.24 44.41
N VAL H 29 -11.90 -33.34 44.95
CA VAL H 29 -11.38 -34.43 44.10
C VAL H 29 -12.52 -34.99 43.25
N LEU H 30 -13.67 -35.27 43.89
CA LEU H 30 -14.84 -35.82 43.16
C LEU H 30 -15.24 -34.81 42.08
N MET H 31 -15.26 -33.53 42.41
CA MET H 31 -15.64 -32.47 41.43
C MET H 31 -14.67 -32.55 40.24
N ALA H 32 -13.38 -32.69 40.51
CA ALA H 32 -12.36 -32.74 39.43
C ALA H 32 -12.70 -33.88 38.47
N VAL H 33 -13.07 -35.04 39.01
CA VAL H 33 -13.43 -36.21 38.16
C VAL H 33 -14.56 -35.78 37.23
N PHE H 34 -15.63 -35.19 37.79
CA PHE H 34 -16.80 -34.77 36.97
C PHE H 34 -16.33 -33.80 35.89
N ILE H 35 -15.52 -32.81 36.26
CA ILE H 35 -15.06 -31.78 35.28
C ILE H 35 -14.38 -32.50 34.11
N LEU H 36 -13.50 -33.45 34.40
CA LEU H 36 -12.78 -34.19 33.33
C LEU H 36 -13.79 -34.95 32.48
N LEU H 37 -14.72 -35.68 33.12
CA LEU H 37 -15.71 -36.49 32.38
C LEU H 37 -16.51 -35.58 31.44
N PHE H 38 -17.04 -34.46 31.97
CA PHE H 38 -17.87 -33.55 31.15
C PHE H 38 -17.00 -32.97 30.02
N ALA H 39 -15.73 -32.70 30.31
CA ALA H 39 -14.81 -32.17 29.28
C ALA H 39 -14.71 -33.18 28.14
N ALA H 40 -14.57 -34.47 28.47
CA ALA H 40 -14.50 -35.53 27.43
C ALA H 40 -15.81 -35.54 26.64
N PHE H 41 -16.94 -35.42 27.34
CA PHE H 41 -18.26 -35.40 26.66
C PHE H 41 -18.29 -34.26 25.63
N LEU H 42 -17.87 -33.06 26.06
CA LEU H 42 -17.90 -31.89 25.15
C LEU H 42 -17.01 -32.16 23.94
N LEU H 43 -15.85 -32.78 24.16
CA LEU H 43 -14.92 -33.10 23.04
C LEU H 43 -15.64 -34.01 22.05
N ILE H 44 -16.35 -35.04 22.55
CA ILE H 44 -17.04 -36.00 21.65
C ILE H 44 -18.06 -35.25 20.80
N ILE H 45 -18.94 -34.47 21.44
CA ILE H 45 -20.02 -33.77 20.68
C ILE H 45 -19.39 -32.79 19.68
N LEU H 46 -18.35 -32.08 20.11
CA LEU H 46 -17.66 -31.12 19.20
C LEU H 46 -17.07 -31.88 18.02
N GLU H 47 -16.32 -32.96 18.29
CA GLU H 47 -15.66 -33.71 17.19
C GLU H 47 -16.74 -34.25 16.23
N ILE H 48 -17.85 -34.76 16.77
CA ILE H 48 -18.96 -35.28 15.92
C ILE H 48 -19.44 -34.13 15.02
N TYR H 49 -19.71 -32.96 15.61
CA TYR H 49 -20.19 -31.80 14.83
C TYR H 49 -19.10 -31.36 13.85
N ASN H 50 -17.84 -31.38 14.30
CA ASN H 50 -16.71 -30.98 13.42
C ASN H 50 -16.45 -32.09 12.40
N SER H 51 -17.11 -33.24 12.58
CA SER H 51 -16.94 -34.40 11.64
C SER H 51 -15.56 -35.04 11.87
N SER H 52 -14.83 -34.59 12.89
CA SER H 52 -13.52 -35.21 13.22
C SER H 52 -13.78 -36.62 13.77
N LEU H 53 -14.72 -36.75 14.71
CA LEU H 53 -15.07 -38.07 15.27
C LEU H 53 -16.22 -38.68 14.44
N ILE H 54 -15.89 -39.21 13.27
CA ILE H 54 -16.93 -39.82 12.39
C ILE H 54 -17.54 -41.03 13.11
N LEU H 55 -18.88 -41.09 13.19
CA LEU H 55 -19.57 -42.24 13.83
C LEU H 55 -20.60 -42.80 12.85
N ASP H 56 -20.69 -44.13 12.73
CA ASP H 56 -21.62 -44.75 11.74
C ASP H 56 -23.06 -44.31 12.03
N ASP H 57 -23.47 -44.33 13.30
CA ASP H 57 -24.87 -43.99 13.65
C ASP H 57 -25.19 -42.57 13.18
N VAL H 58 -24.58 -41.56 13.79
CA VAL H 58 -24.90 -40.14 13.43
C VAL H 58 -24.67 -39.92 11.94
N SER H 59 -25.49 -39.06 11.31
CA SER H 59 -25.31 -38.73 9.87
C SER H 59 -24.68 -37.35 9.75
N MET H 60 -24.81 -36.52 10.78
CA MET H 60 -24.20 -35.16 10.78
C MET H 60 -24.54 -34.45 9.46
N SER H 61 -25.83 -34.40 9.10
CA SER H 61 -26.25 -33.72 7.85
C SER H 61 -27.72 -33.30 7.96
N TRP H 62 -28.16 -32.35 7.13
CA TRP H 62 -29.59 -31.97 7.12
C TRP H 62 -30.43 -33.20 6.78
N GLU H 63 -29.82 -34.18 6.12
CA GLU H 63 -30.53 -35.44 5.76
C GLU H 63 -30.92 -36.17 7.05
N THR H 64 -30.25 -35.85 8.16
CA THR H 64 -30.61 -36.46 9.47
C THR H 64 -32.09 -36.18 9.74
N LEU H 65 -32.59 -35.03 9.29
CA LEU H 65 -34.02 -34.69 9.47
C LEU H 65 -34.87 -35.77 8.79
N ALA H 66 -34.43 -36.27 7.63
CA ALA H 66 -35.16 -37.34 6.93
C ALA H 66 -35.26 -38.57 7.84
N MET I 1 -7.79 40.10 -11.51
CA MET I 1 -7.49 39.34 -10.25
C MET I 1 -6.08 39.72 -9.78
N LEU I 2 -5.45 40.71 -10.43
CA LEU I 2 -4.12 41.18 -9.98
C LEU I 2 -4.24 41.79 -8.60
N THR I 3 -5.35 42.47 -8.32
CA THR I 3 -5.58 43.07 -6.97
C THR I 3 -5.47 41.96 -5.92
N LEU I 4 -6.09 40.80 -6.18
CA LEU I 4 -5.99 39.66 -5.24
C LEU I 4 -4.51 39.29 -5.05
N LYS I 5 -3.77 39.20 -6.16
CA LYS I 5 -2.33 38.85 -6.09
C LYS I 5 -1.60 39.91 -5.27
N ILE I 6 -1.82 41.19 -5.59
CA ILE I 6 -1.11 42.30 -4.88
C ILE I 6 -1.41 42.17 -3.38
N PHE I 7 -2.68 42.01 -3.03
CA PHE I 7 -3.08 41.88 -1.60
C PHE I 7 -2.33 40.71 -0.97
N VAL I 8 -2.48 39.51 -1.55
CA VAL I 8 -1.81 38.30 -0.99
C VAL I 8 -0.31 38.59 -0.84
N TYR I 9 0.33 39.10 -1.90
CA TYR I 9 1.79 39.34 -1.86
C TYR I 9 2.14 40.23 -0.68
N THR I 10 1.36 41.31 -0.48
CA THR I 10 1.61 42.23 0.67
C THR I 10 1.39 41.47 1.98
N VAL I 11 0.21 40.87 2.15
CA VAL I 11 -0.10 40.12 3.39
C VAL I 11 1.07 39.18 3.71
N VAL I 12 1.47 38.33 2.76
CA VAL I 12 2.56 37.35 3.00
C VAL I 12 3.81 38.09 3.47
N THR I 13 4.30 39.03 2.66
CA THR I 13 5.52 39.80 3.01
C THR I 13 5.42 40.29 4.46
N PHE I 14 4.30 40.92 4.82
CA PHE I 14 4.15 41.49 6.19
C PHE I 14 4.43 40.41 7.23
N PHE I 15 3.72 39.28 7.16
CA PHE I 15 3.88 38.22 8.19
C PHE I 15 5.32 37.71 8.18
N VAL I 16 5.86 37.47 6.98
CA VAL I 16 7.26 36.96 6.86
C VAL I 16 8.20 37.96 7.53
N CYS I 17 7.99 39.26 7.28
CA CYS I 17 8.87 40.31 7.86
C CYS I 17 8.80 40.22 9.39
N LEU I 18 7.58 40.08 9.94
CA LEU I 18 7.41 39.99 11.42
C LEU I 18 8.25 38.82 11.94
N PHE I 19 8.21 37.67 11.27
CA PHE I 19 8.96 36.47 11.72
C PHE I 19 10.46 36.78 11.71
N ILE I 20 10.97 37.28 10.57
CA ILE I 20 12.44 37.53 10.45
C ILE I 20 12.86 38.60 11.47
N PHE I 21 12.25 39.78 11.42
CA PHE I 21 12.65 40.89 12.32
C PHE I 21 12.38 40.47 13.77
N GLY I 22 11.33 39.68 14.01
CA GLY I 22 11.00 39.24 15.37
C GLY I 22 12.12 38.41 15.98
N PHE I 23 12.65 37.44 15.23
CA PHE I 23 13.79 36.63 15.73
C PHE I 23 15.04 37.50 15.81
N LEU I 24 15.17 38.48 14.92
CA LEU I 24 16.32 39.41 14.99
C LEU I 24 16.24 40.22 16.29
N SER I 25 15.05 40.27 16.89
CA SER I 25 14.85 41.05 18.14
C SER I 25 15.43 40.28 19.33
N ASN I 26 16.76 40.12 19.36
CA ASN I 26 17.44 39.41 20.48
C ASN I 26 16.54 38.32 21.05
N ASP I 27 16.07 37.40 20.20
CA ASP I 27 15.23 36.26 20.68
C ASP I 27 16.02 35.43 21.69
N PRO I 28 17.31 35.11 21.47
CA PRO I 28 18.06 34.24 22.39
C PRO I 28 17.95 34.71 23.84
N ALA I 29 17.68 36.00 24.06
CA ALA I 29 17.58 36.55 25.43
C ALA I 29 16.22 36.22 26.04
N ARG I 30 15.31 35.66 25.24
CA ARG I 30 13.94 35.32 25.73
C ARG I 30 14.04 34.17 26.73
N ASN I 31 15.25 33.68 27.00
CA ASN I 31 15.44 32.53 27.92
C ASN I 31 14.79 32.89 29.27
N PRO I 32 14.15 31.93 29.97
CA PRO I 32 13.46 32.22 31.22
C PRO I 32 14.46 32.75 32.26
N GLY I 33 15.67 32.20 32.26
CA GLY I 33 16.71 32.64 33.22
C GLY I 33 18.09 32.19 32.80
N LYS I 34 19.13 32.63 33.53
CA LYS I 34 20.53 32.20 33.24
C LYS I 34 21.41 32.55 34.43
N THR J 1 36.56 -18.00 33.51
CA THR J 1 36.97 -16.57 33.45
C THR J 1 38.49 -16.48 33.43
N GLY J 2 39.04 -15.35 32.96
CA GLY J 2 40.50 -15.17 32.94
C GLY J 2 41.12 -15.77 31.68
N ARG J 3 42.24 -15.21 31.21
CA ARG J 3 42.93 -15.71 29.99
C ARG J 3 41.98 -15.59 28.80
N ILE J 4 40.82 -14.94 29.00
CA ILE J 4 39.81 -14.80 27.91
C ILE J 4 39.26 -13.37 27.92
N PRO J 5 39.67 -12.48 26.99
CA PRO J 5 39.09 -11.15 26.91
C PRO J 5 37.66 -11.25 26.36
N LEU J 6 36.66 -10.97 27.20
CA LEU J 6 35.25 -11.12 26.77
C LEU J 6 34.99 -10.19 25.57
N TRP J 7 35.66 -9.04 25.54
CA TRP J 7 35.48 -8.09 24.41
C TRP J 7 35.88 -8.77 23.10
N LEU J 8 36.99 -9.52 23.12
CA LEU J 8 37.40 -10.28 21.90
C LEU J 8 36.34 -11.35 21.62
N VAL J 9 35.95 -12.11 22.64
CA VAL J 9 34.93 -13.18 22.46
C VAL J 9 33.74 -12.59 21.70
N GLY J 10 33.21 -11.46 22.18
CA GLY J 10 32.08 -10.81 21.51
C GLY J 10 32.43 -10.42 20.08
N THR J 11 33.60 -9.78 19.88
CA THR J 11 33.99 -9.33 18.53
C THR J 11 34.04 -10.54 17.58
N VAL J 12 34.65 -11.64 18.01
CA VAL J 12 34.74 -12.86 17.16
C VAL J 12 33.33 -13.39 16.91
N VAL J 13 32.62 -13.78 17.97
CA VAL J 13 31.25 -14.35 17.81
C VAL J 13 30.43 -13.43 16.90
N GLY J 14 30.49 -12.12 17.16
CA GLY J 14 29.73 -11.15 16.34
C GLY J 14 30.13 -11.24 14.88
N THR J 15 31.43 -11.33 14.62
CA THR J 15 31.92 -11.45 13.22
C THR J 15 31.30 -12.70 12.58
N LEU J 16 31.30 -13.82 13.32
CA LEU J 16 30.74 -15.09 12.80
C LEU J 16 29.25 -14.89 12.47
N ALA J 17 28.52 -14.20 13.35
CA ALA J 17 27.07 -13.97 13.14
C ALA J 17 26.88 -13.16 11.85
N ILE J 18 27.67 -12.10 11.66
CA ILE J 18 27.59 -11.30 10.41
C ILE J 18 27.82 -12.25 9.22
N GLY J 19 28.81 -13.13 9.33
CA GLY J 19 29.13 -14.06 8.24
C GLY J 19 27.95 -14.97 7.91
N LEU J 20 27.26 -15.47 8.94
CA LEU J 20 26.11 -16.38 8.72
C LEU J 20 25.03 -15.63 7.94
N LEU J 21 24.73 -14.39 8.34
CA LEU J 21 23.70 -13.59 7.64
C LEU J 21 24.14 -13.35 6.20
N ALA J 22 25.45 -13.15 6.00
CA ALA J 22 25.98 -12.93 4.63
C ALA J 22 25.69 -14.17 3.77
N VAL J 23 25.87 -15.37 4.34
CA VAL J 23 25.59 -16.63 3.59
C VAL J 23 24.13 -16.64 3.17
N PHE J 24 23.23 -16.19 4.05
CA PHE J 24 21.78 -16.16 3.74
C PHE J 24 21.53 -15.27 2.51
N PHE J 25 22.10 -14.07 2.52
CA PHE J 25 21.94 -13.15 1.35
C PHE J 25 22.60 -13.77 0.13
N TYR J 26 23.75 -14.45 0.32
CA TYR J 26 24.40 -15.15 -0.81
C TYR J 26 23.40 -16.16 -1.40
N GLY J 27 22.79 -16.97 -0.55
CA GLY J 27 21.80 -17.96 -1.01
C GLY J 27 20.61 -17.28 -1.66
N SER J 28 20.35 -16.01 -1.32
CA SER J 28 19.23 -15.27 -1.93
C SER J 28 19.49 -15.07 -3.43
N TYR J 29 20.74 -14.89 -3.83
CA TYR J 29 21.07 -14.63 -5.25
C TYR J 29 21.64 -15.89 -5.91
N VAL J 30 21.62 -17.03 -5.22
CA VAL J 30 22.24 -18.26 -5.77
C VAL J 30 21.34 -19.47 -5.49
N GLY J 31 21.47 -20.53 -6.29
CA GLY J 31 20.69 -21.77 -6.05
C GLY J 31 19.20 -21.52 -5.97
N LEU J 32 18.52 -22.10 -4.98
CA LEU J 32 17.05 -21.98 -4.87
C LEU J 32 16.66 -20.56 -4.47
N GLY J 33 15.49 -20.07 -4.92
CA GLY J 33 15.01 -18.73 -4.55
C GLY J 33 15.82 -17.62 -5.18
N SER J 34 16.60 -17.93 -6.22
CA SER J 34 17.46 -16.91 -6.87
C SER J 34 16.76 -16.35 -8.12
N SER J 35 15.53 -16.79 -8.39
CA SER J 35 14.79 -16.35 -9.60
C SER J 35 15.51 -16.82 -10.85
N LEU J 36 16.44 -17.77 -10.71
CA LEU J 36 17.23 -18.28 -11.86
C LEU J 36 18.03 -19.51 -11.42
N LYS K 1 36.89 -2.98 -16.93
CA LYS K 1 37.77 -3.83 -16.08
C LYS K 1 39.07 -3.09 -15.78
N LEU K 2 39.81 -3.53 -14.76
CA LEU K 2 41.10 -2.88 -14.40
C LEU K 2 42.12 -3.15 -15.51
N PRO K 3 43.16 -2.31 -15.71
CA PRO K 3 44.21 -2.60 -16.70
C PRO K 3 44.71 -4.04 -16.57
N GLU K 4 45.27 -4.60 -17.64
CA GLU K 4 45.72 -6.03 -17.61
C GLU K 4 46.71 -6.24 -16.46
N ALA K 5 47.63 -5.30 -16.25
CA ALA K 5 48.65 -5.45 -15.18
C ALA K 5 47.96 -5.46 -13.82
N TYR K 6 46.90 -4.67 -13.66
CA TYR K 6 46.20 -4.56 -12.35
C TYR K 6 45.05 -5.58 -12.30
N ALA K 7 44.86 -6.34 -13.38
CA ALA K 7 43.78 -7.36 -13.42
C ALA K 7 43.99 -8.40 -12.32
N PRO K 8 45.20 -8.97 -12.12
CA PRO K 8 45.40 -10.01 -11.11
C PRO K 8 45.05 -9.52 -9.71
N PHE K 9 44.74 -8.22 -9.56
CA PHE K 9 44.46 -7.65 -8.22
C PHE K 9 42.97 -7.35 -8.08
N ALA K 10 42.14 -7.91 -8.97
CA ALA K 10 40.69 -7.67 -8.94
C ALA K 10 40.10 -8.07 -7.58
N PRO K 11 40.38 -9.27 -7.02
CA PRO K 11 39.78 -9.70 -5.76
C PRO K 11 39.94 -8.63 -4.67
N ILE K 12 41.14 -8.07 -4.55
CA ILE K 12 41.41 -7.05 -3.49
C ILE K 12 40.47 -5.86 -3.69
N VAL K 13 40.36 -5.35 -4.92
CA VAL K 13 39.53 -4.15 -5.18
C VAL K 13 38.06 -4.48 -4.89
N ASP K 14 37.70 -5.77 -4.93
CA ASP K 14 36.30 -6.19 -4.66
C ASP K 14 36.01 -6.08 -3.15
N VAL K 15 37.05 -6.01 -2.32
CA VAL K 15 36.85 -5.97 -0.84
C VAL K 15 37.09 -4.55 -0.32
N LEU K 16 37.82 -3.72 -1.07
CA LEU K 16 38.17 -2.35 -0.61
C LEU K 16 36.92 -1.52 -0.32
N PRO K 17 35.90 -1.47 -1.20
CA PRO K 17 34.74 -0.58 -0.98
C PRO K 17 34.04 -0.80 0.36
N VAL K 18 34.12 -1.99 0.93
CA VAL K 18 33.37 -2.29 2.19
C VAL K 18 34.25 -1.96 3.41
N ILE K 19 35.51 -1.59 3.19
CA ILE K 19 36.44 -1.33 4.34
C ILE K 19 35.88 -0.22 5.23
N PRO K 20 35.36 0.91 4.70
CA PRO K 20 34.89 2.01 5.55
C PRO K 20 33.89 1.56 6.62
N VAL K 21 32.96 0.67 6.25
CA VAL K 21 31.89 0.24 7.22
C VAL K 21 32.54 -0.48 8.40
N PHE K 22 33.72 -1.08 8.18
CA PHE K 22 34.42 -1.84 9.26
C PHE K 22 34.96 -0.87 10.31
N PHE K 23 35.31 0.36 9.89
CA PHE K 23 35.92 1.34 10.83
C PHE K 23 34.95 1.63 11.99
N ILE K 24 33.67 1.87 11.68
CA ILE K 24 32.68 2.19 12.74
C ILE K 24 32.56 0.96 13.66
N LEU K 25 32.57 -0.24 13.09
CA LEU K 25 32.53 -1.49 13.91
C LEU K 25 33.77 -1.53 14.81
N LEU K 26 34.93 -1.15 14.26
CA LEU K 26 36.19 -1.16 15.05
C LEU K 26 36.05 -0.20 16.23
N ALA K 27 35.37 0.93 16.03
CA ALA K 27 35.16 1.92 17.11
C ALA K 27 34.48 1.22 18.30
N PHE K 28 33.37 0.52 18.03
CA PHE K 28 32.62 -0.18 19.11
C PHE K 28 33.51 -1.26 19.74
N VAL K 29 34.33 -1.93 18.92
CA VAL K 29 35.26 -2.97 19.45
C VAL K 29 36.22 -2.29 20.44
N TRP K 30 36.79 -1.15 20.06
CA TRP K 30 37.73 -0.41 20.93
C TRP K 30 37.03 -0.06 22.25
N GLN K 31 35.78 0.42 22.16
CA GLN K 31 35.00 0.75 23.38
C GLN K 31 34.79 -0.52 24.21
N ALA K 32 34.57 -1.66 23.54
CA ALA K 32 34.38 -2.94 24.27
C ALA K 32 35.66 -3.26 25.06
N ALA K 33 36.83 -3.17 24.42
CA ALA K 33 38.10 -3.39 25.13
C ALA K 33 38.26 -2.30 26.19
N VAL K 34 37.85 -1.08 25.86
CA VAL K 34 37.92 0.06 26.84
C VAL K 34 36.91 -0.20 27.96
N SER K 35 35.96 -1.11 27.72
CA SER K 35 34.88 -1.38 28.71
C SER K 35 33.93 -0.19 28.74
N PHE K 36 33.89 0.59 27.66
CA PHE K 36 32.98 1.76 27.57
C PHE K 36 33.22 2.66 28.79
N ARG K 37 34.48 2.99 29.09
CA ARG K 37 34.81 3.87 30.24
C ARG K 37 33.70 4.91 30.40
N PRO L 1 -34.13 5.15 53.46
CA PRO L 1 -33.15 5.15 54.55
C PRO L 1 -31.96 4.24 54.21
N ASN L 2 -31.91 3.73 52.98
CA ASN L 2 -30.81 2.82 52.55
C ASN L 2 -29.48 3.56 52.70
N PRO L 3 -28.57 3.10 53.58
CA PRO L 3 -27.26 3.73 53.76
C PRO L 3 -26.44 3.61 52.47
N ASN L 4 -26.80 2.65 51.60
CA ASN L 4 -26.06 2.43 50.33
C ASN L 4 -26.30 3.62 49.39
N LYS L 5 -27.22 4.51 49.74
CA LYS L 5 -27.57 5.65 48.86
C LYS L 5 -26.32 6.49 48.59
N GLN L 6 -25.94 6.66 47.32
CA GLN L 6 -24.78 7.52 46.95
C GLN L 6 -25.23 8.49 45.86
N VAL L 7 -24.29 9.28 45.31
CA VAL L 7 -24.65 10.27 44.26
C VAL L 7 -23.67 10.15 43.09
N VAL L 8 -24.17 10.25 41.85
CA VAL L 8 -23.27 10.21 40.66
C VAL L 8 -22.51 11.53 40.60
N GLU L 9 -21.30 11.52 40.03
CA GLU L 9 -20.46 12.75 39.97
C GLU L 9 -19.94 12.95 38.55
N LEU L 10 -20.32 14.06 37.91
CA LEU L 10 -19.82 14.36 36.53
C LEU L 10 -19.03 15.66 36.58
N ASN L 11 -17.75 15.62 36.18
CA ASN L 11 -16.89 16.83 36.22
C ASN L 11 -16.89 17.49 34.84
N ARG L 12 -16.30 18.68 34.72
CA ARG L 12 -16.29 19.42 33.44
C ARG L 12 -15.61 18.57 32.36
N THR L 13 -14.41 18.05 32.64
CA THR L 13 -13.67 17.25 31.64
C THR L 13 -14.52 16.03 31.26
N SER L 14 -15.08 15.34 32.26
CA SER L 14 -15.92 14.15 31.99
C SER L 14 -17.08 14.54 31.06
N LEU L 15 -17.76 15.64 31.37
CA LEU L 15 -18.87 16.12 30.51
C LEU L 15 -18.33 16.35 29.09
N TYR L 16 -17.24 17.10 28.97
CA TYR L 16 -16.65 17.39 27.63
C TYR L 16 -16.36 16.08 26.90
N TRP L 17 -15.66 15.17 27.57
CA TRP L 17 -15.32 13.86 26.96
C TRP L 17 -16.59 13.20 26.44
N GLY L 18 -17.62 13.09 27.29
CA GLY L 18 -18.88 12.43 26.88
C GLY L 18 -19.48 13.08 25.65
N LEU L 19 -19.66 14.41 25.69
CA LEU L 19 -20.28 15.11 24.54
C LEU L 19 -19.41 14.92 23.29
N LEU L 20 -18.09 15.07 23.44
CA LEU L 20 -17.17 14.88 22.29
C LEU L 20 -17.36 13.46 21.73
N LEU L 21 -17.39 12.46 22.60
CA LEU L 21 -17.51 11.04 22.14
C LEU L 21 -18.85 10.86 21.42
N ILE L 22 -19.96 11.29 22.04
CA ILE L 22 -21.31 11.07 21.43
C ILE L 22 -21.37 11.75 20.06
N PHE L 23 -20.71 12.91 19.93
CA PHE L 23 -20.72 13.65 18.64
C PHE L 23 -19.82 12.94 17.63
N VAL L 24 -18.60 12.58 18.04
CA VAL L 24 -17.64 11.90 17.13
C VAL L 24 -18.27 10.60 16.62
N LEU L 25 -18.89 9.82 17.52
CA LEU L 25 -19.52 8.54 17.12
C LEU L 25 -20.60 8.81 16.08
N ALA L 26 -21.41 9.86 16.31
CA ALA L 26 -22.47 10.22 15.35
C ALA L 26 -21.83 10.56 14.00
N VAL L 27 -20.82 11.43 14.01
CA VAL L 27 -20.14 11.84 12.74
C VAL L 27 -19.63 10.59 12.02
N LEU L 28 -19.21 9.57 12.78
CA LEU L 28 -18.64 8.35 12.15
C LEU L 28 -19.76 7.45 11.59
N PHE L 29 -20.84 7.25 12.34
CA PHE L 29 -21.88 6.30 11.90
C PHE L 29 -23.00 7.01 11.12
N SER L 30 -23.07 8.34 11.20
CA SER L 30 -24.17 9.08 10.53
C SER L 30 -24.21 8.68 9.05
N SER L 31 -23.06 8.70 8.38
CA SER L 31 -22.99 8.35 6.94
C SER L 31 -23.58 6.95 6.73
N TYR L 32 -23.17 5.98 7.54
CA TYR L 32 -23.65 4.58 7.38
C TYR L 32 -25.14 4.51 7.73
N ILE L 33 -25.57 5.24 8.77
CA ILE L 33 -26.99 5.22 9.20
C ILE L 33 -27.86 5.68 8.03
N PHE L 34 -27.43 6.72 7.32
CA PHE L 34 -28.20 7.23 6.15
C PHE L 34 -27.86 6.37 4.92
N ASN L 35 -26.86 5.49 5.03
CA ASN L 35 -26.46 4.62 3.90
C ASN L 35 -26.47 5.41 2.60
N VAL M 1 -31.40 7.27 6.18
CA VAL M 1 -31.74 8.10 4.98
C VAL M 1 -33.20 8.54 5.09
N ASN M 2 -34.08 7.64 5.55
CA ASN M 2 -35.52 7.97 5.69
C ASN M 2 -35.73 8.77 6.97
N ILE M 3 -36.98 9.09 7.30
CA ILE M 3 -37.28 9.81 8.58
C ILE M 3 -36.63 9.02 9.72
N TYR M 4 -36.71 7.70 9.67
CA TYR M 4 -36.16 6.84 10.76
C TYR M 4 -34.65 7.09 10.89
N GLY M 5 -33.93 7.13 9.76
CA GLY M 5 -32.47 7.36 9.80
C GLY M 5 -32.15 8.66 10.51
N LEU M 6 -32.80 9.75 10.12
CA LEU M 6 -32.57 11.06 10.76
C LEU M 6 -33.02 10.98 12.23
N THR M 7 -34.18 10.34 12.47
CA THR M 7 -34.70 10.21 13.86
C THR M 7 -33.66 9.50 14.71
N ALA M 8 -33.08 8.41 14.20
CA ALA M 8 -32.04 7.66 14.95
C ALA M 8 -30.88 8.60 15.28
N THR M 9 -30.34 9.29 14.26
CA THR M 9 -29.20 10.20 14.48
C THR M 9 -29.60 11.27 15.50
N ALA M 10 -30.81 11.82 15.36
CA ALA M 10 -31.28 12.88 16.28
C ALA M 10 -31.28 12.35 17.72
N LEU M 11 -31.90 11.19 17.94
CA LEU M 11 -31.98 10.63 19.32
C LEU M 11 -30.57 10.38 19.84
N PHE M 12 -29.69 9.83 18.99
CA PHE M 12 -28.31 9.48 19.43
C PHE M 12 -27.54 10.74 19.81
N ILE M 13 -27.93 11.89 19.25
CA ILE M 13 -27.18 13.16 19.51
C ILE M 13 -27.95 13.99 20.52
N ILE M 14 -29.08 13.47 21.03
CA ILE M 14 -29.93 14.26 21.97
C ILE M 14 -30.06 13.51 23.30
N ILE M 15 -30.55 12.27 23.28
CA ILE M 15 -30.77 11.52 24.55
C ILE M 15 -29.47 11.51 25.37
N PRO M 16 -28.33 11.02 24.84
CA PRO M 16 -27.11 10.93 25.62
C PRO M 16 -26.66 12.33 26.07
N THR M 17 -26.69 13.30 25.14
CA THR M 17 -26.28 14.69 25.48
C THR M 17 -27.06 15.17 26.70
N SER M 18 -28.40 15.14 26.63
CA SER M 18 -29.23 15.64 27.75
C SER M 18 -28.86 14.92 29.04
N PHE M 19 -28.71 13.59 29.00
CA PHE M 19 -28.40 12.82 30.23
C PHE M 19 -27.10 13.37 30.85
N LEU M 20 -26.06 13.54 30.04
CA LEU M 20 -24.76 14.05 30.55
C LEU M 20 -24.98 15.43 31.16
N LEU M 21 -25.65 16.33 30.43
CA LEU M 21 -25.88 17.71 30.93
C LEU M 21 -26.52 17.64 32.31
N ILE M 22 -27.56 16.83 32.46
CA ILE M 22 -28.31 16.74 33.76
C ILE M 22 -27.32 16.35 34.87
N LEU M 23 -26.51 15.31 34.64
CA LEU M 23 -25.57 14.84 35.69
C LEU M 23 -24.64 15.98 36.07
N TYR M 24 -24.05 16.66 35.08
CA TYR M 24 -23.08 17.73 35.38
C TYR M 24 -23.78 18.86 36.15
N VAL M 25 -24.98 19.24 35.73
CA VAL M 25 -25.74 20.32 36.43
C VAL M 25 -25.97 19.89 37.88
N LYS M 26 -26.39 18.65 38.08
CA LYS M 26 -26.64 18.13 39.46
C LYS M 26 -25.35 18.25 40.28
N THR M 27 -24.23 17.75 39.73
CA THR M 27 -22.95 17.78 40.47
C THR M 27 -22.49 19.23 40.66
N ALA M 28 -22.60 20.05 39.61
CA ALA M 28 -22.22 21.47 39.70
C ALA M 28 -23.08 22.15 40.78
N SER M 29 -24.37 21.77 40.85
CA SER M 29 -25.27 22.34 41.88
C SER M 29 -24.78 21.94 43.27
N LEU N 1 0.84 38.50 -33.00
CA LEU N 1 2.15 37.94 -33.45
C LEU N 1 1.97 37.31 -34.83
N THR N 2 2.62 37.87 -35.85
CA THR N 2 2.56 37.27 -37.21
C THR N 2 3.24 35.91 -37.19
N PHE N 3 3.05 35.10 -38.24
CA PHE N 3 3.65 33.74 -38.27
C PHE N 3 5.15 33.84 -38.03
N ASP N 4 5.81 34.75 -38.74
CA ASP N 4 7.29 34.92 -38.61
C ASP N 4 7.64 35.36 -37.19
N GLU N 5 6.84 36.27 -36.62
CA GLU N 5 7.08 36.75 -35.24
C GLU N 5 7.04 35.55 -34.29
N ILE N 6 6.02 34.69 -34.43
CA ILE N 6 5.91 33.48 -33.58
C ILE N 6 7.16 32.61 -33.81
N GLN N 7 7.58 32.47 -35.07
CA GLN N 7 8.75 31.62 -35.39
C GLN N 7 10.00 32.17 -34.71
N GLY N 8 10.14 33.50 -34.64
CA GLY N 8 11.30 34.12 -34.01
C GLY N 8 11.40 33.74 -32.54
N LEU N 9 10.26 33.69 -31.85
CA LEU N 9 10.24 33.35 -30.40
C LEU N 9 10.63 31.87 -30.22
N THR N 10 11.43 31.57 -29.20
CA THR N 10 11.82 30.16 -28.91
C THR N 10 10.69 29.47 -28.16
N TYR N 11 10.72 28.14 -28.10
CA TYR N 11 9.66 27.39 -27.37
C TYR N 11 9.60 27.86 -25.92
N LEU N 12 10.76 28.04 -25.31
CA LEU N 12 10.81 28.48 -23.88
C LEU N 12 10.19 29.88 -23.78
N GLN N 13 10.53 30.78 -24.71
CA GLN N 13 9.95 32.15 -24.70
C GLN N 13 8.43 32.04 -24.86
N VAL N 14 7.96 31.07 -25.67
CA VAL N 14 6.50 30.90 -25.91
C VAL N 14 5.89 30.12 -24.73
N LYS N 15 6.65 29.20 -24.14
CA LYS N 15 6.11 28.36 -23.04
C LYS N 15 5.62 29.26 -21.90
N GLY N 16 4.38 29.04 -21.44
CA GLY N 16 3.81 29.83 -20.33
C GLY N 16 3.17 31.11 -20.82
N SER N 17 3.53 31.56 -22.03
CA SER N 17 2.96 32.81 -22.60
C SER N 17 1.49 32.60 -22.96
N GLY N 18 1.15 31.43 -23.50
CA GLY N 18 -0.24 31.15 -23.92
C GLY N 18 -0.44 31.50 -25.39
N ILE N 19 0.56 32.14 -26.01
CA ILE N 19 0.45 32.56 -27.44
C ILE N 19 0.32 31.30 -28.30
N ALA N 20 0.75 30.15 -27.78
CA ALA N 20 0.67 28.88 -28.54
C ALA N 20 -0.80 28.52 -28.79
N ASN N 21 -1.72 29.07 -27.98
CA ASN N 21 -3.16 28.78 -28.14
C ASN N 21 -3.80 29.88 -28.98
N THR N 22 -2.99 30.59 -29.78
CA THR N 22 -3.52 31.71 -30.61
C THR N 22 -3.09 31.53 -32.06
N CYS N 23 -4.02 31.73 -33.00
CA CYS N 23 -3.70 31.60 -34.45
C CYS N 23 -2.87 32.80 -34.91
N PRO N 24 -1.98 32.66 -35.90
CA PRO N 24 -1.21 33.79 -36.42
C PRO N 24 -2.12 34.85 -37.05
N VAL N 25 -1.73 36.12 -36.99
CA VAL N 25 -2.55 37.22 -37.56
C VAL N 25 -1.96 37.64 -38.91
N LEU N 26 -2.79 37.72 -39.96
CA LEU N 26 -2.30 38.17 -41.29
C LEU N 26 -2.31 39.70 -41.33
N GLU N 27 -1.38 40.32 -40.60
CA GLU N 27 -1.28 41.81 -40.57
C GLU N 27 -1.00 42.32 -41.98
N SER N 28 -0.14 41.60 -42.73
CA SER N 28 0.19 41.99 -44.12
C SER N 28 -0.92 41.52 -45.07
N GLY N 29 -0.73 41.70 -46.38
CA GLY N 29 -1.74 41.27 -47.36
C GLY N 29 -2.74 42.39 -47.65
N THR N 30 -3.78 42.09 -48.44
CA THR N 30 -4.78 43.12 -48.81
C THR N 30 -6.17 42.68 -48.34
N THR N 31 -7.00 43.62 -47.89
CA THR N 31 -8.39 43.28 -47.51
C THR N 31 -9.11 42.74 -48.74
N ASN N 32 -8.77 43.28 -49.92
CA ASN N 32 -9.37 42.77 -51.18
C ASN N 32 -9.08 41.27 -51.30
N LEU N 33 -10.00 40.52 -51.91
CA LEU N 33 -9.77 39.06 -52.11
C LEU N 33 -9.59 38.79 -53.61
N LYS N 34 -9.94 39.76 -54.45
CA LYS N 34 -9.85 39.58 -55.92
C LYS N 34 -8.44 39.13 -56.31
N GLU N 35 -7.41 39.71 -55.70
CA GLU N 35 -6.01 39.37 -56.07
C GLU N 35 -5.81 37.86 -55.94
N LEU N 36 -6.42 37.24 -54.91
CA LEU N 36 -6.27 35.77 -54.71
C LEU N 36 -6.43 35.07 -56.06
N LYS N 37 -5.33 34.54 -56.61
CA LYS N 37 -5.37 33.84 -57.92
C LYS N 37 -6.44 32.75 -57.88
N ALA N 38 -7.07 32.47 -59.01
CA ALA N 38 -8.08 31.39 -59.07
C ALA N 38 -7.37 30.05 -59.29
N GLY N 39 -7.60 29.08 -58.40
CA GLY N 39 -6.95 27.76 -58.54
C GLY N 39 -7.03 26.96 -57.24
N SER N 40 -6.43 25.77 -57.22
CA SER N 40 -6.42 24.92 -56.00
C SER N 40 -5.13 25.13 -55.23
N TYR N 41 -5.19 25.24 -53.91
CA TYR N 41 -3.98 25.53 -53.11
C TYR N 41 -4.01 24.70 -51.82
N LYS N 42 -2.85 24.19 -51.40
CA LYS N 42 -2.77 23.42 -50.13
C LYS N 42 -3.11 24.35 -48.96
N LEU N 43 -4.12 23.98 -48.17
CA LEU N 43 -4.50 24.80 -46.99
C LEU N 43 -3.60 24.42 -45.82
N GLU N 44 -2.31 24.79 -45.90
CA GLU N 44 -1.34 24.41 -44.84
C GLU N 44 -1.40 25.45 -43.71
N ASN N 45 -0.96 25.07 -42.51
CA ASN N 45 -0.92 26.01 -41.36
C ASN N 45 -2.32 26.61 -41.15
N PHE N 46 -3.38 25.82 -41.37
CA PHE N 46 -4.75 26.31 -41.13
C PHE N 46 -5.03 26.28 -39.62
N CYS N 47 -5.33 27.44 -39.03
CA CYS N 47 -5.57 27.52 -37.57
C CYS N 47 -6.94 28.15 -37.30
N ILE N 48 -7.67 27.65 -36.30
CA ILE N 48 -9.00 28.23 -35.95
C ILE N 48 -8.99 28.57 -34.46
N GLU N 49 -8.92 29.87 -34.13
CA GLU N 49 -8.90 30.31 -32.71
C GLU N 49 -10.31 30.78 -32.33
N PRO N 50 -11.05 30.01 -31.49
CA PRO N 50 -12.42 30.37 -31.13
C PRO N 50 -12.44 31.64 -30.26
N THR N 51 -13.02 32.71 -30.79
CA THR N 51 -13.12 33.98 -30.02
C THR N 51 -14.10 33.81 -28.86
N SER N 52 -15.22 33.13 -29.10
CA SER N 52 -16.26 32.99 -28.05
C SER N 52 -16.99 31.65 -28.17
N PHE N 53 -17.43 31.09 -27.04
CA PHE N 53 -18.21 29.83 -27.06
C PHE N 53 -19.59 30.11 -26.45
N THR N 54 -20.62 30.20 -27.29
CA THR N 54 -22.01 30.44 -26.79
C THR N 54 -22.82 29.16 -26.88
N VAL N 55 -23.69 28.91 -25.88
CA VAL N 55 -24.54 27.68 -25.87
C VAL N 55 -26.01 28.11 -25.93
N LYS N 56 -26.76 27.55 -26.89
CA LYS N 56 -28.20 27.90 -27.02
C LYS N 56 -28.93 27.40 -25.77
N GLU N 57 -29.81 28.24 -25.19
CA GLU N 57 -30.51 27.86 -23.94
C GLU N 57 -31.85 28.60 -23.88
N GLU N 58 -32.93 27.87 -23.58
CA GLU N 58 -34.27 28.48 -23.48
C GLU N 58 -34.20 29.74 -22.59
N SER N 59 -35.04 30.74 -22.88
CA SER N 59 -35.06 31.99 -22.08
C SER N 59 -35.54 31.68 -20.65
N GLN N 60 -35.24 32.57 -19.69
CA GLN N 60 -35.67 32.37 -18.29
C GLN N 60 -37.08 31.76 -18.26
N PHE N 61 -38.04 32.41 -18.93
CA PHE N 61 -39.44 31.92 -18.93
C PHE N 61 -39.44 30.43 -19.29
N LYS N 62 -40.34 29.65 -18.68
CA LYS N 62 -40.44 28.20 -18.99
C LYS N 62 -40.63 28.05 -20.50
N GLY N 63 -41.46 28.90 -21.11
CA GLY N 63 -41.65 28.86 -22.57
C GLY N 63 -40.73 29.84 -23.28
N GLY N 64 -39.82 30.48 -22.52
CA GLY N 64 -38.87 31.44 -23.11
C GLY N 64 -38.09 30.82 -24.27
N GLU N 65 -37.99 31.55 -25.39
CA GLU N 65 -37.27 31.03 -26.59
C GLU N 65 -35.84 30.65 -26.19
N THR N 66 -35.31 29.59 -26.80
CA THR N 66 -33.93 29.13 -26.47
C THR N 66 -32.92 30.00 -27.22
N GLU N 67 -32.30 30.96 -26.53
CA GLU N 67 -31.28 31.84 -27.15
C GLU N 67 -29.89 31.42 -26.67
N PHE N 68 -28.85 31.68 -27.46
CA PHE N 68 -27.46 31.37 -27.02
C PHE N 68 -27.12 32.25 -25.82
N VAL N 69 -26.48 31.67 -24.80
CA VAL N 69 -26.15 32.44 -23.56
C VAL N 69 -24.63 32.51 -23.41
N LYS N 70 -24.13 33.58 -22.77
CA LYS N 70 -22.67 33.72 -22.55
C LYS N 70 -22.21 32.65 -21.56
N THR N 71 -20.95 32.22 -21.65
CA THR N 71 -20.45 31.13 -20.77
C THR N 71 -19.02 31.44 -20.32
N LYS N 72 -18.53 30.73 -19.30
CA LYS N 72 -17.14 30.94 -18.81
C LYS N 72 -16.33 29.65 -19.02
N LEU N 73 -15.23 29.73 -19.77
CA LEU N 73 -14.41 28.52 -20.07
C LEU N 73 -13.83 27.98 -18.76
N MET N 74 -13.89 26.66 -18.55
CA MET N 74 -13.35 26.04 -17.32
C MET N 74 -12.01 25.37 -17.65
N THR N 75 -11.78 25.05 -18.93
CA THR N 75 -10.54 24.33 -19.33
C THR N 75 -9.49 25.35 -19.76
N ARG N 76 -8.40 25.48 -18.99
CA ARG N 76 -7.36 26.48 -19.32
C ARG N 76 -6.98 26.36 -20.79
N LEU N 77 -7.36 27.35 -21.61
CA LEU N 77 -7.00 27.34 -23.05
C LEU N 77 -7.20 25.95 -23.64
N THR N 78 -6.24 25.45 -24.43
CA THR N 78 -6.34 24.11 -25.06
C THR N 78 -7.66 23.99 -25.84
N TYR N 79 -7.94 24.96 -26.71
CA TYR N 79 -9.22 24.94 -27.48
C TYR N 79 -9.02 25.53 -28.88
N THR N 80 -7.76 25.77 -29.28
CA THR N 80 -7.51 26.41 -30.59
C THR N 80 -7.07 25.35 -31.61
N LEU N 81 -7.94 25.00 -32.56
CA LEU N 81 -7.56 24.05 -33.64
C LEU N 81 -6.38 24.64 -34.41
N ASP N 82 -5.35 23.84 -34.69
CA ASP N 82 -4.14 24.38 -35.35
C ASP N 82 -3.38 23.25 -36.06
N ALA N 83 -2.37 23.59 -36.85
CA ALA N 83 -1.56 22.58 -37.56
C ALA N 83 -2.50 21.70 -38.39
N MET N 84 -3.54 22.29 -38.96
CA MET N 84 -4.52 21.52 -39.78
C MET N 84 -4.22 21.74 -41.26
N SER N 85 -4.05 20.64 -42.01
CA SER N 85 -3.79 20.76 -43.48
C SER N 85 -5.04 20.31 -44.25
N GLY N 86 -5.37 21.01 -45.33
CA GLY N 86 -6.56 20.67 -46.13
C GLY N 86 -6.43 21.15 -47.57
N SER N 87 -7.55 21.19 -48.30
CA SER N 87 -7.53 21.65 -49.71
C SER N 87 -8.45 22.85 -49.89
N PHE N 88 -7.91 23.97 -50.39
CA PHE N 88 -8.73 25.18 -50.64
C PHE N 88 -8.59 25.60 -52.10
N LYS N 89 -9.70 25.98 -52.73
CA LYS N 89 -9.65 26.43 -54.15
C LYS N 89 -10.49 27.70 -54.31
N VAL N 90 -10.32 28.40 -55.43
CA VAL N 90 -11.12 29.64 -55.71
C VAL N 90 -11.29 29.76 -57.22
N GLY N 91 -12.52 30.01 -57.68
CA GLY N 91 -12.78 30.17 -59.13
C GLY N 91 -12.64 31.61 -59.55
N SER N 92 -12.79 31.90 -60.85
CA SER N 92 -12.77 33.30 -61.32
C SER N 92 -13.85 34.09 -60.59
N ASP N 93 -14.99 33.46 -60.32
CA ASP N 93 -16.07 34.11 -59.56
C ASP N 93 -15.78 34.00 -58.06
N GLY N 94 -16.78 34.23 -57.21
CA GLY N 94 -16.59 34.10 -55.75
C GLY N 94 -16.46 32.65 -55.34
N SER N 95 -16.78 31.71 -56.24
CA SER N 95 -16.76 30.27 -55.89
C SER N 95 -15.51 29.95 -55.06
N ALA N 96 -15.70 29.42 -53.85
CA ALA N 96 -14.55 29.06 -52.98
C ALA N 96 -14.88 27.76 -52.25
N GLU N 97 -13.96 26.78 -52.28
CA GLU N 97 -14.18 25.51 -51.56
C GLU N 97 -13.11 25.36 -50.47
N LEU N 98 -13.53 25.15 -49.22
CA LEU N 98 -12.56 24.95 -48.11
C LEU N 98 -12.77 23.53 -47.55
N LYS N 99 -11.76 22.66 -47.70
CA LYS N 99 -11.93 21.25 -47.24
C LYS N 99 -10.83 20.88 -46.25
N GLU N 100 -11.20 20.66 -44.98
CA GLU N 100 -10.21 20.24 -43.96
C GLU N 100 -9.84 18.77 -44.18
N ASP N 101 -8.56 18.43 -44.04
CA ASP N 101 -8.10 17.03 -44.28
C ASP N 101 -7.65 16.39 -42.96
N ASP N 102 -6.54 16.88 -42.40
CA ASP N 102 -6.00 16.27 -41.14
C ASP N 102 -5.57 17.39 -40.18
N GLY N 103 -4.63 17.09 -39.28
CA GLY N 103 -4.14 18.09 -38.30
C GLY N 103 -4.91 18.02 -36.99
N ILE N 104 -4.67 18.98 -36.09
CA ILE N 104 -5.44 19.02 -34.81
C ILE N 104 -6.83 19.58 -35.13
N ASP N 105 -7.66 18.80 -35.82
CA ASP N 105 -9.00 19.28 -36.24
C ASP N 105 -9.98 19.23 -35.06
N TYR N 106 -9.61 18.55 -33.97
CA TYR N 106 -10.54 18.40 -32.82
C TYR N 106 -9.91 19.01 -31.56
N ALA N 107 -10.76 19.45 -30.62
CA ALA N 107 -10.28 20.05 -29.36
C ALA N 107 -11.40 20.04 -28.32
N ALA N 108 -11.32 19.14 -27.33
CA ALA N 108 -12.35 19.06 -26.27
C ALA N 108 -12.37 20.37 -25.50
N THR N 109 -13.57 20.85 -25.13
CA THR N 109 -13.70 22.15 -24.43
C THR N 109 -14.87 22.08 -23.43
N THR N 110 -14.60 22.34 -22.15
CA THR N 110 -15.67 22.34 -21.12
C THR N 110 -15.93 23.78 -20.68
N VAL N 111 -17.13 24.30 -20.93
CA VAL N 111 -17.45 25.72 -20.58
C VAL N 111 -18.61 25.72 -19.59
N GLN N 112 -18.63 26.68 -18.67
CA GLN N 112 -19.72 26.76 -17.65
C GLN N 112 -20.68 27.88 -18.03
N LEU N 113 -21.96 27.54 -18.23
CA LEU N 113 -22.98 28.57 -18.59
C LEU N 113 -23.56 29.17 -17.31
N PRO N 114 -24.29 30.31 -17.37
CA PRO N 114 -24.82 30.97 -16.18
C PRO N 114 -25.70 29.99 -15.38
N GLY N 115 -25.47 29.88 -14.07
CA GLY N 115 -26.24 28.93 -13.25
C GLY N 115 -25.37 27.77 -12.79
N GLY N 116 -24.05 27.87 -13.01
CA GLY N 116 -23.12 26.83 -12.55
C GLY N 116 -23.34 25.50 -13.26
N GLU N 117 -23.64 25.55 -14.57
CA GLU N 117 -23.80 24.30 -15.35
C GLU N 117 -22.63 24.15 -16.33
N ARG N 118 -21.78 23.15 -16.13
CA ARG N 118 -20.63 22.92 -17.04
C ARG N 118 -21.12 22.13 -18.27
N VAL N 119 -21.04 22.74 -19.46
CA VAL N 119 -21.43 22.03 -20.71
C VAL N 119 -20.16 21.68 -21.48
N ALA N 120 -19.85 20.38 -21.60
CA ALA N 120 -18.63 19.93 -22.31
C ALA N 120 -18.94 19.69 -23.78
N PHE N 121 -18.05 20.12 -24.68
CA PHE N 121 -18.26 19.92 -26.14
C PHE N 121 -16.91 19.74 -26.82
N LEU N 122 -16.86 18.91 -27.86
CA LEU N 122 -15.59 18.69 -28.60
C LEU N 122 -15.53 19.68 -29.78
N PHE N 123 -14.98 20.87 -29.55
CA PHE N 123 -14.84 21.86 -30.66
C PHE N 123 -14.03 21.20 -31.79
N THR N 124 -14.59 21.15 -33.00
CA THR N 124 -13.90 20.46 -34.11
C THR N 124 -14.56 20.80 -35.45
N ILE N 125 -13.81 20.69 -36.55
CA ILE N 125 -14.38 20.91 -37.91
C ILE N 125 -14.01 19.69 -38.77
N LYS N 126 -13.82 18.54 -38.13
CA LYS N 126 -13.39 17.32 -38.88
C LYS N 126 -14.24 17.15 -40.13
N GLN N 127 -13.59 16.85 -41.27
CA GLN N 127 -14.32 16.58 -42.53
C GLN N 127 -15.20 17.79 -42.90
N PHE N 128 -14.66 19.01 -42.77
CA PHE N 128 -15.42 20.20 -43.21
C PHE N 128 -15.29 20.34 -44.73
N ASP N 129 -16.42 20.52 -45.42
CA ASP N 129 -16.39 20.66 -46.91
C ASP N 129 -17.12 21.95 -47.29
N GLY N 130 -16.59 23.10 -46.89
CA GLY N 130 -17.22 24.40 -47.24
C GLY N 130 -17.17 24.62 -48.75
N LYS N 131 -18.25 25.14 -49.32
CA LYS N 131 -18.32 25.33 -50.79
C LYS N 131 -19.14 26.58 -51.12
N GLY N 132 -18.97 27.65 -50.34
CA GLY N 132 -19.67 28.92 -50.63
C GLY N 132 -18.83 29.83 -51.48
N THR N 133 -19.02 31.15 -51.38
CA THR N 133 -18.17 32.10 -52.13
C THR N 133 -16.88 32.34 -51.34
N LEU N 134 -16.02 33.26 -51.80
CA LEU N 134 -14.77 33.58 -51.06
C LEU N 134 -15.14 33.87 -49.61
N ASP N 135 -16.29 34.52 -49.40
CA ASP N 135 -16.78 34.75 -48.01
C ASP N 135 -18.02 33.87 -47.82
N GLY N 136 -18.36 33.53 -46.58
CA GLY N 136 -19.49 32.62 -46.35
C GLY N 136 -19.30 31.31 -47.08
N ILE N 137 -18.21 30.59 -46.79
CA ILE N 137 -17.98 29.25 -47.41
C ILE N 137 -18.74 28.21 -46.58
N LYS N 138 -20.06 28.18 -46.70
CA LYS N 138 -20.88 27.26 -45.85
C LYS N 138 -20.42 25.82 -46.05
N GLY N 139 -20.50 25.00 -45.00
CA GLY N 139 -20.11 23.58 -45.08
C GLY N 139 -20.53 22.82 -43.84
N ASP N 140 -20.47 21.48 -43.89
CA ASP N 140 -20.82 20.65 -42.71
C ASP N 140 -19.56 19.90 -42.23
N PHE N 141 -19.48 19.63 -40.93
CA PHE N 141 -18.29 18.93 -40.36
C PHE N 141 -18.75 17.80 -39.45
N LEU N 142 -17.91 16.77 -39.30
CA LEU N 142 -18.25 15.62 -38.42
C LEU N 142 -18.12 16.04 -36.96
N VAL N 143 -18.95 15.49 -36.08
CA VAL N 143 -18.86 15.79 -34.62
C VAL N 143 -18.73 14.46 -33.88
N PRO N 144 -17.53 13.83 -33.85
CA PRO N 144 -17.35 12.53 -33.21
C PRO N 144 -17.80 12.55 -31.74
N SER N 145 -18.17 11.39 -31.19
CA SER N 145 -18.61 11.30 -29.78
C SER N 145 -17.53 11.88 -28.87
N TYR N 146 -17.92 12.77 -27.95
CA TYR N 146 -16.94 13.38 -27.00
C TYR N 146 -16.13 12.27 -26.34
N ARG N 147 -16.80 11.17 -25.97
CA ARG N 147 -16.10 10.02 -25.33
C ARG N 147 -16.06 8.85 -26.31
N GLY N 148 -14.98 8.06 -26.29
CA GLY N 148 -14.86 6.88 -27.17
C GLY N 148 -15.57 5.67 -26.59
N SER N 149 -15.71 4.61 -27.38
CA SER N 149 -16.39 3.38 -26.91
C SER N 149 -15.62 2.77 -25.72
N SER N 150 -14.29 2.77 -25.80
CA SER N 150 -13.45 2.21 -24.71
C SER N 150 -13.72 2.95 -23.40
N PHE N 151 -13.88 4.28 -23.46
CA PHE N 151 -14.09 5.09 -22.24
C PHE N 151 -15.03 4.36 -21.28
N LEU N 152 -14.60 4.16 -20.03
CA LEU N 152 -15.45 3.50 -19.01
C LEU N 152 -16.07 4.55 -18.09
N ASP N 153 -17.33 4.36 -17.70
CA ASP N 153 -18.00 5.30 -16.76
C ASP N 153 -17.59 4.95 -15.33
N PRO N 154 -17.93 5.77 -14.31
CA PRO N 154 -17.63 5.42 -12.90
C PRO N 154 -18.08 3.99 -12.55
N LYS N 155 -19.22 3.56 -13.08
CA LYS N 155 -19.76 2.20 -12.76
C LYS N 155 -18.93 1.14 -13.49
N GLY N 156 -18.12 1.56 -14.48
CA GLY N 156 -17.29 0.62 -15.24
C GLY N 156 -17.96 0.21 -16.54
N ARG N 157 -19.26 0.48 -16.68
CA ARG N 157 -20.01 0.12 -17.91
C ARG N 157 -19.51 1.00 -19.07
N GLY N 158 -19.23 0.39 -20.24
CA GLY N 158 -18.73 1.15 -21.39
C GLY N 158 -19.08 0.46 -22.70
N GLY N 159 -18.66 1.03 -23.83
CA GLY N 159 -18.98 0.47 -25.16
C GLY N 159 -18.18 -0.79 -25.44
N SER N 160 -17.06 -0.66 -26.18
CA SER N 160 -16.23 -1.83 -26.53
C SER N 160 -15.72 -2.52 -25.26
N THR N 161 -15.38 -1.72 -24.24
CA THR N 161 -14.88 -2.29 -22.96
C THR N 161 -15.74 -1.75 -21.81
N GLY N 162 -16.56 -2.60 -21.19
CA GLY N 162 -17.42 -2.16 -20.07
C GLY N 162 -18.32 -3.28 -19.55
N TYR N 163 -18.86 -3.12 -18.34
CA TYR N 163 -19.74 -4.14 -17.73
C TYR N 163 -21.05 -4.23 -18.53
N ASP N 164 -21.61 -3.09 -18.94
CA ASP N 164 -22.88 -3.06 -19.70
C ASP N 164 -24.08 -3.20 -18.75
N ASN N 165 -23.83 -3.53 -17.47
CA ASN N 165 -24.95 -3.73 -16.51
C ASN N 165 -24.61 -3.06 -15.17
N ALA N 166 -25.63 -2.75 -14.37
CA ALA N 166 -25.40 -2.15 -13.04
C ALA N 166 -24.94 -3.23 -12.06
N VAL N 167 -23.67 -3.62 -12.13
CA VAL N 167 -23.14 -4.70 -11.25
C VAL N 167 -23.37 -4.33 -9.78
N ALA N 168 -23.38 -3.02 -9.48
CA ALA N 168 -23.59 -2.55 -8.09
C ALA N 168 -24.89 -3.15 -7.54
N LEU N 169 -26.01 -2.87 -8.20
CA LEU N 169 -27.33 -3.41 -7.76
C LEU N 169 -27.61 -4.70 -8.52
N PRO N 170 -27.33 -5.90 -7.94
CA PRO N 170 -27.51 -7.16 -8.65
C PRO N 170 -28.98 -7.39 -9.04
N ALA N 171 -29.90 -7.11 -8.12
CA ALA N 171 -31.35 -7.32 -8.39
C ALA N 171 -31.81 -6.38 -9.50
N ARG N 172 -31.21 -5.18 -9.59
CA ARG N 172 -31.64 -4.17 -10.60
C ARG N 172 -30.54 -4.02 -11.66
N ALA N 173 -29.70 -5.04 -11.84
CA ALA N 173 -28.57 -4.95 -12.80
C ALA N 173 -29.11 -4.59 -14.19
N ASP N 174 -30.25 -5.16 -14.58
CA ASP N 174 -30.86 -4.88 -15.90
C ASP N 174 -32.29 -4.37 -15.71
N ALA N 175 -32.58 -3.14 -16.15
CA ALA N 175 -33.93 -2.55 -15.98
C ALA N 175 -34.03 -1.25 -16.79
N GLU N 176 -34.86 -0.32 -16.34
CA GLU N 176 -35.00 1.00 -17.02
C GLU N 176 -33.64 1.69 -17.07
N GLU N 177 -32.71 1.28 -16.20
CA GLU N 177 -31.35 1.85 -16.19
C GLU N 177 -30.71 1.58 -17.55
N LEU N 178 -31.43 0.92 -18.45
CA LEU N 178 -30.87 0.57 -19.79
C LEU N 178 -30.37 1.83 -20.49
N LEU N 179 -31.07 2.95 -20.32
CA LEU N 179 -30.68 4.21 -21.00
C LEU N 179 -29.22 4.53 -20.64
N LYS N 180 -28.81 4.22 -19.40
CA LYS N 180 -27.44 4.54 -18.95
C LYS N 180 -26.55 3.30 -19.06
N GLU N 181 -27.13 2.11 -18.92
CA GLU N 181 -26.30 0.87 -18.91
C GLU N 181 -26.48 0.11 -20.23
N ASN N 182 -25.38 -0.36 -20.83
CA ASN N 182 -25.46 -1.16 -22.09
C ASN N 182 -25.82 -0.24 -23.25
N VAL N 183 -25.93 1.07 -23.01
CA VAL N 183 -26.18 2.03 -24.13
C VAL N 183 -24.83 2.56 -24.61
N LYS N 184 -24.20 3.45 -23.84
CA LYS N 184 -22.86 3.97 -24.22
C LYS N 184 -22.82 4.21 -25.73
N ILE N 185 -23.85 4.85 -26.28
CA ILE N 185 -23.90 5.12 -27.76
C ILE N 185 -22.77 6.08 -28.12
N THR N 186 -21.94 5.71 -29.11
CA THR N 186 -20.79 6.55 -29.52
C THR N 186 -20.98 7.04 -30.96
N LYS N 187 -22.21 6.97 -31.47
CA LYS N 187 -22.50 7.43 -32.87
C LYS N 187 -22.07 8.90 -33.00
N ALA N 188 -21.44 9.24 -34.13
CA ALA N 188 -20.97 10.62 -34.37
C ALA N 188 -22.12 11.50 -34.88
N LEU N 189 -22.13 12.78 -34.51
CA LEU N 189 -23.19 13.72 -34.99
C LEU N 189 -22.58 14.64 -36.05
N LYS N 190 -23.36 15.61 -36.53
CA LYS N 190 -22.85 16.54 -37.58
C LYS N 190 -23.04 17.99 -37.13
N GLY N 191 -22.24 18.91 -37.67
CA GLY N 191 -22.37 20.34 -37.35
C GLY N 191 -22.10 21.20 -38.56
N SER N 192 -22.62 22.43 -38.58
CA SER N 192 -22.46 23.33 -39.74
C SER N 192 -21.45 24.44 -39.41
N ALA N 193 -20.56 24.75 -40.35
CA ALA N 193 -19.56 25.82 -40.13
C ALA N 193 -19.53 26.75 -41.35
N VAL N 194 -19.32 28.04 -41.13
CA VAL N 194 -19.23 29.02 -42.26
C VAL N 194 -17.93 29.80 -42.11
N PHE N 195 -17.11 29.85 -43.16
CA PHE N 195 -15.81 30.57 -43.11
C PHE N 195 -15.82 31.72 -44.10
N SER N 196 -15.17 32.84 -43.75
CA SER N 196 -15.08 34.00 -44.68
C SER N 196 -13.65 34.54 -44.67
N VAL N 197 -13.10 34.81 -45.87
CA VAL N 197 -11.70 35.30 -45.96
C VAL N 197 -11.69 36.82 -45.80
N ALA N 198 -11.24 37.32 -44.65
CA ALA N 198 -11.20 38.77 -44.39
C ALA N 198 -10.11 39.43 -45.25
N LYS N 199 -8.92 38.83 -45.28
CA LYS N 199 -7.79 39.40 -46.06
C LYS N 199 -7.01 38.28 -46.74
N VAL N 200 -6.29 38.61 -47.83
CA VAL N 200 -5.45 37.60 -48.52
C VAL N 200 -4.07 38.20 -48.76
N ASP N 201 -3.01 37.49 -48.37
CA ASP N 201 -1.63 37.97 -48.64
C ASP N 201 -1.07 37.19 -49.83
N PRO N 202 -1.23 37.69 -51.08
CA PRO N 202 -0.81 36.93 -52.26
C PRO N 202 0.70 36.66 -52.28
N VAL N 203 1.50 37.67 -51.90
CA VAL N 203 2.99 37.53 -51.96
C VAL N 203 3.40 36.38 -51.03
N THR N 204 2.81 36.29 -49.84
CA THR N 204 3.20 35.25 -48.86
C THR N 204 2.25 34.06 -48.97
N GLY N 205 1.29 34.12 -49.89
CA GLY N 205 0.30 33.03 -50.04
C GLY N 205 -0.32 32.67 -48.70
N GLU N 206 -0.83 33.68 -47.99
CA GLU N 206 -1.46 33.45 -46.65
C GLU N 206 -2.85 34.07 -46.65
N ILE N 207 -3.84 33.36 -46.08
CA ILE N 207 -5.24 33.87 -46.04
C ILE N 207 -5.73 33.84 -44.58
N ALA N 208 -6.54 34.83 -44.19
CA ALA N 208 -7.10 34.86 -42.83
C ALA N 208 -8.51 35.45 -42.87
N GLY N 209 -9.37 35.04 -41.93
CA GLY N 209 -10.76 35.54 -41.90
C GLY N 209 -11.50 35.12 -40.64
N VAL N 210 -12.82 35.17 -40.66
CA VAL N 210 -13.63 34.83 -39.45
C VAL N 210 -14.34 33.49 -39.68
N PHE N 211 -14.60 32.74 -38.61
CA PHE N 211 -15.30 31.43 -38.72
C PHE N 211 -16.49 31.42 -37.76
N GLU N 212 -17.57 30.73 -38.14
CA GLU N 212 -18.75 30.60 -37.26
C GLU N 212 -19.31 29.18 -37.40
N SER N 213 -19.49 28.47 -36.28
CA SER N 213 -19.94 27.05 -36.36
C SER N 213 -20.86 26.71 -35.19
N ILE N 214 -21.93 25.96 -35.44
CA ILE N 214 -22.83 25.51 -34.34
C ILE N 214 -22.77 23.98 -34.28
N GLN N 215 -22.24 23.42 -33.20
CA GLN N 215 -22.07 21.94 -33.12
C GLN N 215 -22.81 21.40 -31.90
N PRO N 216 -23.26 20.13 -31.91
CA PRO N 216 -23.90 19.54 -30.72
C PRO N 216 -22.90 19.40 -29.58
N SER N 217 -23.37 19.41 -28.33
CA SER N 217 -22.48 19.24 -27.15
C SER N 217 -22.37 17.75 -26.81
N ASP N 218 -21.61 17.42 -25.77
CA ASP N 218 -21.43 16.01 -25.34
C ASP N 218 -22.80 15.41 -25.01
N THR N 219 -23.04 14.16 -25.41
CA THR N 219 -24.33 13.48 -25.13
C THR N 219 -24.15 12.47 -24.01
N ASP N 220 -22.98 12.48 -23.36
CA ASP N 220 -22.69 11.49 -22.29
C ASP N 220 -22.99 10.08 -22.82
N LEU N 221 -22.47 9.77 -24.01
CA LEU N 221 -22.69 8.43 -24.62
C LEU N 221 -24.20 8.15 -24.68
N GLY N 222 -25.01 9.18 -24.97
CA GLY N 222 -26.46 8.98 -25.10
C GLY N 222 -27.21 9.19 -23.80
N ALA N 223 -26.48 9.32 -22.69
CA ALA N 223 -27.13 9.46 -21.37
C ALA N 223 -27.90 10.78 -21.31
N LYS N 224 -27.36 11.84 -21.92
CA LYS N 224 -28.02 13.17 -21.88
C LYS N 224 -28.24 13.68 -23.30
N PRO N 225 -29.25 14.54 -23.58
CA PRO N 225 -29.43 15.11 -24.92
C PRO N 225 -28.30 16.11 -25.25
N PRO N 226 -27.86 16.22 -26.52
CA PRO N 226 -26.82 17.18 -26.90
C PRO N 226 -27.37 18.61 -26.88
N LYS N 227 -26.47 19.60 -26.76
CA LYS N 227 -26.90 21.03 -26.71
C LYS N 227 -26.14 21.83 -27.78
N ASP N 228 -26.82 22.72 -28.49
CA ASP N 228 -26.17 23.49 -29.60
C ASP N 228 -25.08 24.40 -29.02
N ILE N 229 -23.86 24.31 -29.57
CA ILE N 229 -22.76 25.21 -29.12
C ILE N 229 -22.34 26.08 -30.31
N LYS N 230 -22.62 27.39 -30.26
CA LYS N 230 -22.22 28.31 -31.34
C LYS N 230 -20.82 28.85 -31.04
N VAL N 231 -19.82 28.43 -31.82
CA VAL N 231 -18.42 28.88 -31.59
C VAL N 231 -18.03 29.86 -32.69
N THR N 232 -17.69 31.09 -32.32
CA THR N 232 -17.25 32.11 -33.32
C THR N 232 -15.80 32.50 -33.01
N GLY N 233 -15.00 32.70 -34.05
CA GLY N 233 -13.58 33.05 -33.85
C GLY N 233 -12.90 33.46 -35.14
N LEU N 234 -11.57 33.53 -35.14
CA LEU N 234 -10.80 33.94 -36.35
C LEU N 234 -10.02 32.73 -36.86
N TRP N 235 -9.81 32.66 -38.18
CA TRP N 235 -9.07 31.52 -38.79
C TRP N 235 -7.91 32.07 -39.63
N TYR N 236 -6.77 31.34 -39.63
CA TYR N 236 -5.61 31.76 -40.45
C TYR N 236 -5.05 30.53 -41.16
N ALA N 237 -4.63 30.70 -42.42
CA ALA N 237 -4.07 29.56 -43.19
C ALA N 237 -3.08 30.07 -44.23
N GLN N 238 -2.16 29.19 -44.67
CA GLN N 238 -1.19 29.58 -45.71
C GLN N 238 -1.47 28.75 -46.97
N LEU N 239 -1.85 29.42 -48.07
CA LEU N 239 -2.16 28.70 -49.34
C LEU N 239 -0.85 28.41 -50.07
N LYS N 240 -0.22 27.27 -49.77
CA LYS N 240 1.07 26.91 -50.41
C LYS N 240 1.03 25.45 -50.84
N ALA O 1 9.65 -42.45 0.23
CA ALA O 1 10.75 -41.68 0.88
C ALA O 1 12.08 -42.03 0.22
N TYR O 2 12.21 -41.76 -1.08
CA TYR O 2 13.46 -42.06 -1.80
C TYR O 2 14.59 -41.23 -1.18
N GLY O 3 15.71 -41.88 -0.85
CA GLY O 3 16.84 -41.17 -0.20
C GLY O 3 17.67 -40.40 -1.20
N ASP O 4 17.07 -39.46 -1.91
CA ASP O 4 17.82 -38.62 -2.88
C ASP O 4 18.54 -37.51 -2.10
N SER O 5 19.88 -37.49 -2.15
CA SER O 5 20.66 -36.44 -1.46
C SER O 5 20.34 -35.08 -2.09
N ALA O 6 20.27 -34.03 -1.28
CA ALA O 6 20.03 -32.67 -1.82
C ALA O 6 21.13 -32.33 -2.83
N ASN O 7 20.81 -31.48 -3.81
CA ASN O 7 21.81 -31.10 -4.85
C ASN O 7 22.73 -30.02 -4.29
N VAL O 8 23.24 -30.23 -3.07
CA VAL O 8 24.17 -29.24 -2.45
C VAL O 8 25.44 -29.18 -3.29
N PHE O 9 25.87 -27.97 -3.68
CA PHE O 9 27.08 -27.81 -4.53
C PHE O 9 26.93 -28.70 -5.76
N GLY O 10 25.72 -28.79 -6.31
CA GLY O 10 25.47 -29.63 -7.50
C GLY O 10 25.40 -28.79 -8.77
N LYS O 11 24.73 -29.31 -9.81
CA LYS O 11 24.60 -28.58 -11.10
C LYS O 11 23.12 -28.35 -11.40
N VAL O 12 22.79 -27.23 -12.05
CA VAL O 12 21.36 -26.91 -12.38
C VAL O 12 20.83 -27.98 -13.34
N THR O 13 19.58 -28.40 -13.16
CA THR O 13 18.96 -29.40 -14.06
C THR O 13 18.85 -28.81 -15.47
N ASN O 14 18.02 -27.78 -15.64
CA ASN O 14 17.81 -27.17 -17.00
C ASN O 14 17.85 -25.65 -16.89
N LYS O 15 18.72 -24.99 -17.67
CA LYS O 15 18.75 -23.51 -17.69
C LYS O 15 18.44 -23.01 -19.10
N SER O 16 18.05 -23.92 -20.00
CA SER O 16 17.75 -23.56 -21.41
C SER O 16 16.59 -22.57 -21.46
N GLY O 17 15.69 -22.62 -20.47
CA GLY O 17 14.49 -21.76 -20.47
C GLY O 17 13.39 -22.37 -21.31
N PHE O 18 13.65 -23.52 -21.92
CA PHE O 18 12.63 -24.22 -22.73
C PHE O 18 12.56 -25.70 -22.33
N VAL O 19 11.36 -26.22 -22.12
CA VAL O 19 11.19 -27.66 -21.76
C VAL O 19 10.67 -28.40 -22.98
N PRO O 20 11.38 -29.43 -23.49
CA PRO O 20 10.96 -30.15 -24.70
C PRO O 20 9.61 -30.85 -24.47
N TYR O 21 8.65 -30.63 -25.37
CA TYR O 21 7.30 -31.27 -25.24
C TYR O 21 7.03 -32.12 -26.48
N ALA O 22 6.35 -33.26 -26.29
CA ALA O 22 5.98 -34.14 -27.43
C ALA O 22 4.47 -34.37 -27.41
N GLY O 23 3.82 -34.21 -28.56
CA GLY O 23 2.36 -34.43 -28.64
C GLY O 23 2.01 -35.45 -29.71
N ASP O 24 0.78 -35.37 -30.24
CA ASP O 24 0.33 -36.32 -31.30
C ASP O 24 0.85 -35.87 -32.65
N GLY O 25 2.00 -36.38 -33.08
CA GLY O 25 2.54 -36.04 -34.41
C GLY O 25 3.11 -34.63 -34.45
N PHE O 26 3.16 -33.96 -33.30
CA PHE O 26 3.74 -32.59 -33.24
C PHE O 26 4.67 -32.49 -32.02
N ALA O 27 5.81 -31.81 -32.18
CA ALA O 27 6.76 -31.65 -31.06
C ALA O 27 7.28 -30.21 -31.05
N LEU O 28 7.49 -29.64 -29.85
CA LEU O 28 7.98 -28.24 -29.74
C LEU O 28 8.57 -28.03 -28.34
N LEU O 29 9.39 -26.99 -28.18
CA LEU O 29 10.00 -26.68 -26.86
C LEU O 29 9.18 -25.61 -26.15
N LEU O 30 8.26 -26.01 -25.27
CA LEU O 30 7.39 -25.04 -24.56
C LEU O 30 8.25 -24.19 -23.62
N PRO O 31 7.93 -22.88 -23.43
CA PRO O 31 8.67 -22.05 -22.47
C PRO O 31 8.57 -22.69 -21.07
N ALA O 32 9.68 -22.73 -20.33
CA ALA O 32 9.68 -23.40 -19.01
C ALA O 32 8.70 -22.73 -18.05
N LYS O 33 8.73 -21.40 -17.97
CA LYS O 33 7.86 -20.68 -16.99
C LYS O 33 6.39 -20.86 -17.35
N TRP O 34 6.07 -21.04 -18.64
CA TRP O 34 4.66 -21.15 -19.07
C TRP O 34 4.02 -22.39 -18.43
N ASN O 35 2.76 -22.28 -18.01
CA ASN O 35 2.07 -23.41 -17.32
C ASN O 35 0.94 -23.93 -18.21
N PRO O 36 0.53 -25.21 -18.09
CA PRO O 36 -0.57 -25.76 -18.89
C PRO O 36 -1.86 -24.94 -18.74
N SER O 37 -2.64 -24.82 -19.81
CA SER O 37 -3.93 -24.09 -19.75
C SER O 37 -5.08 -25.06 -20.03
N LYS O 38 -6.28 -24.76 -19.55
CA LYS O 38 -7.42 -25.69 -19.71
C LYS O 38 -8.57 -25.00 -20.48
N GLU O 39 -8.25 -23.96 -21.25
CA GLU O 39 -9.29 -23.20 -22.00
C GLU O 39 -9.18 -23.53 -23.49
N ASN O 40 -10.22 -24.16 -24.06
CA ASN O 40 -10.23 -24.46 -25.51
C ASN O 40 -10.75 -23.24 -26.27
N ASP O 41 -9.85 -22.29 -26.58
CA ASP O 41 -10.27 -21.03 -27.24
C ASP O 41 -10.87 -21.33 -28.62
N PHE O 42 -10.28 -22.26 -29.36
CA PHE O 42 -10.76 -22.56 -30.73
C PHE O 42 -11.06 -24.06 -30.87
N PRO O 43 -11.75 -24.51 -31.94
CA PRO O 43 -11.99 -25.94 -32.15
C PRO O 43 -10.73 -26.65 -32.62
N GLY O 44 -10.49 -27.88 -32.11
CA GLY O 44 -9.31 -28.66 -32.53
C GLY O 44 -8.09 -28.33 -31.71
N VAL O 45 -8.25 -27.58 -30.62
CA VAL O 45 -7.10 -27.26 -29.72
C VAL O 45 -6.53 -28.57 -29.15
N ILE O 46 -5.22 -28.79 -29.32
CA ILE O 46 -4.58 -30.04 -28.81
C ILE O 46 -3.69 -29.66 -27.62
N LEU O 47 -2.86 -28.63 -27.78
CA LEU O 47 -1.97 -28.17 -26.67
C LEU O 47 -2.28 -26.70 -26.39
N ARG O 48 -2.39 -26.33 -25.11
CA ARG O 48 -2.70 -24.92 -24.74
C ARG O 48 -1.90 -24.54 -23.49
N TYR O 49 -0.92 -23.65 -23.64
CA TYR O 49 -0.07 -23.21 -22.49
C TYR O 49 -0.18 -21.69 -22.35
N GLU O 50 0.04 -21.18 -21.14
CA GLU O 50 -0.07 -19.72 -20.90
C GLU O 50 1.02 -19.30 -19.90
N ASP O 51 1.44 -18.02 -19.95
CA ASP O 51 2.50 -17.52 -19.04
C ASP O 51 2.00 -17.60 -17.60
N ASN O 52 2.92 -17.73 -16.64
CA ASN O 52 2.53 -17.88 -15.20
C ASN O 52 1.63 -16.70 -14.79
N PHE O 53 1.96 -15.48 -15.23
CA PHE O 53 1.19 -14.29 -14.81
C PHE O 53 0.29 -13.81 -15.95
N ASP O 54 0.85 -13.09 -16.93
CA ASP O 54 0.03 -12.53 -18.02
C ASP O 54 -0.54 -13.66 -18.88
N ALA O 55 -1.87 -13.80 -18.92
CA ALA O 55 -2.52 -14.85 -19.74
C ALA O 55 -2.46 -14.46 -21.22
N VAL O 56 -2.25 -13.17 -21.51
CA VAL O 56 -2.14 -12.70 -22.92
C VAL O 56 -1.03 -13.50 -23.60
N ASN O 57 0.07 -13.76 -22.89
CA ASN O 57 1.17 -14.58 -23.45
C ASN O 57 0.75 -16.06 -23.39
N ASN O 58 0.14 -16.56 -24.46
CA ASN O 58 -0.36 -17.97 -24.46
C ASN O 58 0.04 -18.66 -25.76
N LEU O 59 -0.02 -20.00 -25.78
CA LEU O 59 0.33 -20.78 -27.00
C LEU O 59 -0.74 -21.85 -27.22
N VAL O 60 -1.24 -21.98 -28.45
CA VAL O 60 -2.29 -23.00 -28.76
C VAL O 60 -1.86 -23.81 -29.98
N VAL O 61 -1.93 -25.14 -29.90
CA VAL O 61 -1.60 -26.01 -31.06
C VAL O 61 -2.90 -26.66 -31.55
N ILE O 62 -3.44 -26.18 -32.68
CA ILE O 62 -4.74 -26.70 -33.19
C ILE O 62 -4.47 -27.72 -34.29
N ALA O 63 -5.08 -28.91 -34.18
CA ALA O 63 -4.91 -29.95 -35.23
C ALA O 63 -6.27 -30.28 -35.83
N GLN O 64 -6.43 -30.06 -37.14
CA GLN O 64 -7.73 -30.31 -37.82
C GLN O 64 -7.51 -31.27 -38.99
N ASP O 65 -8.34 -32.31 -39.10
CA ASP O 65 -8.23 -33.26 -40.23
C ASP O 65 -8.54 -32.51 -41.52
N THR O 66 -7.60 -32.53 -42.48
CA THR O 66 -7.81 -31.82 -43.78
C THR O 66 -7.45 -32.75 -44.92
N ASP O 67 -8.34 -32.89 -45.91
CA ASP O 67 -8.09 -33.78 -47.07
C ASP O 67 -6.77 -33.38 -47.73
N LYS O 68 -6.52 -32.08 -47.89
CA LYS O 68 -5.29 -31.60 -48.56
C LYS O 68 -4.07 -32.25 -47.91
N LYS O 69 -3.16 -32.79 -48.74
CA LYS O 69 -1.94 -33.46 -48.20
C LYS O 69 -0.78 -32.46 -48.12
N ALA O 70 -1.01 -31.22 -48.57
CA ALA O 70 0.05 -30.19 -48.53
C ALA O 70 -0.55 -28.85 -48.09
N ILE O 71 0.19 -28.08 -47.28
CA ILE O 71 -0.30 -26.74 -46.84
C ILE O 71 -0.48 -25.88 -48.10
N ALA O 72 0.31 -26.15 -49.15
CA ALA O 72 0.17 -25.41 -50.42
C ALA O 72 -1.21 -25.67 -51.03
N ASP O 73 -1.74 -26.89 -50.85
CA ASP O 73 -3.05 -27.26 -51.42
C ASP O 73 -4.11 -26.26 -50.93
N PHE O 74 -3.95 -25.76 -49.71
CA PHE O 74 -4.91 -24.77 -49.14
C PHE O 74 -4.93 -23.52 -50.03
N GLY O 75 -3.85 -23.29 -50.78
CA GLY O 75 -3.76 -22.11 -51.67
C GLY O 75 -2.62 -21.20 -51.27
N SER O 76 -2.61 -19.96 -51.80
CA SER O 76 -1.57 -18.98 -51.40
C SER O 76 -1.57 -18.79 -49.88
N GLN O 77 -0.43 -18.41 -49.31
CA GLN O 77 -0.35 -18.16 -47.86
C GLN O 77 -1.41 -17.13 -47.48
N ASP O 78 -1.58 -16.10 -48.31
CA ASP O 78 -2.57 -15.02 -48.02
C ASP O 78 -3.96 -15.65 -47.94
N LYS O 79 -4.32 -16.49 -48.92
CA LYS O 79 -5.64 -17.17 -48.89
C LYS O 79 -5.75 -17.95 -47.58
N PHE O 80 -4.75 -18.77 -47.26
CA PHE O 80 -4.81 -19.60 -46.03
C PHE O 80 -5.01 -18.68 -44.82
N LEU O 81 -4.26 -17.59 -44.76
CA LEU O 81 -4.39 -16.64 -43.62
C LEU O 81 -5.85 -16.22 -43.50
N GLU O 82 -6.50 -15.90 -44.63
CA GLU O 82 -7.93 -15.51 -44.62
C GLU O 82 -8.75 -16.63 -43.98
N SER O 83 -8.49 -17.88 -44.36
CA SER O 83 -9.28 -19.04 -43.84
C SER O 83 -8.98 -19.24 -42.35
N VAL O 84 -7.79 -18.86 -41.90
CA VAL O 84 -7.39 -19.10 -40.47
C VAL O 84 -7.55 -17.79 -39.70
N SER O 85 -8.25 -16.80 -40.28
CA SER O 85 -8.40 -15.48 -39.62
C SER O 85 -9.16 -15.64 -38.29
N TYR O 86 -9.94 -16.71 -38.16
CA TYR O 86 -10.74 -16.93 -36.93
C TYR O 86 -9.83 -16.82 -35.69
N LEU O 87 -8.57 -17.25 -35.83
CA LEU O 87 -7.63 -17.23 -34.68
C LEU O 87 -7.49 -15.80 -34.15
N LEU O 88 -7.37 -14.82 -35.07
CA LEU O 88 -7.17 -13.41 -34.65
C LEU O 88 -8.29 -13.01 -33.68
N GLY O 89 -9.47 -13.62 -33.81
CA GLY O 89 -10.61 -13.27 -32.95
C GLY O 89 -11.68 -12.50 -33.71
N LYS O 90 -12.82 -12.24 -33.06
CA LYS O 90 -13.93 -11.51 -33.74
C LYS O 90 -14.37 -10.34 -32.86
N GLN O 91 -14.71 -9.20 -33.48
CA GLN O 91 -15.16 -8.01 -32.73
C GLN O 91 -16.64 -8.15 -32.39
N ALA O 92 -16.95 -8.53 -31.14
CA ALA O 92 -18.36 -8.65 -30.70
C ALA O 92 -19.01 -7.27 -30.72
N TYR O 93 -18.25 -6.24 -30.34
CA TYR O 93 -18.78 -4.85 -30.32
C TYR O 93 -19.34 -4.53 -31.71
N SER O 94 -20.55 -3.96 -31.77
CA SER O 94 -21.20 -3.66 -33.06
C SER O 94 -21.63 -2.19 -33.10
N GLY O 95 -21.45 -1.47 -32.00
CA GLY O 95 -21.86 -0.06 -31.94
C GLY O 95 -21.18 0.80 -33.00
N GLU O 96 -21.93 1.66 -33.68
CA GLU O 96 -21.34 2.57 -34.69
C GLU O 96 -20.52 3.64 -33.96
N THR O 97 -19.23 3.78 -34.31
CA THR O 97 -18.36 4.75 -33.58
C THR O 97 -17.31 5.32 -34.53
N GLN O 98 -16.93 6.58 -34.33
CA GLN O 98 -15.86 7.22 -35.17
C GLN O 98 -14.95 8.03 -34.25
N SER O 99 -14.92 7.69 -32.96
CA SER O 99 -14.08 8.43 -31.98
C SER O 99 -12.89 7.57 -31.54
N GLU O 100 -12.50 6.60 -32.37
CA GLU O 100 -11.34 5.72 -32.03
C GLU O 100 -10.17 6.09 -32.95
N GLY O 101 -9.12 6.68 -32.38
CA GLY O 101 -7.96 7.12 -33.17
C GLY O 101 -7.18 5.94 -33.73
N GLY O 102 -6.77 5.99 -35.00
CA GLY O 102 -5.97 4.92 -35.61
C GLY O 102 -6.82 3.72 -35.99
N PHE O 103 -8.14 3.88 -35.98
CA PHE O 103 -9.07 2.76 -36.33
C PHE O 103 -10.14 3.26 -37.28
N ALA O 104 -10.49 2.46 -38.29
CA ALA O 104 -11.51 2.84 -39.29
C ALA O 104 -12.88 2.97 -38.61
N PRO O 105 -13.85 3.70 -39.20
CA PRO O 105 -15.15 3.91 -38.56
C PRO O 105 -15.83 2.58 -38.16
N ASN O 106 -16.41 2.53 -36.96
CA ASN O 106 -17.15 1.32 -36.51
C ASN O 106 -16.19 0.13 -36.33
N ARG O 107 -14.87 0.40 -36.34
CA ARG O 107 -13.87 -0.68 -36.12
C ARG O 107 -13.05 -0.33 -34.88
N VAL O 108 -13.05 -1.21 -33.87
CA VAL O 108 -12.33 -0.92 -32.59
C VAL O 108 -11.10 -1.83 -32.50
N SER O 109 -10.87 -2.68 -33.51
CA SER O 109 -9.71 -3.60 -33.50
C SER O 109 -9.12 -3.71 -34.92
N ALA O 110 -7.80 -3.72 -35.03
CA ALA O 110 -7.14 -3.81 -36.35
C ALA O 110 -5.94 -4.76 -36.27
N ALA O 111 -5.86 -5.72 -37.19
CA ALA O 111 -4.71 -6.67 -37.21
C ALA O 111 -3.80 -6.32 -38.39
N SER O 112 -2.49 -6.22 -38.15
CA SER O 112 -1.55 -5.80 -39.22
C SER O 112 -0.53 -6.90 -39.50
N LEU O 113 -0.57 -7.50 -40.69
CA LEU O 113 0.44 -8.51 -41.09
C LEU O 113 1.80 -7.81 -41.24
N LEU O 114 2.81 -8.28 -40.52
CA LEU O 114 4.14 -7.59 -40.56
C LEU O 114 5.20 -8.53 -41.15
N ASP O 115 4.83 -9.79 -41.43
CA ASP O 115 5.82 -10.77 -41.93
C ASP O 115 5.13 -12.08 -42.34
N VAL O 116 5.61 -12.73 -43.41
CA VAL O 116 5.04 -14.03 -43.86
C VAL O 116 6.20 -14.90 -44.35
N SER O 117 6.14 -16.21 -44.15
CA SER O 117 7.28 -17.09 -44.51
C SER O 117 6.80 -18.53 -44.75
N THR O 118 7.62 -19.33 -45.45
CA THR O 118 7.28 -20.75 -45.71
C THR O 118 8.49 -21.63 -45.41
N THR O 119 8.82 -21.81 -44.13
CA THR O 119 9.99 -22.64 -43.74
C THR O 119 9.69 -24.12 -44.03
N THR O 120 10.74 -24.93 -44.19
CA THR O 120 10.55 -26.39 -44.43
C THR O 120 11.37 -27.19 -43.41
N ASP O 121 10.79 -28.28 -42.88
CA ASP O 121 11.51 -29.11 -41.87
C ASP O 121 12.47 -30.07 -42.59
N LYS O 122 13.39 -30.69 -41.85
CA LYS O 122 14.32 -31.67 -42.45
C LYS O 122 13.50 -32.72 -43.20
N LYS O 123 12.36 -33.12 -42.64
CA LYS O 123 11.48 -34.11 -43.30
C LYS O 123 11.15 -33.62 -44.71
N GLY O 124 10.92 -32.32 -44.87
CA GLY O 124 10.65 -31.75 -46.20
C GLY O 124 9.35 -30.94 -46.22
N LYS O 125 8.41 -31.27 -45.34
CA LYS O 125 7.09 -30.58 -45.35
C LYS O 125 7.33 -29.08 -45.11
N THR O 126 6.62 -28.23 -45.85
CA THR O 126 6.78 -26.75 -45.70
C THR O 126 5.89 -26.27 -44.54
N TYR O 127 6.06 -25.01 -44.14
CA TYR O 127 5.27 -24.46 -42.99
C TYR O 127 4.83 -23.03 -43.30
N TYR O 128 3.55 -22.84 -43.62
CA TYR O 128 3.02 -21.47 -43.84
C TYR O 128 3.12 -20.70 -42.52
N LYS O 129 3.93 -19.64 -42.48
CA LYS O 129 4.13 -18.89 -41.21
C LYS O 129 3.75 -17.42 -41.41
N TYR O 130 3.09 -16.82 -40.42
CA TYR O 130 2.64 -15.41 -40.53
C TYR O 130 2.89 -14.68 -39.21
N GLU O 131 3.34 -13.42 -39.28
CA GLU O 131 3.55 -12.61 -38.05
C GLU O 131 2.65 -11.37 -38.13
N LEU O 132 1.74 -11.20 -37.17
CA LEU O 132 0.79 -10.06 -37.23
C LEU O 132 0.71 -9.37 -35.86
N LEU O 133 0.46 -8.06 -35.86
CA LEU O 133 0.28 -7.33 -34.57
C LEU O 133 -1.15 -6.79 -34.53
N VAL O 134 -1.96 -7.27 -33.57
CA VAL O 134 -3.38 -6.84 -33.48
C VAL O 134 -3.48 -5.68 -32.49
N ARG O 135 -4.06 -4.55 -32.93
CA ARG O 135 -4.20 -3.37 -32.03
C ARG O 135 -5.68 -3.16 -31.70
N SER O 136 -5.97 -2.60 -30.52
CA SER O 136 -7.37 -2.37 -30.08
C SER O 136 -7.56 -0.90 -29.68
N ALA O 137 -8.80 -0.42 -29.68
CA ALA O 137 -9.08 0.97 -29.27
C ALA O 137 -8.59 1.18 -27.83
N ASP O 138 -8.82 0.19 -26.96
CA ASP O 138 -8.34 0.29 -25.55
C ASP O 138 -6.81 0.29 -25.55
N GLY O 139 -6.18 -0.34 -26.55
CA GLY O 139 -4.71 -0.38 -26.63
C GLY O 139 -4.10 -1.13 -25.47
N ASP O 140 -4.76 -2.19 -25.00
CA ASP O 140 -4.25 -2.98 -23.84
C ASP O 140 -2.98 -3.72 -24.26
N GLU O 141 -1.99 -3.81 -23.36
CA GLU O 141 -0.73 -4.54 -23.66
C GLU O 141 0.02 -3.85 -24.81
N GLY O 142 -0.42 -2.65 -25.19
CA GLY O 142 0.20 -1.94 -26.32
C GLY O 142 0.16 -2.77 -27.58
N GLY O 143 -0.86 -3.63 -27.71
CA GLY O 143 -0.97 -4.51 -28.90
C GLY O 143 -0.65 -5.94 -28.56
N ARG O 144 -1.15 -6.90 -29.35
CA ARG O 144 -0.91 -8.34 -29.08
C ARG O 144 -0.21 -8.97 -30.28
N HIS O 145 1.05 -9.35 -30.13
CA HIS O 145 1.80 -10.00 -31.24
C HIS O 145 1.20 -11.38 -31.50
N GLN O 146 1.07 -11.77 -32.77
CA GLN O 146 0.45 -13.08 -33.11
C GLN O 146 1.38 -13.86 -34.06
N LEU O 147 1.96 -14.95 -33.57
CA LEU O 147 2.82 -15.81 -34.44
C LEU O 147 2.00 -17.03 -34.85
N ILE O 148 1.65 -17.13 -36.14
CA ILE O 148 0.78 -18.26 -36.61
C ILE O 148 1.54 -19.10 -37.64
N GLY O 149 1.73 -20.38 -37.35
CA GLY O 149 2.41 -21.29 -38.30
C GLY O 149 1.54 -22.51 -38.56
N ALA O 150 1.50 -22.99 -39.80
CA ALA O 150 0.59 -24.12 -40.13
C ALA O 150 1.24 -25.10 -41.11
N THR O 151 0.84 -26.38 -41.03
CA THR O 151 1.38 -27.42 -41.95
C THR O 151 0.50 -28.66 -41.82
N VAL O 152 0.52 -29.54 -42.83
CA VAL O 152 -0.30 -30.79 -42.79
C VAL O 152 0.62 -31.97 -42.43
N GLY O 153 0.31 -32.69 -41.35
CA GLY O 153 1.12 -33.84 -40.93
C GLY O 153 0.91 -35.04 -41.84
N SER O 154 1.79 -36.02 -41.77
CA SER O 154 1.66 -37.25 -42.59
C SER O 154 0.31 -37.92 -42.30
N ASP O 155 -0.33 -37.54 -41.19
CA ASP O 155 -1.65 -38.10 -40.82
C ASP O 155 -2.75 -37.35 -41.58
N ASN O 156 -2.37 -36.63 -42.64
CA ASN O 156 -3.36 -35.83 -43.42
C ASN O 156 -4.15 -34.94 -42.46
N LYS O 157 -3.46 -34.32 -41.49
CA LYS O 157 -4.13 -33.42 -40.53
C LYS O 157 -3.42 -32.07 -40.51
N LEU O 158 -4.18 -30.97 -40.64
CA LEU O 158 -3.57 -29.62 -40.61
C LEU O 158 -3.22 -29.26 -39.16
N TYR O 159 -1.94 -28.96 -38.90
CA TYR O 159 -1.51 -28.54 -37.55
C TYR O 159 -1.20 -27.04 -37.56
N ILE O 160 -1.83 -26.27 -36.67
CA ILE O 160 -1.62 -24.80 -36.62
C ILE O 160 -1.14 -24.39 -35.24
N ILE O 161 -0.03 -23.65 -35.16
CA ILE O 161 0.47 -23.15 -33.85
C ILE O 161 0.31 -21.63 -33.81
N LYS O 162 -0.43 -21.12 -32.83
CA LYS O 162 -0.62 -19.65 -32.70
C LYS O 162 -0.07 -19.18 -31.34
N ILE O 163 0.95 -18.33 -31.35
CA ILE O 163 1.54 -17.80 -30.09
C ILE O 163 1.18 -16.31 -29.98
N GLN O 164 0.57 -15.91 -28.85
CA GLN O 164 0.19 -14.49 -28.65
C GLN O 164 1.02 -13.89 -27.52
N ILE O 165 1.62 -12.73 -27.74
CA ILE O 165 2.46 -12.07 -26.69
C ILE O 165 2.06 -10.60 -26.59
N GLY O 166 1.78 -10.10 -25.38
CA GLY O 166 1.47 -8.67 -25.21
C GLY O 166 2.68 -7.81 -25.56
N ASP O 167 2.51 -6.82 -26.43
CA ASP O 167 3.67 -6.00 -26.88
C ASP O 167 4.51 -5.64 -25.67
N LYS O 168 3.87 -5.23 -24.57
CA LYS O 168 4.61 -4.86 -23.34
C LYS O 168 5.69 -5.91 -23.08
N ARG O 169 5.31 -7.19 -22.99
CA ARG O 169 6.27 -8.27 -22.69
C ARG O 169 7.13 -8.56 -23.92
N TRP O 170 6.57 -8.37 -25.11
CA TRP O 170 7.31 -8.68 -26.37
C TRP O 170 8.69 -8.01 -26.34
N PHE O 171 8.73 -6.70 -26.08
CA PHE O 171 10.01 -5.96 -26.11
C PHE O 171 10.68 -6.03 -24.73
N LYS O 172 10.21 -6.96 -23.88
CA LYS O 172 10.80 -7.12 -22.51
C LYS O 172 11.36 -8.54 -22.36
N GLY O 173 11.58 -9.25 -23.48
CA GLY O 173 12.20 -10.59 -23.41
C GLY O 173 11.26 -11.70 -23.83
N ALA O 174 9.94 -11.48 -23.70
CA ALA O 174 8.96 -12.55 -24.02
C ALA O 174 9.14 -13.01 -25.48
N LYS O 175 9.60 -12.10 -26.34
CA LYS O 175 9.80 -12.45 -27.78
C LYS O 175 10.73 -13.65 -27.89
N LYS O 176 11.81 -13.68 -27.09
CA LYS O 176 12.80 -14.78 -27.18
C LYS O 176 12.10 -16.12 -26.95
N GLU O 177 11.25 -16.20 -25.92
CA GLU O 177 10.50 -17.45 -25.64
C GLU O 177 9.61 -17.77 -26.83
N ALA O 178 8.76 -16.83 -27.23
CA ALA O 178 7.81 -17.06 -28.35
C ALA O 178 8.57 -17.60 -29.56
N MET O 179 9.62 -16.88 -29.99
CA MET O 179 10.37 -17.29 -31.21
C MET O 179 10.89 -18.72 -31.02
N GLY O 180 11.48 -19.02 -29.87
CA GLY O 180 12.06 -20.35 -29.63
C GLY O 180 11.01 -21.43 -29.81
N ALA O 181 9.87 -21.29 -29.15
CA ALA O 181 8.79 -22.31 -29.24
C ALA O 181 8.27 -22.39 -30.67
N PHE O 182 8.08 -21.24 -31.31
CA PHE O 182 7.51 -21.20 -32.68
C PHE O 182 8.44 -21.97 -33.63
N ASP O 183 9.75 -21.72 -33.52
CA ASP O 183 10.73 -22.39 -34.40
C ASP O 183 10.83 -23.87 -34.00
N SER O 184 10.64 -24.16 -32.71
CA SER O 184 10.72 -25.57 -32.21
C SER O 184 9.57 -26.41 -32.77
N PHE O 185 8.41 -25.78 -33.02
CA PHE O 185 7.22 -26.54 -33.49
C PHE O 185 7.59 -27.36 -34.72
N THR O 186 7.39 -28.68 -34.66
CA THR O 186 7.68 -29.57 -35.81
C THR O 186 6.57 -30.62 -35.91
N VAL O 187 6.05 -30.86 -37.12
CA VAL O 187 4.94 -31.84 -37.31
C VAL O 187 5.46 -33.02 -38.13
N VAL O 188 5.10 -34.24 -37.72
CA VAL O 188 5.56 -35.46 -38.45
C VAL O 188 4.36 -36.09 -39.16
N LEU P 1 -21.30 -9.13 -34.41
CA LEU P 1 -20.11 -10.03 -34.51
C LEU P 1 -19.42 -9.79 -35.86
N THR P 2 -18.21 -9.25 -35.84
CA THR P 2 -17.46 -8.97 -37.09
C THR P 2 -16.03 -9.51 -36.97
N PRO P 3 -15.45 -10.11 -38.03
CA PRO P 3 -14.07 -10.58 -37.98
C PRO P 3 -13.11 -9.38 -37.89
N VAL P 4 -12.10 -9.48 -37.01
CA VAL P 4 -11.10 -8.37 -36.87
C VAL P 4 -10.47 -8.12 -38.25
N ASP P 5 -10.49 -6.87 -38.72
CA ASP P 5 -9.95 -6.55 -40.06
C ASP P 5 -8.44 -6.81 -40.08
N LEU P 6 -7.91 -7.29 -41.21
CA LEU P 6 -6.45 -7.58 -41.32
C LEU P 6 -5.85 -6.64 -42.38
N PHE P 7 -4.64 -6.12 -42.12
CA PHE P 7 -3.98 -5.19 -43.06
C PHE P 7 -2.56 -5.67 -43.35
N ASP P 8 -2.16 -5.67 -44.62
CA ASP P 8 -0.77 -6.09 -44.98
C ASP P 8 0.17 -4.92 -44.73
N ASP P 9 0.82 -4.89 -43.56
CA ASP P 9 1.74 -3.79 -43.20
C ASP P 9 3.18 -4.31 -43.21
N ARG P 10 3.45 -5.37 -43.97
CA ARG P 10 4.81 -5.97 -44.00
C ARG P 10 5.82 -4.90 -44.44
N SER P 11 5.35 -3.86 -45.13
CA SER P 11 6.26 -2.81 -45.64
C SER P 11 6.80 -1.96 -44.48
N VAL P 12 6.08 -1.92 -43.37
CA VAL P 12 6.51 -1.08 -42.21
C VAL P 12 7.88 -1.55 -41.76
N ARG P 13 8.09 -2.87 -41.72
CA ARG P 13 9.39 -3.43 -41.26
C ARG P 13 10.50 -2.90 -42.17
N ASP P 14 10.21 -2.77 -43.46
CA ASP P 14 11.21 -2.24 -44.42
C ASP P 14 11.57 -0.81 -44.03
N ARG P 15 10.58 -0.01 -43.62
CA ARG P 15 10.83 1.40 -43.24
C ARG P 15 11.22 1.48 -41.76
N GLY P 16 12.22 0.70 -41.34
CA GLY P 16 12.69 0.73 -39.94
C GLY P 16 11.56 0.65 -38.94
N PHE P 17 10.77 -0.44 -38.98
CA PHE P 17 9.69 -0.62 -37.98
C PHE P 17 10.26 -1.37 -36.77
N ASP P 18 11.40 -2.04 -36.95
CA ASP P 18 11.97 -2.86 -35.85
C ASP P 18 13.06 -2.07 -35.12
N LEU P 19 13.29 -0.82 -35.53
CA LEU P 19 14.32 0.03 -34.87
C LEU P 19 14.05 0.08 -33.37
N ILE P 20 12.80 0.40 -32.99
CA ILE P 20 12.43 0.50 -31.55
C ILE P 20 12.68 -0.86 -30.87
N TYR P 21 12.20 -1.95 -31.48
CA TYR P 21 12.34 -3.29 -30.85
C TYR P 21 13.82 -3.65 -30.71
N GLU P 22 14.63 -3.40 -31.74
CA GLU P 22 16.08 -3.69 -31.68
C GLU P 22 16.71 -2.88 -30.56
N ALA P 23 16.37 -1.59 -30.47
CA ALA P 23 16.95 -0.71 -29.42
C ALA P 23 16.53 -1.19 -28.04
N ARG P 24 15.41 -1.93 -27.96
CA ARG P 24 14.88 -2.37 -26.65
C ARG P 24 15.32 -3.82 -26.37
N ASP P 25 16.13 -4.41 -27.24
CA ASP P 25 16.66 -5.78 -26.99
C ASP P 25 17.92 -5.68 -26.14
N LEU P 26 17.79 -5.79 -24.82
CA LEU P 26 18.94 -5.63 -23.90
C LEU P 26 20.01 -6.69 -24.23
N ASP P 27 19.58 -7.84 -24.75
CA ASP P 27 20.54 -8.93 -25.10
C ASP P 27 21.58 -8.39 -26.09
N LEU P 28 21.12 -7.55 -27.04
CA LEU P 28 22.05 -6.96 -28.04
C LEU P 28 23.06 -6.06 -27.32
N PRO P 29 24.34 -5.97 -27.77
CA PRO P 29 25.29 -5.04 -27.16
C PRO P 29 24.76 -3.61 -27.26
N GLN P 30 25.20 -2.73 -26.35
CA GLN P 30 24.70 -1.33 -26.34
C GLN P 30 24.94 -0.68 -27.70
N ASN P 31 26.13 -0.90 -28.27
CA ASN P 31 26.48 -0.29 -29.59
C ASN P 31 25.48 -0.79 -30.63
N VAL P 32 25.15 -2.08 -30.62
CA VAL P 32 24.17 -2.65 -31.58
C VAL P 32 22.80 -1.99 -31.33
N ARG P 33 22.38 -1.91 -30.07
CA ARG P 33 21.07 -1.29 -29.73
C ARG P 33 21.06 0.17 -30.19
N GLU P 34 22.19 0.86 -30.04
CA GLU P 34 22.29 2.30 -30.45
C GLU P 34 22.47 2.38 -31.97
N GLY P 35 22.89 1.26 -32.59
CA GLY P 35 23.14 1.25 -34.05
C GLY P 35 24.55 1.70 -34.38
N PHE P 36 25.35 2.01 -33.36
CA PHE P 36 26.74 2.48 -33.59
C PHE P 36 27.51 1.43 -34.39
N THR P 37 27.47 0.17 -33.93
CA THR P 37 28.19 -0.93 -34.62
C THR P 37 27.71 -1.02 -36.07
N GLN P 38 26.39 -1.05 -36.27
CA GLN P 38 25.81 -1.17 -37.63
C GLN P 38 26.43 -0.10 -38.54
N ALA P 39 26.37 1.17 -38.11
CA ALA P 39 26.89 2.27 -38.96
C ALA P 39 28.38 2.05 -39.23
N ARG P 40 29.17 1.77 -38.19
CA ARG P 40 30.62 1.55 -38.36
C ARG P 40 30.84 0.41 -39.36
N ALA P 41 29.92 -0.55 -39.41
CA ALA P 41 30.03 -1.69 -40.36
C ALA P 41 29.67 -1.22 -41.77
N SER P 42 28.60 -0.44 -41.91
CA SER P 42 28.15 0.02 -43.25
C SER P 42 28.86 1.32 -43.63
N LEU P 43 30.01 1.21 -44.30
CA LEU P 43 30.80 2.41 -44.70
C LEU P 43 29.99 3.24 -45.70
N ASP P 44 29.47 2.60 -46.74
CA ASP P 44 28.69 3.32 -47.79
C ASP P 44 27.50 4.02 -47.15
N GLU P 45 26.77 3.31 -46.28
CA GLU P 45 25.58 3.90 -45.60
C GLU P 45 26.04 5.11 -44.77
N THR P 46 27.13 4.96 -44.02
CA THR P 46 27.66 6.09 -43.22
C THR P 46 28.01 7.25 -44.15
N LYS P 47 28.78 6.96 -45.22
CA LYS P 47 29.20 8.04 -46.16
C LYS P 47 27.95 8.73 -46.71
N LYS P 48 26.95 7.97 -47.13
CA LYS P 48 25.68 8.57 -47.62
C LYS P 48 25.12 9.52 -46.57
N ARG P 49 24.89 9.01 -45.36
CA ARG P 49 24.32 9.84 -44.25
C ARG P 49 25.14 11.13 -44.12
N VAL P 50 26.46 11.02 -44.23
CA VAL P 50 27.35 12.22 -44.09
C VAL P 50 26.97 13.24 -45.16
N LYS P 51 26.79 12.78 -46.41
CA LYS P 51 26.44 13.70 -47.52
C LYS P 51 25.07 14.32 -47.25
N GLU P 52 24.14 13.54 -46.69
CA GLU P 52 22.81 14.09 -46.33
C GLU P 52 23.01 15.25 -45.35
N SER P 53 23.84 15.05 -44.33
CA SER P 53 24.12 16.12 -43.34
C SER P 53 24.73 17.33 -44.06
N GLU P 54 25.66 17.08 -44.99
CA GLU P 54 26.31 18.19 -45.73
C GLU P 54 25.23 19.02 -46.42
N ALA P 55 24.31 18.37 -47.13
CA ALA P 55 23.23 19.09 -47.83
C ALA P 55 22.48 19.97 -46.83
N ARG P 56 22.08 19.40 -45.69
CA ARG P 56 21.31 20.16 -44.68
C ARG P 56 22.12 21.38 -44.24
N ILE P 57 23.42 21.19 -43.96
CA ILE P 57 24.28 22.32 -43.50
C ILE P 57 24.46 23.31 -44.65
N ASP P 58 24.65 22.81 -45.87
CA ASP P 58 24.91 23.71 -47.04
C ASP P 58 23.59 24.20 -47.63
N ALA P 59 22.96 23.39 -48.47
CA ALA P 59 21.71 23.82 -49.15
C ALA P 59 20.54 23.85 -48.17
N ASP P 60 20.70 24.57 -47.04
CA ASP P 60 19.59 24.69 -46.05
C ASP P 60 20.09 25.54 -44.87
N LEU P 61 19.31 25.63 -43.79
CA LEU P 61 19.71 26.40 -42.59
C LEU P 61 19.70 27.90 -42.92
N ASP P 62 20.52 28.31 -43.89
CA ASP P 62 20.62 29.75 -44.25
C ASP P 62 19.21 30.35 -44.35
N VAL P 63 18.25 29.56 -44.83
CA VAL P 63 16.84 30.03 -44.97
C VAL P 63 16.36 30.58 -43.62
N PHE P 64 16.40 29.75 -42.58
CA PHE P 64 15.93 30.17 -41.23
C PHE P 64 16.70 31.42 -40.80
N ILE P 65 18.02 31.40 -40.95
CA ILE P 65 18.86 32.56 -40.53
C ILE P 65 18.34 33.82 -41.22
N GLN P 66 18.03 33.71 -42.52
CA GLN P 66 17.51 34.87 -43.29
C GLN P 66 16.19 35.35 -42.67
N LYS P 67 15.31 34.42 -42.28
CA LYS P 67 13.98 34.80 -41.73
C LYS P 67 14.02 34.79 -40.19
N SER P 68 15.21 34.67 -39.60
CA SER P 68 15.35 34.71 -38.13
C SER P 68 14.57 33.57 -37.48
N TYR P 69 14.40 32.45 -38.19
CA TYR P 69 13.74 31.26 -37.58
C TYR P 69 14.79 30.53 -36.74
N TRP P 70 15.25 31.15 -35.66
CA TRP P 70 16.34 30.56 -34.83
C TRP P 70 15.95 29.15 -34.37
N THR P 71 14.77 29.01 -33.77
CA THR P 71 14.33 27.68 -33.25
C THR P 71 14.59 26.62 -34.33
N GLU P 72 14.09 26.84 -35.55
CA GLU P 72 14.22 25.84 -36.64
C GLU P 72 15.69 25.63 -36.97
N ALA P 73 16.44 26.73 -37.13
CA ALA P 73 17.88 26.64 -37.47
C ALA P 73 18.62 25.81 -36.44
N ARG P 74 18.44 26.13 -35.14
CA ARG P 74 19.13 25.39 -34.07
C ARG P 74 18.65 23.93 -34.11
N GLU P 75 17.37 23.71 -34.39
CA GLU P 75 16.86 22.32 -34.53
C GLU P 75 17.37 21.73 -35.85
N GLN P 76 17.61 22.58 -36.85
CA GLN P 76 18.21 22.09 -38.12
C GLN P 76 19.54 21.43 -37.76
N LEU P 77 20.32 22.08 -36.89
CA LEU P 77 21.57 21.45 -36.39
C LEU P 77 21.12 20.26 -35.55
N ARG P 78 22.03 19.32 -35.24
CA ARG P 78 21.57 18.09 -34.53
C ARG P 78 20.61 17.35 -35.47
N ARG P 79 19.43 16.96 -34.98
CA ARG P 79 18.50 16.17 -35.82
C ARG P 79 19.32 15.20 -36.68
N GLN P 80 19.15 15.25 -38.01
CA GLN P 80 19.88 14.33 -38.92
C GLN P 80 21.38 14.62 -38.78
N VAL P 81 21.75 15.89 -38.66
CA VAL P 81 23.19 16.27 -38.49
C VAL P 81 23.66 15.75 -37.13
N GLY P 82 22.74 15.27 -36.30
CA GLY P 82 23.09 14.77 -34.96
C GLY P 82 24.16 13.70 -35.01
N THR P 83 24.10 12.83 -36.02
CA THR P 83 25.08 11.71 -36.12
C THR P 83 26.32 12.17 -36.88
N LEU P 84 26.28 13.36 -37.49
CA LEU P 84 27.43 13.82 -38.32
C LEU P 84 28.75 13.57 -37.59
N ARG P 85 28.85 14.01 -36.33
CA ARG P 85 30.14 13.88 -35.59
C ARG P 85 30.57 12.41 -35.57
N PHE P 86 29.67 11.51 -35.17
CA PHE P 86 29.99 10.05 -35.14
C PHE P 86 30.38 9.59 -36.55
N ASP P 87 29.62 10.01 -37.55
CA ASP P 87 29.90 9.62 -38.96
C ASP P 87 31.31 10.05 -39.34
N LEU P 88 31.62 11.34 -39.16
CA LEU P 88 32.95 11.87 -39.56
C LEU P 88 34.03 11.06 -38.85
N ASN P 89 33.81 10.73 -37.58
CA ASN P 89 34.83 10.00 -36.78
C ASN P 89 35.14 8.66 -37.44
N THR P 90 34.11 7.88 -37.78
CA THR P 90 34.33 6.52 -38.35
C THR P 90 35.01 6.65 -39.73
N LEU P 91 34.61 7.63 -40.53
CA LEU P 91 35.26 7.84 -41.86
C LEU P 91 36.73 8.16 -41.64
N ALA P 92 37.04 9.06 -40.70
CA ALA P 92 38.45 9.38 -40.39
C ALA P 92 39.15 8.11 -39.89
N SER P 93 38.45 7.30 -39.10
CA SER P 93 39.02 6.04 -38.60
C SER P 93 39.43 5.16 -39.78
N THR P 94 38.69 5.25 -40.89
CA THR P 94 39.04 4.47 -42.11
C THR P 94 40.46 4.85 -42.55
N LYS P 95 40.87 6.10 -42.32
CA LYS P 95 42.24 6.55 -42.66
C LYS P 95 43.24 5.91 -41.70
N GLU P 96 44.53 6.19 -41.87
CA GLU P 96 45.57 5.54 -41.02
C GLU P 96 46.68 6.53 -40.69
N LYS P 97 47.37 6.34 -39.55
CA LYS P 97 48.52 7.20 -39.18
C LYS P 97 48.21 8.67 -39.48
N GLU P 98 49.13 9.36 -40.18
CA GLU P 98 48.95 10.80 -40.48
C GLU P 98 47.60 11.05 -41.15
N ALA P 99 47.23 10.20 -42.11
CA ALA P 99 45.97 10.41 -42.85
C ALA P 99 44.81 10.51 -41.85
N LYS P 100 44.72 9.54 -40.94
CA LYS P 100 43.62 9.55 -39.93
C LYS P 100 43.79 10.78 -39.03
N LYS P 101 45.00 11.02 -38.54
CA LYS P 101 45.26 12.18 -37.64
C LYS P 101 44.83 13.47 -38.34
N ALA P 102 45.33 13.69 -39.56
CA ALA P 102 44.99 14.92 -40.32
C ALA P 102 43.47 15.01 -40.47
N ALA P 103 42.83 13.90 -40.82
CA ALA P 103 41.36 13.89 -41.01
C ALA P 103 40.68 14.27 -39.70
N LEU P 104 41.12 13.68 -38.58
CA LEU P 104 40.52 13.98 -37.25
C LEU P 104 40.69 15.48 -36.96
N GLY P 105 41.85 16.04 -37.30
CA GLY P 105 42.09 17.48 -37.10
C GLY P 105 41.06 18.30 -37.84
N LEU P 106 40.83 17.98 -39.11
CA LEU P 106 39.80 18.70 -39.91
C LEU P 106 38.44 18.52 -39.24
N ARG P 107 38.16 17.30 -38.76
CA ARG P 107 36.85 17.02 -38.09
C ARG P 107 36.71 17.99 -36.91
N LYS P 108 37.76 18.13 -36.11
CA LYS P 108 37.69 19.02 -34.91
C LYS P 108 37.44 20.47 -35.35
N GLU P 109 38.20 20.95 -36.34
CA GLU P 109 38.06 22.37 -36.77
C GLU P 109 36.61 22.61 -37.22
N PHE P 110 36.02 21.62 -37.90
CA PHE P 110 34.62 21.75 -38.36
C PHE P 110 33.66 21.75 -37.15
N ILE P 111 33.84 20.77 -36.26
CA ILE P 111 32.96 20.66 -35.06
C ILE P 111 32.96 22.02 -34.34
N GLN P 112 34.13 22.64 -34.19
CA GLN P 112 34.22 23.96 -33.52
C GLN P 112 33.35 24.97 -34.27
N ALA P 113 33.45 24.97 -35.61
CA ALA P 113 32.69 25.95 -36.43
C ALA P 113 31.18 25.75 -36.19
N VAL P 114 30.70 24.50 -36.17
CA VAL P 114 29.24 24.25 -36.03
C VAL P 114 28.79 24.80 -34.67
N GLU P 115 29.65 24.71 -33.65
CA GLU P 115 29.29 25.19 -32.29
C GLU P 115 29.24 26.72 -32.31
N ASP P 116 30.19 27.36 -33.00
CA ASP P 116 30.21 28.84 -33.11
C ASP P 116 28.90 29.30 -33.77
N LEU P 117 28.54 28.67 -34.89
CA LEU P 117 27.29 29.04 -35.60
C LEU P 117 26.09 28.84 -34.67
N ASP P 118 26.08 27.72 -33.92
CA ASP P 118 24.94 27.41 -33.02
C ASP P 118 24.81 28.52 -31.97
N PHE P 119 25.94 28.97 -31.41
CA PHE P 119 25.93 30.03 -30.38
C PHE P 119 25.39 31.33 -31.00
N ALA P 120 25.71 31.57 -32.28
CA ALA P 120 25.19 32.77 -32.97
C ALA P 120 23.67 32.67 -33.03
N LEU P 121 23.14 31.49 -33.36
CA LEU P 121 21.66 31.28 -33.40
C LEU P 121 21.10 31.46 -31.99
N ARG P 122 21.82 30.99 -30.98
CA ARG P 122 21.37 31.13 -29.57
C ARG P 122 21.25 32.61 -29.23
N GLU P 123 22.24 33.41 -29.63
CA GLU P 123 22.18 34.88 -29.39
C GLU P 123 21.30 35.51 -30.47
N LYS P 124 20.75 34.70 -31.37
CA LYS P 124 19.87 35.22 -32.44
C LYS P 124 20.59 36.34 -33.20
N ASP P 125 21.88 36.14 -33.50
CA ASP P 125 22.63 37.15 -34.29
C ASP P 125 22.66 36.71 -35.75
N GLN P 126 21.81 37.30 -36.59
CA GLN P 126 21.72 36.88 -38.01
C GLN P 126 23.06 37.12 -38.70
N ALA P 127 23.63 38.31 -38.55
CA ALA P 127 24.89 38.64 -39.24
C ALA P 127 25.96 37.62 -38.84
N SER P 128 26.13 37.41 -37.54
CA SER P 128 27.14 36.42 -37.05
C SER P 128 26.78 35.02 -37.56
N ALA P 129 25.50 34.65 -37.47
CA ALA P 129 25.05 33.32 -37.93
C ALA P 129 25.40 33.17 -39.42
N ALA P 130 25.06 34.16 -40.23
CA ALA P 130 25.32 34.10 -41.69
C ALA P 130 26.80 33.79 -41.92
N LYS P 131 27.69 34.68 -41.46
CA LYS P 131 29.14 34.49 -41.68
C LYS P 131 29.57 33.17 -41.05
N LYS P 132 29.08 32.87 -39.84
CA LYS P 132 29.48 31.62 -39.14
C LYS P 132 29.08 30.41 -39.98
N LEU P 133 27.89 30.45 -40.58
CA LEU P 133 27.42 29.31 -41.42
C LEU P 133 28.37 29.12 -42.59
N GLU P 134 28.77 30.21 -43.25
CA GLU P 134 29.71 30.12 -44.39
C GLU P 134 30.99 29.42 -43.91
N ILE P 135 31.51 29.83 -42.75
CA ILE P 135 32.74 29.21 -42.18
C ILE P 135 32.45 27.72 -41.97
N THR P 136 31.30 27.39 -41.39
CA THR P 136 30.94 25.97 -41.12
C THR P 136 30.91 25.20 -42.44
N LYS P 137 30.33 25.78 -43.49
CA LYS P 137 30.24 25.11 -44.80
C LYS P 137 31.65 24.76 -45.27
N ALA P 138 32.56 25.74 -45.27
CA ALA P 138 33.95 25.50 -45.70
C ALA P 138 34.56 24.37 -44.85
N LYS P 139 34.44 24.46 -43.53
CA LYS P 139 35.00 23.42 -42.62
C LYS P 139 34.48 22.05 -43.04
N LEU P 140 33.15 21.90 -43.16
CA LEU P 140 32.55 20.60 -43.50
C LEU P 140 33.13 20.11 -44.84
N ASP P 141 33.17 21.00 -45.84
CA ASP P 141 33.66 20.60 -47.18
C ASP P 141 35.09 20.07 -47.06
N SER P 142 35.93 20.74 -46.27
CA SER P 142 37.32 20.28 -46.05
C SER P 142 37.29 18.88 -45.42
N VAL P 143 36.53 18.70 -44.35
CA VAL P 143 36.45 17.38 -43.66
C VAL P 143 35.92 16.35 -44.67
N LEU P 144 34.89 16.71 -45.43
CA LEU P 144 34.30 15.78 -46.43
C LEU P 144 35.39 15.36 -47.41
N ALA P 145 36.18 16.32 -47.90
CA ALA P 145 37.23 16.02 -48.88
C ALA P 145 38.17 14.96 -48.31
N ALA P 146 38.49 15.06 -47.02
CA ALA P 146 39.40 14.09 -46.37
C ALA P 146 38.66 12.77 -46.09
N VAL P 147 37.52 12.83 -45.39
CA VAL P 147 36.79 11.59 -44.99
C VAL P 147 36.36 10.84 -46.25
N LEU P 148 35.90 11.55 -47.28
CA LEU P 148 35.48 10.91 -48.55
C LEU P 148 36.70 10.75 -49.46
N MET Q 1 -31.21 16.96 2.88
CA MET Q 1 -30.90 17.63 4.17
C MET Q 1 -29.89 16.77 4.95
N GLU Q 2 -29.50 15.62 4.39
CA GLU Q 2 -28.48 14.78 5.04
C GLU Q 2 -27.19 15.60 5.19
N ALA Q 3 -26.86 16.40 4.17
CA ALA Q 3 -25.66 17.26 4.24
C ALA Q 3 -25.83 18.25 5.40
N LEU Q 4 -27.04 18.82 5.56
CA LEU Q 4 -27.30 19.74 6.68
C LEU Q 4 -27.05 19.01 8.00
N VAL Q 5 -27.54 17.77 8.10
CA VAL Q 5 -27.31 16.96 9.34
C VAL Q 5 -25.80 16.79 9.53
N TYR Q 6 -25.09 16.41 8.47
CA TYR Q 6 -23.62 16.18 8.57
C TYR Q 6 -22.93 17.47 9.01
N THR Q 7 -23.29 18.60 8.38
CA THR Q 7 -22.66 19.90 8.74
C THR Q 7 -22.92 20.20 10.22
N PHE Q 8 -24.16 19.96 10.68
CA PHE Q 8 -24.50 20.21 12.11
C PHE Q 8 -23.58 19.38 13.01
N LEU Q 9 -23.44 18.08 12.70
CA LEU Q 9 -22.58 17.19 13.52
C LEU Q 9 -21.15 17.75 13.54
N LEU Q 10 -20.59 18.05 12.37
CA LEU Q 10 -19.21 18.57 12.29
C LEU Q 10 -19.11 19.85 13.11
N VAL Q 11 -20.04 20.78 12.91
CA VAL Q 11 -20.02 22.09 13.64
C VAL Q 11 -20.11 21.80 15.14
N GLY Q 12 -21.01 20.91 15.55
CA GLY Q 12 -21.18 20.60 16.98
C GLY Q 12 -19.90 20.09 17.60
N THR Q 13 -19.23 19.14 16.93
CA THR Q 13 -17.97 18.58 17.45
C THR Q 13 -16.96 19.71 17.67
N LEU Q 14 -16.81 20.59 16.67
CA LEU Q 14 -15.84 21.71 16.77
C LEU Q 14 -16.21 22.60 17.96
N GLY Q 15 -17.50 22.86 18.16
CA GLY Q 15 -17.95 23.70 19.29
C GLY Q 15 -17.53 23.10 20.62
N ILE Q 16 -17.68 21.78 20.77
CA ILE Q 16 -17.27 21.09 22.02
C ILE Q 16 -15.77 21.33 22.24
N ILE Q 17 -14.97 21.13 21.18
CA ILE Q 17 -13.50 21.34 21.28
C ILE Q 17 -13.23 22.78 21.74
N PHE Q 18 -13.98 23.74 21.20
CA PHE Q 18 -13.79 25.17 21.55
C PHE Q 18 -13.91 25.36 23.06
N PHE Q 19 -15.07 25.00 23.63
CA PHE Q 19 -15.30 25.21 25.09
C PHE Q 19 -14.32 24.35 25.89
N SER Q 20 -13.92 23.21 25.35
CA SER Q 20 -12.97 22.30 26.05
C SER Q 20 -11.60 22.97 26.20
N ILE Q 21 -11.36 24.05 25.45
CA ILE Q 21 -10.02 24.72 25.48
C ILE Q 21 -10.12 26.09 26.16
N PHE Q 22 -11.24 26.79 25.99
CA PHE Q 22 -11.35 28.18 26.53
C PHE Q 22 -12.28 28.20 27.73
N PHE Q 23 -13.27 27.29 27.77
CA PHE Q 23 -14.24 27.26 28.89
C PHE Q 23 -14.00 26.00 29.73
N ARG Q 24 -12.76 25.49 29.71
CA ARG Q 24 -12.43 24.26 30.46
C ARG Q 24 -12.29 24.59 31.95
N ASP Q 25 -12.43 23.58 32.81
CA ASP Q 25 -12.26 23.79 34.28
C ASP Q 25 -10.84 24.30 34.52
N PRO Q 26 -10.65 25.44 35.24
CA PRO Q 26 -9.31 25.93 35.55
C PRO Q 26 -8.43 24.78 36.07
N PRO Q 27 -7.20 24.61 35.54
CA PRO Q 27 -6.34 23.50 35.94
C PRO Q 27 -5.64 23.79 37.28
N ARG Q 28 -6.42 23.88 38.36
CA ARG Q 28 -5.82 24.12 39.71
C ARG Q 28 -4.81 23.01 39.98
N MET Q 29 -5.14 21.77 39.60
CA MET Q 29 -4.19 20.64 39.79
C MET Q 29 -3.01 20.81 38.83
N ILE Q 30 -1.81 20.44 39.28
CA ILE Q 30 -0.58 20.55 38.42
C ILE Q 30 -0.97 20.21 36.97
N VAL R 1 -16.44 -50.34 16.63
CA VAL R 1 -15.91 -48.98 16.93
C VAL R 1 -15.37 -48.37 15.63
N THR R 2 -15.88 -47.20 15.25
CA THR R 2 -15.38 -46.51 14.03
C THR R 2 -13.87 -46.24 14.20
N PRO R 3 -13.06 -46.34 13.13
CA PRO R 3 -11.63 -46.05 13.23
C PRO R 3 -11.43 -44.68 13.87
N SER R 4 -12.26 -43.69 13.47
CA SER R 4 -12.17 -42.34 14.07
C SER R 4 -12.34 -42.45 15.59
N LEU R 5 -13.38 -43.13 16.04
CA LEU R 5 -13.64 -43.28 17.50
C LEU R 5 -12.43 -43.94 18.16
N LYS R 6 -11.90 -45.01 17.55
CA LYS R 6 -10.74 -45.73 18.13
C LYS R 6 -9.57 -44.76 18.29
N ASN R 7 -9.27 -44.00 17.24
CA ASN R 7 -8.14 -43.02 17.29
C ASN R 7 -8.45 -41.97 18.37
N PHE R 8 -9.70 -41.50 18.42
CA PHE R 8 -10.09 -40.47 19.42
C PHE R 8 -9.83 -41.00 20.83
N LEU R 9 -10.29 -42.23 21.11
CA LEU R 9 -10.11 -42.82 22.46
C LEU R 9 -8.61 -42.93 22.75
N GLY R 10 -7.81 -43.36 21.77
CA GLY R 10 -6.36 -43.45 21.95
C GLY R 10 -5.75 -42.10 22.28
N SER R 11 -6.18 -41.06 21.56
CA SER R 11 -5.65 -39.69 21.82
C SER R 11 -6.01 -39.27 23.25
N LEU R 12 -7.19 -39.66 23.73
CA LEU R 12 -7.61 -39.34 25.11
C LEU R 12 -6.59 -39.97 26.08
N ILE R 13 -6.24 -41.23 25.86
CA ILE R 13 -5.26 -41.93 26.74
C ILE R 13 -3.93 -41.17 26.66
N ALA R 14 -3.53 -40.77 25.46
CA ALA R 14 -2.25 -40.04 25.27
C ALA R 14 -2.31 -38.73 26.07
N GLY R 15 -3.43 -38.01 26.00
CA GLY R 15 -3.59 -36.75 26.75
C GLY R 15 -3.45 -36.99 28.24
N ALA R 16 -4.10 -38.04 28.75
CA ALA R 16 -4.03 -38.38 30.19
C ALA R 16 -2.57 -38.66 30.57
N THR R 17 -1.88 -39.45 29.75
CA THR R 17 -0.46 -39.79 30.04
C THR R 17 0.38 -38.51 30.04
N VAL R 18 0.15 -37.64 29.06
CA VAL R 18 0.90 -36.35 28.99
C VAL R 18 0.62 -35.56 30.27
N LEU R 19 -0.65 -35.43 30.65
CA LEU R 19 -1.02 -34.71 31.89
C LEU R 19 -0.40 -35.43 33.09
N GLY R 20 -0.61 -36.74 33.18
CA GLY R 20 -0.07 -37.51 34.32
C GLY R 20 1.42 -37.30 34.46
N GLY R 21 2.15 -37.29 33.34
CA GLY R 21 3.60 -37.05 33.38
C GLY R 21 3.92 -35.71 34.01
N ILE R 22 3.16 -34.67 33.65
CA ILE R 22 3.38 -33.31 34.23
C ILE R 22 3.18 -33.40 35.74
N ALA R 23 2.10 -34.07 36.18
CA ALA R 23 1.82 -34.20 37.63
C ALA R 23 2.98 -34.94 38.31
N LEU R 24 3.43 -36.05 37.71
CA LEU R 24 4.59 -36.80 38.27
C LEU R 24 5.79 -35.85 38.34
N ALA R 25 6.04 -35.09 37.27
CA ALA R 25 7.22 -34.20 37.24
C ALA R 25 7.14 -33.19 38.39
N ILE R 26 6.02 -32.47 38.51
CA ILE R 26 5.87 -31.45 39.58
C ILE R 26 5.91 -32.15 40.94
N THR R 27 5.30 -33.34 41.03
CA THR R 27 5.32 -34.10 42.30
C THR R 27 6.78 -34.37 42.70
N ALA R 28 7.59 -34.88 41.75
CA ALA R 28 8.99 -35.21 42.06
C ALA R 28 9.77 -33.93 42.44
N VAL R 29 9.65 -32.89 41.62
CA VAL R 29 10.44 -31.64 41.89
C VAL R 29 9.99 -31.06 43.22
N SER R 30 8.68 -31.04 43.49
CA SER R 30 8.17 -30.53 44.79
C SER R 30 8.69 -31.43 45.92
N LYS R 31 8.72 -32.74 45.68
CA LYS R 31 9.22 -33.70 46.71
C LYS R 31 10.68 -33.39 47.02
N PHE R 32 11.49 -33.14 45.99
CA PHE R 32 12.94 -32.84 46.19
C PHE R 32 13.12 -31.33 46.37
N MET S 1 58.04 -4.15 -17.03
CA MET S 1 57.25 -5.34 -17.48
C MET S 1 56.02 -5.49 -16.58
N THR S 2 55.01 -6.21 -17.04
CA THR S 2 53.78 -6.43 -16.23
C THR S 2 54.18 -7.09 -14.91
N SER S 3 55.05 -8.09 -14.96
CA SER S 3 55.49 -8.80 -13.73
C SER S 3 56.11 -7.80 -12.75
N ILE S 4 57.01 -6.94 -13.25
CA ILE S 4 57.71 -5.97 -12.35
C ILE S 4 56.66 -5.09 -11.66
N LEU S 5 55.73 -4.52 -12.43
CA LEU S 5 54.69 -3.64 -11.85
C LEU S 5 53.85 -4.45 -10.85
N GLN S 6 53.41 -5.64 -11.26
CA GLN S 6 52.58 -6.49 -10.38
C GLN S 6 53.36 -6.81 -9.10
N VAL S 7 54.60 -7.28 -9.25
CA VAL S 7 55.43 -7.65 -8.06
C VAL S 7 55.58 -6.41 -7.18
N ALA S 8 55.89 -5.26 -7.78
CA ALA S 8 56.08 -4.01 -7.02
C ALA S 8 54.77 -3.66 -6.31
N LEU S 9 53.64 -3.78 -7.02
CA LEU S 9 52.31 -3.46 -6.42
C LEU S 9 52.09 -4.38 -5.21
N LEU S 10 52.41 -5.67 -5.37
CA LEU S 10 52.24 -6.63 -4.25
C LEU S 10 53.09 -6.18 -3.05
N ALA S 11 54.34 -5.78 -3.32
CA ALA S 11 55.24 -5.34 -2.23
C ALA S 11 54.62 -4.12 -1.54
N LEU S 12 54.09 -3.17 -2.32
CA LEU S 12 53.43 -1.98 -1.73
C LEU S 12 52.29 -2.45 -0.82
N ILE S 13 51.53 -3.46 -1.28
CA ILE S 13 50.36 -3.96 -0.49
C ILE S 13 50.88 -4.48 0.86
N PHE S 14 51.95 -5.28 0.84
CA PHE S 14 52.52 -5.85 2.09
C PHE S 14 52.97 -4.70 3.00
N VAL S 15 53.80 -3.80 2.48
CA VAL S 15 54.30 -2.65 3.29
C VAL S 15 53.08 -1.89 3.84
N SER S 16 52.07 -1.68 3.00
CA SER S 16 50.84 -0.96 3.44
C SER S 16 50.24 -1.66 4.67
N PHE S 17 49.95 -2.96 4.54
CA PHE S 17 49.29 -3.69 5.66
C PHE S 17 50.15 -3.58 6.91
N ALA S 18 51.47 -3.74 6.77
CA ALA S 18 52.38 -3.61 7.92
C ALA S 18 52.13 -2.25 8.59
N LEU S 19 52.19 -1.16 7.80
CA LEU S 19 51.96 0.20 8.35
C LEU S 19 50.54 0.29 8.91
N VAL S 20 49.57 -0.33 8.22
CA VAL S 20 48.14 -0.23 8.66
C VAL S 20 48.04 -0.68 10.12
N VAL S 21 48.82 -1.69 10.52
CA VAL S 21 48.74 -2.22 11.92
C VAL S 21 49.87 -1.63 12.75
N GLY S 22 51.07 -1.51 12.18
CA GLY S 22 52.23 -1.02 12.95
C GLY S 22 52.09 0.44 13.37
N VAL S 23 51.70 1.32 12.46
CA VAL S 23 51.65 2.78 12.77
C VAL S 23 50.73 3.00 13.99
N PRO S 24 49.45 2.57 13.98
CA PRO S 24 48.56 2.84 15.11
C PRO S 24 49.14 2.27 16.41
N VAL S 25 49.72 1.07 16.33
CA VAL S 25 50.35 0.43 17.52
C VAL S 25 51.43 1.37 18.08
N VAL S 26 52.42 1.72 17.24
CA VAL S 26 53.55 2.59 17.70
C VAL S 26 52.97 3.88 18.28
N PHE S 27 51.98 4.47 17.60
CA PHE S 27 51.40 5.76 18.06
C PHE S 27 50.74 5.59 19.44
N ALA S 28 50.04 4.47 19.65
CA ALA S 28 49.31 4.28 20.93
C ALA S 28 50.18 3.51 21.93
N THR S 29 51.40 3.15 21.54
CA THR S 29 52.32 2.44 22.46
C THR S 29 52.99 3.46 23.38
N PRO S 30 52.92 3.30 24.72
CA PRO S 30 53.60 4.21 25.64
C PRO S 30 55.09 4.34 25.28
N ASN S 31 55.56 5.57 25.03
CA ASN S 31 56.97 5.79 24.65
C ASN S 31 57.34 4.81 23.53
N GLY S 32 56.42 4.58 22.59
CA GLY S 32 56.69 3.66 21.47
C GLY S 32 56.81 4.43 20.16
N TRP S 33 56.50 5.73 20.18
CA TRP S 33 56.60 6.57 18.96
C TRP S 33 57.87 7.40 19.01
N THR S 34 58.18 7.99 20.16
CA THR S 34 59.40 8.85 20.30
C THR S 34 60.64 8.01 19.98
N ASP S 35 60.61 6.71 20.26
CA ASP S 35 61.80 5.86 20.06
C ASP S 35 61.69 5.07 18.74
N ASN S 36 60.49 5.02 18.15
CA ASN S 36 60.30 4.19 16.93
C ASN S 36 59.89 5.07 15.75
N LYS S 37 59.82 6.39 15.95
CA LYS S 37 59.36 7.30 14.86
C LYS S 37 60.28 7.15 13.66
N GLY S 38 61.59 7.04 13.90
CA GLY S 38 62.57 6.89 12.80
C GLY S 38 62.28 5.62 11.99
N ALA S 39 62.03 4.51 12.68
CA ALA S 39 61.69 3.24 11.99
C ALA S 39 60.40 3.44 11.18
N VAL S 40 59.42 4.13 11.78
CA VAL S 40 58.14 4.42 11.07
C VAL S 40 58.47 5.22 9.81
N PHE S 41 59.33 6.24 9.94
CA PHE S 41 59.71 7.07 8.78
C PHE S 41 60.32 6.18 7.70
N SER S 42 61.18 5.23 8.10
CA SER S 42 61.82 4.31 7.13
C SER S 42 60.74 3.54 6.38
N GLY S 43 59.80 2.95 7.12
CA GLY S 43 58.70 2.19 6.49
C GLY S 43 57.85 3.09 5.62
N LEU S 44 57.52 4.28 6.12
CA LEU S 44 56.68 5.24 5.35
C LEU S 44 57.41 5.63 4.05
N SER S 45 58.72 5.89 4.16
CA SER S 45 59.51 6.28 2.96
C SER S 45 59.46 5.15 1.93
N LEU S 46 59.65 3.91 2.37
CA LEU S 46 59.61 2.75 1.46
C LEU S 46 58.23 2.70 0.78
N TRP S 47 57.15 2.85 1.58
CA TRP S 47 55.78 2.77 1.02
C TRP S 47 55.62 3.80 -0.09
N LEU S 48 55.93 5.07 0.20
CA LEU S 48 55.79 6.15 -0.81
C LEU S 48 56.69 5.83 -2.01
N LEU S 49 57.90 5.34 -1.75
CA LEU S 49 58.85 4.98 -2.85
C LEU S 49 58.18 3.93 -3.73
N LEU S 50 57.59 2.89 -3.13
CA LEU S 50 56.93 1.82 -3.91
C LEU S 50 55.80 2.43 -4.75
N VAL S 51 55.07 3.38 -4.18
CA VAL S 51 53.98 4.07 -4.93
C VAL S 51 54.58 4.63 -6.23
N PHE S 52 55.68 5.38 -6.11
CA PHE S 52 56.32 5.99 -7.30
C PHE S 52 56.73 4.89 -8.29
N VAL S 53 57.35 3.82 -7.79
CA VAL S 53 57.82 2.72 -8.69
C VAL S 53 56.63 2.19 -9.48
N VAL S 54 55.52 1.91 -8.80
CA VAL S 54 54.32 1.34 -9.49
C VAL S 54 53.90 2.31 -10.60
N GLY S 55 53.85 3.62 -10.30
CA GLY S 55 53.44 4.61 -11.31
C GLY S 55 54.38 4.63 -12.50
N ILE S 56 55.69 4.66 -12.26
CA ILE S 56 56.69 4.63 -13.37
C ILE S 56 56.48 3.33 -14.15
N LEU S 57 56.33 2.20 -13.44
CA LEU S 57 56.15 0.90 -14.12
C LEU S 57 54.93 0.97 -15.04
N ASN S 58 53.87 1.65 -14.59
CA ASN S 58 52.62 1.75 -15.41
C ASN S 58 52.96 2.37 -16.76
N SER S 59 53.76 3.45 -16.75
CA SER S 59 54.14 4.14 -18.02
C SER S 59 54.96 3.20 -18.90
N PHE S 60 55.81 2.36 -18.29
CA PHE S 60 56.70 1.46 -19.08
C PHE S 60 56.03 0.09 -19.27
N VAL S 61 54.74 -0.01 -18.92
CA VAL S 61 54.00 -1.30 -19.12
C VAL S 61 52.78 -1.03 -20.02
N VAL T 1 -27.86 -36.15 -22.14
CA VAL T 1 -27.87 -35.04 -21.15
C VAL T 1 -26.58 -35.10 -20.33
N THR T 2 -26.58 -34.46 -19.15
CA THR T 2 -25.37 -34.46 -18.28
C THR T 2 -25.74 -35.02 -16.91
N LEU T 3 -24.83 -35.74 -16.26
CA LEU T 3 -25.08 -36.30 -14.91
C LEU T 3 -25.31 -35.15 -13.92
N ALA T 4 -26.06 -35.41 -12.85
CA ALA T 4 -26.27 -34.38 -11.81
C ALA T 4 -24.92 -33.74 -11.47
N LEU T 5 -23.90 -34.57 -11.24
CA LEU T 5 -22.53 -34.04 -10.96
C LEU T 5 -22.03 -33.30 -12.20
N ASP T 6 -22.19 -33.90 -13.38
CA ASP T 6 -21.74 -33.25 -14.64
C ASP T 6 -22.50 -31.94 -14.82
N LYS T 7 -23.47 -31.67 -13.93
CA LYS T 7 -24.24 -30.39 -14.00
C LYS T 7 -23.92 -29.55 -12.76
N ASP T 8 -23.91 -30.18 -11.59
CA ASP T 8 -23.63 -29.43 -10.32
C ASP T 8 -22.20 -28.90 -10.35
N ASP T 9 -21.24 -29.70 -10.82
CA ASP T 9 -19.81 -29.26 -10.81
C ASP T 9 -19.64 -28.00 -11.66
N PRO T 10 -20.01 -28.00 -12.97
CA PRO T 10 -19.81 -26.82 -13.81
C PRO T 10 -20.53 -25.62 -13.20
N ALA T 11 -21.70 -25.85 -12.59
CA ALA T 11 -22.45 -24.75 -11.95
C ALA T 11 -21.74 -24.34 -10.66
N LYS T 12 -21.35 -25.33 -9.84
CA LYS T 12 -20.64 -25.03 -8.57
C LYS T 12 -19.54 -26.07 -8.36
N GLU T 13 -18.28 -25.68 -8.56
CA GLU T 13 -17.15 -26.65 -8.45
C GLU T 13 -16.99 -27.12 -7.01
N ASP T 14 -17.54 -26.37 -6.05
CA ASP T 14 -17.35 -26.73 -4.61
C ASP T 14 -18.58 -27.49 -4.10
N SER T 15 -19.47 -27.91 -5.01
CA SER T 15 -20.65 -28.70 -4.62
C SER T 15 -20.20 -29.99 -3.92
N VAL T 16 -20.94 -30.42 -2.88
CA VAL T 16 -20.56 -31.64 -2.12
C VAL T 16 -20.36 -32.80 -3.09
N LYS T 17 -21.30 -33.00 -4.01
CA LYS T 17 -21.22 -34.14 -4.96
C LYS T 17 -19.87 -34.10 -5.70
N GLY T 18 -19.49 -32.92 -6.19
CA GLY T 18 -18.20 -32.77 -6.91
C GLY T 18 -17.01 -32.79 -5.97
N LEU T 19 -17.22 -32.41 -4.70
CA LEU T 19 -16.09 -32.33 -3.74
C LEU T 19 -16.02 -33.62 -2.92
N ARG T 20 -16.77 -34.64 -3.31
CA ARG T 20 -16.82 -35.90 -2.51
C ARG T 20 -16.52 -37.10 -3.41
N LYS T 21 -15.89 -38.14 -2.85
CA LYS T 21 -15.59 -39.38 -3.63
C LYS T 21 -14.52 -39.07 -4.69
N ASP T 22 -13.98 -37.84 -4.68
CA ASP T 22 -12.96 -37.44 -5.68
C ASP T 22 -11.69 -38.27 -5.46
N ILE T 23 -11.41 -38.64 -4.21
CA ILE T 23 -10.19 -39.46 -3.90
C ILE T 23 -9.03 -38.97 -4.77
N LEU U 1 -8.59 34.48 -28.63
CA LEU U 1 -8.75 33.98 -27.25
C LEU U 1 -10.21 34.16 -26.81
N VAL U 2 -10.61 33.57 -25.69
CA VAL U 2 -12.03 33.65 -25.23
C VAL U 2 -12.07 34.31 -23.84
N ASP U 3 -10.97 34.22 -23.08
CA ASP U 3 -10.95 34.78 -21.70
C ASP U 3 -9.62 35.50 -21.45
N GLU U 4 -9.50 36.18 -20.30
CA GLU U 4 -8.25 36.92 -19.97
C GLU U 4 -7.57 36.25 -18.77
N ARG U 5 -6.27 36.02 -18.85
CA ARG U 5 -5.52 35.35 -17.74
C ARG U 5 -4.19 36.07 -17.52
N MET U 6 -3.60 35.93 -16.32
CA MET U 6 -2.28 36.54 -16.05
C MET U 6 -1.24 35.93 -16.99
N ASN U 7 -1.39 34.63 -17.30
CA ASN U 7 -0.43 33.94 -18.20
C ASN U 7 0.96 33.96 -17.55
N GLY U 8 1.02 33.83 -16.23
CA GLY U 8 2.32 33.82 -15.52
C GLY U 8 2.76 32.41 -15.17
N ASP U 9 1.82 31.46 -15.16
CA ASP U 9 2.14 30.06 -14.78
C ASP U 9 3.14 29.49 -15.79
N GLY U 10 4.18 28.80 -15.30
CA GLY U 10 5.18 28.18 -16.19
C GLY U 10 6.30 29.14 -16.52
N THR U 11 6.08 30.44 -16.30
CA THR U 11 7.13 31.47 -16.57
C THR U 11 7.96 31.67 -15.30
N GLY U 12 9.29 31.67 -15.42
CA GLY U 12 10.16 31.81 -14.23
C GLY U 12 10.37 33.27 -13.86
N ARG U 13 9.29 33.96 -13.47
CA ARG U 13 9.40 35.41 -13.12
C ARG U 13 9.90 35.54 -11.68
N PRO U 14 10.90 36.43 -11.40
CA PRO U 14 11.45 36.56 -10.05
C PRO U 14 10.35 36.87 -9.02
N PHE U 15 10.20 36.02 -8.01
CA PHE U 15 9.17 36.23 -6.96
C PHE U 15 7.81 36.42 -7.62
N GLY U 16 7.58 35.74 -8.75
CA GLY U 16 6.28 35.81 -9.43
C GLY U 16 5.81 37.25 -9.61
N VAL U 17 6.72 38.14 -10.00
CA VAL U 17 6.34 39.56 -10.24
C VAL U 17 6.01 39.74 -11.73
N ASN U 18 4.72 39.76 -12.07
CA ASN U 18 4.31 39.96 -13.49
C ASN U 18 3.87 41.42 -13.67
N ASP U 19 3.96 42.23 -12.60
CA ASP U 19 3.58 43.66 -12.69
C ASP U 19 4.50 44.46 -11.77
N PRO U 20 4.97 45.66 -12.17
CA PRO U 20 5.91 46.44 -11.36
C PRO U 20 5.35 46.68 -9.95
N VAL U 21 4.04 46.94 -9.87
CA VAL U 21 3.39 47.17 -8.55
C VAL U 21 3.81 46.03 -7.60
N LEU U 22 3.63 44.78 -8.04
CA LEU U 22 3.96 43.63 -7.16
C LEU U 22 5.37 43.79 -6.61
N GLY U 23 6.34 44.02 -7.50
CA GLY U 23 7.75 44.16 -7.06
C GLY U 23 7.89 45.32 -6.08
N TRP U 24 7.30 46.48 -6.40
CA TRP U 24 7.42 47.67 -5.52
C TRP U 24 6.80 47.39 -4.15
N VAL U 25 5.60 46.81 -4.11
CA VAL U 25 4.90 46.58 -2.82
C VAL U 25 5.78 45.70 -1.92
N LEU U 26 6.34 44.62 -2.48
CA LEU U 26 7.15 43.69 -1.66
C LEU U 26 8.30 44.46 -0.99
N LEU U 27 9.07 45.21 -1.78
CA LEU U 27 10.23 45.97 -1.24
C LEU U 27 9.74 47.01 -0.24
N GLY U 28 8.67 47.73 -0.59
CA GLY U 28 8.11 48.76 0.31
C GLY U 28 7.73 48.17 1.66
N VAL U 29 6.96 47.09 1.65
CA VAL U 29 6.51 46.45 2.92
C VAL U 29 7.76 46.09 3.73
N PHE U 30 8.74 45.43 3.11
CA PHE U 30 9.95 44.98 3.84
C PHE U 30 10.67 46.21 4.40
N GLY U 31 10.82 47.26 3.58
CA GLY U 31 11.54 48.46 4.03
C GLY U 31 10.88 49.08 5.25
N THR U 32 9.56 49.24 5.23
CA THR U 32 8.83 49.79 6.40
C THR U 32 9.10 48.91 7.60
N MET U 33 8.97 47.59 7.45
CA MET U 33 9.17 46.65 8.58
C MET U 33 10.60 46.79 9.10
N TRP U 34 11.58 46.82 8.21
CA TRP U 34 13.00 46.97 8.63
C TRP U 34 13.15 48.25 9.45
N ALA U 35 12.59 49.35 8.95
CA ALA U 35 12.69 50.64 9.67
C ALA U 35 12.15 50.46 11.09
N ILE U 36 10.98 49.84 11.22
CA ILE U 36 10.36 49.64 12.56
C ILE U 36 11.31 48.82 13.43
N TRP U 37 11.81 47.70 12.90
CA TRP U 37 12.70 46.80 13.69
C TRP U 37 13.97 47.56 14.09
N PHE U 38 14.59 48.26 13.13
CA PHE U 38 15.85 48.99 13.42
C PHE U 38 15.58 50.10 14.43
N ILE U 39 14.51 50.85 14.24
CA ILE U 39 14.18 51.98 15.16
C ILE U 39 13.86 51.42 16.54
N GLY U 40 13.03 50.37 16.61
CA GLY U 40 12.70 49.73 17.90
C GLY U 40 13.94 49.13 18.53
N GLN U 41 14.74 48.41 17.74
CA GLN U 41 16.01 47.80 18.24
C GLN U 41 17.09 47.99 17.19
N LYS U 42 18.04 48.90 17.44
CA LYS U 42 19.09 49.21 16.43
C LYS U 42 19.87 47.93 16.09
N ASP U 43 20.21 47.74 14.82
CA ASP U 43 20.95 46.53 14.39
C ASP U 43 22.44 46.71 14.69
N LEU U 44 23.02 47.81 14.21
CA LEU U 44 24.47 48.07 14.41
C LEU U 44 24.78 49.52 14.02
#